data_1AP7
#
_entry.id   1AP7
#
_cell.length_a   1.000
_cell.length_b   1.000
_cell.length_c   1.000
_cell.angle_alpha   90.00
_cell.angle_beta   90.00
_cell.angle_gamma   90.00
#
_symmetry.space_group_name_H-M   'P 1'
#
_entity_poly.entity_id   1
_entity_poly.type   'polypeptide(L)'
_entity_poly.pdbx_seq_one_letter_code
;GSMLLEEVCVGDRLSGAAARGDVQEVRRLLHRELVHPDALNRFGKTALQVMMFGSPAVALELLKQGASPNVQDASGTSPV
HDAARTGFLDTLKVLVEHGADVNALDSTGSLPIHLAIREGHSSVVSFLAPESDLHHRDASGLTPLELARQRGAQNLMDIL
QGHMMIPM
;
_entity_poly.pdbx_strand_id   A
#
# COMPACT_ATOMS: atom_id res chain seq x y z
N GLY A 1 -32.72 5.41 -23.64
CA GLY A 1 -32.69 6.25 -22.40
C GLY A 1 -31.28 6.58 -21.96
N SER A 2 -31.17 7.31 -20.86
CA SER A 2 -29.86 7.69 -20.33
C SER A 2 -29.59 7.03 -18.99
N MET A 3 -28.33 6.66 -18.75
CA MET A 3 -27.95 6.02 -17.51
C MET A 3 -28.77 4.75 -17.26
N LEU A 4 -28.47 3.70 -18.01
CA LEU A 4 -29.19 2.44 -17.88
C LEU A 4 -28.27 1.35 -17.32
N LEU A 5 -26.99 1.64 -17.27
CA LEU A 5 -26.01 0.67 -16.76
C LEU A 5 -25.28 1.24 -15.55
N GLU A 6 -25.61 0.71 -14.37
CA GLU A 6 -24.99 1.16 -13.14
C GLU A 6 -24.38 -0.02 -12.38
N GLU A 7 -23.08 0.08 -12.09
CA GLU A 7 -22.38 -0.97 -11.37
C GLU A 7 -21.51 -0.40 -10.26
N VAL A 8 -22.09 0.50 -9.47
CA VAL A 8 -21.37 1.13 -8.37
C VAL A 8 -21.97 0.73 -7.01
N CYS A 9 -23.26 0.39 -7.02
CA CYS A 9 -23.94 -0.02 -5.80
C CYS A 9 -23.07 -0.98 -4.99
N VAL A 10 -22.34 -1.84 -5.69
CA VAL A 10 -21.47 -2.81 -5.05
C VAL A 10 -20.05 -2.25 -4.91
N GLY A 11 -19.75 -1.21 -5.68
CA GLY A 11 -18.44 -0.60 -5.63
C GLY A 11 -18.06 -0.19 -4.22
N ASP A 12 -18.51 0.98 -3.79
CA ASP A 12 -18.22 1.49 -2.46
C ASP A 12 -18.54 0.45 -1.40
N ARG A 13 -19.54 -0.40 -1.68
CA ARG A 13 -19.94 -1.43 -0.75
C ARG A 13 -18.73 -2.02 -0.02
N LEU A 14 -17.99 -2.88 -0.72
CA LEU A 14 -16.81 -3.50 -0.15
C LEU A 14 -15.66 -2.50 -0.01
N SER A 15 -15.71 -1.45 -0.82
CA SER A 15 -14.68 -0.42 -0.79
C SER A 15 -14.70 0.33 0.54
N GLY A 16 -15.87 0.79 0.94
CA GLY A 16 -16.01 1.51 2.19
C GLY A 16 -15.87 0.61 3.40
N ALA A 17 -16.22 -0.66 3.23
CA ALA A 17 -16.14 -1.62 4.33
C ALA A 17 -14.69 -1.98 4.63
N ALA A 18 -13.97 -2.43 3.62
CA ALA A 18 -12.57 -2.82 3.78
C ALA A 18 -11.72 -1.64 4.25
N ALA A 19 -12.05 -0.44 3.75
CA ALA A 19 -11.32 0.76 4.13
C ALA A 19 -11.65 1.19 5.55
N ARG A 20 -12.89 0.94 5.97
CA ARG A 20 -13.33 1.31 7.31
C ARG A 20 -12.67 0.43 8.36
N GLY A 21 -12.01 -0.64 7.91
CA GLY A 21 -11.35 -1.54 8.83
C GLY A 21 -12.33 -2.37 9.62
N ASP A 22 -12.91 -3.38 8.99
CA ASP A 22 -13.87 -4.26 9.65
C ASP A 22 -13.74 -5.68 9.13
N VAL A 23 -12.83 -6.44 9.72
CA VAL A 23 -12.61 -7.83 9.33
C VAL A 23 -13.92 -8.62 9.34
N GLN A 24 -14.89 -8.14 10.11
CA GLN A 24 -16.18 -8.80 10.21
C GLN A 24 -16.97 -8.63 8.91
N GLU A 25 -16.98 -7.42 8.38
CA GLU A 25 -17.68 -7.13 7.13
C GLU A 25 -16.95 -7.73 5.94
N VAL A 26 -15.64 -7.46 5.86
CA VAL A 26 -14.83 -7.99 4.77
C VAL A 26 -14.90 -9.50 4.71
N ARG A 27 -15.11 -10.13 5.88
CA ARG A 27 -15.20 -11.57 5.97
C ARG A 27 -16.51 -12.07 5.37
N ARG A 28 -17.63 -11.63 5.94
CA ARG A 28 -18.94 -12.04 5.47
C ARG A 28 -19.24 -11.44 4.10
N LEU A 29 -18.56 -10.35 3.78
CA LEU A 29 -18.75 -9.68 2.50
C LEU A 29 -18.56 -10.65 1.35
N LEU A 30 -17.33 -11.13 1.17
CA LEU A 30 -17.01 -12.07 0.11
C LEU A 30 -17.60 -13.45 0.40
N HIS A 31 -17.50 -13.87 1.66
CA HIS A 31 -18.02 -15.18 2.08
C HIS A 31 -19.54 -15.24 1.92
N ARG A 32 -20.19 -14.08 1.87
CA ARG A 32 -21.63 -14.02 1.73
C ARG A 32 -22.05 -13.03 0.64
N GLU A 33 -21.79 -11.75 0.89
CA GLU A 33 -22.13 -10.70 -0.07
C GLU A 33 -21.45 -10.93 -1.41
N LEU A 34 -20.47 -11.83 -1.42
CA LEU A 34 -19.74 -12.15 -2.65
C LEU A 34 -19.33 -10.87 -3.38
N VAL A 35 -19.19 -9.78 -2.64
CA VAL A 35 -18.81 -8.50 -3.21
C VAL A 35 -17.67 -8.67 -4.21
N HIS A 36 -17.64 -7.81 -5.23
CA HIS A 36 -16.61 -7.87 -6.25
C HIS A 36 -15.36 -7.11 -5.79
N PRO A 37 -14.17 -7.61 -6.17
CA PRO A 37 -12.90 -6.99 -5.80
C PRO A 37 -12.65 -5.69 -6.57
N ASP A 38 -13.30 -5.56 -7.72
CA ASP A 38 -13.13 -4.36 -8.54
C ASP A 38 -14.10 -3.26 -8.11
N ALA A 39 -14.87 -3.54 -7.07
CA ALA A 39 -15.84 -2.56 -6.57
C ALA A 39 -15.24 -1.16 -6.54
N LEU A 40 -15.92 -0.23 -7.20
CA LEU A 40 -15.45 1.15 -7.26
C LEU A 40 -16.50 2.12 -6.70
N ASN A 41 -16.06 2.98 -5.79
CA ASN A 41 -16.97 3.95 -5.17
C ASN A 41 -17.46 4.96 -6.21
N ARG A 42 -18.28 5.91 -5.76
CA ARG A 42 -18.83 6.92 -6.64
C ARG A 42 -17.74 7.55 -7.50
N PHE A 43 -16.59 7.83 -6.89
CA PHE A 43 -15.47 8.42 -7.60
C PHE A 43 -14.92 7.46 -8.64
N GLY A 44 -14.36 6.35 -8.17
CA GLY A 44 -13.80 5.35 -9.05
C GLY A 44 -12.51 4.75 -8.53
N LYS A 45 -12.51 4.37 -7.25
CA LYS A 45 -11.34 3.78 -6.64
C LYS A 45 -11.60 2.34 -6.21
N THR A 46 -10.55 1.53 -6.19
CA THR A 46 -10.67 0.13 -5.81
C THR A 46 -10.58 -0.03 -4.30
N ALA A 47 -11.04 -1.17 -3.80
CA ALA A 47 -11.01 -1.45 -2.37
C ALA A 47 -9.61 -1.27 -1.80
N LEU A 48 -8.62 -1.83 -2.47
CA LEU A 48 -7.23 -1.74 -2.03
C LEU A 48 -6.76 -0.29 -2.04
N GLN A 49 -7.37 0.51 -2.91
CA GLN A 49 -7.01 1.93 -3.02
C GLN A 49 -7.54 2.71 -1.83
N VAL A 50 -8.65 2.24 -1.26
CA VAL A 50 -9.25 2.90 -0.10
C VAL A 50 -8.91 2.16 1.18
N MET A 51 -8.66 0.86 1.06
CA MET A 51 -8.32 0.04 2.22
C MET A 51 -7.47 0.82 3.21
N MET A 52 -7.71 0.58 4.50
CA MET A 52 -6.96 1.27 5.55
C MET A 52 -5.89 0.35 6.14
N PHE A 53 -5.49 -0.64 5.37
CA PHE A 53 -4.47 -1.59 5.82
C PHE A 53 -4.62 -1.88 7.31
N GLY A 54 -5.85 -1.84 7.80
CA GLY A 54 -6.10 -2.09 9.20
C GLY A 54 -6.05 -3.56 9.54
N SER A 55 -7.12 -4.28 9.21
CA SER A 55 -7.19 -5.71 9.47
C SER A 55 -6.39 -6.51 8.46
N PRO A 56 -5.39 -7.28 8.92
CA PRO A 56 -4.55 -8.09 8.04
C PRO A 56 -5.36 -9.03 7.16
N ALA A 57 -6.33 -9.71 7.77
CA ALA A 57 -7.18 -10.64 7.05
C ALA A 57 -8.01 -9.94 5.98
N VAL A 58 -8.31 -8.67 6.22
CA VAL A 58 -9.08 -7.88 5.27
C VAL A 58 -8.31 -7.75 3.96
N ALA A 59 -7.01 -7.59 4.05
CA ALA A 59 -6.16 -7.46 2.87
C ALA A 59 -6.21 -8.72 2.03
N LEU A 60 -6.00 -9.87 2.70
CA LEU A 60 -6.02 -11.15 2.02
C LEU A 60 -7.39 -11.44 1.42
N GLU A 61 -8.44 -10.97 2.09
CA GLU A 61 -9.80 -11.18 1.62
C GLU A 61 -10.01 -10.52 0.27
N LEU A 62 -9.61 -9.26 0.17
CA LEU A 62 -9.75 -8.51 -1.07
C LEU A 62 -8.93 -9.14 -2.18
N LEU A 63 -7.63 -9.28 -1.94
CA LEU A 63 -6.72 -9.88 -2.90
C LEU A 63 -7.09 -11.34 -3.17
N LYS A 64 -7.74 -11.97 -2.21
CA LYS A 64 -8.14 -13.37 -2.35
C LYS A 64 -9.15 -13.53 -3.48
N GLN A 65 -9.93 -12.49 -3.74
CA GLN A 65 -10.92 -12.53 -4.80
C GLN A 65 -10.26 -12.36 -6.16
N GLY A 66 -9.83 -11.13 -6.46
CA GLY A 66 -9.19 -10.86 -7.72
C GLY A 66 -9.14 -9.37 -8.04
N ALA A 67 -8.44 -8.62 -7.22
CA ALA A 67 -8.31 -7.18 -7.40
C ALA A 67 -6.92 -6.81 -7.88
N SER A 68 -6.82 -5.69 -8.60
CA SER A 68 -5.55 -5.22 -9.12
C SER A 68 -4.93 -4.18 -8.20
N PRO A 69 -3.99 -4.59 -7.35
CA PRO A 69 -3.32 -3.70 -6.40
C PRO A 69 -2.49 -2.61 -7.11
N ASN A 70 -2.23 -2.83 -8.39
CA ASN A 70 -1.46 -1.88 -9.19
C ASN A 70 -2.32 -0.70 -9.62
N VAL A 71 -2.77 0.09 -8.66
CA VAL A 71 -3.61 1.25 -8.94
C VAL A 71 -3.03 2.52 -8.33
N GLN A 72 -3.08 3.61 -9.09
CA GLN A 72 -2.56 4.88 -8.61
C GLN A 72 -3.54 6.02 -8.92
N ASP A 73 -3.59 7.00 -8.04
CA ASP A 73 -4.48 8.14 -8.22
C ASP A 73 -3.93 9.38 -7.53
N ALA A 74 -4.13 10.54 -8.15
CA ALA A 74 -3.65 11.80 -7.59
C ALA A 74 -2.26 11.65 -6.99
N SER A 75 -1.25 12.01 -7.77
CA SER A 75 0.14 11.91 -7.32
C SER A 75 0.61 10.46 -7.30
N GLY A 76 0.05 9.66 -8.21
CA GLY A 76 0.43 8.26 -8.28
C GLY A 76 0.67 7.65 -6.91
N THR A 77 -0.37 7.62 -6.09
CA THR A 77 -0.27 7.06 -4.75
C THR A 77 -1.13 5.81 -4.62
N SER A 78 -0.49 4.64 -4.67
CA SER A 78 -1.21 3.38 -4.55
C SER A 78 -1.31 2.93 -3.10
N PRO A 79 -1.85 1.73 -2.86
CA PRO A 79 -2.00 1.18 -1.51
C PRO A 79 -0.70 1.14 -0.74
N VAL A 80 0.38 0.75 -1.41
CA VAL A 80 1.70 0.66 -0.79
C VAL A 80 2.17 2.03 -0.31
N HIS A 81 1.94 3.05 -1.13
CA HIS A 81 2.35 4.41 -0.80
C HIS A 81 1.71 4.86 0.51
N ASP A 82 0.40 4.71 0.62
CA ASP A 82 -0.32 5.10 1.81
C ASP A 82 0.05 4.23 3.00
N ALA A 83 0.00 2.92 2.81
CA ALA A 83 0.34 1.98 3.86
C ALA A 83 1.70 2.28 4.48
N ALA A 84 2.60 2.84 3.67
CA ALA A 84 3.93 3.17 4.14
C ALA A 84 3.92 4.40 5.05
N ARG A 85 3.60 5.56 4.47
CA ARG A 85 3.55 6.81 5.23
C ARG A 85 2.51 6.77 6.34
N THR A 86 1.44 5.99 6.13
CA THR A 86 0.37 5.88 7.13
C THR A 86 0.87 5.18 8.39
N GLY A 87 1.43 3.99 8.23
CA GLY A 87 1.94 3.25 9.35
C GLY A 87 1.11 2.01 9.64
N PHE A 88 1.13 1.06 8.71
CA PHE A 88 0.37 -0.17 8.85
C PHE A 88 1.18 -1.36 8.34
N LEU A 89 2.39 -1.49 8.86
CA LEU A 89 3.28 -2.58 8.46
C LEU A 89 2.57 -3.94 8.58
N ASP A 90 1.49 -3.97 9.36
CA ASP A 90 0.74 -5.20 9.55
C ASP A 90 0.12 -5.67 8.24
N THR A 91 -0.90 -4.95 7.78
CA THR A 91 -1.57 -5.30 6.53
C THR A 91 -0.69 -4.94 5.34
N LEU A 92 0.22 -3.98 5.54
CA LEU A 92 1.13 -3.54 4.50
C LEU A 92 1.92 -4.72 3.94
N LYS A 93 2.68 -5.38 4.81
CA LYS A 93 3.50 -6.52 4.40
C LYS A 93 2.62 -7.62 3.78
N VAL A 94 1.44 -7.82 4.34
CA VAL A 94 0.56 -8.85 3.81
C VAL A 94 0.39 -8.67 2.30
N LEU A 95 -0.15 -7.53 1.90
CA LEU A 95 -0.35 -7.24 0.48
C LEU A 95 0.97 -6.90 -0.20
N VAL A 96 1.78 -6.09 0.46
CA VAL A 96 3.07 -5.69 -0.09
C VAL A 96 3.88 -6.92 -0.49
N GLU A 97 3.85 -7.94 0.36
CA GLU A 97 4.58 -9.18 0.10
C GLU A 97 3.89 -10.00 -0.98
N HIS A 98 2.56 -10.02 -0.95
CA HIS A 98 1.79 -10.78 -1.93
C HIS A 98 2.13 -10.35 -3.36
N GLY A 99 2.07 -9.05 -3.62
CA GLY A 99 2.38 -8.55 -4.94
C GLY A 99 2.23 -7.04 -5.06
N ALA A 100 1.36 -6.47 -4.22
CA ALA A 100 1.12 -5.01 -4.23
C ALA A 100 2.30 -4.24 -4.81
N ASP A 101 2.02 -3.44 -5.84
CA ASP A 101 3.04 -2.65 -6.50
C ASP A 101 3.75 -1.73 -5.50
N VAL A 102 4.78 -2.27 -4.84
CA VAL A 102 5.53 -1.51 -3.86
C VAL A 102 6.83 -0.96 -4.46
N ASN A 103 6.80 -0.73 -5.78
CA ASN A 103 7.96 -0.22 -6.49
C ASN A 103 7.64 1.10 -7.17
N ALA A 104 6.40 1.25 -7.62
CA ALA A 104 5.97 2.47 -8.30
C ALA A 104 6.38 3.71 -7.50
N LEU A 105 5.99 4.87 -8.00
CA LEU A 105 6.31 6.13 -7.34
C LEU A 105 5.13 7.09 -7.38
N ASP A 106 5.28 8.24 -6.74
CA ASP A 106 4.23 9.24 -6.70
C ASP A 106 4.57 10.42 -7.62
N SER A 107 4.69 10.14 -8.91
CA SER A 107 5.01 11.16 -9.89
C SER A 107 6.44 11.67 -9.70
N THR A 108 6.65 12.49 -8.67
CA THR A 108 7.97 13.03 -8.39
C THR A 108 9.06 12.00 -8.64
N GLY A 109 8.85 10.78 -8.13
CA GLY A 109 9.82 9.73 -8.32
C GLY A 109 10.33 9.16 -7.01
N SER A 110 9.57 9.38 -5.94
CA SER A 110 9.94 8.88 -4.62
C SER A 110 9.31 7.52 -4.36
N LEU A 111 10.16 6.51 -4.16
CA LEU A 111 9.68 5.16 -3.89
C LEU A 111 8.94 5.10 -2.55
N PRO A 112 7.87 4.30 -2.47
CA PRO A 112 7.09 4.16 -1.24
C PRO A 112 7.96 4.00 -0.01
N ILE A 113 9.17 3.48 -0.21
CA ILE A 113 10.11 3.29 0.89
C ILE A 113 10.66 4.63 1.37
N HIS A 114 10.95 5.53 0.44
CA HIS A 114 11.49 6.83 0.78
C HIS A 114 10.60 7.53 1.80
N LEU A 115 9.29 7.50 1.58
CA LEU A 115 8.35 8.12 2.49
C LEU A 115 8.47 7.52 3.88
N ALA A 116 8.58 6.20 3.94
CA ALA A 116 8.71 5.52 5.23
C ALA A 116 9.97 5.98 5.95
N ILE A 117 11.01 6.26 5.18
CA ILE A 117 12.27 6.72 5.74
C ILE A 117 12.10 8.08 6.40
N ARG A 118 11.37 8.97 5.73
CA ARG A 118 11.12 10.31 6.25
C ARG A 118 10.12 10.25 7.40
N GLU A 119 9.49 9.09 7.58
CA GLU A 119 8.51 8.91 8.64
C GLU A 119 9.18 8.48 9.94
N GLY A 120 9.87 7.34 9.91
CA GLY A 120 10.55 6.84 11.09
C GLY A 120 9.79 5.70 11.74
N HIS A 121 8.99 5.00 10.97
CA HIS A 121 8.21 3.88 11.48
C HIS A 121 9.13 2.76 11.97
N SER A 122 10.40 2.86 11.63
CA SER A 122 11.39 1.87 12.04
C SER A 122 11.17 0.55 11.29
N SER A 123 10.07 -0.12 11.59
CA SER A 123 9.74 -1.39 10.95
C SER A 123 9.37 -1.18 9.48
N VAL A 124 8.41 -0.29 9.24
CA VAL A 124 7.95 0.01 7.89
C VAL A 124 9.13 0.37 6.99
N VAL A 125 9.90 1.37 7.40
CA VAL A 125 11.06 1.80 6.62
C VAL A 125 11.97 0.63 6.29
N SER A 126 12.50 -0.01 7.33
CA SER A 126 13.39 -1.15 7.14
C SER A 126 12.70 -2.26 6.34
N PHE A 127 11.39 -2.35 6.49
CA PHE A 127 10.61 -3.36 5.79
C PHE A 127 10.49 -3.02 4.31
N LEU A 128 9.99 -1.82 4.03
CA LEU A 128 9.81 -1.38 2.65
C LEU A 128 11.16 -1.26 1.94
N ALA A 129 12.24 -1.33 2.70
CA ALA A 129 13.58 -1.22 2.14
C ALA A 129 13.82 -2.29 1.08
N PRO A 130 13.92 -3.57 1.51
CA PRO A 130 14.15 -4.69 0.59
C PRO A 130 12.91 -5.00 -0.25
N GLU A 131 11.76 -4.51 0.19
CA GLU A 131 10.50 -4.74 -0.51
C GLU A 131 10.24 -3.62 -1.53
N SER A 132 11.32 -3.07 -2.08
CA SER A 132 11.20 -1.99 -3.06
C SER A 132 12.40 -1.99 -4.00
N ASP A 133 12.52 -0.93 -4.79
CA ASP A 133 13.63 -0.80 -5.74
C ASP A 133 14.92 -0.41 -5.03
N LEU A 134 15.61 -1.40 -4.49
CA LEU A 134 16.86 -1.16 -3.79
C LEU A 134 17.93 -0.63 -4.73
N HIS A 135 17.66 0.53 -5.32
CA HIS A 135 18.60 1.15 -6.24
C HIS A 135 18.10 2.53 -6.68
N HIS A 136 16.85 2.59 -7.11
CA HIS A 136 16.25 3.84 -7.56
C HIS A 136 16.38 4.92 -6.49
N ARG A 137 16.37 6.18 -6.91
CA ARG A 137 16.47 7.29 -5.98
C ARG A 137 15.55 8.43 -6.40
N ASP A 138 15.21 9.29 -5.44
CA ASP A 138 14.34 10.43 -5.71
C ASP A 138 15.00 11.40 -6.69
N ALA A 139 14.18 12.21 -7.34
CA ALA A 139 14.69 13.19 -8.29
C ALA A 139 15.73 14.07 -7.64
N SER A 140 15.71 14.09 -6.31
CA SER A 140 16.66 14.89 -5.54
C SER A 140 18.07 14.33 -5.67
N GLY A 141 18.19 13.01 -5.54
CA GLY A 141 19.49 12.37 -5.64
C GLY A 141 19.81 11.52 -4.42
N LEU A 142 18.78 10.94 -3.82
CA LEU A 142 18.97 10.11 -2.63
C LEU A 142 18.27 8.76 -2.79
N THR A 143 18.86 7.73 -2.21
CA THR A 143 18.30 6.38 -2.29
C THR A 143 17.90 5.89 -0.90
N PRO A 144 17.47 4.62 -0.80
CA PRO A 144 17.07 4.03 0.48
C PRO A 144 18.08 4.27 1.58
N LEU A 145 19.36 4.11 1.26
CA LEU A 145 20.43 4.31 2.22
C LEU A 145 20.63 5.80 2.50
N GLU A 146 20.70 6.60 1.44
CA GLU A 146 20.89 8.04 1.58
C GLU A 146 19.80 8.66 2.42
N LEU A 147 18.55 8.48 1.99
CA LEU A 147 17.40 9.03 2.72
C LEU A 147 17.47 8.61 4.19
N ALA A 148 17.97 7.40 4.43
CA ALA A 148 18.10 6.90 5.79
C ALA A 148 19.07 7.75 6.59
N ARG A 149 20.08 8.28 5.89
CA ARG A 149 21.08 9.13 6.53
C ARG A 149 20.45 10.46 6.92
N GLN A 150 19.45 10.88 6.14
CA GLN A 150 18.75 12.13 6.41
C GLN A 150 17.90 11.98 7.66
N ARG A 151 16.74 11.36 7.53
CA ARG A 151 15.85 11.14 8.65
C ARG A 151 16.41 10.03 9.52
N GLY A 152 17.50 10.33 10.23
CA GLY A 152 18.14 9.35 11.08
C GLY A 152 17.34 9.04 12.33
N ALA A 153 16.04 8.83 12.18
CA ALA A 153 15.18 8.50 13.32
C ALA A 153 15.93 7.62 14.31
N GLN A 154 16.80 6.78 13.76
CA GLN A 154 17.61 5.86 14.55
C GLN A 154 18.50 5.06 13.60
N ASN A 155 18.73 3.80 13.89
CA ASN A 155 19.54 2.97 13.02
C ASN A 155 18.80 2.71 11.71
N LEU A 156 18.44 3.79 11.02
CA LEU A 156 17.72 3.69 9.75
C LEU A 156 18.62 3.17 8.65
N MET A 157 19.57 4.00 8.24
CA MET A 157 20.51 3.65 7.20
C MET A 157 21.19 2.31 7.51
N ASP A 158 21.15 1.92 8.78
CA ASP A 158 21.76 0.66 9.20
C ASP A 158 20.94 -0.54 8.75
N ILE A 159 19.63 -0.48 8.97
CA ILE A 159 18.74 -1.57 8.59
C ILE A 159 18.76 -1.80 7.08
N LEU A 160 18.57 -0.72 6.32
CA LEU A 160 18.56 -0.81 4.87
C LEU A 160 19.95 -1.14 4.33
N GLN A 161 20.98 -0.71 5.05
CA GLN A 161 22.36 -0.96 4.63
C GLN A 161 22.65 -2.46 4.62
N GLY A 162 22.19 -3.16 5.65
CA GLY A 162 22.42 -4.59 5.74
C GLY A 162 21.60 -5.37 4.74
N HIS A 163 20.31 -5.06 4.65
CA HIS A 163 19.41 -5.74 3.72
C HIS A 163 19.72 -5.34 2.27
N MET A 164 20.38 -4.20 2.11
CA MET A 164 20.72 -3.72 0.78
C MET A 164 21.30 -4.83 -0.08
N MET A 165 22.51 -5.27 0.26
CA MET A 165 23.17 -6.34 -0.49
C MET A 165 24.63 -6.47 -0.06
N ILE A 166 25.44 -5.56 -0.56
CA ILE A 166 26.87 -5.56 -0.24
C ILE A 166 27.41 -6.98 -0.11
N PRO A 167 27.64 -7.64 -1.25
CA PRO A 167 28.15 -9.02 -1.27
C PRO A 167 29.66 -9.09 -1.02
N MET A 168 30.24 -7.94 -0.68
CA MET A 168 31.67 -7.86 -0.42
C MET A 168 31.95 -7.25 0.95
N GLY A 1 -36.96 9.46 -14.84
CA GLY A 1 -36.92 8.02 -15.19
C GLY A 1 -35.57 7.59 -15.72
N SER A 2 -34.55 7.64 -14.88
CA SER A 2 -33.20 7.25 -15.27
C SER A 2 -32.57 6.33 -14.24
N MET A 3 -32.55 5.03 -14.54
CA MET A 3 -31.98 4.04 -13.64
C MET A 3 -30.90 3.24 -14.35
N LEU A 4 -30.12 3.91 -15.19
CA LEU A 4 -29.04 3.25 -15.93
C LEU A 4 -27.83 3.00 -15.02
N LEU A 5 -27.72 3.80 -13.96
CA LEU A 5 -26.61 3.65 -13.02
C LEU A 5 -25.27 3.77 -13.75
N GLU A 6 -24.19 3.50 -13.02
CA GLU A 6 -22.85 3.58 -13.59
C GLU A 6 -21.99 2.42 -13.11
N GLU A 7 -22.49 1.20 -13.27
CA GLU A 7 -21.77 0.01 -12.85
C GLU A 7 -21.15 0.21 -11.46
N VAL A 8 -22.00 0.23 -10.44
CA VAL A 8 -21.54 0.41 -9.07
C VAL A 8 -22.06 -0.71 -8.17
N CYS A 9 -23.26 -0.54 -7.65
CA CYS A 9 -23.87 -1.53 -6.77
C CYS A 9 -23.02 -1.75 -5.52
N VAL A 10 -22.00 -2.59 -5.64
CA VAL A 10 -21.12 -2.88 -4.53
C VAL A 10 -19.89 -1.97 -4.56
N GLY A 11 -19.69 -1.30 -5.69
CA GLY A 11 -18.55 -0.41 -5.84
C GLY A 11 -18.18 0.29 -4.54
N ASP A 12 -19.18 0.55 -3.69
CA ASP A 12 -18.95 1.22 -2.42
C ASP A 12 -19.14 0.25 -1.26
N ARG A 13 -19.88 -0.83 -1.52
CA ARG A 13 -20.14 -1.83 -0.49
C ARG A 13 -18.84 -2.39 0.09
N LEU A 14 -18.12 -3.16 -0.74
CA LEU A 14 -16.86 -3.75 -0.32
C LEU A 14 -15.78 -2.68 -0.12
N SER A 15 -15.99 -1.53 -0.74
CA SER A 15 -15.03 -0.43 -0.64
C SER A 15 -15.10 0.22 0.75
N GLY A 16 -16.31 0.45 1.22
CA GLY A 16 -16.49 1.06 2.54
C GLY A 16 -16.15 0.12 3.67
N ALA A 17 -16.43 -1.16 3.47
CA ALA A 17 -16.15 -2.17 4.49
C ALA A 17 -14.66 -2.42 4.64
N ALA A 18 -13.95 -2.43 3.52
CA ALA A 18 -12.51 -2.67 3.52
C ALA A 18 -11.76 -1.45 4.07
N ALA A 19 -12.16 -0.26 3.64
CA ALA A 19 -11.53 0.97 4.09
C ALA A 19 -11.80 1.22 5.57
N ARG A 20 -13.00 0.88 6.01
CA ARG A 20 -13.38 1.08 7.41
C ARG A 20 -12.60 0.15 8.32
N GLY A 21 -11.86 -0.79 7.72
CA GLY A 21 -11.08 -1.73 8.50
C GLY A 21 -11.93 -2.59 9.41
N ASP A 22 -12.58 -3.59 8.83
CA ASP A 22 -13.44 -4.49 9.59
C ASP A 22 -13.27 -5.93 9.12
N VAL A 23 -12.32 -6.64 9.73
CA VAL A 23 -12.06 -8.02 9.37
C VAL A 23 -13.35 -8.85 9.40
N GLN A 24 -14.34 -8.37 10.15
CA GLN A 24 -15.62 -9.07 10.26
C GLN A 24 -16.41 -8.92 8.97
N GLU A 25 -16.51 -7.70 8.47
CA GLU A 25 -17.25 -7.43 7.24
C GLU A 25 -16.50 -7.94 6.02
N VAL A 26 -15.19 -7.68 5.98
CA VAL A 26 -14.37 -8.12 4.86
C VAL A 26 -14.54 -9.62 4.62
N ARG A 27 -14.59 -10.39 5.69
CA ARG A 27 -14.75 -11.84 5.59
C ARG A 27 -16.15 -12.19 5.10
N ARG A 28 -17.16 -11.85 5.88
CA ARG A 28 -18.54 -12.12 5.53
C ARG A 28 -18.88 -11.53 4.16
N LEU A 29 -18.11 -10.53 3.76
CA LEU A 29 -18.31 -9.87 2.47
C LEU A 29 -17.90 -10.78 1.31
N LEU A 30 -16.60 -11.01 1.20
CA LEU A 30 -16.07 -11.85 0.13
C LEU A 30 -16.49 -13.31 0.31
N HIS A 31 -16.40 -13.80 1.53
CA HIS A 31 -16.76 -15.19 1.84
C HIS A 31 -18.28 -15.37 1.81
N ARG A 32 -19.01 -14.30 1.54
CA ARG A 32 -20.47 -14.36 1.49
C ARG A 32 -21.02 -13.34 0.50
N GLU A 33 -21.04 -12.08 0.92
CA GLU A 33 -21.56 -11.01 0.06
C GLU A 33 -21.07 -11.18 -1.38
N LEU A 34 -19.91 -11.81 -1.53
CA LEU A 34 -19.34 -12.02 -2.86
C LEU A 34 -19.20 -10.70 -3.62
N VAL A 35 -18.43 -9.79 -3.05
CA VAL A 35 -18.21 -8.48 -3.68
C VAL A 35 -17.09 -8.54 -4.71
N HIS A 36 -17.26 -7.80 -5.79
CA HIS A 36 -16.26 -7.77 -6.86
C HIS A 36 -15.06 -6.91 -6.45
N PRO A 37 -13.86 -7.32 -6.87
CA PRO A 37 -12.62 -6.58 -6.54
C PRO A 37 -12.55 -5.24 -7.25
N ASP A 38 -13.31 -5.11 -8.34
CA ASP A 38 -13.34 -3.87 -9.11
C ASP A 38 -14.44 -2.94 -8.60
N ALA A 39 -14.69 -2.98 -7.30
CA ALA A 39 -15.73 -2.15 -6.70
C ALA A 39 -15.22 -0.73 -6.46
N LEU A 40 -15.94 0.25 -6.98
CA LEU A 40 -15.56 1.64 -6.82
C LEU A 40 -16.72 2.46 -6.25
N ASN A 41 -16.46 3.13 -5.13
CA ASN A 41 -17.49 3.94 -4.46
C ASN A 41 -17.94 5.08 -5.38
N ARG A 42 -17.01 5.97 -5.72
CA ARG A 42 -17.31 7.10 -6.59
C ARG A 42 -16.91 6.81 -8.02
N PHE A 43 -17.29 5.63 -8.51
CA PHE A 43 -16.96 5.22 -9.87
C PHE A 43 -15.58 5.71 -10.28
N GLY A 44 -14.56 5.24 -9.56
CA GLY A 44 -13.20 5.63 -9.86
C GLY A 44 -12.19 4.89 -9.03
N LYS A 45 -12.20 5.12 -7.72
CA LYS A 45 -11.28 4.45 -6.81
C LYS A 45 -11.84 3.11 -6.35
N THR A 46 -10.94 2.15 -6.14
CA THR A 46 -11.34 0.82 -5.71
C THR A 46 -11.32 0.71 -4.19
N ALA A 47 -11.62 -0.47 -3.67
CA ALA A 47 -11.63 -0.71 -2.24
C ALA A 47 -10.22 -0.75 -1.67
N LEU A 48 -9.29 -1.29 -2.45
CA LEU A 48 -7.90 -1.38 -2.01
C LEU A 48 -7.25 0.00 -1.98
N GLN A 49 -7.69 0.88 -2.88
CA GLN A 49 -7.15 2.23 -2.96
C GLN A 49 -7.58 3.05 -1.74
N VAL A 50 -8.58 2.56 -1.03
CA VAL A 50 -9.09 3.24 0.15
C VAL A 50 -8.74 2.48 1.42
N MET A 51 -8.50 1.19 1.28
CA MET A 51 -8.16 0.33 2.42
C MET A 51 -7.24 1.08 3.39
N MET A 52 -7.68 1.16 4.63
CA MET A 52 -6.89 1.84 5.67
C MET A 52 -5.93 0.87 6.34
N PHE A 53 -5.65 -0.25 5.66
CA PHE A 53 -4.74 -1.25 6.19
C PHE A 53 -4.93 -1.45 7.69
N GLY A 54 -6.15 -1.23 8.16
CA GLY A 54 -6.45 -1.39 9.57
C GLY A 54 -6.44 -2.84 9.99
N SER A 55 -7.08 -3.68 9.19
CA SER A 55 -7.14 -5.12 9.48
C SER A 55 -6.27 -5.90 8.51
N PRO A 56 -5.48 -6.85 9.01
CA PRO A 56 -4.60 -7.67 8.18
C PRO A 56 -5.37 -8.66 7.32
N ALA A 57 -6.44 -9.21 7.88
CA ALA A 57 -7.27 -10.17 7.15
C ALA A 57 -7.93 -9.54 5.93
N VAL A 58 -8.31 -8.28 6.06
CA VAL A 58 -8.95 -7.56 4.98
C VAL A 58 -8.02 -7.43 3.78
N ALA A 59 -6.72 -7.43 4.04
CA ALA A 59 -5.71 -7.32 2.99
C ALA A 59 -5.79 -8.52 2.05
N LEU A 60 -5.56 -9.71 2.60
CA LEU A 60 -5.59 -10.94 1.82
C LEU A 60 -6.98 -11.17 1.24
N GLU A 61 -8.02 -10.90 2.03
CA GLU A 61 -9.38 -11.10 1.59
C GLU A 61 -9.70 -10.18 0.41
N LEU A 62 -9.21 -8.94 0.47
CA LEU A 62 -9.42 -7.99 -0.60
C LEU A 62 -8.76 -8.46 -1.88
N LEU A 63 -7.43 -8.56 -1.85
CA LEU A 63 -6.67 -9.01 -3.01
C LEU A 63 -7.03 -10.44 -3.39
N LYS A 64 -7.71 -11.14 -2.48
CA LYS A 64 -8.11 -12.52 -2.72
C LYS A 64 -9.07 -12.62 -3.89
N GLN A 65 -9.94 -11.62 -4.01
CA GLN A 65 -10.92 -11.59 -5.10
C GLN A 65 -10.24 -11.39 -6.45
N GLY A 66 -8.97 -10.99 -6.41
CA GLY A 66 -8.23 -10.78 -7.64
C GLY A 66 -8.11 -9.30 -7.99
N ALA A 67 -8.00 -8.46 -6.98
CA ALA A 67 -7.87 -7.02 -7.18
C ALA A 67 -6.48 -6.66 -7.71
N SER A 68 -6.26 -5.37 -7.92
CA SER A 68 -4.98 -4.89 -8.42
C SER A 68 -4.35 -3.88 -7.45
N PRO A 69 -3.50 -4.36 -6.54
CA PRO A 69 -2.83 -3.50 -5.55
C PRO A 69 -2.10 -2.34 -6.21
N ASN A 70 -1.84 -2.46 -7.51
CA ASN A 70 -1.15 -1.42 -8.26
C ASN A 70 -2.14 -0.47 -8.92
N VAL A 71 -2.91 0.25 -8.11
CA VAL A 71 -3.90 1.18 -8.62
C VAL A 71 -3.42 2.62 -8.45
N GLN A 72 -3.80 3.47 -9.40
CA GLN A 72 -3.41 4.89 -9.37
C GLN A 72 -4.54 5.77 -9.86
N ASP A 73 -4.68 6.95 -9.25
CA ASP A 73 -5.72 7.89 -9.63
C ASP A 73 -5.13 9.11 -10.33
N ALA A 74 -5.94 10.14 -10.54
CA ALA A 74 -5.49 11.35 -11.20
C ALA A 74 -4.41 12.05 -10.38
N SER A 75 -3.24 11.43 -10.31
CA SER A 75 -2.12 11.99 -9.55
C SER A 75 -0.92 11.04 -9.59
N GLY A 76 -1.11 9.83 -9.09
CA GLY A 76 -0.04 8.85 -9.07
C GLY A 76 0.28 8.37 -7.66
N THR A 77 -0.56 7.48 -7.14
CA THR A 77 -0.36 6.93 -5.80
C THR A 77 -1.22 5.69 -5.59
N SER A 78 -0.61 4.66 -5.00
CA SER A 78 -1.32 3.41 -4.74
C SER A 78 -1.49 3.18 -3.25
N PRO A 79 -2.08 2.04 -2.86
CA PRO A 79 -2.31 1.69 -1.46
C PRO A 79 -1.02 1.59 -0.67
N VAL A 80 0.01 1.02 -1.28
CA VAL A 80 1.29 0.86 -0.64
C VAL A 80 1.89 2.20 -0.23
N HIS A 81 1.53 3.24 -0.98
CA HIS A 81 2.03 4.59 -0.71
C HIS A 81 1.56 5.07 0.66
N ASP A 82 0.27 5.28 0.80
CA ASP A 82 -0.31 5.75 2.06
C ASP A 82 0.00 4.78 3.19
N ALA A 83 -0.16 3.48 2.92
CA ALA A 83 0.10 2.46 3.92
C ALA A 83 1.49 2.62 4.54
N ALA A 84 2.40 3.18 3.76
CA ALA A 84 3.77 3.40 4.23
C ALA A 84 3.84 4.55 5.24
N ARG A 85 3.37 5.72 4.82
CA ARG A 85 3.39 6.90 5.69
C ARG A 85 2.34 6.82 6.79
N THR A 86 1.31 6.01 6.58
CA THR A 86 0.24 5.85 7.57
C THR A 86 0.73 5.08 8.78
N GLY A 87 1.23 3.87 8.54
CA GLY A 87 1.71 3.04 9.64
C GLY A 87 0.86 1.81 9.86
N PHE A 88 0.90 0.89 8.88
CA PHE A 88 0.13 -0.34 8.97
C PHE A 88 0.94 -1.51 8.42
N LEU A 89 2.15 -1.67 8.95
CA LEU A 89 3.03 -2.74 8.52
C LEU A 89 2.33 -4.10 8.61
N ASP A 90 1.42 -4.23 9.55
CA ASP A 90 0.68 -5.49 9.73
C ASP A 90 -0.09 -5.84 8.46
N THR A 91 -1.14 -5.09 8.18
CA THR A 91 -1.95 -5.33 7.00
C THR A 91 -1.15 -5.07 5.72
N LEU A 92 -0.29 -4.05 5.77
CA LEU A 92 0.54 -3.71 4.62
C LEU A 92 1.30 -4.94 4.14
N LYS A 93 1.95 -5.63 5.07
CA LYS A 93 2.71 -6.82 4.75
C LYS A 93 1.85 -7.82 4.00
N VAL A 94 0.61 -7.99 4.45
CA VAL A 94 -0.30 -8.92 3.81
C VAL A 94 -0.41 -8.68 2.31
N LEU A 95 -0.83 -7.46 1.94
CA LEU A 95 -0.97 -7.10 0.54
C LEU A 95 0.38 -6.95 -0.13
N VAL A 96 1.33 -6.34 0.58
CA VAL A 96 2.67 -6.12 0.04
C VAL A 96 3.40 -7.45 -0.12
N GLU A 97 3.50 -8.19 0.97
CA GLU A 97 4.19 -9.48 0.96
C GLU A 97 3.65 -10.38 -0.15
N HIS A 98 2.38 -10.20 -0.47
CA HIS A 98 1.74 -11.00 -1.52
C HIS A 98 2.44 -10.81 -2.86
N GLY A 99 2.96 -9.60 -3.08
CA GLY A 99 3.65 -9.30 -4.32
C GLY A 99 3.23 -7.97 -4.91
N ALA A 100 2.25 -7.34 -4.29
CA ALA A 100 1.76 -6.04 -4.76
C ALA A 100 2.92 -5.10 -5.08
N ASP A 101 2.77 -4.33 -6.15
CA ASP A 101 3.81 -3.39 -6.57
C ASP A 101 4.22 -2.50 -5.41
N VAL A 102 5.52 -2.22 -5.30
CA VAL A 102 6.04 -1.38 -4.24
C VAL A 102 7.16 -0.47 -4.75
N ASN A 103 7.28 -0.39 -6.07
CA ASN A 103 8.31 0.44 -6.68
C ASN A 103 7.70 1.70 -7.30
N ALA A 104 6.41 1.91 -7.05
CA ALA A 104 5.71 3.07 -7.58
C ALA A 104 5.95 4.31 -6.73
N LEU A 105 6.20 5.44 -7.38
CA LEU A 105 6.45 6.69 -6.66
C LEU A 105 5.26 7.63 -6.78
N ASP A 106 5.27 8.68 -5.97
CA ASP A 106 4.18 9.65 -5.97
C ASP A 106 4.46 10.78 -6.97
N SER A 107 3.65 11.84 -6.91
CA SER A 107 3.81 12.97 -7.80
C SER A 107 5.21 13.57 -7.68
N THR A 108 5.87 13.29 -6.57
CA THR A 108 7.22 13.80 -6.33
C THR A 108 8.27 12.82 -6.85
N GLY A 109 7.83 11.64 -7.24
CA GLY A 109 8.74 10.63 -7.76
C GLY A 109 9.62 10.04 -6.67
N SER A 110 9.02 9.75 -5.52
CA SER A 110 9.75 9.19 -4.40
C SER A 110 9.20 7.81 -4.02
N LEU A 111 10.07 6.82 -3.94
CA LEU A 111 9.66 5.46 -3.58
C LEU A 111 9.01 5.43 -2.20
N PRO A 112 8.08 4.51 -1.99
CA PRO A 112 7.39 4.37 -0.70
C PRO A 112 8.36 4.28 0.47
N ILE A 113 9.53 3.72 0.22
CA ILE A 113 10.56 3.57 1.25
C ILE A 113 11.16 4.92 1.61
N HIS A 114 11.23 5.82 0.63
CA HIS A 114 11.79 7.15 0.85
C HIS A 114 10.97 7.92 1.87
N LEU A 115 9.66 7.72 1.84
CA LEU A 115 8.75 8.40 2.77
C LEU A 115 8.88 7.80 4.16
N ALA A 116 8.94 6.48 4.24
CA ALA A 116 9.07 5.79 5.51
C ALA A 116 10.29 6.29 6.29
N ILE A 117 11.38 6.51 5.57
CA ILE A 117 12.61 7.00 6.18
C ILE A 117 12.38 8.35 6.85
N ARG A 118 11.63 9.21 6.17
CA ARG A 118 11.33 10.53 6.69
C ARG A 118 10.32 10.46 7.84
N GLU A 119 9.83 9.25 8.12
CA GLU A 119 8.86 9.05 9.19
C GLU A 119 9.41 8.13 10.27
N GLY A 120 10.01 7.02 9.85
CA GLY A 120 10.56 6.06 10.78
C GLY A 120 9.49 5.25 11.47
N HIS A 121 8.42 4.96 10.73
CA HIS A 121 7.31 4.18 11.27
C HIS A 121 7.72 2.74 11.57
N SER A 122 8.30 2.53 12.74
CA SER A 122 8.74 1.20 13.15
C SER A 122 9.64 0.57 12.08
N SER A 123 9.55 -0.76 11.94
CA SER A 123 10.37 -1.47 10.96
C SER A 123 9.87 -1.24 9.53
N VAL A 124 8.86 -0.38 9.37
CA VAL A 124 8.31 -0.09 8.05
C VAL A 124 9.42 0.31 7.08
N VAL A 125 10.12 1.39 7.39
CA VAL A 125 11.21 1.86 6.55
C VAL A 125 12.20 0.73 6.28
N SER A 126 12.40 -0.11 7.29
CA SER A 126 13.32 -1.24 7.17
C SER A 126 12.77 -2.30 6.23
N PHE A 127 11.49 -2.60 6.40
CA PHE A 127 10.83 -3.61 5.57
C PHE A 127 10.68 -3.11 4.13
N LEU A 128 10.61 -1.78 3.98
CA LEU A 128 10.47 -1.18 2.66
C LEU A 128 11.77 -1.27 1.87
N ALA A 129 12.80 -1.86 2.47
CA ALA A 129 14.09 -2.00 1.81
C ALA A 129 14.05 -3.06 0.71
N PRO A 130 13.94 -4.34 1.10
CA PRO A 130 13.89 -5.46 0.15
C PRO A 130 12.63 -5.45 -0.71
N GLU A 131 11.48 -5.26 -0.06
CA GLU A 131 10.21 -5.25 -0.78
C GLU A 131 10.26 -4.27 -1.95
N SER A 132 10.99 -3.18 -1.78
CA SER A 132 11.12 -2.18 -2.83
C SER A 132 12.52 -2.20 -3.42
N ASP A 133 12.63 -1.82 -4.69
CA ASP A 133 13.92 -1.79 -5.38
C ASP A 133 15.04 -1.40 -4.43
N LEU A 134 16.03 -2.28 -4.29
CA LEU A 134 17.15 -2.02 -3.42
C LEU A 134 18.27 -1.30 -4.15
N HIS A 135 17.91 -0.53 -5.18
CA HIS A 135 18.89 0.20 -5.96
C HIS A 135 18.20 1.23 -6.87
N HIS A 136 17.22 1.94 -6.32
CA HIS A 136 16.49 2.94 -7.08
C HIS A 136 16.83 4.34 -6.58
N ARG A 137 16.34 5.35 -7.28
CA ARG A 137 16.59 6.74 -6.91
C ARG A 137 15.36 7.61 -7.12
N ASP A 138 14.93 8.30 -6.08
CA ASP A 138 13.77 9.17 -6.17
C ASP A 138 14.11 10.47 -6.89
N ALA A 139 13.11 11.07 -7.51
CA ALA A 139 13.31 12.32 -8.24
C ALA A 139 14.00 13.34 -7.37
N SER A 140 13.92 13.15 -6.06
CA SER A 140 14.54 14.04 -5.10
C SER A 140 16.06 14.06 -5.28
N GLY A 141 16.65 12.88 -5.47
CA GLY A 141 18.07 12.77 -5.65
C GLY A 141 18.75 12.02 -4.53
N LEU A 142 18.21 10.86 -4.17
CA LEU A 142 18.76 10.05 -3.10
C LEU A 142 18.03 8.71 -2.98
N THR A 143 18.79 7.65 -2.75
CA THR A 143 18.22 6.31 -2.61
C THR A 143 18.00 5.96 -1.14
N PRO A 144 17.57 4.72 -0.88
CA PRO A 144 17.31 4.25 0.49
C PRO A 144 18.45 4.58 1.45
N LEU A 145 19.64 4.09 1.14
CA LEU A 145 20.81 4.34 1.97
C LEU A 145 21.06 5.84 2.10
N GLU A 146 20.80 6.58 1.03
CA GLU A 146 21.00 8.02 1.03
C GLU A 146 20.10 8.69 2.06
N LEU A 147 18.79 8.56 1.88
CA LEU A 147 17.84 9.14 2.82
C LEU A 147 18.16 8.69 4.23
N ALA A 148 18.35 7.38 4.38
CA ALA A 148 18.68 6.81 5.67
C ALA A 148 19.91 7.49 6.24
N ARG A 149 20.83 7.88 5.35
CA ARG A 149 22.04 8.58 5.77
C ARG A 149 21.68 9.93 6.34
N GLN A 150 20.79 10.62 5.64
CA GLN A 150 20.31 11.93 6.07
C GLN A 150 19.48 11.76 7.33
N ARG A 151 18.19 11.53 7.16
CA ARG A 151 17.31 11.30 8.29
C ARG A 151 17.54 9.91 8.85
N GLY A 152 18.78 9.65 9.25
CA GLY A 152 19.14 8.34 9.78
C GLY A 152 18.60 8.08 11.17
N ALA A 153 17.33 8.41 11.39
CA ALA A 153 16.71 8.18 12.69
C ALA A 153 17.20 6.85 13.26
N GLN A 154 17.56 6.84 14.54
CA GLN A 154 18.06 5.62 15.16
C GLN A 154 18.90 4.82 14.15
N ASN A 155 18.96 3.50 14.31
CA ASN A 155 19.71 2.67 13.40
C ASN A 155 18.98 2.53 12.05
N LEU A 156 18.57 3.65 11.47
CA LEU A 156 17.85 3.65 10.20
C LEU A 156 18.73 3.17 9.05
N MET A 157 19.70 3.99 8.68
CA MET A 157 20.60 3.65 7.60
C MET A 157 21.23 2.28 7.83
N ASP A 158 21.20 1.83 9.08
CA ASP A 158 21.76 0.53 9.43
C ASP A 158 20.86 -0.60 8.95
N ILE A 159 19.59 -0.53 9.30
CA ILE A 159 18.64 -1.55 8.89
C ILE A 159 18.60 -1.68 7.37
N LEU A 160 18.82 -0.56 6.68
CA LEU A 160 18.80 -0.56 5.23
C LEU A 160 20.05 -1.23 4.66
N GLN A 161 21.19 -0.95 5.27
CA GLN A 161 22.45 -1.53 4.83
C GLN A 161 22.46 -3.04 5.03
N GLY A 162 21.66 -3.51 5.97
CA GLY A 162 21.60 -4.94 6.23
C GLY A 162 20.85 -5.69 5.15
N HIS A 163 19.62 -5.26 4.87
CA HIS A 163 18.80 -5.90 3.85
C HIS A 163 19.35 -5.59 2.45
N MET A 164 20.26 -4.62 2.38
CA MET A 164 20.84 -4.22 1.11
C MET A 164 21.92 -5.21 0.68
N MET A 165 21.68 -5.87 -0.45
CA MET A 165 22.62 -6.86 -0.98
C MET A 165 23.24 -7.67 0.14
N ILE A 166 24.43 -8.21 -0.12
CA ILE A 166 25.14 -9.02 0.87
C ILE A 166 24.17 -9.91 1.65
N PRO A 167 23.43 -10.77 0.93
CA PRO A 167 22.46 -11.67 1.55
C PRO A 167 23.10 -12.58 2.60
N MET A 168 23.24 -12.05 3.82
CA MET A 168 23.84 -12.81 4.91
C MET A 168 23.13 -12.51 6.23
N GLY A 1 -32.87 -3.50 -25.43
CA GLY A 1 -32.75 -4.24 -24.14
C GLY A 1 -32.39 -3.34 -22.98
N SER A 2 -31.10 -3.28 -22.66
CA SER A 2 -30.61 -2.45 -21.56
C SER A 2 -31.61 -2.46 -20.40
N MET A 3 -31.56 -3.51 -19.60
CA MET A 3 -32.45 -3.65 -18.46
C MET A 3 -31.81 -3.06 -17.20
N LEU A 4 -30.49 -3.16 -17.11
CA LEU A 4 -29.77 -2.65 -15.95
C LEU A 4 -28.67 -1.67 -16.39
N LEU A 5 -28.69 -0.48 -15.82
CA LEU A 5 -27.70 0.54 -16.14
C LEU A 5 -26.98 1.03 -14.89
N GLU A 6 -26.16 0.17 -14.31
CA GLU A 6 -25.41 0.51 -13.11
C GLU A 6 -24.10 -0.27 -13.04
N GLU A 7 -23.11 0.30 -12.38
CA GLU A 7 -21.81 -0.34 -12.25
C GLU A 7 -21.18 -0.02 -10.88
N VAL A 8 -22.02 0.38 -9.94
CA VAL A 8 -21.55 0.71 -8.60
C VAL A 8 -22.28 -0.11 -7.54
N CYS A 9 -23.36 0.45 -7.00
CA CYS A 9 -24.15 -0.22 -5.97
C CYS A 9 -23.26 -0.78 -4.87
N VAL A 10 -22.74 -1.98 -5.09
CA VAL A 10 -21.86 -2.63 -4.12
C VAL A 10 -20.50 -1.93 -4.08
N GLY A 11 -20.11 -1.38 -5.22
CA GLY A 11 -18.83 -0.70 -5.32
C GLY A 11 -18.54 0.16 -4.11
N ASP A 12 -19.59 0.62 -3.44
CA ASP A 12 -19.43 1.45 -2.25
C ASP A 12 -19.79 0.68 -0.98
N ARG A 13 -19.54 -0.63 -1.01
CA ARG A 13 -19.84 -1.48 0.13
C ARG A 13 -18.56 -2.11 0.69
N LEU A 14 -17.87 -2.87 -0.15
CA LEU A 14 -16.64 -3.52 0.26
C LEU A 14 -15.51 -2.51 0.43
N SER A 15 -15.64 -1.37 -0.24
CA SER A 15 -14.64 -0.32 -0.16
C SER A 15 -14.57 0.25 1.25
N GLY A 16 -15.73 0.58 1.81
CA GLY A 16 -15.78 1.13 3.15
C GLY A 16 -15.50 0.09 4.21
N ALA A 17 -15.96 -1.13 3.99
CA ALA A 17 -15.75 -2.22 4.93
C ALA A 17 -14.27 -2.51 5.12
N ALA A 18 -13.58 -2.80 4.02
CA ALA A 18 -12.15 -3.10 4.07
C ALA A 18 -11.38 -1.94 4.69
N ALA A 19 -11.71 -0.73 4.29
CA ALA A 19 -11.05 0.46 4.81
C ALA A 19 -11.49 0.76 6.23
N ARG A 20 -12.66 0.26 6.61
CA ARG A 20 -13.19 0.47 7.94
C ARG A 20 -12.43 -0.37 8.96
N GLY A 21 -11.88 -1.48 8.52
CA GLY A 21 -11.13 -2.36 9.40
C GLY A 21 -12.02 -3.35 10.13
N ASP A 22 -12.68 -4.22 9.36
CA ASP A 22 -13.56 -5.22 9.94
C ASP A 22 -13.27 -6.59 9.35
N VAL A 23 -12.29 -7.29 9.91
CA VAL A 23 -11.92 -8.61 9.44
C VAL A 23 -13.14 -9.53 9.39
N GLN A 24 -14.17 -9.17 10.15
CA GLN A 24 -15.40 -9.95 10.20
C GLN A 24 -16.20 -9.75 8.92
N GLU A 25 -16.40 -8.49 8.54
CA GLU A 25 -17.15 -8.16 7.33
C GLU A 25 -16.35 -8.48 6.08
N VAL A 26 -15.06 -8.16 6.12
CA VAL A 26 -14.18 -8.40 4.97
C VAL A 26 -14.26 -9.86 4.53
N ARG A 27 -14.34 -10.77 5.50
CA ARG A 27 -14.41 -12.19 5.22
C ARG A 27 -15.79 -12.58 4.68
N ARG A 28 -16.82 -12.35 5.49
CA ARG A 28 -18.19 -12.68 5.09
C ARG A 28 -18.61 -11.89 3.87
N LEU A 29 -18.01 -10.72 3.68
CA LEU A 29 -18.34 -9.88 2.54
C LEU A 29 -18.17 -10.63 1.22
N LEU A 30 -16.92 -10.96 0.91
CA LEU A 30 -16.61 -11.68 -0.32
C LEU A 30 -17.03 -13.14 -0.26
N HIS A 31 -16.66 -13.81 0.82
CA HIS A 31 -16.98 -15.22 1.00
C HIS A 31 -18.48 -15.45 1.22
N ARG A 32 -19.22 -14.36 1.44
CA ARG A 32 -20.66 -14.47 1.66
C ARG A 32 -21.42 -13.38 0.91
N GLU A 33 -21.23 -12.14 1.33
CA GLU A 33 -21.90 -11.01 0.69
C GLU A 33 -21.65 -10.99 -0.82
N LEU A 34 -20.61 -11.71 -1.25
CA LEU A 34 -20.27 -11.78 -2.66
C LEU A 34 -20.06 -10.38 -3.24
N VAL A 35 -19.09 -9.67 -2.71
CA VAL A 35 -18.79 -8.31 -3.17
C VAL A 35 -17.50 -8.28 -3.98
N HIS A 36 -17.56 -7.68 -5.18
CA HIS A 36 -16.40 -7.58 -6.04
C HIS A 36 -15.25 -6.88 -5.33
N PRO A 37 -14.01 -7.28 -5.64
CA PRO A 37 -12.80 -6.69 -5.03
C PRO A 37 -12.72 -5.19 -5.28
N ASP A 38 -12.54 -4.81 -6.55
CA ASP A 38 -12.44 -3.40 -6.92
C ASP A 38 -13.52 -2.58 -6.22
N ALA A 39 -14.77 -2.89 -6.52
CA ALA A 39 -15.90 -2.19 -5.92
C ALA A 39 -15.58 -0.72 -5.67
N LEU A 40 -16.01 0.15 -6.59
CA LEU A 40 -15.78 1.58 -6.47
C LEU A 40 -16.94 2.27 -5.78
N ASN A 41 -16.64 3.08 -4.78
CA ASN A 41 -17.66 3.80 -4.04
C ASN A 41 -18.37 4.81 -4.92
N ARG A 42 -17.64 5.36 -5.89
CA ARG A 42 -18.20 6.34 -6.81
C ARG A 42 -17.47 6.30 -8.16
N PHE A 43 -17.15 5.09 -8.61
CA PHE A 43 -16.45 4.90 -9.88
C PHE A 43 -15.17 5.74 -9.92
N GLY A 44 -14.16 5.30 -9.17
CA GLY A 44 -12.90 6.01 -9.14
C GLY A 44 -11.86 5.31 -8.28
N LYS A 45 -12.12 5.23 -6.97
CA LYS A 45 -11.20 4.57 -6.05
C LYS A 45 -11.63 3.14 -5.76
N THR A 46 -10.67 2.23 -5.76
CA THR A 46 -10.95 0.81 -5.50
C THR A 46 -10.87 0.51 -4.00
N ALA A 47 -11.45 -0.61 -3.60
CA ALA A 47 -11.45 -1.01 -2.20
C ALA A 47 -10.03 -1.02 -1.64
N LEU A 48 -9.06 -1.38 -2.48
CA LEU A 48 -7.67 -1.43 -2.08
C LEU A 48 -7.10 -0.02 -1.90
N GLN A 49 -7.44 0.86 -2.83
CA GLN A 49 -6.96 2.24 -2.78
C GLN A 49 -7.67 3.04 -1.69
N VAL A 50 -8.69 2.44 -1.10
CA VAL A 50 -9.45 3.10 -0.04
C VAL A 50 -9.31 2.37 1.29
N MET A 51 -8.98 1.08 1.21
CA MET A 51 -8.82 0.26 2.41
C MET A 51 -7.90 0.97 3.41
N MET A 52 -7.77 0.39 4.61
CA MET A 52 -6.92 0.96 5.65
C MET A 52 -5.90 -0.06 6.13
N PHE A 53 -5.64 -1.06 5.30
CA PHE A 53 -4.67 -2.10 5.63
C PHE A 53 -4.80 -2.52 7.10
N GLY A 54 -6.01 -2.40 7.63
CA GLY A 54 -6.25 -2.77 9.01
C GLY A 54 -5.90 -4.22 9.29
N SER A 55 -6.88 -5.10 9.13
CA SER A 55 -6.66 -6.53 9.36
C SER A 55 -5.85 -7.12 8.21
N PRO A 56 -5.11 -8.21 8.48
CA PRO A 56 -4.28 -8.88 7.47
C PRO A 56 -5.13 -9.59 6.42
N ALA A 57 -6.16 -10.29 6.88
CA ALA A 57 -7.05 -11.03 5.98
C ALA A 57 -7.78 -10.11 5.01
N VAL A 58 -7.93 -8.84 5.37
CA VAL A 58 -8.62 -7.88 4.53
C VAL A 58 -7.88 -7.71 3.20
N ALA A 59 -6.58 -7.48 3.28
CA ALA A 59 -5.75 -7.30 2.09
C ALA A 59 -5.76 -8.57 1.26
N LEU A 60 -5.52 -9.70 1.92
CA LEU A 60 -5.49 -10.99 1.24
C LEU A 60 -6.84 -11.33 0.62
N GLU A 61 -7.89 -11.27 1.43
CA GLU A 61 -9.25 -11.58 0.97
C GLU A 61 -9.72 -10.60 -0.10
N LEU A 62 -9.71 -9.31 0.21
CA LEU A 62 -10.17 -8.30 -0.72
C LEU A 62 -9.29 -8.26 -1.98
N LEU A 63 -7.97 -8.19 -1.79
CA LEU A 63 -7.05 -8.14 -2.91
C LEU A 63 -7.12 -9.42 -3.74
N LYS A 64 -7.19 -10.56 -3.07
CA LYS A 64 -7.25 -11.85 -3.75
C LYS A 64 -8.53 -11.96 -4.59
N GLN A 65 -9.64 -11.49 -4.02
CA GLN A 65 -10.92 -11.54 -4.71
C GLN A 65 -10.77 -11.08 -6.17
N GLY A 66 -9.80 -10.20 -6.41
CA GLY A 66 -9.57 -9.71 -7.76
C GLY A 66 -9.43 -8.20 -7.80
N ALA A 67 -8.45 -7.68 -7.08
CA ALA A 67 -8.20 -6.24 -7.03
C ALA A 67 -6.96 -5.87 -7.82
N SER A 68 -6.78 -4.58 -8.07
CA SER A 68 -5.62 -4.10 -8.82
C SER A 68 -4.65 -3.36 -7.90
N PRO A 69 -3.54 -4.01 -7.53
CA PRO A 69 -2.52 -3.43 -6.66
C PRO A 69 -1.82 -2.23 -7.30
N ASN A 70 -2.00 -2.09 -8.61
CA ASN A 70 -1.39 -0.99 -9.35
C ASN A 70 -2.40 0.10 -9.64
N VAL A 71 -2.55 1.03 -8.70
CA VAL A 71 -3.50 2.14 -8.86
C VAL A 71 -2.93 3.43 -8.25
N GLN A 72 -3.02 4.50 -9.01
CA GLN A 72 -2.51 5.80 -8.56
C GLN A 72 -3.32 6.93 -9.17
N ASP A 73 -3.48 8.02 -8.40
CA ASP A 73 -4.23 9.18 -8.86
C ASP A 73 -3.71 10.45 -8.21
N ALA A 74 -4.44 11.55 -8.40
CA ALA A 74 -4.05 12.83 -7.83
C ALA A 74 -2.70 13.29 -8.37
N SER A 75 -1.63 12.66 -7.87
CA SER A 75 -0.28 13.00 -8.30
C SER A 75 0.52 11.75 -8.62
N GLY A 76 0.80 10.95 -7.58
CA GLY A 76 1.57 9.73 -7.76
C GLY A 76 1.67 8.92 -6.48
N THR A 77 0.61 8.21 -6.15
CA THR A 77 0.58 7.39 -4.94
C THR A 77 -0.38 6.22 -5.10
N SER A 78 -0.12 5.14 -4.35
CA SER A 78 -0.97 3.96 -4.41
C SER A 78 -1.18 3.38 -3.01
N PRO A 79 -1.83 2.21 -2.92
CA PRO A 79 -2.10 1.54 -1.65
C PRO A 79 -0.85 1.37 -0.80
N VAL A 80 0.20 0.81 -1.41
CA VAL A 80 1.46 0.59 -0.72
C VAL A 80 1.97 1.88 -0.06
N HIS A 81 1.88 2.99 -0.79
CA HIS A 81 2.34 4.28 -0.28
C HIS A 81 1.51 4.69 0.93
N ASP A 82 0.19 4.76 0.75
CA ASP A 82 -0.71 5.15 1.82
C ASP A 82 -0.51 4.27 3.05
N ALA A 83 -0.49 2.96 2.83
CA ALA A 83 -0.31 2.00 3.91
C ALA A 83 0.97 2.27 4.68
N ALA A 84 2.10 2.27 3.97
CA ALA A 84 3.40 2.53 4.59
C ALA A 84 3.39 3.83 5.39
N ARG A 85 2.93 4.90 4.76
CA ARG A 85 2.87 6.20 5.41
C ARG A 85 2.04 6.14 6.69
N THR A 86 0.93 5.41 6.65
CA THR A 86 0.06 5.27 7.81
C THR A 86 0.68 4.37 8.86
N GLY A 87 0.95 3.13 8.47
CA GLY A 87 1.54 2.17 9.39
C GLY A 87 0.74 0.89 9.49
N PHE A 88 0.82 0.07 8.43
CA PHE A 88 0.09 -1.19 8.39
C PHE A 88 0.98 -2.30 7.84
N LEU A 89 2.18 -2.42 8.39
CA LEU A 89 3.13 -3.43 7.96
C LEU A 89 2.50 -4.82 7.98
N ASP A 90 1.62 -5.06 8.96
CA ASP A 90 0.95 -6.34 9.07
C ASP A 90 0.17 -6.66 7.80
N THR A 91 -0.86 -5.88 7.52
CA THR A 91 -1.68 -6.09 6.34
C THR A 91 -0.92 -5.69 5.08
N LEU A 92 -0.19 -4.58 5.16
CA LEU A 92 0.59 -4.10 4.04
C LEU A 92 1.50 -5.21 3.49
N LYS A 93 2.26 -5.83 4.39
CA LYS A 93 3.16 -6.91 4.01
C LYS A 93 2.40 -7.98 3.22
N VAL A 94 1.15 -8.23 3.61
CA VAL A 94 0.33 -9.21 2.95
C VAL A 94 0.20 -8.89 1.46
N LEU A 95 -0.52 -7.82 1.16
CA LEU A 95 -0.72 -7.40 -0.22
C LEU A 95 0.62 -7.10 -0.88
N VAL A 96 1.53 -6.52 -0.11
CA VAL A 96 2.86 -6.19 -0.61
C VAL A 96 3.63 -7.46 -0.97
N GLU A 97 3.83 -8.32 0.02
CA GLU A 97 4.55 -9.56 -0.19
C GLU A 97 3.95 -10.34 -1.35
N HIS A 98 2.65 -10.19 -1.56
CA HIS A 98 1.96 -10.88 -2.64
C HIS A 98 2.31 -10.25 -3.99
N GLY A 99 2.11 -8.95 -4.10
CA GLY A 99 2.41 -8.25 -5.33
C GLY A 99 2.47 -6.75 -5.14
N ALA A 100 1.32 -6.16 -4.81
CA ALA A 100 1.23 -4.71 -4.59
C ALA A 100 2.08 -3.95 -5.61
N ASP A 101 2.29 -2.67 -5.34
CA ASP A 101 3.08 -1.82 -6.23
C ASP A 101 4.06 -0.96 -5.44
N VAL A 102 5.21 -1.53 -5.11
CA VAL A 102 6.23 -0.82 -4.36
C VAL A 102 7.34 -0.32 -5.27
N ASN A 103 7.04 -0.24 -6.56
CA ASN A 103 8.01 0.23 -7.55
C ASN A 103 7.69 1.65 -8.00
N ALA A 104 6.42 2.03 -7.89
CA ALA A 104 5.98 3.36 -8.28
C ALA A 104 6.56 4.43 -7.36
N LEU A 105 6.44 5.68 -7.76
CA LEU A 105 6.96 6.79 -6.97
C LEU A 105 5.95 7.95 -6.92
N ASP A 106 6.44 9.13 -6.60
CA ASP A 106 5.58 10.31 -6.52
C ASP A 106 6.07 11.42 -7.44
N SER A 107 5.74 12.66 -7.10
CA SER A 107 6.15 13.80 -7.91
C SER A 107 7.67 13.90 -7.99
N THR A 108 8.35 13.60 -6.88
CA THR A 108 9.80 13.64 -6.84
C THR A 108 10.41 12.31 -7.27
N GLY A 109 9.55 11.33 -7.54
CA GLY A 109 10.02 10.03 -7.96
C GLY A 109 10.72 9.28 -6.84
N SER A 110 10.11 9.26 -5.67
CA SER A 110 10.67 8.57 -4.51
C SER A 110 9.90 7.30 -4.20
N LEU A 111 10.62 6.23 -3.95
CA LEU A 111 10.02 4.93 -3.64
C LEU A 111 9.21 5.02 -2.34
N PRO A 112 8.16 4.19 -2.23
CA PRO A 112 7.31 4.17 -1.03
C PRO A 112 8.11 4.15 0.25
N ILE A 113 9.33 3.62 0.17
CA ILE A 113 10.21 3.54 1.34
C ILE A 113 10.73 4.91 1.72
N HIS A 114 10.98 5.75 0.71
CA HIS A 114 11.48 7.10 0.94
C HIS A 114 10.54 7.88 1.85
N LEU A 115 9.24 7.66 1.68
CA LEU A 115 8.24 8.34 2.49
C LEU A 115 8.29 7.84 3.94
N ALA A 116 8.23 6.52 4.10
CA ALA A 116 8.27 5.93 5.42
C ALA A 116 9.49 6.43 6.20
N ILE A 117 10.57 6.72 5.47
CA ILE A 117 11.79 7.23 6.08
C ILE A 117 11.52 8.55 6.77
N ARG A 118 10.70 9.40 6.15
CA ARG A 118 10.37 10.69 6.71
C ARG A 118 9.52 10.53 7.97
N GLU A 119 8.94 9.34 8.13
CA GLU A 119 8.10 9.05 9.28
C GLU A 119 8.93 8.43 10.40
N GLY A 120 9.63 7.34 10.08
CA GLY A 120 10.46 6.67 11.08
C GLY A 120 9.70 5.61 11.84
N HIS A 121 8.81 4.91 11.15
CA HIS A 121 8.02 3.85 11.77
C HIS A 121 8.91 2.70 12.23
N SER A 122 10.16 2.73 11.81
CA SER A 122 11.12 1.69 12.17
C SER A 122 10.85 0.40 11.39
N SER A 123 9.73 -0.24 11.69
CA SER A 123 9.35 -1.48 11.01
C SER A 123 8.97 -1.21 9.56
N VAL A 124 8.09 -0.23 9.35
CA VAL A 124 7.65 0.11 8.00
C VAL A 124 8.82 0.54 7.12
N VAL A 125 9.52 1.58 7.55
CA VAL A 125 10.67 2.08 6.80
C VAL A 125 11.67 0.97 6.48
N SER A 126 11.98 0.17 7.49
CA SER A 126 12.93 -0.93 7.32
C SER A 126 12.34 -2.02 6.44
N PHE A 127 11.03 -2.22 6.55
CA PHE A 127 10.34 -3.25 5.77
C PHE A 127 10.23 -2.84 4.30
N LEU A 128 9.95 -1.55 4.07
CA LEU A 128 9.81 -1.04 2.71
C LEU A 128 11.11 -1.19 1.94
N ALA A 129 12.20 -1.49 2.65
CA ALA A 129 13.50 -1.67 2.02
C ALA A 129 13.51 -2.87 1.10
N PRO A 130 13.35 -4.08 1.66
CA PRO A 130 13.35 -5.33 0.89
C PRO A 130 12.25 -5.36 -0.17
N GLU A 131 11.11 -4.76 0.16
CA GLU A 131 9.98 -4.72 -0.77
C GLU A 131 10.04 -3.47 -1.65
N SER A 132 11.25 -3.06 -2.00
CA SER A 132 11.45 -1.87 -2.83
C SER A 132 12.72 -1.99 -3.65
N ASP A 133 12.90 -3.13 -4.31
CA ASP A 133 14.09 -3.36 -5.13
C ASP A 133 15.32 -2.73 -4.49
N LEU A 134 15.95 -3.47 -3.58
CA LEU A 134 17.14 -2.98 -2.89
C LEU A 134 18.22 -2.56 -3.89
N HIS A 135 18.91 -1.46 -3.58
CA HIS A 135 19.98 -0.96 -4.44
C HIS A 135 19.41 -0.08 -5.54
N HIS A 136 18.09 -0.12 -5.71
CA HIS A 136 17.42 0.69 -6.72
C HIS A 136 17.67 2.18 -6.50
N ARG A 137 17.29 2.99 -7.47
CA ARG A 137 17.47 4.44 -7.38
C ARG A 137 16.13 5.16 -7.45
N ASP A 138 16.18 6.48 -7.59
CA ASP A 138 14.98 7.29 -7.68
C ASP A 138 15.19 8.48 -8.60
N ALA A 139 14.10 9.19 -8.91
CA ALA A 139 14.17 10.34 -9.79
C ALA A 139 14.93 11.50 -9.13
N SER A 140 15.28 11.32 -7.86
CA SER A 140 16.00 12.34 -7.12
C SER A 140 17.40 11.86 -6.75
N GLY A 141 17.74 10.65 -7.17
CA GLY A 141 19.05 10.10 -6.87
C GLY A 141 19.31 9.96 -5.39
N LEU A 142 18.27 9.58 -4.65
CA LEU A 142 18.39 9.41 -3.20
C LEU A 142 18.06 7.98 -2.79
N THR A 143 19.01 7.08 -3.01
CA THR A 143 18.83 5.67 -2.66
C THR A 143 18.28 5.52 -1.24
N PRO A 144 17.70 4.35 -0.93
CA PRO A 144 17.13 4.08 0.39
C PRO A 144 18.09 4.46 1.52
N LEU A 145 19.38 4.23 1.30
CA LEU A 145 20.39 4.55 2.31
C LEU A 145 20.56 6.05 2.44
N GLU A 146 20.58 6.75 1.30
CA GLU A 146 20.75 8.19 1.28
C GLU A 146 19.56 8.90 1.93
N LEU A 147 18.36 8.52 1.53
CA LEU A 147 17.15 9.11 2.09
C LEU A 147 17.20 9.05 3.61
N ALA A 148 17.68 7.92 4.12
CA ALA A 148 17.79 7.73 5.56
C ALA A 148 18.73 8.78 6.16
N ARG A 149 19.86 8.98 5.50
CA ARG A 149 20.84 9.97 5.96
C ARG A 149 20.19 11.34 6.05
N GLN A 150 19.21 11.58 5.19
CA GLN A 150 18.49 12.85 5.17
C GLN A 150 17.57 12.94 6.38
N ARG A 151 16.47 12.20 6.34
CA ARG A 151 15.53 12.18 7.46
C ARG A 151 16.11 11.35 8.59
N GLY A 152 17.13 11.89 9.25
CA GLY A 152 17.77 11.18 10.34
C GLY A 152 16.86 10.96 11.53
N ALA A 153 15.67 10.41 11.28
CA ALA A 153 14.73 10.14 12.35
C ALA A 153 15.41 9.33 13.44
N GLN A 154 16.36 8.51 13.02
CA GLN A 154 17.12 7.66 13.91
C GLN A 154 18.01 6.73 13.10
N ASN A 155 18.24 5.52 13.58
CA ASN A 155 19.07 4.56 12.86
C ASN A 155 18.33 3.97 11.65
N LEU A 156 17.64 4.82 10.88
CA LEU A 156 16.91 4.33 9.71
C LEU A 156 17.85 3.96 8.57
N MET A 157 18.98 4.65 8.48
CA MET A 157 19.95 4.38 7.43
C MET A 157 20.58 3.00 7.65
N ASP A 158 20.65 2.58 8.90
CA ASP A 158 21.22 1.29 9.25
C ASP A 158 20.28 0.15 8.88
N ILE A 159 19.01 0.30 9.24
CA ILE A 159 18.00 -0.73 8.95
C ILE A 159 18.03 -1.12 7.47
N LEU A 160 18.19 -0.13 6.60
CA LEU A 160 18.23 -0.38 5.16
C LEU A 160 19.55 -1.02 4.75
N GLN A 161 20.64 -0.54 5.33
CA GLN A 161 21.96 -1.07 5.02
C GLN A 161 22.06 -2.54 5.40
N GLY A 162 21.78 -2.83 6.67
CA GLY A 162 21.84 -4.20 7.14
C GLY A 162 20.89 -5.13 6.39
N HIS A 163 19.71 -4.61 6.08
CA HIS A 163 18.70 -5.39 5.37
C HIS A 163 19.09 -5.56 3.90
N MET A 164 20.11 -4.83 3.47
CA MET A 164 20.57 -4.90 2.09
C MET A 164 21.67 -5.96 1.95
N MET A 165 22.22 -6.07 0.75
CA MET A 165 23.28 -7.03 0.48
C MET A 165 24.46 -6.36 -0.23
N ILE A 166 24.64 -5.07 0.02
CA ILE A 166 25.72 -4.32 -0.60
C ILE A 166 27.06 -5.00 -0.36
N PRO A 167 27.69 -5.51 -1.44
CA PRO A 167 28.99 -6.19 -1.35
C PRO A 167 30.09 -5.27 -0.84
N MET A 168 29.79 -3.98 -0.75
CA MET A 168 30.75 -3.00 -0.27
C MET A 168 30.95 -3.13 1.24
N GLY A 1 -35.56 5.06 -19.10
CA GLY A 1 -34.81 6.21 -19.67
C GLY A 1 -33.85 5.80 -20.77
N SER A 2 -32.73 6.50 -20.85
CA SER A 2 -31.72 6.19 -21.86
C SER A 2 -30.32 6.52 -21.35
N MET A 3 -30.12 7.78 -20.96
CA MET A 3 -28.82 8.22 -20.46
C MET A 3 -28.82 8.24 -18.94
N LEU A 4 -28.04 7.34 -18.33
CA LEU A 4 -27.94 7.27 -16.88
C LEU A 4 -27.18 6.01 -16.45
N LEU A 5 -26.07 5.73 -17.13
CA LEU A 5 -25.26 4.56 -16.83
C LEU A 5 -24.22 4.89 -15.76
N GLU A 6 -24.35 4.25 -14.59
CA GLU A 6 -23.42 4.48 -13.49
C GLU A 6 -22.58 3.23 -13.23
N GLU A 7 -23.13 2.07 -13.57
CA GLU A 7 -22.43 0.80 -13.36
C GLU A 7 -21.72 0.80 -12.02
N VAL A 8 -22.50 0.76 -10.94
CA VAL A 8 -21.95 0.75 -9.59
C VAL A 8 -22.62 -0.31 -8.73
N CYS A 9 -23.95 -0.20 -8.61
CA CYS A 9 -24.72 -1.15 -7.80
C CYS A 9 -24.00 -1.47 -6.49
N VAL A 10 -23.18 -2.52 -6.51
CA VAL A 10 -22.44 -2.92 -5.33
C VAL A 10 -21.04 -2.32 -5.31
N GLY A 11 -20.88 -1.19 -6.00
CA GLY A 11 -19.59 -0.53 -6.06
C GLY A 11 -19.29 0.25 -4.80
N ASP A 12 -20.29 0.42 -3.95
CA ASP A 12 -20.13 1.16 -2.70
C ASP A 12 -20.64 0.35 -1.52
N ARG A 13 -20.66 -0.97 -1.68
CA ARG A 13 -21.13 -1.86 -0.63
C ARG A 13 -19.95 -2.56 0.06
N LEU A 14 -19.26 -3.42 -0.68
CA LEU A 14 -18.11 -4.13 -0.15
C LEU A 14 -16.95 -3.18 0.09
N SER A 15 -16.76 -2.24 -0.84
CA SER A 15 -15.67 -1.27 -0.72
C SER A 15 -15.79 -0.49 0.58
N GLY A 16 -17.02 -0.32 1.05
CA GLY A 16 -17.24 0.40 2.29
C GLY A 16 -16.79 -0.37 3.50
N ALA A 17 -16.99 -1.69 3.47
CA ALA A 17 -16.61 -2.56 4.57
C ALA A 17 -15.09 -2.62 4.71
N ALA A 18 -14.43 -3.03 3.63
CA ALA A 18 -12.97 -3.14 3.62
C ALA A 18 -12.32 -1.82 4.02
N ALA A 19 -12.95 -0.72 3.61
CA ALA A 19 -12.44 0.61 3.93
C ALA A 19 -12.65 0.95 5.40
N ARG A 20 -13.69 0.36 5.99
CA ARG A 20 -13.99 0.61 7.39
C ARG A 20 -12.99 -0.10 8.31
N GLY A 21 -12.48 -1.24 7.84
CA GLY A 21 -11.52 -1.99 8.63
C GLY A 21 -12.18 -2.88 9.65
N ASP A 22 -12.92 -3.88 9.17
CA ASP A 22 -13.61 -4.81 10.04
C ASP A 22 -13.47 -6.24 9.53
N VAL A 23 -12.56 -7.00 10.13
CA VAL A 23 -12.33 -8.39 9.74
C VAL A 23 -13.64 -9.17 9.73
N GLN A 24 -14.61 -8.70 10.49
CA GLN A 24 -15.90 -9.36 10.58
C GLN A 24 -16.72 -9.13 9.31
N GLU A 25 -16.80 -7.88 8.89
CA GLU A 25 -17.55 -7.52 7.68
C GLU A 25 -16.79 -7.96 6.42
N VAL A 26 -15.51 -7.65 6.38
CA VAL A 26 -14.68 -8.01 5.23
C VAL A 26 -14.79 -9.49 4.90
N ARG A 27 -14.87 -10.32 5.95
CA ARG A 27 -14.98 -11.75 5.78
C ARG A 27 -16.37 -12.15 5.29
N ARG A 28 -17.38 -11.85 6.10
CA ARG A 28 -18.75 -12.18 5.74
C ARG A 28 -19.11 -11.65 4.36
N LEU A 29 -18.53 -10.52 3.99
CA LEU A 29 -18.80 -9.91 2.69
C LEU A 29 -18.15 -10.71 1.56
N LEU A 30 -16.82 -10.68 1.50
CA LEU A 30 -16.08 -11.39 0.47
C LEU A 30 -16.15 -12.90 0.67
N HIS A 31 -15.99 -13.34 1.92
CA HIS A 31 -16.04 -14.76 2.25
C HIS A 31 -17.45 -15.31 2.18
N ARG A 32 -18.41 -14.45 1.85
CA ARG A 32 -19.81 -14.86 1.74
C ARG A 32 -20.55 -14.02 0.72
N GLU A 33 -20.88 -12.79 1.10
CA GLU A 33 -21.60 -11.87 0.21
C GLU A 33 -21.08 -11.98 -1.22
N LEU A 34 -19.81 -12.35 -1.36
CA LEU A 34 -19.19 -12.49 -2.68
C LEU A 34 -19.34 -11.20 -3.48
N VAL A 35 -18.88 -10.09 -2.91
CA VAL A 35 -18.96 -8.80 -3.58
C VAL A 35 -17.75 -8.57 -4.49
N HIS A 36 -18.03 -8.18 -5.73
CA HIS A 36 -16.97 -7.92 -6.69
C HIS A 36 -15.88 -7.03 -6.09
N PRO A 37 -14.61 -7.40 -6.29
CA PRO A 37 -13.48 -6.64 -5.76
C PRO A 37 -13.27 -5.33 -6.51
N ASP A 38 -13.83 -5.23 -7.70
CA ASP A 38 -13.70 -4.03 -8.52
C ASP A 38 -14.79 -3.01 -8.18
N ALA A 39 -15.64 -3.36 -7.22
CA ALA A 39 -16.73 -2.48 -6.81
C ALA A 39 -16.23 -1.05 -6.64
N LEU A 40 -16.85 -0.13 -7.38
CA LEU A 40 -16.46 1.28 -7.31
C LEU A 40 -17.58 2.11 -6.69
N ASN A 41 -17.22 2.89 -5.67
CA ASN A 41 -18.19 3.73 -4.97
C ASN A 41 -18.74 4.80 -5.91
N ARG A 42 -19.37 5.82 -5.32
CA ARG A 42 -19.96 6.90 -6.10
C ARG A 42 -18.90 7.93 -6.50
N PHE A 43 -17.67 7.70 -6.05
CA PHE A 43 -16.56 8.61 -6.36
C PHE A 43 -15.73 8.08 -7.52
N GLY A 44 -15.79 6.78 -7.73
CA GLY A 44 -15.04 6.16 -8.81
C GLY A 44 -13.72 5.60 -8.35
N LYS A 45 -13.67 5.17 -7.09
CA LYS A 45 -12.46 4.61 -6.52
C LYS A 45 -12.57 3.09 -6.38
N THR A 46 -11.44 2.40 -6.42
CA THR A 46 -11.42 0.95 -6.30
C THR A 46 -11.38 0.52 -4.84
N ALA A 47 -11.61 -0.76 -4.60
CA ALA A 47 -11.60 -1.30 -3.24
C ALA A 47 -10.24 -1.11 -2.59
N LEU A 48 -9.19 -1.58 -3.25
CA LEU A 48 -7.84 -1.45 -2.73
C LEU A 48 -7.41 0.01 -2.72
N GLN A 49 -7.96 0.80 -3.64
CA GLN A 49 -7.63 2.22 -3.72
C GLN A 49 -8.27 3.00 -2.57
N VAL A 50 -9.05 2.30 -1.76
CA VAL A 50 -9.72 2.93 -0.62
C VAL A 50 -9.57 2.11 0.65
N MET A 51 -9.62 0.78 0.49
CA MET A 51 -9.50 -0.12 1.63
C MET A 51 -8.50 0.42 2.65
N MET A 52 -8.85 0.32 3.93
CA MET A 52 -7.99 0.79 5.00
C MET A 52 -7.11 -0.33 5.52
N PHE A 53 -5.79 -0.10 5.49
CA PHE A 53 -4.84 -1.09 5.96
C PHE A 53 -5.13 -1.48 7.41
N GLY A 54 -5.91 -0.67 8.10
CA GLY A 54 -6.25 -0.95 9.48
C GLY A 54 -6.42 -2.44 9.74
N SER A 55 -7.06 -3.13 8.80
CA SER A 55 -7.29 -4.56 8.93
C SER A 55 -6.46 -5.33 7.91
N PRO A 56 -5.68 -6.31 8.37
CA PRO A 56 -4.82 -7.13 7.50
C PRO A 56 -5.63 -8.12 6.67
N ALA A 57 -6.73 -8.60 7.24
CA ALA A 57 -7.59 -9.56 6.55
C ALA A 57 -8.19 -8.95 5.29
N VAL A 58 -8.57 -7.68 5.37
CA VAL A 58 -9.15 -7.00 4.23
C VAL A 58 -8.14 -6.90 3.09
N ALA A 59 -6.86 -6.85 3.46
CA ALA A 59 -5.79 -6.79 2.48
C ALA A 59 -5.75 -8.04 1.62
N LEU A 60 -5.43 -9.17 2.24
CA LEU A 60 -5.36 -10.45 1.55
C LEU A 60 -6.73 -10.84 0.99
N GLU A 61 -7.78 -10.45 1.70
CA GLU A 61 -9.14 -10.77 1.29
C GLU A 61 -9.46 -10.11 -0.05
N LEU A 62 -9.27 -8.80 -0.12
CA LEU A 62 -9.53 -8.05 -1.35
C LEU A 62 -8.62 -8.52 -2.47
N LEU A 63 -7.34 -8.66 -2.16
CA LEU A 63 -6.36 -9.11 -3.13
C LEU A 63 -6.66 -10.52 -3.62
N LYS A 64 -6.88 -11.42 -2.67
CA LYS A 64 -7.19 -12.81 -2.99
C LYS A 64 -8.50 -12.93 -3.78
N GLN A 65 -9.26 -11.83 -3.80
CA GLN A 65 -10.53 -11.81 -4.51
C GLN A 65 -10.31 -11.62 -6.01
N GLY A 66 -9.29 -10.85 -6.36
CA GLY A 66 -8.99 -10.61 -7.75
C GLY A 66 -8.98 -9.13 -8.09
N ALA A 67 -8.35 -8.33 -7.23
CA ALA A 67 -8.28 -6.90 -7.45
C ALA A 67 -6.93 -6.49 -8.04
N SER A 68 -6.69 -5.19 -8.11
CA SER A 68 -5.42 -4.68 -8.66
C SER A 68 -4.88 -3.54 -7.80
N PRO A 69 -3.72 -3.77 -7.16
CA PRO A 69 -3.09 -2.76 -6.31
C PRO A 69 -2.50 -1.61 -7.10
N ASN A 70 -2.14 -1.89 -8.35
CA ASN A 70 -1.56 -0.87 -9.23
C ASN A 70 -2.59 0.19 -9.59
N VAL A 71 -2.88 1.07 -8.64
CA VAL A 71 -3.86 2.14 -8.86
C VAL A 71 -3.36 3.46 -8.29
N GLN A 72 -3.51 4.52 -9.07
CA GLN A 72 -3.07 5.85 -8.64
C GLN A 72 -4.17 6.88 -8.88
N ASP A 73 -4.00 8.06 -8.31
CA ASP A 73 -4.97 9.14 -8.46
C ASP A 73 -4.29 10.50 -8.45
N ALA A 74 -3.81 10.91 -7.29
CA ALA A 74 -3.14 12.19 -7.13
C ALA A 74 -2.21 12.46 -8.32
N SER A 75 -1.68 11.40 -8.90
CA SER A 75 -0.78 11.52 -10.05
C SER A 75 0.00 10.23 -10.26
N GLY A 76 0.22 9.49 -9.17
CA GLY A 76 0.96 8.24 -9.27
C GLY A 76 1.28 7.66 -7.91
N THR A 77 0.35 7.78 -6.97
CA THR A 77 0.54 7.26 -5.62
C THR A 77 -0.38 6.07 -5.36
N SER A 78 0.22 4.90 -5.18
CA SER A 78 -0.55 3.68 -4.92
C SER A 78 -0.81 3.53 -3.43
N PRO A 79 -1.65 2.56 -3.05
CA PRO A 79 -1.99 2.31 -1.65
C PRO A 79 -0.76 2.03 -0.81
N VAL A 80 0.16 1.25 -1.35
CA VAL A 80 1.39 0.91 -0.65
C VAL A 80 2.15 2.16 -0.23
N HIS A 81 2.23 3.13 -1.14
CA HIS A 81 2.94 4.38 -0.88
C HIS A 81 2.40 5.04 0.40
N ASP A 82 1.08 5.23 0.45
CA ASP A 82 0.45 5.84 1.60
C ASP A 82 0.48 4.91 2.80
N ALA A 83 0.44 3.61 2.54
CA ALA A 83 0.47 2.61 3.60
C ALA A 83 1.81 2.62 4.32
N ALA A 84 2.85 3.06 3.63
CA ALA A 84 4.19 3.11 4.21
C ALA A 84 4.32 4.25 5.22
N ARG A 85 4.20 5.48 4.73
CA ARG A 85 4.30 6.66 5.59
C ARG A 85 3.23 6.64 6.68
N THR A 86 2.12 5.96 6.41
CA THR A 86 1.03 5.87 7.36
C THR A 86 1.44 5.09 8.61
N GLY A 87 2.24 4.05 8.40
CA GLY A 87 2.70 3.23 9.51
C GLY A 87 1.74 2.10 9.83
N PHE A 88 1.61 1.15 8.90
CA PHE A 88 0.73 0.01 9.09
C PHE A 88 1.37 -1.26 8.56
N LEU A 89 2.61 -1.50 8.97
CA LEU A 89 3.35 -2.68 8.52
C LEU A 89 2.56 -3.95 8.80
N ASP A 90 1.58 -3.87 9.69
CA ASP A 90 0.75 -5.02 10.03
C ASP A 90 0.06 -5.58 8.80
N THR A 91 -0.91 -4.83 8.28
CA THR A 91 -1.64 -5.25 7.10
C THR A 91 -0.75 -5.15 5.87
N LEU A 92 0.16 -4.19 5.89
CA LEU A 92 1.08 -3.99 4.77
C LEU A 92 1.81 -5.30 4.46
N LYS A 93 2.40 -5.89 5.49
CA LYS A 93 3.12 -7.14 5.35
C LYS A 93 2.28 -8.17 4.62
N VAL A 94 0.97 -8.09 4.81
CA VAL A 94 0.04 -9.01 4.18
C VAL A 94 -0.13 -8.74 2.68
N LEU A 95 -0.57 -7.54 2.35
CA LEU A 95 -0.79 -7.15 0.96
C LEU A 95 0.51 -6.91 0.20
N VAL A 96 1.44 -6.19 0.83
CA VAL A 96 2.72 -5.86 0.20
C VAL A 96 3.58 -7.12 -0.05
N GLU A 97 3.44 -8.13 0.79
CA GLU A 97 4.21 -9.36 0.64
C GLU A 97 3.73 -10.17 -0.56
N HIS A 98 2.46 -10.02 -0.90
CA HIS A 98 1.88 -10.74 -2.02
C HIS A 98 2.37 -10.15 -3.35
N GLY A 99 2.26 -8.83 -3.47
CA GLY A 99 2.69 -8.16 -4.68
C GLY A 99 2.75 -6.65 -4.51
N ALA A 100 1.57 -6.04 -4.38
CA ALA A 100 1.46 -4.59 -4.20
C ALA A 100 2.68 -3.85 -4.74
N ASP A 101 2.56 -3.30 -5.94
CA ASP A 101 3.66 -2.56 -6.56
C ASP A 101 4.42 -1.76 -5.52
N VAL A 102 5.46 -2.37 -4.94
CA VAL A 102 6.27 -1.71 -3.92
C VAL A 102 7.47 -1.02 -4.54
N ASN A 103 7.68 -1.23 -5.83
CA ASN A 103 8.79 -0.61 -6.54
C ASN A 103 8.33 0.60 -7.35
N ALA A 104 7.04 0.92 -7.24
CA ALA A 104 6.48 2.06 -7.96
C ALA A 104 6.90 3.38 -7.33
N LEU A 105 6.58 4.48 -8.00
CA LEU A 105 6.93 5.81 -7.50
C LEU A 105 5.76 6.77 -7.68
N ASP A 106 6.02 8.06 -7.49
CA ASP A 106 5.00 9.08 -7.63
C ASP A 106 5.56 10.32 -8.32
N SER A 107 4.76 11.38 -8.34
CA SER A 107 5.17 12.64 -8.98
C SER A 107 6.53 13.08 -8.46
N THR A 108 6.85 12.70 -7.21
CA THR A 108 8.12 13.07 -6.61
C THR A 108 9.17 11.98 -6.85
N GLY A 109 8.72 10.85 -7.36
CA GLY A 109 9.63 9.75 -7.63
C GLY A 109 10.14 9.08 -6.37
N SER A 110 9.53 9.43 -5.24
CA SER A 110 9.92 8.85 -3.95
C SER A 110 9.36 7.45 -3.80
N LEU A 111 10.23 6.44 -3.84
CA LEU A 111 9.82 5.05 -3.70
C LEU A 111 9.15 4.82 -2.36
N PRO A 112 8.09 3.98 -2.33
CA PRO A 112 7.36 3.68 -1.11
C PRO A 112 8.27 3.50 0.10
N ILE A 113 9.50 3.05 -0.17
CA ILE A 113 10.48 2.85 0.90
C ILE A 113 11.01 4.17 1.43
N HIS A 114 11.32 5.09 0.51
CA HIS A 114 11.84 6.40 0.88
C HIS A 114 10.92 7.08 1.88
N LEU A 115 9.61 6.90 1.70
CA LEU A 115 8.63 7.50 2.60
C LEU A 115 8.87 7.08 4.04
N ALA A 116 8.86 5.78 4.29
CA ALA A 116 9.08 5.25 5.63
C ALA A 116 10.37 5.81 6.21
N ILE A 117 11.33 6.09 5.33
CA ILE A 117 12.61 6.64 5.77
C ILE A 117 12.43 8.04 6.34
N ARG A 118 11.53 8.81 5.72
CA ARG A 118 11.26 10.17 6.18
C ARG A 118 10.46 10.16 7.48
N GLU A 119 9.87 9.00 7.79
CA GLU A 119 9.08 8.85 9.01
C GLU A 119 9.94 8.29 10.14
N GLY A 120 10.60 7.17 9.87
CA GLY A 120 11.43 6.55 10.89
C GLY A 120 10.65 5.60 11.77
N HIS A 121 9.48 5.19 11.29
CA HIS A 121 8.63 4.27 12.04
C HIS A 121 9.47 3.27 12.81
N SER A 122 10.12 2.36 12.07
CA SER A 122 10.97 1.33 12.67
C SER A 122 11.11 0.15 11.73
N SER A 123 10.23 -0.84 11.90
CA SER A 123 10.26 -2.03 11.07
C SER A 123 9.74 -1.72 9.67
N VAL A 124 9.10 -0.57 9.52
CA VAL A 124 8.56 -0.16 8.23
C VAL A 124 9.68 0.16 7.24
N VAL A 125 10.46 1.19 7.54
CA VAL A 125 11.56 1.59 6.67
C VAL A 125 12.47 0.41 6.37
N SER A 126 12.74 -0.40 7.38
CA SER A 126 13.59 -1.57 7.22
C SER A 126 12.90 -2.66 6.43
N PHE A 127 11.57 -2.72 6.55
CA PHE A 127 10.78 -3.72 5.85
C PHE A 127 10.69 -3.40 4.36
N LEU A 128 10.27 -2.17 4.06
CA LEU A 128 10.14 -1.73 2.67
C LEU A 128 11.48 -1.81 1.95
N ALA A 129 12.56 -1.85 2.72
CA ALA A 129 13.90 -1.93 2.15
C ALA A 129 14.02 -3.10 1.18
N PRO A 130 14.01 -4.33 1.71
CA PRO A 130 14.13 -5.55 0.89
C PRO A 130 12.91 -5.75 0.00
N GLU A 131 11.73 -5.42 0.51
CA GLU A 131 10.50 -5.57 -0.25
C GLU A 131 10.46 -4.63 -1.44
N SER A 132 11.27 -3.57 -1.38
CA SER A 132 11.32 -2.58 -2.45
C SER A 132 12.70 -2.60 -3.12
N ASP A 133 12.71 -2.28 -4.41
CA ASP A 133 13.95 -2.25 -5.18
C ASP A 133 15.08 -1.67 -4.34
N LEU A 134 16.03 -2.52 -3.97
CA LEU A 134 17.18 -2.10 -3.18
C LEU A 134 18.05 -1.12 -3.94
N HIS A 135 17.78 -0.97 -5.23
CA HIS A 135 18.54 -0.06 -6.08
C HIS A 135 17.62 0.96 -6.73
N HIS A 136 16.64 1.45 -5.97
CA HIS A 136 15.69 2.44 -6.47
C HIS A 136 15.98 3.82 -5.89
N ARG A 137 15.89 4.84 -6.72
CA ARG A 137 16.13 6.21 -6.29
C ARG A 137 14.99 7.13 -6.72
N ASP A 138 14.92 8.30 -6.10
CA ASP A 138 13.88 9.28 -6.42
C ASP A 138 14.40 10.31 -7.42
N ALA A 139 13.48 10.99 -8.09
CA ALA A 139 13.84 12.01 -9.07
C ALA A 139 14.69 13.10 -8.42
N SER A 140 14.67 13.13 -7.10
CA SER A 140 15.44 14.12 -6.35
C SER A 140 16.87 13.64 -6.12
N GLY A 141 17.02 12.33 -5.94
CA GLY A 141 18.34 11.76 -5.71
C GLY A 141 18.63 11.51 -4.25
N LEU A 142 17.97 10.49 -3.70
CA LEU A 142 18.15 10.14 -2.30
C LEU A 142 17.89 8.65 -2.07
N THR A 143 18.70 7.81 -2.71
CA THR A 143 18.56 6.37 -2.59
C THR A 143 18.27 5.96 -1.15
N PRO A 144 17.88 4.70 -0.93
CA PRO A 144 17.56 4.19 0.40
C PRO A 144 18.59 4.62 1.44
N LEU A 145 19.87 4.40 1.13
CA LEU A 145 20.96 4.76 2.03
C LEU A 145 21.08 6.29 2.11
N GLU A 146 20.92 6.95 0.96
CA GLU A 146 21.01 8.40 0.90
C GLU A 146 20.07 9.03 1.92
N LEU A 147 18.77 8.80 1.74
CA LEU A 147 17.77 9.35 2.65
C LEU A 147 18.05 8.91 4.07
N ALA A 148 18.41 7.64 4.24
CA ALA A 148 18.72 7.11 5.56
C ALA A 148 19.74 7.97 6.27
N ARG A 149 20.74 8.44 5.51
CA ARG A 149 21.78 9.30 6.07
C ARG A 149 21.16 10.59 6.57
N GLN A 150 20.21 11.11 5.81
CA GLN A 150 19.52 12.33 6.18
C GLN A 150 18.63 12.07 7.40
N ARG A 151 17.47 11.46 7.16
CA ARG A 151 16.57 11.12 8.23
C ARG A 151 17.12 9.93 8.99
N GLY A 152 18.19 10.15 9.75
CA GLY A 152 18.81 9.07 10.49
C GLY A 152 18.00 8.61 11.69
N ALA A 153 16.70 8.49 11.52
CA ALA A 153 15.84 8.03 12.59
C ALA A 153 16.38 6.73 13.16
N GLN A 154 16.54 6.67 14.49
CA GLN A 154 17.07 5.47 15.13
C GLN A 154 18.06 4.74 14.23
N ASN A 155 18.22 3.45 14.43
CA ASN A 155 19.13 2.65 13.63
C ASN A 155 18.54 2.32 12.25
N LEU A 156 17.91 3.30 11.59
CA LEU A 156 17.33 3.06 10.27
C LEU A 156 18.41 2.93 9.21
N MET A 157 19.33 3.89 9.17
CA MET A 157 20.40 3.88 8.19
C MET A 157 21.13 2.53 8.22
N ASP A 158 21.16 1.91 9.39
CA ASP A 158 21.82 0.63 9.55
C ASP A 158 21.00 -0.50 8.93
N ILE A 159 19.72 -0.54 9.27
CA ILE A 159 18.82 -1.58 8.76
C ILE A 159 18.91 -1.67 7.24
N LEU A 160 18.59 -0.57 6.56
CA LEU A 160 18.63 -0.54 5.10
C LEU A 160 20.02 -0.88 4.59
N GLN A 161 21.00 -0.05 4.93
CA GLN A 161 22.37 -0.27 4.50
C GLN A 161 22.84 -1.67 4.87
N GLY A 162 22.40 -2.14 6.03
CA GLY A 162 22.79 -3.48 6.47
C GLY A 162 22.21 -4.56 5.59
N HIS A 163 20.91 -4.47 5.32
CA HIS A 163 20.24 -5.45 4.47
C HIS A 163 20.63 -5.25 3.01
N MET A 164 21.16 -4.08 2.70
CA MET A 164 21.57 -3.76 1.33
C MET A 164 22.89 -4.45 0.99
N MET A 165 23.51 -4.01 -0.10
CA MET A 165 24.78 -4.57 -0.53
C MET A 165 25.62 -3.53 -1.26
N ILE A 166 26.08 -2.53 -0.53
CA ILE A 166 26.89 -1.46 -1.11
C ILE A 166 27.98 -1.01 -0.14
N PRO A 167 28.71 -1.97 0.45
CA PRO A 167 29.78 -1.66 1.42
C PRO A 167 31.01 -1.07 0.74
N MET A 168 31.95 -0.60 1.54
CA MET A 168 33.17 0.00 1.02
C MET A 168 34.37 -0.36 1.89
N GLY A 1 -30.80 4.79 -23.76
CA GLY A 1 -30.14 4.42 -22.48
C GLY A 1 -28.63 4.58 -22.55
N SER A 2 -27.93 3.97 -21.60
CA SER A 2 -26.47 4.05 -21.55
C SER A 2 -25.85 3.03 -22.49
N MET A 3 -26.04 1.75 -22.18
CA MET A 3 -25.49 0.68 -23.01
C MET A 3 -23.98 0.86 -23.20
N LEU A 4 -23.27 1.11 -22.10
CA LEU A 4 -21.83 1.30 -22.14
C LEU A 4 -21.14 0.51 -21.04
N LEU A 5 -21.86 -0.46 -20.47
CA LEU A 5 -21.32 -1.28 -19.39
C LEU A 5 -20.84 -0.42 -18.23
N GLU A 6 -21.44 -0.63 -17.06
CA GLU A 6 -21.07 0.13 -15.88
C GLU A 6 -21.89 -0.33 -14.68
N GLU A 7 -21.25 -1.04 -13.75
CA GLU A 7 -21.92 -1.53 -12.56
C GLU A 7 -21.39 -0.82 -11.31
N VAL A 8 -22.21 0.07 -10.75
CA VAL A 8 -21.83 0.81 -9.56
C VAL A 8 -22.72 0.44 -8.37
N CYS A 9 -23.79 -0.30 -8.66
CA CYS A 9 -24.72 -0.72 -7.62
C CYS A 9 -23.97 -1.19 -6.38
N VAL A 10 -22.89 -1.95 -6.60
CA VAL A 10 -22.09 -2.46 -5.50
C VAL A 10 -20.90 -1.56 -5.21
N GLY A 11 -20.62 -0.64 -6.13
CA GLY A 11 -19.51 0.27 -5.96
C GLY A 11 -19.52 0.95 -4.61
N ASP A 12 -18.41 0.85 -3.89
CA ASP A 12 -18.29 1.46 -2.56
C ASP A 12 -18.80 0.51 -1.48
N ARG A 13 -19.15 -0.71 -1.88
CA ARG A 13 -19.65 -1.71 -0.94
C ARG A 13 -18.52 -2.24 -0.06
N LEU A 14 -17.67 -3.08 -0.65
CA LEU A 14 -16.55 -3.65 0.08
C LEU A 14 -15.47 -2.62 0.31
N SER A 15 -15.44 -1.59 -0.53
CA SER A 15 -14.46 -0.52 -0.43
C SER A 15 -14.65 0.27 0.85
N GLY A 16 -15.88 0.67 1.12
CA GLY A 16 -16.18 1.43 2.31
C GLY A 16 -16.06 0.60 3.58
N ALA A 17 -16.36 -0.69 3.46
CA ALA A 17 -16.29 -1.59 4.60
C ALA A 17 -14.85 -1.88 5.00
N ALA A 18 -14.12 -2.54 4.09
CA ALA A 18 -12.72 -2.89 4.33
C ALA A 18 -11.91 -1.65 4.68
N ALA A 19 -12.25 -0.53 4.05
CA ALA A 19 -11.54 0.72 4.29
C ALA A 19 -11.87 1.28 5.67
N ARG A 20 -13.04 0.93 6.19
CA ARG A 20 -13.48 1.39 7.50
C ARG A 20 -12.71 0.69 8.60
N GLY A 21 -12.30 -0.55 8.34
CA GLY A 21 -11.56 -1.31 9.33
C GLY A 21 -12.43 -2.28 10.11
N ASP A 22 -12.90 -3.33 9.43
CA ASP A 22 -13.74 -4.33 10.07
C ASP A 22 -13.47 -5.71 9.49
N VAL A 23 -12.39 -6.34 9.96
CA VAL A 23 -12.01 -7.66 9.49
C VAL A 23 -13.19 -8.63 9.59
N GLN A 24 -14.16 -8.29 10.43
CA GLN A 24 -15.33 -9.13 10.60
C GLN A 24 -16.24 -9.04 9.38
N GLU A 25 -16.51 -7.82 8.93
CA GLU A 25 -17.35 -7.60 7.76
C GLU A 25 -16.61 -7.98 6.48
N VAL A 26 -15.33 -7.65 6.43
CA VAL A 26 -14.52 -7.95 5.26
C VAL A 26 -14.61 -9.44 4.91
N ARG A 27 -14.70 -10.27 5.93
CA ARG A 27 -14.77 -11.71 5.75
C ARG A 27 -16.14 -12.13 5.23
N ARG A 28 -17.20 -11.76 5.96
CA ARG A 28 -18.56 -12.12 5.56
C ARG A 28 -18.95 -11.41 4.27
N LEU A 29 -18.23 -10.35 3.94
CA LEU A 29 -18.51 -9.57 2.74
C LEU A 29 -18.29 -10.39 1.47
N LEU A 30 -17.04 -10.76 1.23
CA LEU A 30 -16.67 -11.54 0.05
C LEU A 30 -17.13 -13.00 0.18
N HIS A 31 -17.01 -13.55 1.36
CA HIS A 31 -17.40 -14.95 1.61
C HIS A 31 -18.91 -15.13 1.59
N ARG A 32 -19.63 -14.11 2.06
CA ARG A 32 -21.10 -14.18 2.11
C ARG A 32 -21.71 -13.15 1.16
N GLU A 33 -21.35 -11.89 1.33
CA GLU A 33 -21.87 -10.83 0.49
C GLU A 33 -21.34 -10.94 -0.93
N LEU A 34 -20.41 -11.87 -1.14
CA LEU A 34 -19.83 -12.07 -2.46
C LEU A 34 -19.49 -10.75 -3.11
N VAL A 35 -19.22 -9.74 -2.29
CA VAL A 35 -18.89 -8.40 -2.78
C VAL A 35 -17.74 -8.46 -3.79
N HIS A 36 -17.77 -7.56 -4.76
CA HIS A 36 -16.74 -7.51 -5.79
C HIS A 36 -15.54 -6.71 -5.31
N PRO A 37 -14.32 -7.21 -5.58
CA PRO A 37 -13.08 -6.54 -5.17
C PRO A 37 -12.78 -5.31 -6.02
N ASP A 38 -13.52 -5.15 -7.12
CA ASP A 38 -13.34 -4.01 -8.00
C ASP A 38 -14.49 -3.03 -7.88
N ALA A 39 -15.38 -3.26 -6.92
CA ALA A 39 -16.52 -2.40 -6.71
C ALA A 39 -16.09 -0.96 -6.45
N LEU A 40 -15.74 -0.25 -7.53
CA LEU A 40 -15.31 1.13 -7.42
C LEU A 40 -16.43 2.02 -6.90
N ASN A 41 -16.07 3.06 -6.15
CA ASN A 41 -17.04 3.98 -5.59
C ASN A 41 -17.63 4.88 -6.68
N ARG A 42 -18.11 6.06 -6.28
CA ARG A 42 -18.69 7.01 -7.22
C ARG A 42 -17.60 7.75 -8.00
N PHE A 43 -16.41 7.82 -7.41
CA PHE A 43 -15.29 8.50 -8.04
C PHE A 43 -14.62 7.60 -9.09
N GLY A 44 -14.57 6.30 -8.79
CA GLY A 44 -13.97 5.36 -9.71
C GLY A 44 -12.66 4.80 -9.17
N LYS A 45 -12.56 4.71 -7.85
CA LYS A 45 -11.36 4.19 -7.22
C LYS A 45 -11.52 2.70 -6.89
N THR A 46 -10.39 2.02 -6.70
CA THR A 46 -10.41 0.60 -6.39
C THR A 46 -10.60 0.37 -4.90
N ALA A 47 -11.22 -0.76 -4.55
CA ALA A 47 -11.47 -1.09 -3.16
C ALA A 47 -10.16 -1.32 -2.41
N LEU A 48 -9.16 -1.83 -3.12
CA LEU A 48 -7.87 -2.10 -2.51
C LEU A 48 -7.12 -0.80 -2.22
N GLN A 49 -7.09 0.08 -3.21
CA GLN A 49 -6.41 1.37 -3.06
C GLN A 49 -7.07 2.20 -1.98
N VAL A 50 -8.30 1.85 -1.63
CA VAL A 50 -9.05 2.56 -0.59
C VAL A 50 -9.07 1.77 0.70
N MET A 51 -9.12 0.44 0.58
CA MET A 51 -9.16 -0.44 1.75
C MET A 51 -8.26 0.12 2.86
N MET A 52 -8.47 -0.36 4.08
CA MET A 52 -7.68 0.07 5.22
C MET A 52 -6.64 -0.99 5.61
N PHE A 53 -5.45 -0.53 5.93
CA PHE A 53 -4.37 -1.43 6.33
C PHE A 53 -4.48 -1.79 7.80
N GLY A 54 -5.60 -1.41 8.42
CA GLY A 54 -5.80 -1.70 9.83
C GLY A 54 -5.81 -3.18 10.11
N SER A 55 -6.67 -3.92 9.40
CA SER A 55 -6.77 -5.36 9.58
C SER A 55 -5.99 -6.10 8.49
N PRO A 56 -5.20 -7.12 8.89
CA PRO A 56 -4.40 -7.91 7.94
C PRO A 56 -5.27 -8.81 7.08
N ALA A 57 -6.24 -9.48 7.69
CA ALA A 57 -7.12 -10.38 6.97
C ALA A 57 -7.94 -9.62 5.94
N VAL A 58 -8.16 -8.33 6.19
CA VAL A 58 -8.91 -7.51 5.27
C VAL A 58 -8.19 -7.41 3.93
N ALA A 59 -6.89 -7.17 4.00
CA ALA A 59 -6.06 -7.06 2.81
C ALA A 59 -6.02 -8.37 2.04
N LEU A 60 -5.60 -9.43 2.72
CA LEU A 60 -5.50 -10.76 2.11
C LEU A 60 -6.88 -11.27 1.67
N GLU A 61 -7.86 -11.10 2.54
CA GLU A 61 -9.22 -11.55 2.24
C GLU A 61 -9.79 -10.84 1.03
N LEU A 62 -9.86 -9.52 1.11
CA LEU A 62 -10.39 -8.71 0.01
C LEU A 62 -9.52 -8.85 -1.23
N LEU A 63 -8.21 -8.73 -1.04
CA LEU A 63 -7.27 -8.83 -2.15
C LEU A 63 -7.33 -10.23 -2.79
N LYS A 64 -7.63 -11.23 -1.97
CA LYS A 64 -7.72 -12.60 -2.46
C LYS A 64 -8.84 -12.75 -3.48
N GLN A 65 -9.99 -12.15 -3.18
CA GLN A 65 -11.14 -12.22 -4.07
C GLN A 65 -10.72 -11.98 -5.52
N GLY A 66 -9.61 -11.26 -5.69
CA GLY A 66 -9.13 -10.97 -7.03
C GLY A 66 -8.72 -9.52 -7.19
N ALA A 67 -9.08 -8.70 -6.22
CA ALA A 67 -8.75 -7.27 -6.26
C ALA A 67 -7.36 -7.05 -6.85
N SER A 68 -7.19 -5.91 -7.53
CA SER A 68 -5.92 -5.58 -8.15
C SER A 68 -5.17 -4.53 -7.33
N PRO A 69 -4.00 -4.89 -6.80
CA PRO A 69 -3.18 -3.98 -5.99
C PRO A 69 -2.44 -2.96 -6.85
N ASN A 70 -2.12 -3.34 -8.07
CA ASN A 70 -1.41 -2.45 -8.98
C ASN A 70 -2.33 -1.35 -9.50
N VAL A 71 -2.73 -0.45 -8.61
CA VAL A 71 -3.62 0.65 -8.98
C VAL A 71 -2.93 2.00 -8.78
N GLN A 72 -3.40 3.00 -9.52
CA GLN A 72 -2.83 4.34 -9.44
C GLN A 72 -3.89 5.40 -9.69
N ASP A 73 -3.77 6.53 -9.00
CA ASP A 73 -4.73 7.62 -9.15
C ASP A 73 -4.03 8.90 -9.63
N ALA A 74 -4.15 9.18 -10.91
CA ALA A 74 -3.53 10.37 -11.49
C ALA A 74 -2.07 10.48 -11.08
N SER A 75 -1.84 11.16 -9.95
CA SER A 75 -0.49 11.35 -9.43
C SER A 75 0.34 10.09 -9.62
N GLY A 76 -0.13 8.99 -9.05
CA GLY A 76 0.58 7.72 -9.17
C GLY A 76 0.79 7.06 -7.82
N THR A 77 -0.26 6.99 -7.02
CA THR A 77 -0.19 6.37 -5.70
C THR A 77 -0.52 4.89 -5.79
N SER A 78 -0.60 4.23 -4.63
CA SER A 78 -0.90 2.82 -4.57
C SER A 78 -0.91 2.33 -3.13
N PRO A 79 -1.36 1.08 -2.89
CA PRO A 79 -1.41 0.50 -1.56
C PRO A 79 -0.13 0.72 -0.78
N VAL A 80 1.00 0.31 -1.36
CA VAL A 80 2.29 0.45 -0.75
C VAL A 80 2.56 1.88 -0.28
N HIS A 81 2.14 2.84 -1.11
CA HIS A 81 2.34 4.26 -0.79
C HIS A 81 1.82 4.59 0.60
N ASP A 82 0.50 4.49 0.77
CA ASP A 82 -0.13 4.78 2.04
C ASP A 82 0.26 3.77 3.12
N ALA A 83 0.42 2.51 2.71
CA ALA A 83 0.79 1.45 3.64
C ALA A 83 2.05 1.81 4.42
N ALA A 84 2.89 2.65 3.83
CA ALA A 84 4.14 3.08 4.47
C ALA A 84 3.88 4.06 5.61
N ARG A 85 3.31 5.21 5.28
CA ARG A 85 3.04 6.25 6.27
C ARG A 85 1.86 5.87 7.16
N THR A 86 0.96 5.04 6.65
CA THR A 86 -0.21 4.62 7.41
C THR A 86 0.19 4.00 8.74
N GLY A 87 1.41 3.50 8.82
CA GLY A 87 1.88 2.87 10.04
C GLY A 87 1.14 1.59 10.36
N PHE A 88 1.34 0.59 9.50
CA PHE A 88 0.69 -0.70 9.68
C PHE A 88 1.49 -1.81 8.99
N LEU A 89 2.74 -1.97 9.41
CA LEU A 89 3.62 -2.98 8.84
C LEU A 89 2.94 -4.35 8.83
N ASP A 90 1.92 -4.52 9.67
CA ASP A 90 1.19 -5.77 9.75
C ASP A 90 0.43 -6.05 8.47
N THR A 91 -0.56 -5.22 8.18
CA THR A 91 -1.37 -5.37 6.98
C THR A 91 -0.60 -4.95 5.74
N LEU A 92 0.26 -3.95 5.88
CA LEU A 92 1.06 -3.46 4.77
C LEU A 92 1.82 -4.60 4.11
N LYS A 93 2.67 -5.26 4.86
CA LYS A 93 3.46 -6.37 4.34
C LYS A 93 2.57 -7.41 3.67
N VAL A 94 1.39 -7.64 4.24
CA VAL A 94 0.46 -8.61 3.68
C VAL A 94 0.15 -8.28 2.22
N LEU A 95 -0.50 -7.14 2.00
CA LEU A 95 -0.83 -6.71 0.65
C LEU A 95 0.41 -6.30 -0.12
N VAL A 96 1.36 -5.70 0.59
CA VAL A 96 2.61 -5.24 -0.01
C VAL A 96 3.45 -6.44 -0.48
N GLU A 97 3.50 -7.47 0.35
CA GLU A 97 4.26 -8.68 0.02
C GLU A 97 3.57 -9.47 -1.09
N HIS A 98 2.27 -9.25 -1.25
CA HIS A 98 1.49 -9.94 -2.27
C HIS A 98 1.84 -9.44 -3.67
N GLY A 99 2.32 -8.20 -3.74
CA GLY A 99 2.69 -7.64 -5.02
C GLY A 99 2.42 -6.14 -5.10
N ALA A 100 1.74 -5.60 -4.10
CA ALA A 100 1.42 -4.18 -4.08
C ALA A 100 2.55 -3.36 -4.68
N ASP A 101 2.27 -2.71 -5.80
CA ASP A 101 3.27 -1.89 -6.49
C ASP A 101 4.22 -1.23 -5.49
N VAL A 102 5.32 -1.91 -5.20
CA VAL A 102 6.31 -1.39 -4.27
C VAL A 102 7.48 -0.75 -5.02
N ASN A 103 7.42 -0.79 -6.35
CA ASN A 103 8.46 -0.20 -7.18
C ASN A 103 7.91 0.94 -8.01
N ALA A 104 6.78 1.49 -7.57
CA ALA A 104 6.15 2.59 -8.28
C ALA A 104 6.22 3.88 -7.47
N LEU A 105 6.23 5.01 -8.16
CA LEU A 105 6.29 6.31 -7.50
C LEU A 105 5.21 7.25 -8.04
N ASP A 106 5.39 8.54 -7.83
CA ASP A 106 4.44 9.53 -8.29
C ASP A 106 5.13 10.85 -8.62
N SER A 107 5.61 10.97 -9.85
CA SER A 107 6.29 12.18 -10.29
C SER A 107 7.54 12.44 -9.45
N THR A 108 7.32 12.89 -8.21
CA THR A 108 8.42 13.18 -7.31
C THR A 108 9.48 12.07 -7.37
N GLY A 109 9.04 10.87 -7.74
CA GLY A 109 9.95 9.76 -7.85
C GLY A 109 10.40 9.25 -6.49
N SER A 110 9.52 9.35 -5.50
CA SER A 110 9.83 8.90 -4.15
C SER A 110 9.28 7.51 -3.89
N LEU A 111 10.15 6.51 -3.93
CA LEU A 111 9.76 5.13 -3.71
C LEU A 111 9.02 4.99 -2.37
N PRO A 112 8.05 4.08 -2.30
CA PRO A 112 7.28 3.85 -1.07
C PRO A 112 8.15 3.84 0.18
N ILE A 113 9.36 3.31 0.03
CA ILE A 113 10.30 3.25 1.15
C ILE A 113 10.87 4.61 1.47
N HIS A 114 11.01 5.46 0.46
CA HIS A 114 11.56 6.80 0.65
C HIS A 114 10.80 7.53 1.75
N LEU A 115 9.49 7.68 1.57
CA LEU A 115 8.66 8.36 2.56
C LEU A 115 8.83 7.73 3.93
N ALA A 116 8.68 6.40 3.98
CA ALA A 116 8.81 5.67 5.24
C ALA A 116 10.15 5.99 5.90
N ILE A 117 11.18 6.15 5.08
CA ILE A 117 12.51 6.47 5.59
C ILE A 117 12.50 7.81 6.30
N ARG A 118 11.79 8.78 5.72
CA ARG A 118 11.69 10.11 6.32
C ARG A 118 10.84 10.06 7.58
N GLU A 119 10.11 8.97 7.76
CA GLU A 119 9.27 8.80 8.93
C GLU A 119 9.92 7.87 9.94
N GLY A 120 10.35 6.70 9.47
CA GLY A 120 10.99 5.74 10.34
C GLY A 120 9.99 5.04 11.24
N HIS A 121 8.77 4.88 10.74
CA HIS A 121 7.72 4.21 11.50
C HIS A 121 8.29 3.11 12.38
N SER A 122 9.16 2.30 11.79
CA SER A 122 9.80 1.20 12.50
C SER A 122 10.24 0.10 11.53
N SER A 123 9.57 -1.03 11.55
CA SER A 123 9.92 -2.14 10.65
C SER A 123 9.46 -1.84 9.23
N VAL A 124 8.60 -0.84 9.08
CA VAL A 124 8.09 -0.47 7.77
C VAL A 124 9.23 -0.16 6.80
N VAL A 125 9.96 0.91 7.07
CA VAL A 125 11.07 1.32 6.21
C VAL A 125 12.05 0.17 5.98
N SER A 126 12.40 -0.52 7.07
CA SER A 126 13.33 -1.64 6.99
C SER A 126 12.68 -2.87 6.35
N PHE A 127 11.36 -2.92 6.41
CA PHE A 127 10.61 -4.04 5.84
C PHE A 127 10.59 -3.97 4.31
N LEU A 128 9.93 -2.94 3.78
CA LEU A 128 9.83 -2.77 2.33
C LEU A 128 11.13 -2.26 1.69
N ALA A 129 12.27 -2.55 2.32
CA ALA A 129 13.56 -2.13 1.78
C ALA A 129 13.83 -2.80 0.44
N PRO A 130 13.81 -4.14 0.41
CA PRO A 130 14.04 -4.92 -0.81
C PRO A 130 12.82 -4.91 -1.73
N GLU A 131 11.63 -4.90 -1.13
CA GLU A 131 10.39 -4.89 -1.89
C GLU A 131 10.37 -3.73 -2.87
N SER A 132 11.14 -2.68 -2.55
CA SER A 132 11.21 -1.50 -3.40
C SER A 132 12.60 -1.33 -3.98
N ASP A 133 12.68 -0.80 -5.20
CA ASP A 133 13.95 -0.59 -5.87
C ASP A 133 15.02 -0.14 -4.88
N LEU A 134 15.93 -1.05 -4.55
CA LEU A 134 17.01 -0.75 -3.61
C LEU A 134 18.17 -0.06 -4.32
N HIS A 135 17.91 1.14 -4.83
CA HIS A 135 18.95 1.90 -5.53
C HIS A 135 18.42 3.26 -5.96
N HIS A 136 17.37 3.26 -6.78
CA HIS A 136 16.77 4.50 -7.27
C HIS A 136 16.72 5.54 -6.15
N ARG A 137 16.55 6.80 -6.54
CA ARG A 137 16.49 7.89 -5.58
C ARG A 137 15.44 8.92 -5.99
N ASP A 138 14.94 9.67 -5.02
CA ASP A 138 13.94 10.69 -5.27
C ASP A 138 14.48 11.76 -6.23
N ALA A 139 13.58 12.42 -6.95
CA ALA A 139 13.97 13.46 -7.89
C ALA A 139 14.76 14.55 -7.17
N SER A 140 14.63 14.58 -5.85
CA SER A 140 15.32 15.57 -5.03
C SER A 140 16.81 15.26 -4.95
N GLY A 141 17.13 14.01 -4.64
CA GLY A 141 18.53 13.61 -4.54
C GLY A 141 18.82 12.84 -3.26
N LEU A 142 18.07 11.77 -3.04
CA LEU A 142 18.24 10.94 -1.85
C LEU A 142 17.82 9.50 -2.10
N THR A 143 18.72 8.56 -1.83
CA THR A 143 18.43 7.15 -2.04
C THR A 143 18.08 6.47 -0.71
N PRO A 144 17.76 5.17 -0.76
CA PRO A 144 17.40 4.40 0.43
C PRO A 144 18.38 4.64 1.59
N LEU A 145 19.66 4.36 1.34
CA LEU A 145 20.68 4.55 2.36
C LEU A 145 20.93 6.03 2.63
N GLU A 146 20.87 6.83 1.57
CA GLU A 146 21.10 8.26 1.69
C GLU A 146 19.99 8.93 2.51
N LEU A 147 18.74 8.68 2.12
CA LEU A 147 17.60 9.26 2.83
C LEU A 147 17.69 8.94 4.31
N ALA A 148 18.11 7.72 4.62
CA ALA A 148 18.25 7.29 6.00
C ALA A 148 19.24 8.19 6.74
N ARG A 149 20.33 8.53 6.07
CA ARG A 149 21.34 9.39 6.65
C ARG A 149 20.73 10.72 7.09
N GLN A 150 19.76 11.19 6.31
CA GLN A 150 19.07 12.43 6.63
C GLN A 150 18.24 12.25 7.89
N ARG A 151 17.10 11.59 7.75
CA ARG A 151 16.24 11.33 8.88
C ARG A 151 16.84 10.24 9.76
N GLY A 152 17.94 10.59 10.43
CA GLY A 152 18.62 9.64 11.28
C GLY A 152 17.83 9.29 12.53
N ALA A 153 16.57 8.94 12.36
CA ALA A 153 15.72 8.57 13.48
C ALA A 153 16.47 7.65 14.43
N GLN A 154 17.43 6.90 13.86
CA GLN A 154 18.23 5.97 14.62
C GLN A 154 19.03 5.09 13.65
N ASN A 155 19.03 3.77 13.86
CA ASN A 155 19.75 2.86 12.95
C ASN A 155 19.02 2.67 11.63
N LEU A 156 18.51 3.77 11.07
CA LEU A 156 17.78 3.70 9.79
C LEU A 156 18.68 3.22 8.66
N MET A 157 19.64 4.06 8.28
CA MET A 157 20.56 3.72 7.21
C MET A 157 21.20 2.37 7.45
N ASP A 158 21.21 1.94 8.72
CA ASP A 158 21.79 0.66 9.09
C ASP A 158 20.90 -0.50 8.65
N ILE A 159 19.63 -0.44 9.01
CA ILE A 159 18.68 -1.49 8.66
C ILE A 159 18.56 -1.64 7.15
N LEU A 160 18.86 -0.57 6.42
CA LEU A 160 18.77 -0.59 4.96
C LEU A 160 19.90 -1.41 4.36
N GLN A 161 21.06 -1.36 4.99
CA GLN A 161 22.23 -2.10 4.53
C GLN A 161 22.05 -3.60 4.72
N GLY A 162 21.32 -3.96 5.78
CA GLY A 162 21.08 -5.37 6.06
C GLY A 162 20.13 -6.01 5.08
N HIS A 163 18.99 -5.37 4.87
CA HIS A 163 17.97 -5.88 3.95
C HIS A 163 18.46 -5.77 2.50
N MET A 164 19.49 -4.96 2.29
CA MET A 164 20.05 -4.76 0.95
C MET A 164 20.92 -5.95 0.55
N MET A 165 21.32 -5.98 -0.72
CA MET A 165 22.15 -7.05 -1.24
C MET A 165 23.19 -6.50 -2.21
N ILE A 166 24.43 -6.99 -2.08
CA ILE A 166 25.52 -6.54 -2.94
C ILE A 166 26.58 -7.61 -3.06
N PRO A 167 26.78 -8.15 -4.29
CA PRO A 167 27.78 -9.18 -4.55
C PRO A 167 29.16 -8.80 -4.03
N MET A 168 29.53 -9.37 -2.88
CA MET A 168 30.82 -9.10 -2.28
C MET A 168 31.94 -9.85 -2.99
N GLY A 1 -15.42 -7.60 -20.64
CA GLY A 1 -15.93 -6.31 -21.18
C GLY A 1 -17.16 -5.82 -20.43
N SER A 2 -17.16 -6.01 -19.12
CA SER A 2 -18.28 -5.58 -18.28
C SER A 2 -18.51 -4.09 -18.43
N MET A 3 -19.22 -3.70 -19.48
CA MET A 3 -19.52 -2.28 -19.74
C MET A 3 -20.86 -1.89 -19.12
N LEU A 4 -20.89 -1.75 -17.80
CA LEU A 4 -22.10 -1.37 -17.09
C LEU A 4 -22.07 0.10 -16.71
N LEU A 5 -23.16 0.81 -16.98
CA LEU A 5 -23.26 2.23 -16.67
C LEU A 5 -22.83 2.50 -15.23
N GLU A 6 -22.48 3.75 -14.94
CA GLU A 6 -22.06 4.13 -13.61
C GLU A 6 -23.20 3.99 -12.61
N GLU A 7 -23.44 2.76 -12.16
CA GLU A 7 -24.51 2.49 -11.21
C GLU A 7 -23.93 2.20 -9.82
N VAL A 8 -22.62 2.01 -9.76
CA VAL A 8 -21.96 1.71 -8.50
C VAL A 8 -22.75 0.71 -7.67
N CYS A 9 -23.66 1.21 -6.84
CA CYS A 9 -24.48 0.35 -6.00
C CYS A 9 -23.60 -0.47 -5.08
N VAL A 10 -23.02 -1.54 -5.63
CA VAL A 10 -22.13 -2.40 -4.87
C VAL A 10 -20.70 -1.87 -4.89
N GLY A 11 -20.49 -0.82 -5.68
CA GLY A 11 -19.17 -0.22 -5.79
C GLY A 11 -18.68 0.33 -4.47
N ASP A 12 -19.46 1.25 -3.89
CA ASP A 12 -19.10 1.86 -2.62
C ASP A 12 -19.57 1.00 -1.45
N ARG A 13 -19.95 -0.24 -1.75
CA ARG A 13 -20.42 -1.17 -0.72
C ARG A 13 -19.24 -1.83 -0.01
N LEU A 14 -18.49 -2.64 -0.75
CA LEU A 14 -17.34 -3.33 -0.19
C LEU A 14 -16.19 -2.36 0.07
N SER A 15 -15.94 -1.48 -0.90
CA SER A 15 -14.87 -0.50 -0.78
C SER A 15 -15.06 0.36 0.46
N GLY A 16 -16.31 0.60 0.82
CA GLY A 16 -16.61 1.40 2.00
C GLY A 16 -16.31 0.67 3.29
N ALA A 17 -16.75 -0.58 3.38
CA ALA A 17 -16.52 -1.39 4.57
C ALA A 17 -15.04 -1.73 4.73
N ALA A 18 -14.45 -2.27 3.66
CA ALA A 18 -13.05 -2.65 3.68
C ALA A 18 -12.16 -1.45 4.03
N ALA A 19 -12.49 -0.30 3.46
CA ALA A 19 -11.72 0.92 3.72
C ALA A 19 -11.98 1.45 5.12
N ARG A 20 -13.11 1.07 5.70
CA ARG A 20 -13.48 1.50 7.04
C ARG A 20 -12.63 0.79 8.10
N GLY A 21 -12.45 -0.51 7.92
CA GLY A 21 -11.65 -1.29 8.85
C GLY A 21 -12.51 -2.06 9.84
N ASP A 22 -13.20 -3.08 9.35
CA ASP A 22 -14.06 -3.90 10.20
C ASP A 22 -13.93 -5.38 9.85
N VAL A 23 -13.20 -6.12 10.68
CA VAL A 23 -13.00 -7.55 10.46
C VAL A 23 -14.33 -8.26 10.28
N GLN A 24 -15.39 -7.67 10.79
CA GLN A 24 -16.72 -8.25 10.68
C GLN A 24 -17.26 -8.12 9.26
N GLU A 25 -17.22 -6.90 8.72
CA GLU A 25 -17.71 -6.64 7.37
C GLU A 25 -16.81 -7.29 6.32
N VAL A 26 -15.51 -7.15 6.50
CA VAL A 26 -14.54 -7.72 5.57
C VAL A 26 -14.81 -9.21 5.35
N ARG A 27 -14.95 -9.95 6.44
CA ARG A 27 -15.20 -11.38 6.37
C ARG A 27 -16.61 -11.66 5.84
N ARG A 28 -17.61 -11.07 6.49
CA ARG A 28 -18.99 -11.25 6.08
C ARG A 28 -19.22 -10.73 4.66
N LEU A 29 -18.38 -9.81 4.23
CA LEU A 29 -18.48 -9.24 2.89
C LEU A 29 -18.04 -10.24 1.83
N LEU A 30 -16.74 -10.49 1.77
CA LEU A 30 -16.17 -11.42 0.80
C LEU A 30 -16.49 -12.87 1.16
N HIS A 31 -16.33 -13.21 2.43
CA HIS A 31 -16.58 -14.57 2.90
C HIS A 31 -18.07 -14.89 2.92
N ARG A 32 -18.90 -13.91 2.55
CA ARG A 32 -20.34 -14.11 2.51
C ARG A 32 -20.98 -13.28 1.40
N GLU A 33 -21.09 -11.98 1.63
CA GLU A 33 -21.68 -11.09 0.65
C GLU A 33 -21.11 -11.33 -0.74
N LEU A 34 -19.91 -11.90 -0.79
CA LEU A 34 -19.25 -12.19 -2.06
C LEU A 34 -19.11 -10.92 -2.89
N VAL A 35 -18.84 -9.80 -2.22
CA VAL A 35 -18.68 -8.51 -2.90
C VAL A 35 -17.46 -8.51 -3.81
N HIS A 36 -17.61 -7.89 -4.97
CA HIS A 36 -16.51 -7.81 -5.93
C HIS A 36 -15.31 -7.07 -5.33
N PRO A 37 -14.09 -7.56 -5.60
CA PRO A 37 -12.87 -6.94 -5.08
C PRO A 37 -12.66 -5.53 -5.64
N ASP A 38 -13.35 -5.22 -6.73
CA ASP A 38 -13.23 -3.91 -7.35
C ASP A 38 -14.24 -2.93 -6.74
N ALA A 39 -15.48 -2.99 -7.20
CA ALA A 39 -16.53 -2.13 -6.69
C ALA A 39 -16.00 -0.71 -6.46
N LEU A 40 -16.20 0.16 -7.45
CA LEU A 40 -15.74 1.53 -7.37
C LEU A 40 -16.82 2.44 -6.78
N ASN A 41 -16.43 3.25 -5.81
CA ASN A 41 -17.36 4.17 -5.16
C ASN A 41 -17.85 5.23 -6.15
N ARG A 42 -18.86 5.99 -5.74
CA ARG A 42 -19.42 7.03 -6.60
C ARG A 42 -18.31 7.81 -7.29
N PHE A 43 -17.22 8.07 -6.57
CA PHE A 43 -16.09 8.80 -7.12
C PHE A 43 -15.45 8.04 -8.27
N GLY A 44 -15.19 6.76 -8.06
CA GLY A 44 -14.57 5.94 -9.09
C GLY A 44 -13.24 5.37 -8.66
N LYS A 45 -13.08 5.18 -7.35
CA LYS A 45 -11.84 4.63 -6.81
C LYS A 45 -11.97 3.13 -6.54
N THR A 46 -10.84 2.44 -6.51
CA THR A 46 -10.84 1.00 -6.26
C THR A 46 -10.85 0.71 -4.76
N ALA A 47 -11.43 -0.43 -4.39
CA ALA A 47 -11.51 -0.83 -3.00
C ALA A 47 -10.12 -1.02 -2.40
N LEU A 48 -9.20 -1.52 -3.21
CA LEU A 48 -7.83 -1.75 -2.76
C LEU A 48 -7.09 -0.44 -2.56
N GLN A 49 -7.25 0.48 -3.51
CA GLN A 49 -6.59 1.78 -3.44
C GLN A 49 -7.20 2.64 -2.33
N VAL A 50 -8.26 2.14 -1.71
CA VAL A 50 -8.93 2.87 -0.64
C VAL A 50 -9.04 2.03 0.64
N MET A 51 -8.88 0.72 0.50
CA MET A 51 -8.97 -0.18 1.65
C MET A 51 -8.09 0.29 2.80
N MET A 52 -8.49 -0.04 4.01
CA MET A 52 -7.75 0.34 5.20
C MET A 52 -6.76 -0.78 5.57
N PHE A 53 -5.50 -0.41 5.79
CA PHE A 53 -4.48 -1.40 6.14
C PHE A 53 -4.46 -1.66 7.64
N GLY A 54 -5.64 -1.75 8.24
CA GLY A 54 -5.73 -2.01 9.67
C GLY A 54 -5.78 -3.49 9.97
N SER A 55 -6.50 -4.23 9.13
CA SER A 55 -6.62 -5.67 9.29
C SER A 55 -5.97 -6.39 8.11
N PRO A 56 -5.19 -7.44 8.40
CA PRO A 56 -4.52 -8.22 7.36
C PRO A 56 -5.49 -9.02 6.51
N ALA A 57 -6.57 -9.48 7.13
CA ALA A 57 -7.58 -10.26 6.42
C ALA A 57 -8.25 -9.41 5.34
N VAL A 58 -8.28 -8.10 5.56
CA VAL A 58 -8.87 -7.18 4.61
C VAL A 58 -8.10 -7.21 3.29
N ALA A 59 -6.78 -7.06 3.38
CA ALA A 59 -5.93 -7.08 2.20
C ALA A 59 -6.00 -8.43 1.50
N LEU A 60 -5.81 -9.50 2.27
CA LEU A 60 -5.85 -10.85 1.74
C LEU A 60 -7.23 -11.18 1.17
N GLU A 61 -8.26 -10.71 1.85
CA GLU A 61 -9.64 -10.96 1.42
C GLU A 61 -9.91 -10.33 0.05
N LEU A 62 -9.69 -9.03 -0.06
CA LEU A 62 -9.92 -8.32 -1.31
C LEU A 62 -9.01 -8.84 -2.42
N LEU A 63 -7.73 -8.98 -2.10
CA LEU A 63 -6.75 -9.48 -3.07
C LEU A 63 -7.08 -10.90 -3.51
N LYS A 64 -7.50 -11.73 -2.56
CA LYS A 64 -7.84 -13.10 -2.85
C LYS A 64 -9.03 -13.18 -3.81
N GLN A 65 -9.93 -12.21 -3.70
CA GLN A 65 -11.11 -12.17 -4.56
C GLN A 65 -10.72 -11.85 -6.00
N GLY A 66 -10.05 -10.72 -6.20
CA GLY A 66 -9.64 -10.32 -7.53
C GLY A 66 -9.26 -8.85 -7.60
N ALA A 67 -8.64 -8.35 -6.54
CA ALA A 67 -8.22 -6.96 -6.49
C ALA A 67 -6.75 -6.81 -6.87
N SER A 68 -6.50 -6.31 -8.06
CA SER A 68 -5.14 -6.12 -8.55
C SER A 68 -4.38 -5.12 -7.69
N PRO A 69 -3.28 -5.56 -7.06
CA PRO A 69 -2.45 -4.70 -6.20
C PRO A 69 -1.84 -3.53 -6.97
N ASN A 70 -1.84 -3.64 -8.29
CA ASN A 70 -1.27 -2.60 -9.14
C ASN A 70 -2.36 -1.63 -9.61
N VAL A 71 -2.53 -0.54 -8.87
CA VAL A 71 -3.55 0.45 -9.21
C VAL A 71 -3.10 1.85 -8.79
N GLN A 72 -3.70 2.86 -9.40
CA GLN A 72 -3.36 4.25 -9.10
C GLN A 72 -4.56 5.17 -9.35
N ASP A 73 -4.34 6.47 -9.21
CA ASP A 73 -5.39 7.45 -9.43
C ASP A 73 -4.86 8.67 -10.17
N ALA A 74 -4.67 8.54 -11.47
CA ALA A 74 -4.17 9.63 -12.29
C ALA A 74 -3.14 10.45 -11.53
N SER A 75 -2.03 9.82 -11.17
CA SER A 75 -0.96 10.49 -10.43
C SER A 75 0.27 9.59 -10.30
N GLY A 76 0.11 8.50 -9.56
CA GLY A 76 1.22 7.58 -9.37
C GLY A 76 1.32 7.07 -7.95
N THR A 77 0.17 6.82 -7.33
CA THR A 77 0.13 6.33 -5.96
C THR A 77 -0.75 5.08 -5.86
N SER A 78 -0.28 4.09 -5.10
CA SER A 78 -1.02 2.85 -4.92
C SER A 78 -1.24 2.57 -3.44
N PRO A 79 -1.93 1.45 -3.14
CA PRO A 79 -2.21 1.05 -1.76
C PRO A 79 -0.95 0.90 -0.92
N VAL A 80 0.14 0.50 -1.56
CA VAL A 80 1.41 0.33 -0.88
C VAL A 80 1.99 1.67 -0.43
N HIS A 81 1.63 2.73 -1.16
CA HIS A 81 2.12 4.07 -0.84
C HIS A 81 1.62 4.53 0.52
N ASP A 82 0.31 4.75 0.62
CA ASP A 82 -0.30 5.19 1.87
C ASP A 82 0.07 4.26 3.01
N ALA A 83 -0.07 2.97 2.79
CA ALA A 83 0.25 1.97 3.81
C ALA A 83 1.68 2.15 4.33
N ALA A 84 2.49 2.87 3.56
CA ALA A 84 3.87 3.12 3.95
C ALA A 84 3.96 4.13 5.09
N ARG A 85 3.54 5.37 4.82
CA ARG A 85 3.57 6.42 5.83
C ARG A 85 2.49 6.23 6.86
N THR A 86 1.32 5.76 6.42
CA THR A 86 0.20 5.54 7.31
C THR A 86 0.58 4.61 8.46
N GLY A 87 1.69 3.90 8.30
CA GLY A 87 2.15 2.99 9.34
C GLY A 87 1.20 1.82 9.52
N PHE A 88 1.12 0.96 8.50
CA PHE A 88 0.24 -0.19 8.54
C PHE A 88 0.97 -1.43 8.01
N LEU A 89 2.17 -1.66 8.53
CA LEU A 89 2.99 -2.79 8.12
C LEU A 89 2.24 -4.11 8.28
N ASP A 90 1.14 -4.10 9.03
CA ASP A 90 0.35 -5.31 9.24
C ASP A 90 -0.32 -5.75 7.95
N THR A 91 -1.36 -5.04 7.55
CA THR A 91 -2.08 -5.35 6.32
C THR A 91 -1.23 -5.05 5.10
N LEU A 92 -0.40 -4.01 5.21
CA LEU A 92 0.48 -3.61 4.13
C LEU A 92 1.32 -4.79 3.66
N LYS A 93 1.89 -5.52 4.62
CA LYS A 93 2.73 -6.67 4.31
C LYS A 93 1.96 -7.69 3.46
N VAL A 94 0.67 -7.84 3.75
CA VAL A 94 -0.16 -8.80 3.02
C VAL A 94 -0.06 -8.58 1.51
N LEU A 95 -0.49 -7.42 1.04
CA LEU A 95 -0.46 -7.10 -0.38
C LEU A 95 0.96 -6.85 -0.85
N VAL A 96 1.76 -6.21 0.00
CA VAL A 96 3.14 -5.90 -0.33
C VAL A 96 4.00 -7.16 -0.41
N GLU A 97 3.86 -8.04 0.58
CA GLU A 97 4.61 -9.28 0.62
C GLU A 97 4.34 -10.13 -0.61
N HIS A 98 3.11 -10.06 -1.12
CA HIS A 98 2.72 -10.83 -2.30
C HIS A 98 3.52 -10.38 -3.53
N GLY A 99 3.75 -9.08 -3.63
CA GLY A 99 4.49 -8.55 -4.76
C GLY A 99 3.80 -7.36 -5.40
N ALA A 100 3.17 -6.53 -4.58
CA ALA A 100 2.47 -5.35 -5.07
C ALA A 100 3.44 -4.37 -5.72
N ASP A 101 2.91 -3.23 -6.17
CA ASP A 101 3.73 -2.21 -6.81
C ASP A 101 4.56 -1.45 -5.78
N VAL A 102 5.60 -2.10 -5.27
CA VAL A 102 6.48 -1.48 -4.28
C VAL A 102 7.64 -0.77 -4.95
N ASN A 103 7.50 -0.46 -6.23
CA ASN A 103 8.54 0.22 -6.99
C ASN A 103 7.98 1.42 -7.74
N ALA A 104 6.70 1.71 -7.52
CA ALA A 104 6.04 2.83 -8.18
C ALA A 104 6.30 4.13 -7.44
N LEU A 105 6.22 5.25 -8.16
CA LEU A 105 6.44 6.56 -7.57
C LEU A 105 5.29 7.51 -7.90
N ASP A 106 4.95 8.38 -6.95
CA ASP A 106 3.87 9.34 -7.14
C ASP A 106 4.37 10.59 -7.86
N SER A 107 3.47 11.56 -8.03
CA SER A 107 3.82 12.80 -8.70
C SER A 107 5.21 13.29 -8.27
N THR A 108 5.41 13.40 -6.96
CA THR A 108 6.69 13.86 -6.43
C THR A 108 7.82 12.91 -6.82
N GLY A 109 7.46 11.65 -7.10
CA GLY A 109 8.45 10.67 -7.49
C GLY A 109 9.12 10.02 -6.30
N SER A 110 8.87 10.57 -5.11
CA SER A 110 9.45 10.04 -3.88
C SER A 110 9.15 8.56 -3.73
N LEU A 111 10.19 7.74 -3.72
CA LEU A 111 10.04 6.30 -3.58
C LEU A 111 9.26 5.96 -2.31
N PRO A 112 8.23 5.11 -2.44
CA PRO A 112 7.40 4.70 -1.30
C PRO A 112 8.23 4.37 -0.07
N ILE A 113 9.44 3.85 -0.30
CA ILE A 113 10.35 3.50 0.79
C ILE A 113 10.92 4.75 1.44
N HIS A 114 11.32 5.71 0.61
CA HIS A 114 11.89 6.97 1.10
C HIS A 114 10.97 7.61 2.13
N LEU A 115 9.69 7.34 2.02
CA LEU A 115 8.70 7.89 2.94
C LEU A 115 8.86 7.26 4.33
N ALA A 116 8.84 5.93 4.37
CA ALA A 116 8.99 5.21 5.64
C ALA A 116 10.23 5.69 6.37
N ILE A 117 11.33 5.86 5.62
CA ILE A 117 12.59 6.32 6.19
C ILE A 117 12.40 7.66 6.88
N ARG A 118 11.65 8.56 6.24
CA ARG A 118 11.39 9.88 6.80
C ARG A 118 10.46 9.77 7.99
N GLU A 119 9.80 8.63 8.12
CA GLU A 119 8.87 8.39 9.21
C GLU A 119 9.59 7.77 10.40
N GLY A 120 10.26 6.64 10.16
CA GLY A 120 10.99 5.96 11.21
C GLY A 120 10.23 4.77 11.77
N HIS A 121 9.29 4.25 10.99
CA HIS A 121 8.48 3.12 11.42
C HIS A 121 9.37 1.94 11.80
N SER A 122 10.63 1.98 11.35
CA SER A 122 11.59 0.92 11.64
C SER A 122 11.25 -0.35 10.86
N SER A 123 10.09 -0.92 11.15
CA SER A 123 9.66 -2.14 10.49
C SER A 123 9.32 -1.88 9.02
N VAL A 124 8.70 -0.74 8.76
CA VAL A 124 8.33 -0.36 7.40
C VAL A 124 9.55 0.04 6.59
N VAL A 125 10.30 1.01 7.12
CA VAL A 125 11.50 1.49 6.47
C VAL A 125 12.44 0.35 6.12
N SER A 126 12.67 -0.53 7.09
CA SER A 126 13.56 -1.68 6.90
C SER A 126 12.93 -2.70 5.98
N PHE A 127 11.60 -2.84 6.08
CA PHE A 127 10.87 -3.79 5.25
C PHE A 127 10.79 -3.31 3.80
N LEU A 128 10.59 -2.00 3.63
CA LEU A 128 10.49 -1.42 2.30
C LEU A 128 11.83 -1.49 1.57
N ALA A 129 12.91 -1.55 2.34
CA ALA A 129 14.25 -1.62 1.77
C ALA A 129 14.40 -2.83 0.84
N PRO A 130 14.23 -4.03 1.39
CA PRO A 130 14.35 -5.28 0.62
C PRO A 130 13.21 -5.46 -0.38
N GLU A 131 11.97 -5.26 0.07
CA GLU A 131 10.81 -5.40 -0.78
C GLU A 131 10.90 -4.44 -1.97
N SER A 132 11.56 -3.31 -1.76
CA SER A 132 11.73 -2.31 -2.81
C SER A 132 13.16 -2.30 -3.32
N ASP A 133 13.34 -1.86 -4.56
CA ASP A 133 14.65 -1.79 -5.16
C ASP A 133 15.68 -1.26 -4.17
N LEU A 134 16.62 -2.12 -3.78
CA LEU A 134 17.65 -1.73 -2.83
C LEU A 134 18.82 -1.04 -3.52
N HIS A 135 18.50 -0.14 -4.45
CA HIS A 135 19.52 0.59 -5.20
C HIS A 135 18.88 1.54 -6.21
N HIS A 136 17.72 2.08 -5.84
CA HIS A 136 17.00 3.01 -6.72
C HIS A 136 17.10 4.43 -6.19
N ARG A 137 16.61 5.39 -6.98
CA ARG A 137 16.65 6.79 -6.58
C ARG A 137 15.26 7.42 -6.66
N ASP A 138 15.22 8.74 -6.80
CA ASP A 138 13.96 9.47 -6.89
C ASP A 138 14.22 10.97 -6.97
N ALA A 139 13.26 11.70 -7.53
CA ALA A 139 13.40 13.14 -7.66
C ALA A 139 14.07 13.72 -6.42
N SER A 140 13.85 13.08 -5.30
CA SER A 140 14.42 13.50 -4.03
C SER A 140 15.95 13.48 -4.09
N GLY A 141 16.49 12.40 -4.65
CA GLY A 141 17.92 12.27 -4.77
C GLY A 141 18.57 11.72 -3.51
N LEU A 142 17.79 10.97 -2.73
CA LEU A 142 18.28 10.39 -1.50
C LEU A 142 17.88 8.92 -1.39
N THR A 143 18.64 8.05 -2.07
CA THR A 143 18.36 6.62 -2.05
C THR A 143 18.02 6.16 -0.64
N PRO A 144 17.52 4.93 -0.49
CA PRO A 144 17.15 4.37 0.81
C PRO A 144 18.19 4.67 1.89
N LEU A 145 19.46 4.50 1.56
CA LEU A 145 20.55 4.77 2.48
C LEU A 145 20.72 6.27 2.68
N GLU A 146 20.66 7.01 1.58
CA GLU A 146 20.81 8.46 1.63
C GLU A 146 19.83 9.06 2.64
N LEU A 147 18.54 8.92 2.37
CA LEU A 147 17.52 9.45 3.28
C LEU A 147 17.77 8.92 4.68
N ALA A 148 18.26 7.69 4.75
CA ALA A 148 18.56 7.06 6.04
C ALA A 148 19.62 7.87 6.77
N ARG A 149 20.51 8.50 6.00
CA ARG A 149 21.56 9.33 6.57
C ARG A 149 20.96 10.60 7.14
N GLN A 150 20.06 11.21 6.38
CA GLN A 150 19.38 12.42 6.79
C GLN A 150 18.42 12.08 7.93
N ARG A 151 17.18 11.74 7.57
CA ARG A 151 16.17 11.36 8.55
C ARG A 151 16.45 9.95 9.06
N GLY A 152 17.68 9.70 9.51
CA GLY A 152 18.04 8.38 9.99
C GLY A 152 17.25 7.95 11.19
N ALA A 153 16.47 8.87 11.76
CA ALA A 153 15.65 8.56 12.93
C ALA A 153 16.46 7.82 13.98
N GLN A 154 16.52 6.51 13.83
CA GLN A 154 17.27 5.65 14.74
C GLN A 154 18.25 4.80 13.92
N ASN A 155 18.36 3.51 14.24
CA ASN A 155 19.24 2.62 13.49
C ASN A 155 18.66 2.28 12.11
N LEU A 156 17.64 3.03 11.67
CA LEU A 156 17.01 2.80 10.39
C LEU A 156 18.04 2.75 9.26
N MET A 157 18.97 3.69 9.26
CA MET A 157 19.99 3.74 8.24
C MET A 157 20.77 2.42 8.21
N ASP A 158 20.87 1.78 9.37
CA ASP A 158 21.59 0.52 9.48
C ASP A 158 20.79 -0.62 8.85
N ILE A 159 19.51 -0.69 9.19
CA ILE A 159 18.63 -1.73 8.66
C ILE A 159 18.72 -1.79 7.14
N LEU A 160 18.59 -0.64 6.49
CA LEU A 160 18.67 -0.55 5.04
C LEU A 160 20.10 -0.74 4.55
N GLN A 161 21.05 -0.39 5.41
CA GLN A 161 22.47 -0.51 5.06
C GLN A 161 22.87 -1.97 4.86
N GLY A 162 22.77 -2.76 5.92
CA GLY A 162 23.12 -4.17 5.84
C GLY A 162 22.24 -4.93 4.86
N HIS A 163 21.00 -4.50 4.73
CA HIS A 163 20.05 -5.16 3.82
C HIS A 163 20.48 -4.97 2.38
N MET A 164 20.97 -3.78 2.04
CA MET A 164 21.41 -3.49 0.69
C MET A 164 22.61 -4.36 0.30
N MET A 165 23.18 -4.09 -0.87
CA MET A 165 24.31 -4.84 -1.36
C MET A 165 25.53 -3.93 -1.56
N ILE A 166 26.36 -3.84 -0.53
CA ILE A 166 27.55 -3.00 -0.59
C ILE A 166 28.64 -3.50 0.36
N PRO A 167 29.52 -4.37 -0.14
CA PRO A 167 30.62 -4.92 0.65
C PRO A 167 31.79 -3.96 0.78
N MET A 168 31.77 -3.13 1.82
CA MET A 168 32.83 -2.16 2.05
C MET A 168 33.23 -2.14 3.52
N GLY A 1 -23.70 15.35 -8.62
CA GLY A 1 -23.83 13.89 -8.89
C GLY A 1 -24.66 13.59 -10.12
N SER A 2 -25.75 14.35 -10.29
CA SER A 2 -26.62 14.17 -11.44
C SER A 2 -27.20 12.76 -11.48
N MET A 3 -28.48 12.64 -11.18
CA MET A 3 -29.15 11.34 -11.17
C MET A 3 -29.28 10.79 -12.58
N LEU A 4 -28.35 9.91 -12.95
CA LEU A 4 -28.36 9.31 -14.28
C LEU A 4 -27.31 8.21 -14.39
N LEU A 5 -26.07 8.54 -14.04
CA LEU A 5 -24.98 7.58 -14.09
C LEU A 5 -24.50 7.21 -12.69
N GLU A 6 -24.83 6.00 -12.25
CA GLU A 6 -24.43 5.53 -10.93
C GLU A 6 -23.67 4.21 -11.03
N GLU A 7 -22.50 4.26 -11.65
CA GLU A 7 -21.68 3.07 -11.82
C GLU A 7 -20.91 2.75 -10.54
N VAL A 8 -21.65 2.58 -9.44
CA VAL A 8 -21.04 2.27 -8.15
C VAL A 8 -21.91 1.31 -7.36
N CYS A 9 -22.89 0.71 -8.03
CA CYS A 9 -23.80 -0.24 -7.37
C CYS A 9 -23.01 -1.28 -6.60
N VAL A 10 -22.86 -1.07 -5.30
CA VAL A 10 -22.12 -1.99 -4.43
C VAL A 10 -20.66 -1.55 -4.31
N GLY A 11 -20.28 -0.54 -5.08
CA GLY A 11 -18.92 -0.05 -5.04
C GLY A 11 -18.48 0.33 -3.64
N ASP A 12 -19.34 1.03 -2.92
CA ASP A 12 -19.04 1.45 -1.55
C ASP A 12 -19.37 0.34 -0.56
N ARG A 13 -19.76 -0.82 -1.06
CA ARG A 13 -20.10 -1.95 -0.21
C ARG A 13 -18.84 -2.65 0.29
N LEU A 14 -18.05 -3.19 -0.64
CA LEU A 14 -16.82 -3.88 -0.29
C LEU A 14 -15.76 -2.89 0.19
N SER A 15 -15.79 -1.69 -0.38
CA SER A 15 -14.83 -0.66 -0.02
C SER A 15 -15.06 -0.18 1.40
N GLY A 16 -16.31 0.16 1.71
CA GLY A 16 -16.64 0.63 3.05
C GLY A 16 -16.27 -0.37 4.12
N ALA A 17 -16.23 -1.65 3.74
CA ALA A 17 -15.88 -2.71 4.68
C ALA A 17 -14.39 -2.68 5.01
N ALA A 18 -13.57 -3.00 4.01
CA ALA A 18 -12.12 -3.00 4.20
C ALA A 18 -11.64 -1.68 4.77
N ALA A 19 -11.99 -0.59 4.10
CA ALA A 19 -11.60 0.74 4.55
C ALA A 19 -12.00 0.97 5.99
N ARG A 20 -13.08 0.31 6.41
CA ARG A 20 -13.56 0.45 7.78
C ARG A 20 -12.66 -0.31 8.75
N GLY A 21 -12.16 -1.47 8.31
CA GLY A 21 -11.29 -2.27 9.14
C GLY A 21 -12.03 -3.32 9.93
N ASP A 22 -12.61 -4.28 9.22
CA ASP A 22 -13.35 -5.37 9.87
C ASP A 22 -13.04 -6.71 9.21
N VAL A 23 -12.12 -7.46 9.82
CA VAL A 23 -11.73 -8.76 9.30
C VAL A 23 -12.93 -9.68 9.17
N GLN A 24 -14.01 -9.35 9.87
CA GLN A 24 -15.22 -10.15 9.84
C GLN A 24 -15.98 -9.98 8.52
N GLU A 25 -16.13 -8.73 8.10
CA GLU A 25 -16.84 -8.41 6.86
C GLU A 25 -16.01 -8.77 5.63
N VAL A 26 -14.69 -8.62 5.73
CA VAL A 26 -13.81 -8.92 4.61
C VAL A 26 -14.06 -10.33 4.07
N ARG A 27 -14.12 -11.30 4.98
CA ARG A 27 -14.36 -12.70 4.59
C ARG A 27 -15.81 -12.91 4.20
N ARG A 28 -16.71 -12.58 5.12
CA ARG A 28 -18.15 -12.76 4.88
C ARG A 28 -18.58 -12.10 3.58
N LEU A 29 -18.17 -10.85 3.39
CA LEU A 29 -18.53 -10.10 2.18
C LEU A 29 -18.18 -10.89 0.92
N LEU A 30 -16.92 -11.29 0.80
CA LEU A 30 -16.45 -12.04 -0.36
C LEU A 30 -16.94 -13.48 -0.35
N HIS A 31 -16.63 -14.20 0.73
CA HIS A 31 -17.00 -15.60 0.86
C HIS A 31 -18.50 -15.78 1.13
N ARG A 32 -19.25 -14.69 1.12
CA ARG A 32 -20.70 -14.76 1.36
C ARG A 32 -21.44 -13.70 0.55
N GLU A 33 -21.27 -12.44 0.94
CA GLU A 33 -21.93 -11.34 0.25
C GLU A 33 -21.58 -11.33 -1.23
N LEU A 34 -20.53 -12.05 -1.59
CA LEU A 34 -20.09 -12.12 -2.99
C LEU A 34 -20.08 -10.73 -3.61
N VAL A 35 -19.54 -9.75 -2.88
CA VAL A 35 -19.47 -8.39 -3.36
C VAL A 35 -18.42 -8.24 -4.46
N HIS A 36 -18.60 -7.26 -5.33
CA HIS A 36 -17.67 -7.02 -6.43
C HIS A 36 -16.30 -6.63 -5.89
N PRO A 37 -15.24 -7.17 -6.50
CA PRO A 37 -13.86 -6.88 -6.09
C PRO A 37 -13.44 -5.46 -6.45
N ASP A 38 -13.88 -5.00 -7.62
CA ASP A 38 -13.54 -3.65 -8.08
C ASP A 38 -14.61 -2.64 -7.65
N ALA A 39 -15.23 -2.89 -6.50
CA ALA A 39 -16.26 -2.01 -5.99
C ALA A 39 -15.67 -0.65 -5.62
N LEU A 40 -16.15 0.40 -6.28
CA LEU A 40 -15.67 1.75 -6.04
C LEU A 40 -16.81 2.66 -5.58
N ASN A 41 -16.63 3.29 -4.43
CA ASN A 41 -17.64 4.18 -3.89
C ASN A 41 -17.91 5.35 -4.83
N ARG A 42 -18.80 6.26 -4.42
CA ARG A 42 -19.15 7.42 -5.23
C ARG A 42 -17.90 8.01 -5.88
N PHE A 43 -16.84 8.17 -5.08
CA PHE A 43 -15.59 8.74 -5.58
C PHE A 43 -15.17 8.08 -6.89
N GLY A 44 -14.92 6.77 -6.82
CA GLY A 44 -14.52 6.04 -8.01
C GLY A 44 -13.20 5.31 -7.82
N LYS A 45 -12.85 5.02 -6.57
CA LYS A 45 -11.61 4.31 -6.26
C LYS A 45 -11.90 2.90 -5.79
N THR A 46 -10.87 2.05 -5.81
CA THR A 46 -11.02 0.66 -5.38
C THR A 46 -10.87 0.54 -3.87
N ALA A 47 -11.51 -0.47 -3.30
CA ALA A 47 -11.45 -0.70 -1.85
C ALA A 47 -10.01 -0.76 -1.37
N LEU A 48 -9.10 -1.14 -2.28
CA LEU A 48 -7.69 -1.25 -1.95
C LEU A 48 -7.06 0.14 -1.82
N GLN A 49 -7.43 1.04 -2.73
CA GLN A 49 -6.90 2.40 -2.72
C GLN A 49 -7.50 3.22 -1.58
N VAL A 50 -8.49 2.65 -0.90
CA VAL A 50 -9.15 3.33 0.20
C VAL A 50 -9.34 2.41 1.40
N MET A 51 -8.50 1.39 1.50
CA MET A 51 -8.58 0.43 2.61
C MET A 51 -8.15 1.08 3.90
N MET A 52 -8.14 0.30 4.98
CA MET A 52 -7.73 0.79 6.28
C MET A 52 -6.45 0.11 6.76
N PHE A 53 -6.06 -0.93 6.05
CA PHE A 53 -4.85 -1.68 6.39
C PHE A 53 -4.86 -2.06 7.87
N GLY A 54 -6.04 -2.07 8.47
CA GLY A 54 -6.15 -2.43 9.88
C GLY A 54 -5.91 -3.91 10.09
N SER A 55 -6.68 -4.73 9.40
CA SER A 55 -6.55 -6.18 9.50
C SER A 55 -5.75 -6.73 8.32
N PRO A 56 -4.84 -7.67 8.58
CA PRO A 56 -4.01 -8.26 7.54
C PRO A 56 -4.83 -9.12 6.57
N ALA A 57 -5.64 -10.02 7.11
CA ALA A 57 -6.47 -10.89 6.30
C ALA A 57 -7.48 -10.09 5.49
N VAL A 58 -7.72 -8.85 5.92
CA VAL A 58 -8.67 -7.98 5.25
C VAL A 58 -8.20 -7.69 3.82
N ALA A 59 -6.98 -7.17 3.70
CA ALA A 59 -6.41 -6.85 2.39
C ALA A 59 -6.24 -8.11 1.56
N LEU A 60 -5.86 -9.21 2.21
CA LEU A 60 -5.67 -10.47 1.52
C LEU A 60 -6.98 -10.97 0.91
N GLU A 61 -8.02 -11.02 1.74
CA GLU A 61 -9.33 -11.47 1.30
C GLU A 61 -9.90 -10.57 0.21
N LEU A 62 -9.96 -9.28 0.49
CA LEU A 62 -10.49 -8.32 -0.47
C LEU A 62 -9.65 -8.29 -1.74
N LEU A 63 -8.34 -8.11 -1.59
CA LEU A 63 -7.45 -8.06 -2.73
C LEU A 63 -7.43 -9.39 -3.48
N LYS A 64 -7.24 -10.48 -2.74
CA LYS A 64 -7.21 -11.81 -3.33
C LYS A 64 -8.58 -12.19 -3.90
N GLN A 65 -9.09 -11.36 -4.81
CA GLN A 65 -10.38 -11.61 -5.42
C GLN A 65 -10.48 -10.95 -6.80
N GLY A 66 -9.93 -9.75 -6.92
CA GLY A 66 -9.96 -9.04 -8.18
C GLY A 66 -9.86 -7.54 -8.01
N ALA A 67 -9.04 -7.09 -7.07
CA ALA A 67 -8.86 -5.67 -6.81
C ALA A 67 -7.58 -5.16 -7.46
N SER A 68 -6.86 -6.05 -8.14
CA SER A 68 -5.62 -5.68 -8.81
C SER A 68 -4.77 -4.78 -7.91
N PRO A 69 -4.00 -5.38 -7.00
CA PRO A 69 -3.13 -4.64 -6.07
C PRO A 69 -2.28 -3.60 -6.80
N ASN A 70 -1.95 -3.88 -8.05
CA ASN A 70 -1.13 -2.97 -8.85
C ASN A 70 -1.99 -1.84 -9.40
N VAL A 71 -2.34 -0.88 -8.54
CA VAL A 71 -3.16 0.25 -8.94
C VAL A 71 -2.39 1.56 -8.79
N GLN A 72 -2.73 2.53 -9.63
CA GLN A 72 -2.07 3.84 -9.57
C GLN A 72 -3.06 4.97 -9.86
N ASP A 73 -3.00 6.01 -9.06
CA ASP A 73 -3.90 7.16 -9.22
C ASP A 73 -3.18 8.33 -9.88
N ALA A 74 -3.77 8.86 -10.95
CA ALA A 74 -3.18 9.99 -11.65
C ALA A 74 -1.67 9.83 -11.79
N SER A 75 -0.93 10.37 -10.82
CA SER A 75 0.51 10.28 -10.84
C SER A 75 1.00 8.92 -10.38
N GLY A 76 1.13 8.76 -9.07
CA GLY A 76 1.57 7.49 -8.51
C GLY A 76 1.52 7.47 -7.00
N THR A 77 0.31 7.57 -6.45
CA THR A 77 0.12 7.56 -5.00
C THR A 77 -0.66 6.32 -4.57
N SER A 78 -0.31 5.18 -5.14
CA SER A 78 -0.97 3.92 -4.83
C SER A 78 -0.99 3.68 -3.31
N PRO A 79 -1.88 2.81 -2.85
CA PRO A 79 -2.00 2.46 -1.43
C PRO A 79 -0.65 2.18 -0.80
N VAL A 80 0.25 1.62 -1.60
CA VAL A 80 1.59 1.29 -1.13
C VAL A 80 2.26 2.50 -0.48
N HIS A 81 2.15 3.65 -1.14
CA HIS A 81 2.74 4.89 -0.64
C HIS A 81 1.95 5.42 0.57
N ASP A 82 0.63 5.31 0.50
CA ASP A 82 -0.23 5.79 1.57
C ASP A 82 -0.09 4.92 2.82
N ALA A 83 -0.54 3.68 2.73
CA ALA A 83 -0.47 2.76 3.86
C ALA A 83 0.95 2.68 4.43
N ALA A 84 1.93 3.10 3.62
CA ALA A 84 3.32 3.08 4.05
C ALA A 84 3.60 4.17 5.08
N ARG A 85 3.45 5.42 4.66
CA ARG A 85 3.70 6.56 5.55
C ARG A 85 2.65 6.65 6.64
N THR A 86 1.50 6.00 6.43
CA THR A 86 0.42 6.02 7.40
C THR A 86 0.80 5.28 8.68
N GLY A 87 1.27 4.05 8.52
CA GLY A 87 1.66 3.25 9.67
C GLY A 87 0.80 2.02 9.84
N PHE A 88 0.92 1.09 8.90
CA PHE A 88 0.14 -0.16 8.95
C PHE A 88 0.89 -1.28 8.23
N LEU A 89 2.11 -1.55 8.68
CA LEU A 89 2.93 -2.60 8.09
C LEU A 89 2.24 -3.96 8.15
N ASP A 90 1.18 -4.06 8.95
CA ASP A 90 0.45 -5.31 9.08
C ASP A 90 -0.27 -5.67 7.78
N THR A 91 -1.35 -4.95 7.49
CA THR A 91 -2.12 -5.19 6.29
C THR A 91 -1.34 -4.79 5.04
N LEU A 92 -0.55 -3.73 5.14
CA LEU A 92 0.24 -3.27 4.03
C LEU A 92 1.09 -4.40 3.46
N LYS A 93 1.79 -5.10 4.35
CA LYS A 93 2.62 -6.22 3.93
C LYS A 93 1.84 -7.22 3.09
N VAL A 94 0.63 -7.52 3.53
CA VAL A 94 -0.22 -8.46 2.81
C VAL A 94 -0.37 -8.06 1.35
N LEU A 95 -0.91 -6.86 1.13
CA LEU A 95 -1.11 -6.35 -0.22
C LEU A 95 0.21 -5.96 -0.86
N VAL A 96 1.09 -5.36 -0.08
CA VAL A 96 2.40 -4.94 -0.57
C VAL A 96 3.27 -6.14 -0.93
N GLU A 97 3.26 -7.15 -0.06
CA GLU A 97 4.04 -8.37 -0.30
C GLU A 97 3.48 -9.15 -1.48
N HIS A 98 2.16 -9.27 -1.53
CA HIS A 98 1.51 -10.00 -2.61
C HIS A 98 1.93 -9.45 -3.97
N GLY A 99 2.36 -8.21 -3.99
CA GLY A 99 2.80 -7.58 -5.23
C GLY A 99 1.97 -6.37 -5.59
N ALA A 100 1.81 -5.45 -4.63
CA ALA A 100 1.04 -4.23 -4.85
C ALA A 100 1.90 -3.15 -5.48
N ASP A 101 2.50 -3.45 -6.63
CA ASP A 101 3.35 -2.50 -7.34
C ASP A 101 4.16 -1.66 -6.35
N VAL A 102 4.87 -2.34 -5.45
CA VAL A 102 5.68 -1.65 -4.46
C VAL A 102 6.96 -1.10 -5.09
N ASN A 103 7.13 -1.33 -6.39
CA ASN A 103 8.31 -0.85 -7.10
C ASN A 103 7.98 0.43 -7.88
N ALA A 104 7.14 1.27 -7.30
CA ALA A 104 6.76 2.53 -7.92
C ALA A 104 7.22 3.73 -7.10
N LEU A 105 6.89 4.93 -7.58
CA LEU A 105 7.27 6.15 -6.88
C LEU A 105 6.04 7.03 -6.61
N ASP A 106 6.25 8.33 -6.52
CA ASP A 106 5.17 9.26 -6.26
C ASP A 106 5.39 10.58 -7.01
N SER A 107 4.69 11.62 -6.59
CA SER A 107 4.82 12.93 -7.22
C SER A 107 6.27 13.38 -7.22
N THR A 108 7.03 12.93 -6.23
CA THR A 108 8.44 13.28 -6.12
C THR A 108 9.33 12.12 -6.55
N GLY A 109 8.81 11.29 -7.45
CA GLY A 109 9.58 10.16 -7.93
C GLY A 109 10.30 9.43 -6.82
N SER A 110 9.64 9.28 -5.68
CA SER A 110 10.23 8.60 -4.53
C SER A 110 9.49 7.30 -4.23
N LEU A 111 10.25 6.24 -4.01
CA LEU A 111 9.67 4.93 -3.70
C LEU A 111 9.02 4.93 -2.33
N PRO A 112 8.15 3.94 -2.07
CA PRO A 112 7.45 3.81 -0.79
C PRO A 112 8.42 3.78 0.40
N ILE A 113 9.64 3.33 0.13
CA ILE A 113 10.67 3.25 1.17
C ILE A 113 11.14 4.64 1.59
N HIS A 114 11.15 5.57 0.64
CA HIS A 114 11.57 6.93 0.91
C HIS A 114 10.55 7.66 1.79
N LEU A 115 9.28 7.28 1.64
CA LEU A 115 8.21 7.89 2.42
C LEU A 115 8.31 7.49 3.88
N ALA A 116 8.35 6.18 4.13
CA ALA A 116 8.45 5.68 5.49
C ALA A 116 9.62 6.33 6.21
N ILE A 117 10.70 6.55 5.48
CA ILE A 117 11.90 7.17 6.03
C ILE A 117 11.56 8.53 6.62
N ARG A 118 10.65 9.26 5.98
CA ARG A 118 10.24 10.57 6.46
C ARG A 118 9.52 10.46 7.79
N GLU A 119 8.79 9.36 7.96
CA GLU A 119 8.05 9.11 9.18
C GLU A 119 8.95 8.52 10.26
N GLY A 120 9.63 7.43 9.92
CA GLY A 120 10.52 6.79 10.87
C GLY A 120 9.85 5.65 11.61
N HIS A 121 8.77 5.13 11.04
CA HIS A 121 8.04 4.03 11.66
C HIS A 121 8.98 2.93 12.12
N SER A 122 10.16 2.88 11.49
CA SER A 122 11.16 1.88 11.83
C SER A 122 10.83 0.54 11.16
N SER A 123 9.69 -0.02 11.52
CA SER A 123 9.26 -1.30 10.95
C SER A 123 8.88 -1.12 9.48
N VAL A 124 8.34 0.04 9.15
CA VAL A 124 7.94 0.34 7.78
C VAL A 124 9.14 0.58 6.90
N VAL A 125 9.96 1.56 7.28
CA VAL A 125 11.16 1.90 6.52
C VAL A 125 12.02 0.66 6.27
N SER A 126 12.49 0.04 7.35
CA SER A 126 13.32 -1.15 7.23
C SER A 126 12.64 -2.22 6.38
N PHE A 127 11.32 -2.22 6.42
CA PHE A 127 10.53 -3.18 5.65
C PHE A 127 10.56 -2.85 4.16
N LEU A 128 10.20 -1.62 3.83
CA LEU A 128 10.19 -1.18 2.44
C LEU A 128 11.59 -1.22 1.84
N ALA A 129 12.59 -1.39 2.69
CA ALA A 129 13.98 -1.44 2.24
C ALA A 129 14.20 -2.58 1.25
N PRO A 130 14.13 -3.82 1.74
CA PRO A 130 14.33 -5.01 0.90
C PRO A 130 13.17 -5.24 -0.07
N GLU A 131 11.97 -4.85 0.35
CA GLU A 131 10.77 -5.01 -0.48
C GLU A 131 10.90 -4.21 -1.78
N SER A 132 11.87 -3.31 -1.82
CA SER A 132 12.08 -2.48 -3.00
C SER A 132 13.50 -2.67 -3.54
N ASP A 133 13.62 -2.64 -4.87
CA ASP A 133 14.92 -2.80 -5.52
C ASP A 133 16.01 -2.07 -4.74
N LEU A 134 16.74 -2.82 -3.92
CA LEU A 134 17.81 -2.26 -3.12
C LEU A 134 18.96 -1.78 -3.99
N HIS A 135 18.70 -0.75 -4.79
CA HIS A 135 19.71 -0.19 -5.67
C HIS A 135 19.16 1.02 -6.43
N HIS A 136 17.93 0.91 -6.90
CA HIS A 136 17.30 2.00 -7.64
C HIS A 136 17.34 3.30 -6.85
N ARG A 137 16.81 4.36 -7.44
CA ARG A 137 16.79 5.67 -6.79
C ARG A 137 15.45 6.35 -6.99
N ASP A 138 15.39 7.64 -6.71
CA ASP A 138 14.16 8.41 -6.85
C ASP A 138 14.40 9.67 -7.68
N ALA A 139 13.33 10.43 -7.91
CA ALA A 139 13.40 11.65 -8.69
C ALA A 139 14.15 12.75 -7.92
N SER A 140 14.42 12.49 -6.66
CA SER A 140 15.13 13.45 -5.81
C SER A 140 16.56 13.00 -5.57
N GLY A 141 16.88 11.77 -5.97
CA GLY A 141 18.22 11.26 -5.79
C GLY A 141 18.52 10.92 -4.35
N LEU A 142 17.73 10.03 -3.76
CA LEU A 142 17.92 9.62 -2.38
C LEU A 142 17.37 8.23 -2.12
N THR A 143 18.19 7.21 -2.39
CA THR A 143 17.78 5.83 -2.19
C THR A 143 17.68 5.49 -0.71
N PRO A 144 17.43 4.21 -0.38
CA PRO A 144 17.31 3.77 1.02
C PRO A 144 18.44 4.28 1.89
N LEU A 145 19.66 3.90 1.56
CA LEU A 145 20.83 4.34 2.33
C LEU A 145 21.00 5.85 2.24
N GLU A 146 20.62 6.42 1.10
CA GLU A 146 20.73 7.86 0.90
C GLU A 146 19.77 8.62 1.82
N LEU A 147 18.47 8.52 1.52
CA LEU A 147 17.47 9.19 2.33
C LEU A 147 17.64 8.84 3.81
N ALA A 148 17.84 7.55 4.07
CA ALA A 148 18.03 7.08 5.44
C ALA A 148 19.18 7.82 6.11
N ARG A 149 20.23 8.08 5.33
CA ARG A 149 21.39 8.80 5.83
C ARG A 149 21.01 10.23 6.19
N GLN A 150 20.20 10.84 5.33
CA GLN A 150 19.75 12.21 5.56
C GLN A 150 18.89 12.27 6.82
N ARG A 151 17.64 11.85 6.68
CA ARG A 151 16.72 11.83 7.82
C ARG A 151 17.08 10.68 8.74
N GLY A 152 18.31 10.70 9.24
CA GLY A 152 18.77 9.65 10.12
C GLY A 152 18.04 9.65 11.45
N ALA A 153 16.72 9.59 11.39
CA ALA A 153 15.89 9.57 12.59
C ALA A 153 16.59 8.80 13.71
N GLN A 154 17.36 7.79 13.33
CA GLN A 154 18.09 6.97 14.29
C GLN A 154 18.78 5.80 13.59
N ASN A 155 18.37 4.56 13.88
CA ASN A 155 18.96 3.39 13.26
C ASN A 155 18.49 3.23 11.80
N LEU A 156 17.74 4.21 11.30
CA LEU A 156 17.23 4.16 9.94
C LEU A 156 18.34 3.88 8.95
N MET A 157 19.35 4.75 8.92
CA MET A 157 20.47 4.59 8.00
C MET A 157 21.06 3.19 8.14
N ASP A 158 21.00 2.65 9.34
CA ASP A 158 21.54 1.31 9.61
C ASP A 158 20.64 0.22 9.04
N ILE A 159 19.37 0.24 9.42
CA ILE A 159 18.41 -0.76 8.95
C ILE A 159 18.44 -0.83 7.43
N LEU A 160 18.64 0.30 6.78
CA LEU A 160 18.69 0.37 5.33
C LEU A 160 19.98 -0.24 4.79
N GLN A 161 21.07 -0.06 5.54
CA GLN A 161 22.37 -0.58 5.14
C GLN A 161 22.43 -2.10 5.29
N GLY A 162 22.06 -2.59 6.48
CA GLY A 162 22.08 -4.01 6.73
C GLY A 162 21.11 -4.78 5.85
N HIS A 163 19.93 -4.22 5.63
CA HIS A 163 18.91 -4.86 4.81
C HIS A 163 19.40 -5.06 3.39
N MET A 164 20.28 -4.17 2.93
CA MET A 164 20.82 -4.26 1.58
C MET A 164 21.25 -5.68 1.26
N MET A 165 22.45 -6.07 1.71
CA MET A 165 22.96 -7.41 1.46
C MET A 165 24.47 -7.45 1.60
N ILE A 166 25.10 -6.30 1.38
CA ILE A 166 26.55 -6.19 1.47
C ILE A 166 27.26 -7.46 1.01
N PRO A 167 27.73 -7.47 -0.25
CA PRO A 167 28.42 -8.62 -0.83
C PRO A 167 29.83 -8.80 -0.27
N MET A 168 30.33 -10.02 -0.31
CA MET A 168 31.66 -10.33 0.20
C MET A 168 31.85 -11.83 0.35
N GLY A 1 -27.81 1.75 -26.97
CA GLY A 1 -26.96 0.94 -26.06
C GLY A 1 -27.23 1.23 -24.59
N SER A 2 -27.55 2.49 -24.29
CA SER A 2 -27.82 2.88 -22.91
C SER A 2 -29.07 2.18 -22.38
N MET A 3 -28.95 0.88 -22.12
CA MET A 3 -30.06 0.09 -21.61
C MET A 3 -29.61 -1.33 -21.29
N LEU A 4 -30.09 -1.86 -20.17
CA LEU A 4 -29.74 -3.21 -19.75
C LEU A 4 -28.30 -3.27 -19.23
N LEU A 5 -27.82 -2.13 -18.73
CA LEU A 5 -26.47 -2.05 -18.19
C LEU A 5 -26.44 -1.28 -16.89
N GLU A 6 -25.57 -1.70 -15.97
CA GLU A 6 -25.43 -1.05 -14.68
C GLU A 6 -23.99 -0.62 -14.42
N GLU A 7 -23.81 0.32 -13.51
CA GLU A 7 -22.48 0.81 -13.18
C GLU A 7 -22.26 0.84 -11.68
N VAL A 8 -21.02 1.11 -11.26
CA VAL A 8 -20.68 1.16 -9.85
C VAL A 8 -21.39 0.07 -9.07
N CYS A 9 -21.67 -1.04 -9.73
CA CYS A 9 -22.36 -2.17 -9.09
C CYS A 9 -21.64 -2.54 -7.79
N VAL A 10 -22.34 -2.39 -6.67
CA VAL A 10 -21.75 -2.71 -5.38
C VAL A 10 -20.36 -2.09 -5.24
N GLY A 11 -20.12 -1.03 -6.00
CA GLY A 11 -18.83 -0.37 -5.96
C GLY A 11 -18.55 0.28 -4.62
N ASP A 12 -19.57 0.90 -4.03
CA ASP A 12 -19.43 1.57 -2.75
C ASP A 12 -19.99 0.70 -1.63
N ARG A 13 -19.73 -0.60 -1.70
CA ARG A 13 -20.21 -1.54 -0.68
C ARG A 13 -19.03 -2.11 0.11
N LEU A 14 -18.25 -2.97 -0.53
CA LEU A 14 -17.10 -3.60 0.12
C LEU A 14 -15.98 -2.58 0.33
N SER A 15 -15.95 -1.56 -0.51
CA SER A 15 -14.93 -0.52 -0.41
C SER A 15 -15.02 0.20 0.93
N GLY A 16 -16.25 0.47 1.37
CA GLY A 16 -16.44 1.16 2.63
C GLY A 16 -16.14 0.28 3.83
N ALA A 17 -16.45 -1.01 3.71
CA ALA A 17 -16.22 -1.96 4.78
C ALA A 17 -14.72 -2.15 5.03
N ALA A 18 -14.02 -2.66 4.02
CA ALA A 18 -12.58 -2.89 4.13
C ALA A 18 -11.86 -1.62 4.54
N ALA A 19 -12.24 -0.49 3.95
CA ALA A 19 -11.62 0.79 4.25
C ALA A 19 -12.05 1.29 5.62
N ARG A 20 -13.20 0.80 6.10
CA ARG A 20 -13.72 1.20 7.40
C ARG A 20 -12.90 0.58 8.53
N GLY A 21 -12.45 -0.66 8.31
CA GLY A 21 -11.66 -1.35 9.31
C GLY A 21 -12.49 -2.29 10.16
N ASP A 22 -13.07 -3.30 9.53
CA ASP A 22 -13.90 -4.28 10.23
C ASP A 22 -13.69 -5.68 9.67
N VAL A 23 -12.75 -6.40 10.26
CA VAL A 23 -12.44 -7.77 9.82
C VAL A 23 -13.70 -8.62 9.77
N GLN A 24 -14.73 -8.21 10.50
CA GLN A 24 -15.99 -8.95 10.53
C GLN A 24 -16.76 -8.76 9.22
N GLU A 25 -16.86 -7.52 8.77
CA GLU A 25 -17.56 -7.20 7.53
C GLU A 25 -16.80 -7.75 6.33
N VAL A 26 -15.48 -7.61 6.36
CA VAL A 26 -14.63 -8.08 5.28
C VAL A 26 -14.90 -9.55 4.98
N ARG A 27 -14.82 -10.38 6.02
CA ARG A 27 -15.05 -11.82 5.87
C ARG A 27 -16.47 -12.09 5.39
N ARG A 28 -17.45 -11.65 6.17
CA ARG A 28 -18.85 -11.85 5.81
C ARG A 28 -19.13 -11.27 4.44
N LEU A 29 -18.38 -10.24 4.06
CA LEU A 29 -18.55 -9.60 2.77
C LEU A 29 -18.00 -10.46 1.64
N LEU A 30 -16.69 -10.56 1.56
CA LEU A 30 -16.03 -11.35 0.53
C LEU A 30 -16.16 -12.85 0.80
N HIS A 31 -15.97 -13.24 2.06
CA HIS A 31 -16.07 -14.65 2.45
C HIS A 31 -17.51 -15.13 2.44
N ARG A 32 -18.45 -14.19 2.34
CA ARG A 32 -19.87 -14.53 2.33
C ARG A 32 -20.61 -13.73 1.25
N GLU A 33 -20.90 -12.47 1.56
CA GLU A 33 -21.61 -11.59 0.62
C GLU A 33 -21.13 -11.82 -0.80
N LEU A 34 -19.87 -12.23 -0.94
CA LEU A 34 -19.29 -12.48 -2.26
C LEU A 34 -19.26 -11.20 -3.09
N VAL A 35 -18.80 -10.10 -2.46
CA VAL A 35 -18.72 -8.82 -3.15
C VAL A 35 -17.51 -8.76 -4.06
N HIS A 36 -17.58 -7.91 -5.09
CA HIS A 36 -16.48 -7.76 -6.03
C HIS A 36 -15.36 -6.92 -5.44
N PRO A 37 -14.11 -7.36 -5.61
CA PRO A 37 -12.93 -6.66 -5.09
C PRO A 37 -12.61 -5.41 -5.91
N ASP A 38 -13.31 -5.24 -7.03
CA ASP A 38 -13.09 -4.09 -7.90
C ASP A 38 -14.17 -3.04 -7.72
N ALA A 39 -14.96 -3.19 -6.65
CA ALA A 39 -16.03 -2.25 -6.34
C ALA A 39 -15.51 -0.83 -6.23
N LEU A 40 -16.12 0.09 -6.98
CA LEU A 40 -15.72 1.49 -6.95
C LEU A 40 -16.87 2.39 -6.51
N ASN A 41 -16.58 3.26 -5.55
CA ASN A 41 -17.60 4.17 -5.03
C ASN A 41 -18.26 4.95 -6.17
N ARG A 42 -17.45 5.63 -6.98
CA ARG A 42 -17.96 6.41 -8.10
C ARG A 42 -16.83 7.06 -8.87
N PHE A 43 -15.97 7.77 -8.15
CA PHE A 43 -14.84 8.46 -8.78
C PHE A 43 -14.01 7.49 -9.61
N GLY A 44 -13.91 6.25 -9.13
CA GLY A 44 -13.13 5.24 -9.84
C GLY A 44 -12.04 4.64 -8.99
N LYS A 45 -12.27 4.59 -7.68
CA LYS A 45 -11.29 4.04 -6.75
C LYS A 45 -11.62 2.59 -6.41
N THR A 46 -10.60 1.81 -6.08
CA THR A 46 -10.79 0.40 -5.73
C THR A 46 -10.89 0.24 -4.22
N ALA A 47 -11.56 -0.84 -3.79
CA ALA A 47 -11.73 -1.12 -2.38
C ALA A 47 -10.39 -1.24 -1.68
N LEU A 48 -9.36 -1.62 -2.44
CA LEU A 48 -8.02 -1.77 -1.89
C LEU A 48 -7.41 -0.42 -1.57
N GLN A 49 -7.58 0.53 -2.48
CA GLN A 49 -7.05 1.88 -2.31
C GLN A 49 -7.61 2.53 -1.05
N VAL A 50 -8.94 2.55 -0.96
CA VAL A 50 -9.60 3.15 0.19
C VAL A 50 -9.29 2.37 1.46
N MET A 51 -8.92 1.10 1.31
CA MET A 51 -8.59 0.26 2.45
C MET A 51 -7.82 1.05 3.51
N MET A 52 -7.91 0.60 4.75
CA MET A 52 -7.22 1.26 5.86
C MET A 52 -6.18 0.34 6.48
N PHE A 53 -5.77 -0.67 5.72
CA PHE A 53 -4.77 -1.63 6.20
C PHE A 53 -4.97 -1.91 7.68
N GLY A 54 -6.23 -1.91 8.12
CA GLY A 54 -6.53 -2.17 9.52
C GLY A 54 -6.31 -3.62 9.89
N SER A 55 -7.29 -4.46 9.59
CA SER A 55 -7.20 -5.88 9.89
C SER A 55 -6.49 -6.64 8.77
N PRO A 56 -5.37 -7.28 9.08
CA PRO A 56 -4.59 -8.04 8.09
C PRO A 56 -5.48 -8.90 7.20
N ALA A 57 -6.50 -9.50 7.79
CA ALA A 57 -7.42 -10.34 7.03
C ALA A 57 -8.17 -9.55 5.97
N VAL A 58 -8.25 -8.24 6.17
CA VAL A 58 -8.95 -7.37 5.24
C VAL A 58 -8.27 -7.40 3.87
N ALA A 59 -6.97 -7.11 3.85
CA ALA A 59 -6.20 -7.10 2.62
C ALA A 59 -6.17 -8.49 1.98
N LEU A 60 -6.19 -9.52 2.82
CA LEU A 60 -6.17 -10.89 2.35
C LEU A 60 -7.42 -11.21 1.52
N GLU A 61 -8.57 -10.75 2.01
CA GLU A 61 -9.84 -10.98 1.34
C GLU A 61 -9.86 -10.33 -0.04
N LEU A 62 -9.52 -9.03 -0.08
CA LEU A 62 -9.51 -8.29 -1.32
C LEU A 62 -8.48 -8.86 -2.30
N LEU A 63 -7.28 -9.12 -1.80
CA LEU A 63 -6.22 -9.67 -2.65
C LEU A 63 -6.61 -11.05 -3.18
N LYS A 64 -6.94 -11.96 -2.27
CA LYS A 64 -7.34 -13.32 -2.66
C LYS A 64 -8.63 -13.29 -3.48
N GLN A 65 -9.29 -12.13 -3.50
CA GLN A 65 -10.54 -11.98 -4.25
C GLN A 65 -10.26 -11.73 -5.72
N GLY A 66 -9.18 -11.01 -6.00
CA GLY A 66 -8.83 -10.70 -7.38
C GLY A 66 -8.70 -9.22 -7.65
N ALA A 67 -8.45 -8.45 -6.58
CA ALA A 67 -8.30 -7.01 -6.70
C ALA A 67 -6.90 -6.64 -7.17
N SER A 68 -6.77 -5.48 -7.81
CA SER A 68 -5.49 -5.02 -8.31
C SER A 68 -4.96 -3.85 -7.47
N PRO A 69 -4.05 -4.14 -6.53
CA PRO A 69 -3.46 -3.11 -5.65
C PRO A 69 -2.55 -2.15 -6.42
N ASN A 70 -2.26 -2.50 -7.68
CA ASN A 70 -1.41 -1.67 -8.52
C ASN A 70 -2.19 -0.50 -9.09
N VAL A 71 -2.78 0.30 -8.21
CA VAL A 71 -3.56 1.47 -8.63
C VAL A 71 -3.05 2.74 -7.94
N GLN A 72 -3.36 3.88 -8.55
CA GLN A 72 -2.94 5.17 -7.98
C GLN A 72 -4.11 6.15 -7.97
N ASP A 73 -4.09 7.06 -7.00
CA ASP A 73 -5.15 8.06 -6.87
C ASP A 73 -4.56 9.45 -6.67
N ALA A 74 -5.18 10.45 -7.28
CA ALA A 74 -4.71 11.82 -7.16
C ALA A 74 -3.56 12.10 -8.12
N SER A 75 -2.40 11.53 -7.82
CA SER A 75 -1.22 11.71 -8.66
C SER A 75 -0.61 10.37 -9.04
N GLY A 76 0.10 9.76 -8.10
CA GLY A 76 0.73 8.47 -8.36
C GLY A 76 1.13 7.76 -7.08
N THR A 77 0.18 7.58 -6.18
CA THR A 77 0.44 6.90 -4.92
C THR A 77 -0.56 5.79 -4.67
N SER A 78 -0.09 4.55 -4.70
CA SER A 78 -0.94 3.40 -4.48
C SER A 78 -1.16 3.15 -2.99
N PRO A 79 -1.90 2.08 -2.65
CA PRO A 79 -2.19 1.74 -1.25
C PRO A 79 -0.92 1.61 -0.41
N VAL A 80 0.07 0.90 -0.96
CA VAL A 80 1.33 0.70 -0.27
C VAL A 80 1.93 2.04 0.18
N HIS A 81 1.83 3.05 -0.67
CA HIS A 81 2.37 4.37 -0.36
C HIS A 81 1.84 4.86 0.98
N ASP A 82 0.55 5.16 1.04
CA ASP A 82 -0.08 5.64 2.27
C ASP A 82 0.21 4.70 3.43
N ALA A 83 0.07 3.41 3.18
CA ALA A 83 0.32 2.39 4.20
C ALA A 83 1.71 2.54 4.79
N ALA A 84 2.71 2.66 3.92
CA ALA A 84 4.10 2.80 4.37
C ALA A 84 4.30 4.11 5.12
N ARG A 85 3.72 5.19 4.58
CA ARG A 85 3.84 6.50 5.20
C ARG A 85 2.99 6.59 6.46
N THR A 86 1.86 5.90 6.45
CA THR A 86 0.95 5.91 7.60
C THR A 86 1.51 5.10 8.76
N GLY A 87 1.38 3.78 8.66
CA GLY A 87 1.88 2.91 9.71
C GLY A 87 0.99 1.69 9.92
N PHE A 88 0.95 0.80 8.93
CA PHE A 88 0.14 -0.40 9.02
C PHE A 88 0.89 -1.60 8.45
N LEU A 89 2.11 -1.79 8.94
CA LEU A 89 2.95 -2.90 8.49
C LEU A 89 2.20 -4.23 8.58
N ASP A 90 1.14 -4.26 9.39
CA ASP A 90 0.36 -5.48 9.55
C ASP A 90 -0.31 -5.88 8.24
N THR A 91 -1.34 -5.13 7.86
CA THR A 91 -2.06 -5.40 6.62
C THR A 91 -1.23 -4.98 5.42
N LEU A 92 -0.41 -3.96 5.62
CA LEU A 92 0.45 -3.46 4.54
C LEU A 92 1.37 -4.58 4.06
N LYS A 93 1.79 -5.43 4.99
CA LYS A 93 2.66 -6.54 4.67
C LYS A 93 1.94 -7.58 3.81
N VAL A 94 0.79 -8.03 4.28
CA VAL A 94 0.02 -9.03 3.53
C VAL A 94 -0.21 -8.59 2.09
N LEU A 95 -0.65 -7.36 1.92
CA LEU A 95 -0.92 -6.83 0.58
C LEU A 95 0.38 -6.53 -0.17
N VAL A 96 1.27 -5.78 0.47
CA VAL A 96 2.55 -5.43 -0.15
C VAL A 96 3.44 -6.65 -0.34
N GLU A 97 3.64 -7.42 0.71
CA GLU A 97 4.48 -8.60 0.65
C GLU A 97 4.05 -9.51 -0.50
N HIS A 98 2.77 -9.49 -0.82
CA HIS A 98 2.23 -10.31 -1.90
C HIS A 98 2.64 -9.75 -3.26
N GLY A 99 2.70 -8.42 -3.35
CA GLY A 99 3.08 -7.79 -4.59
C GLY A 99 2.11 -6.69 -5.02
N ALA A 100 2.04 -5.63 -4.22
CA ALA A 100 1.14 -4.52 -4.51
C ALA A 100 1.85 -3.46 -5.35
N ASP A 101 2.94 -3.84 -5.98
CA ASP A 101 3.71 -2.92 -6.81
C ASP A 101 4.26 -1.77 -5.98
N VAL A 102 5.26 -2.04 -5.15
CA VAL A 102 5.86 -1.02 -4.31
C VAL A 102 7.01 -0.33 -5.03
N ASN A 103 7.10 -0.54 -6.34
CA ASN A 103 8.14 0.06 -7.14
C ASN A 103 7.59 1.20 -8.02
N ALA A 104 6.66 1.97 -7.47
CA ALA A 104 6.06 3.07 -8.20
C ALA A 104 5.96 4.32 -7.34
N LEU A 105 6.39 5.45 -7.90
CA LEU A 105 6.36 6.71 -7.18
C LEU A 105 5.17 7.56 -7.63
N ASP A 106 5.08 8.77 -7.09
CA ASP A 106 3.98 9.67 -7.42
C ASP A 106 4.42 10.70 -8.47
N SER A 107 5.19 10.25 -9.44
CA SER A 107 5.67 11.13 -10.50
C SER A 107 6.82 12.01 -10.00
N THR A 108 7.35 11.67 -8.83
CA THR A 108 8.45 12.43 -8.25
C THR A 108 9.71 11.58 -8.14
N GLY A 109 9.67 10.39 -8.74
CA GLY A 109 10.81 9.50 -8.70
C GLY A 109 11.16 9.07 -7.29
N SER A 110 10.24 9.31 -6.36
CA SER A 110 10.47 8.94 -4.96
C SER A 110 9.79 7.62 -4.63
N LEU A 111 10.55 6.52 -4.77
CA LEU A 111 10.02 5.20 -4.49
C LEU A 111 9.38 5.15 -3.11
N PRO A 112 8.32 4.35 -2.95
CA PRO A 112 7.61 4.20 -1.68
C PRO A 112 8.55 3.99 -0.51
N ILE A 113 9.59 3.19 -0.73
CA ILE A 113 10.57 2.91 0.33
C ILE A 113 11.26 4.19 0.78
N HIS A 114 11.43 5.12 -0.15
CA HIS A 114 12.08 6.39 0.17
C HIS A 114 11.22 7.22 1.13
N LEU A 115 9.92 7.04 1.04
CA LEU A 115 8.99 7.78 1.90
C LEU A 115 9.05 7.25 3.33
N ALA A 116 8.99 5.92 3.47
CA ALA A 116 9.04 5.30 4.78
C ALA A 116 10.24 5.80 5.57
N ILE A 117 11.39 5.84 4.90
CA ILE A 117 12.62 6.31 5.52
C ILE A 117 12.42 7.68 6.15
N ARG A 118 11.66 8.54 5.46
CA ARG A 118 11.40 9.88 5.95
C ARG A 118 10.64 9.84 7.27
N GLU A 119 9.98 8.72 7.55
CA GLU A 119 9.21 8.55 8.77
C GLU A 119 9.85 7.52 9.70
N GLY A 120 10.30 6.41 9.13
CA GLY A 120 10.91 5.36 9.93
C GLY A 120 9.88 4.49 10.61
N HIS A 121 8.62 4.66 10.20
CA HIS A 121 7.52 3.89 10.77
C HIS A 121 7.94 2.45 11.05
N SER A 122 8.21 2.15 12.32
CA SER A 122 8.61 0.81 12.71
C SER A 122 9.47 0.15 11.64
N SER A 123 9.34 -1.18 11.51
CA SER A 123 10.10 -1.92 10.52
C SER A 123 9.59 -1.71 9.09
N VAL A 124 8.68 -0.74 8.91
CA VAL A 124 8.15 -0.47 7.58
C VAL A 124 9.27 -0.17 6.60
N VAL A 125 10.12 0.78 6.96
CA VAL A 125 11.24 1.15 6.13
C VAL A 125 12.07 -0.08 5.77
N SER A 126 12.26 -0.96 6.75
CA SER A 126 13.03 -2.18 6.55
C SER A 126 12.31 -3.11 5.59
N PHE A 127 10.98 -3.11 5.66
CA PHE A 127 10.17 -3.95 4.80
C PHE A 127 10.17 -3.42 3.38
N LEU A 128 9.93 -2.11 3.24
CA LEU A 128 9.91 -1.47 1.93
C LEU A 128 11.31 -1.43 1.34
N ALA A 129 12.31 -1.66 2.19
CA ALA A 129 13.70 -1.65 1.74
C ALA A 129 13.92 -2.61 0.59
N PRO A 130 13.77 -3.92 0.83
CA PRO A 130 13.96 -4.95 -0.20
C PRO A 130 12.78 -5.01 -1.18
N GLU A 131 11.57 -5.13 -0.64
CA GLU A 131 10.38 -5.20 -1.47
C GLU A 131 10.38 -4.09 -2.51
N SER A 132 11.10 -3.01 -2.22
CA SER A 132 11.19 -1.88 -3.13
C SER A 132 12.42 -2.01 -4.01
N ASP A 133 12.93 -0.88 -4.48
CA ASP A 133 14.10 -0.87 -5.34
C ASP A 133 15.34 -0.43 -4.57
N LEU A 134 15.64 -1.14 -3.49
CA LEU A 134 16.80 -0.82 -2.65
C LEU A 134 18.01 -0.51 -3.51
N HIS A 135 18.17 0.75 -3.88
CA HIS A 135 19.29 1.20 -4.70
C HIS A 135 18.94 2.46 -5.47
N HIS A 136 17.66 2.61 -5.80
CA HIS A 136 17.18 3.78 -6.53
C HIS A 136 17.35 5.04 -5.70
N ARG A 137 17.27 6.19 -6.35
CA ARG A 137 17.42 7.48 -5.66
C ARG A 137 16.34 8.46 -6.10
N ASP A 138 15.64 9.03 -5.13
CA ASP A 138 14.59 10.00 -5.42
C ASP A 138 15.10 11.08 -6.37
N ALA A 139 14.17 11.70 -7.10
CA ALA A 139 14.55 12.75 -8.04
C ALA A 139 15.58 13.68 -7.41
N SER A 140 15.55 13.76 -6.09
CA SER A 140 16.47 14.59 -5.33
C SER A 140 17.89 14.04 -5.44
N GLY A 141 18.03 12.74 -5.21
CA GLY A 141 19.33 12.10 -5.29
C GLY A 141 19.78 11.54 -3.95
N LEU A 142 18.97 10.64 -3.39
CA LEU A 142 19.29 10.03 -2.11
C LEU A 142 18.82 8.58 -2.06
N THR A 143 19.75 7.65 -2.19
CA THR A 143 19.44 6.23 -2.16
C THR A 143 18.93 5.81 -0.79
N PRO A 144 18.44 4.57 -0.66
CA PRO A 144 17.93 4.05 0.60
C PRO A 144 18.83 4.40 1.77
N LEU A 145 20.15 4.27 1.57
CA LEU A 145 21.12 4.58 2.60
C LEU A 145 21.24 6.09 2.79
N GLU A 146 21.10 6.83 1.70
CA GLU A 146 21.19 8.29 1.74
C GLU A 146 20.09 8.87 2.62
N LEU A 147 18.84 8.64 2.24
CA LEU A 147 17.71 9.14 3.00
C LEU A 147 17.81 8.73 4.46
N ALA A 148 18.32 7.52 4.70
CA ALA A 148 18.49 7.03 6.06
C ALA A 148 19.47 7.91 6.83
N ARG A 149 20.37 8.56 6.09
CA ARG A 149 21.34 9.45 6.70
C ARG A 149 20.64 10.73 7.13
N GLN A 150 19.80 11.25 6.25
CA GLN A 150 19.04 12.46 6.53
C GLN A 150 17.93 12.12 7.52
N ARG A 151 16.75 11.79 6.99
CA ARG A 151 15.61 11.41 7.82
C ARG A 151 15.78 9.99 8.36
N GLY A 152 16.96 9.67 8.86
CA GLY A 152 17.21 8.34 9.36
C GLY A 152 16.20 7.91 10.39
N ALA A 153 15.48 8.89 10.95
CA ALA A 153 14.47 8.59 11.96
C ALA A 153 15.11 8.00 13.21
N GLN A 154 15.70 6.83 13.04
CA GLN A 154 16.37 6.11 14.11
C GLN A 154 17.44 5.20 13.52
N ASN A 155 17.55 3.98 14.03
CA ASN A 155 18.54 3.03 13.51
C ASN A 155 18.10 2.47 12.14
N LEU A 156 17.04 3.05 11.56
CA LEU A 156 16.53 2.58 10.27
C LEU A 156 17.65 2.50 9.24
N MET A 157 18.60 3.42 9.31
CA MET A 157 19.70 3.42 8.38
C MET A 157 20.36 2.05 8.34
N ASP A 158 20.28 1.33 9.47
CA ASP A 158 20.85 0.00 9.57
C ASP A 158 20.02 -1.03 8.82
N ILE A 159 18.73 -1.08 9.11
CA ILE A 159 17.84 -2.04 8.47
C ILE A 159 17.97 -1.99 6.95
N LEU A 160 18.01 -0.79 6.39
CA LEU A 160 18.14 -0.63 4.94
C LEU A 160 19.56 -0.96 4.48
N GLN A 161 20.48 -1.01 5.43
CA GLN A 161 21.88 -1.32 5.12
C GLN A 161 22.05 -2.79 4.78
N GLY A 162 21.61 -3.67 5.68
CA GLY A 162 21.72 -5.09 5.45
C GLY A 162 20.89 -5.55 4.27
N HIS A 163 19.66 -5.05 4.18
CA HIS A 163 18.77 -5.43 3.08
C HIS A 163 19.25 -4.83 1.76
N MET A 164 20.21 -3.91 1.84
CA MET A 164 20.76 -3.27 0.66
C MET A 164 21.83 -4.14 0.01
N MET A 165 22.56 -3.56 -0.93
CA MET A 165 23.61 -4.28 -1.63
C MET A 165 24.93 -3.51 -1.58
N ILE A 166 24.90 -2.33 -0.97
CA ILE A 166 26.10 -1.49 -0.85
C ILE A 166 26.99 -1.62 -2.08
N PRO A 167 26.43 -1.35 -3.27
CA PRO A 167 27.17 -1.43 -4.52
C PRO A 167 28.16 -0.28 -4.69
N MET A 168 28.21 0.60 -3.70
CA MET A 168 29.10 1.74 -3.74
C MET A 168 29.91 1.84 -2.45
N GLY A 1 -29.12 9.01 -23.17
CA GLY A 1 -28.46 9.17 -21.85
C GLY A 1 -29.45 9.42 -20.73
N SER A 2 -29.78 8.36 -19.99
CA SER A 2 -30.72 8.47 -18.88
C SER A 2 -30.06 8.08 -17.57
N MET A 3 -28.82 8.54 -17.37
CA MET A 3 -28.08 8.23 -16.16
C MET A 3 -27.60 6.78 -16.15
N LEU A 4 -28.53 5.86 -15.93
CA LEU A 4 -28.20 4.43 -15.90
C LEU A 4 -27.17 4.13 -14.83
N LEU A 5 -26.83 2.86 -14.68
CA LEU A 5 -25.86 2.43 -13.68
C LEU A 5 -24.81 1.50 -14.29
N GLU A 6 -23.68 1.38 -13.61
CA GLU A 6 -22.60 0.52 -14.09
C GLU A 6 -22.28 -0.59 -13.08
N GLU A 7 -23.33 -1.23 -12.57
CA GLU A 7 -23.16 -2.30 -11.59
C GLU A 7 -22.53 -1.77 -10.31
N VAL A 8 -22.90 -0.56 -9.93
CA VAL A 8 -22.36 0.06 -8.72
C VAL A 8 -23.12 -0.40 -7.48
N CYS A 9 -24.26 -1.05 -7.70
CA CYS A 9 -25.09 -1.54 -6.60
C CYS A 9 -24.21 -2.02 -5.45
N VAL A 10 -23.08 -2.64 -5.79
CA VAL A 10 -22.16 -3.16 -4.78
C VAL A 10 -20.88 -2.34 -4.75
N GLY A 11 -20.63 -1.62 -5.84
CA GLY A 11 -19.42 -0.81 -5.93
C GLY A 11 -19.22 0.05 -4.69
N ASP A 12 -20.29 0.30 -3.95
CA ASP A 12 -20.22 1.11 -2.74
C ASP A 12 -20.60 0.28 -1.52
N ARG A 13 -20.35 -1.02 -1.58
CA ARG A 13 -20.67 -1.91 -0.46
C ARG A 13 -19.40 -2.41 0.22
N LEU A 14 -18.71 -3.34 -0.43
CA LEU A 14 -17.48 -3.89 0.12
C LEU A 14 -16.35 -2.86 0.09
N SER A 15 -16.34 -2.03 -0.95
CA SER A 15 -15.32 -1.00 -1.09
C SER A 15 -15.34 -0.06 0.11
N GLY A 16 -16.54 0.27 0.58
CA GLY A 16 -16.67 1.15 1.72
C GLY A 16 -16.31 0.47 3.02
N ALA A 17 -16.71 -0.78 3.17
CA ALA A 17 -16.42 -1.55 4.37
C ALA A 17 -14.93 -1.85 4.49
N ALA A 18 -14.33 -2.30 3.39
CA ALA A 18 -12.91 -2.61 3.37
C ALA A 18 -12.09 -1.43 3.87
N ALA A 19 -12.47 -0.23 3.44
CA ALA A 19 -11.77 0.98 3.85
C ALA A 19 -12.07 1.33 5.30
N ARG A 20 -13.15 0.77 5.82
CA ARG A 20 -13.55 1.02 7.21
C ARG A 20 -12.62 0.31 8.17
N GLY A 21 -12.05 -0.80 7.72
CA GLY A 21 -11.13 -1.56 8.56
C GLY A 21 -11.86 -2.40 9.59
N ASP A 22 -12.62 -3.39 9.13
CA ASP A 22 -13.36 -4.27 10.01
C ASP A 22 -13.17 -5.72 9.59
N VAL A 23 -12.18 -6.38 10.20
CA VAL A 23 -11.89 -7.78 9.89
C VAL A 23 -13.15 -8.62 10.02
N GLN A 24 -14.11 -8.12 10.78
CA GLN A 24 -15.37 -8.83 10.99
C GLN A 24 -16.24 -8.79 9.74
N GLU A 25 -16.54 -7.57 9.28
CA GLU A 25 -17.37 -7.38 8.09
C GLU A 25 -16.62 -7.74 6.82
N VAL A 26 -15.30 -7.56 6.82
CA VAL A 26 -14.49 -7.86 5.65
C VAL A 26 -14.74 -9.28 5.15
N ARG A 27 -14.77 -10.24 6.07
CA ARG A 27 -14.99 -11.63 5.73
C ARG A 27 -16.46 -11.86 5.35
N ARG A 28 -17.36 -11.33 6.17
CA ARG A 28 -18.79 -11.49 5.92
C ARG A 28 -19.16 -11.02 4.51
N LEU A 29 -18.43 -10.03 4.02
CA LEU A 29 -18.67 -9.50 2.68
C LEU A 29 -18.18 -10.47 1.61
N LEU A 30 -16.87 -10.56 1.47
CA LEU A 30 -16.27 -11.44 0.47
C LEU A 30 -16.38 -12.92 0.87
N HIS A 31 -16.06 -13.21 2.13
CA HIS A 31 -16.11 -14.58 2.63
C HIS A 31 -17.55 -15.07 2.75
N ARG A 32 -18.52 -14.17 2.66
CA ARG A 32 -19.93 -14.54 2.76
C ARG A 32 -20.76 -13.87 1.67
N GLU A 33 -21.01 -12.58 1.84
CA GLU A 33 -21.79 -11.81 0.87
C GLU A 33 -21.36 -12.15 -0.56
N LEU A 34 -20.12 -12.59 -0.72
CA LEU A 34 -19.60 -12.92 -2.04
C LEU A 34 -19.35 -11.66 -2.85
N VAL A 35 -19.38 -10.52 -2.17
CA VAL A 35 -19.16 -9.23 -2.81
C VAL A 35 -17.98 -9.28 -3.77
N HIS A 36 -17.95 -8.35 -4.72
CA HIS A 36 -16.87 -8.29 -5.70
C HIS A 36 -15.78 -7.31 -5.25
N PRO A 37 -14.51 -7.66 -5.49
CA PRO A 37 -13.37 -6.81 -5.12
C PRO A 37 -13.29 -5.56 -5.98
N ASP A 38 -13.87 -5.63 -7.18
CA ASP A 38 -13.85 -4.50 -8.10
C ASP A 38 -15.03 -3.56 -7.84
N ALA A 39 -15.37 -3.38 -6.57
CA ALA A 39 -16.48 -2.50 -6.19
C ALA A 39 -16.05 -1.05 -6.23
N LEU A 40 -16.83 -0.22 -6.94
CA LEU A 40 -16.52 1.19 -7.06
C LEU A 40 -17.68 2.06 -6.57
N ASN A 41 -17.36 3.07 -5.76
CA ASN A 41 -18.36 3.97 -5.23
C ASN A 41 -19.06 4.73 -6.36
N ARG A 42 -19.83 5.75 -5.99
CA ARG A 42 -20.53 6.56 -6.96
C ARG A 42 -19.57 7.43 -7.77
N PHE A 43 -18.29 7.39 -7.40
CA PHE A 43 -17.27 8.16 -8.09
C PHE A 43 -16.52 7.30 -9.10
N GLY A 44 -15.72 6.36 -8.59
CA GLY A 44 -14.95 5.49 -9.45
C GLY A 44 -13.61 5.09 -8.85
N LYS A 45 -13.65 4.32 -7.77
CA LYS A 45 -12.44 3.88 -7.10
C LYS A 45 -12.59 2.44 -6.61
N THR A 46 -11.49 1.70 -6.62
CA THR A 46 -11.50 0.30 -6.18
C THR A 46 -11.34 0.22 -4.66
N ALA A 47 -11.88 -0.85 -4.08
CA ALA A 47 -11.79 -1.05 -2.64
C ALA A 47 -10.35 -0.96 -2.16
N LEU A 48 -9.48 -1.75 -2.76
CA LEU A 48 -8.06 -1.76 -2.39
C LEU A 48 -7.49 -0.34 -2.45
N GLN A 49 -8.05 0.48 -3.35
CA GLN A 49 -7.60 1.85 -3.50
C GLN A 49 -8.07 2.71 -2.33
N VAL A 50 -9.26 2.39 -1.83
CA VAL A 50 -9.83 3.14 -0.71
C VAL A 50 -9.46 2.49 0.62
N MET A 51 -9.18 1.19 0.59
CA MET A 51 -8.80 0.46 1.78
C MET A 51 -7.94 1.32 2.70
N MET A 52 -8.21 1.25 4.00
CA MET A 52 -7.46 2.03 4.98
C MET A 52 -6.34 1.20 5.59
N PHE A 53 -6.10 0.02 5.02
CA PHE A 53 -5.06 -0.88 5.52
C PHE A 53 -5.15 -1.03 7.03
N GLY A 54 -6.34 -0.78 7.58
CA GLY A 54 -6.52 -0.89 9.02
C GLY A 54 -6.29 -2.31 9.51
N SER A 55 -7.02 -3.27 8.94
CA SER A 55 -6.88 -4.67 9.33
C SER A 55 -5.97 -5.41 8.37
N PRO A 56 -5.21 -6.39 8.87
CA PRO A 56 -4.28 -7.18 8.06
C PRO A 56 -4.99 -8.29 7.29
N ALA A 57 -5.93 -8.96 7.95
CA ALA A 57 -6.67 -10.04 7.32
C ALA A 57 -7.51 -9.54 6.15
N VAL A 58 -7.95 -8.29 6.22
CA VAL A 58 -8.76 -7.70 5.18
C VAL A 58 -7.97 -7.61 3.88
N ALA A 59 -6.65 -7.45 4.00
CA ALA A 59 -5.78 -7.35 2.84
C ALA A 59 -5.81 -8.64 2.02
N LEU A 60 -5.77 -9.77 2.72
CA LEU A 60 -5.78 -11.08 2.08
C LEU A 60 -7.09 -11.29 1.32
N GLU A 61 -8.18 -10.76 1.86
CA GLU A 61 -9.50 -10.90 1.23
C GLU A 61 -9.53 -10.23 -0.13
N LEU A 62 -9.44 -8.90 -0.14
CA LEU A 62 -9.46 -8.13 -1.39
C LEU A 62 -8.26 -8.49 -2.27
N LEU A 63 -7.12 -8.77 -1.64
CA LEU A 63 -5.91 -9.12 -2.38
C LEU A 63 -6.11 -10.42 -3.16
N LYS A 64 -6.33 -11.51 -2.44
CA LYS A 64 -6.54 -12.81 -3.06
C LYS A 64 -7.79 -12.81 -3.94
N GLN A 65 -8.66 -11.83 -3.72
CA GLN A 65 -9.89 -11.71 -4.49
C GLN A 65 -9.59 -11.56 -5.98
N GLY A 66 -8.75 -10.59 -6.31
CA GLY A 66 -8.40 -10.35 -7.69
C GLY A 66 -8.22 -8.87 -8.01
N ALA A 67 -8.68 -8.02 -7.10
CA ALA A 67 -8.57 -6.58 -7.27
C ALA A 67 -7.11 -6.15 -7.41
N SER A 68 -6.68 -5.95 -8.65
CA SER A 68 -5.31 -5.54 -8.92
C SER A 68 -4.86 -4.47 -7.93
N PRO A 69 -3.78 -4.74 -7.18
CA PRO A 69 -3.24 -3.80 -6.19
C PRO A 69 -2.55 -2.61 -6.85
N ASN A 70 -2.15 -2.77 -8.10
CA ASN A 70 -1.47 -1.71 -8.84
C ASN A 70 -2.49 -0.72 -9.42
N VAL A 71 -2.88 0.26 -8.60
CA VAL A 71 -3.84 1.26 -9.03
C VAL A 71 -3.40 2.67 -8.62
N GLN A 72 -3.48 3.61 -9.55
CA GLN A 72 -3.09 4.98 -9.29
C GLN A 72 -4.06 5.96 -9.93
N ASP A 73 -4.10 7.18 -9.41
CA ASP A 73 -4.99 8.21 -9.94
C ASP A 73 -4.20 9.48 -10.29
N ALA A 74 -3.87 9.62 -11.57
CA ALA A 74 -3.13 10.78 -12.04
C ALA A 74 -1.81 10.93 -11.31
N SER A 75 -1.85 11.49 -10.10
CA SER A 75 -0.65 11.68 -9.29
C SER A 75 0.29 10.50 -9.43
N GLY A 76 -0.21 9.30 -9.16
CA GLY A 76 0.60 8.10 -9.27
C GLY A 76 0.84 7.44 -7.93
N THR A 77 -0.17 7.52 -7.05
CA THR A 77 -0.07 6.92 -5.72
C THR A 77 -0.96 5.68 -5.63
N SER A 78 -0.38 4.58 -5.16
CA SER A 78 -1.12 3.33 -5.01
C SER A 78 -1.30 2.98 -3.54
N PRO A 79 -2.12 1.94 -3.27
CA PRO A 79 -2.40 1.49 -1.89
C PRO A 79 -1.12 1.20 -1.12
N VAL A 80 -0.09 0.75 -1.82
CA VAL A 80 1.18 0.43 -1.20
C VAL A 80 1.84 1.68 -0.62
N HIS A 81 1.69 2.80 -1.31
CA HIS A 81 2.26 4.06 -0.86
C HIS A 81 1.65 4.51 0.46
N ASP A 82 0.32 4.47 0.53
CA ASP A 82 -0.40 4.88 1.74
C ASP A 82 0.00 4.02 2.93
N ALA A 83 -0.07 2.71 2.76
CA ALA A 83 0.28 1.78 3.82
C ALA A 83 1.65 2.09 4.40
N ALA A 84 2.53 2.63 3.58
CA ALA A 84 3.88 2.98 4.02
C ALA A 84 3.88 4.21 4.92
N ARG A 85 3.50 5.36 4.35
CA ARG A 85 3.46 6.61 5.10
C ARG A 85 2.43 6.56 6.21
N THR A 86 1.37 5.79 6.01
CA THR A 86 0.30 5.67 7.00
C THR A 86 0.75 4.84 8.20
N GLY A 87 1.98 4.38 8.18
CA GLY A 87 2.49 3.57 9.28
C GLY A 87 1.58 2.40 9.60
N PHE A 88 1.71 1.34 8.83
CA PHE A 88 0.90 0.15 9.02
C PHE A 88 1.62 -1.09 8.49
N LEU A 89 2.79 -1.36 9.06
CA LEU A 89 3.59 -2.51 8.64
C LEU A 89 2.76 -3.80 8.65
N ASP A 90 1.64 -3.78 9.37
CA ASP A 90 0.77 -4.94 9.46
C ASP A 90 0.34 -5.42 8.08
N THR A 91 -0.39 -4.57 7.36
CA THR A 91 -0.87 -4.91 6.03
C THR A 91 0.26 -4.89 5.01
N LEU A 92 1.42 -4.41 5.43
CA LEU A 92 2.58 -4.34 4.55
C LEU A 92 3.17 -5.72 4.30
N LYS A 93 3.67 -6.35 5.35
CA LYS A 93 4.26 -7.67 5.23
C LYS A 93 3.24 -8.64 4.64
N VAL A 94 1.97 -8.29 4.81
CA VAL A 94 0.87 -9.08 4.29
C VAL A 94 0.71 -8.87 2.79
N LEU A 95 0.00 -7.80 2.44
CA LEU A 95 -0.27 -7.46 1.04
C LEU A 95 0.95 -6.85 0.32
N VAL A 96 1.63 -5.92 0.98
CA VAL A 96 2.79 -5.26 0.37
C VAL A 96 3.97 -6.21 0.17
N GLU A 97 3.81 -7.45 0.63
CA GLU A 97 4.88 -8.44 0.48
C GLU A 97 5.00 -8.90 -0.96
N HIS A 98 3.85 -9.15 -1.59
CA HIS A 98 3.83 -9.60 -2.98
C HIS A 98 4.38 -8.53 -3.91
N GLY A 99 4.09 -7.27 -3.62
CA GLY A 99 4.57 -6.19 -4.44
C GLY A 99 3.60 -5.03 -4.51
N ALA A 100 2.34 -5.32 -4.80
CA ALA A 100 1.31 -4.30 -4.89
C ALA A 100 1.87 -3.01 -5.49
N ASP A 101 2.86 -3.15 -6.37
CA ASP A 101 3.47 -2.00 -7.02
C ASP A 101 4.35 -1.24 -6.02
N VAL A 102 5.30 -1.93 -5.42
CA VAL A 102 6.20 -1.32 -4.46
C VAL A 102 7.32 -0.55 -5.15
N ASN A 103 7.28 -0.53 -6.48
CA ASN A 103 8.31 0.17 -7.26
C ASN A 103 7.69 1.32 -8.04
N ALA A 104 6.79 2.04 -7.40
CA ALA A 104 6.12 3.18 -8.04
C ALA A 104 6.27 4.45 -7.19
N LEU A 105 5.95 5.58 -7.79
CA LEU A 105 6.05 6.87 -7.09
C LEU A 105 5.09 7.89 -7.69
N ASP A 106 4.80 8.93 -6.92
CA ASP A 106 3.89 9.98 -7.38
C ASP A 106 4.65 11.03 -8.20
N SER A 107 4.90 10.70 -9.46
CA SER A 107 5.62 11.61 -10.35
C SER A 107 7.13 11.47 -10.17
N THR A 108 7.58 11.64 -8.93
CA THR A 108 9.00 11.52 -8.63
C THR A 108 9.24 11.61 -7.12
N GLY A 109 8.27 11.11 -6.34
CA GLY A 109 8.39 11.14 -4.90
C GLY A 109 9.33 10.07 -4.37
N SER A 110 9.85 9.24 -5.28
CA SER A 110 10.76 8.17 -4.90
C SER A 110 10.00 6.93 -4.47
N LEU A 111 10.68 5.78 -4.52
CA LEU A 111 10.06 4.52 -4.13
C LEU A 111 9.28 4.67 -2.83
N PRO A 112 8.32 3.77 -2.58
CA PRO A 112 7.50 3.81 -1.37
C PRO A 112 8.34 3.86 -0.09
N ILE A 113 9.45 3.12 -0.10
CA ILE A 113 10.35 3.08 1.05
C ILE A 113 10.85 4.48 1.39
N HIS A 114 11.19 5.24 0.36
CA HIS A 114 11.70 6.60 0.55
C HIS A 114 10.74 7.42 1.42
N LEU A 115 9.45 7.11 1.31
CA LEU A 115 8.43 7.81 2.09
C LEU A 115 8.50 7.38 3.56
N ALA A 116 8.42 6.08 3.80
CA ALA A 116 8.48 5.55 5.15
C ALA A 116 9.73 6.05 5.86
N ILE A 117 10.80 6.25 5.09
CA ILE A 117 12.05 6.74 5.64
C ILE A 117 11.86 8.13 6.25
N ARG A 118 11.10 8.96 5.56
CA ARG A 118 10.83 10.32 6.03
C ARG A 118 10.07 10.29 7.35
N GLU A 119 9.39 9.17 7.62
CA GLU A 119 8.62 9.00 8.84
C GLU A 119 9.45 8.31 9.91
N GLY A 120 10.04 7.17 9.56
CA GLY A 120 10.85 6.42 10.51
C GLY A 120 10.04 5.42 11.31
N HIS A 121 8.90 5.01 10.77
CA HIS A 121 8.03 4.05 11.44
C HIS A 121 8.84 2.88 11.97
N SER A 122 9.99 2.63 11.34
CA SER A 122 10.86 1.54 11.75
C SER A 122 10.43 0.23 11.09
N SER A 123 9.21 -0.19 11.37
CA SER A 123 8.68 -1.42 10.81
C SER A 123 8.36 -1.26 9.32
N VAL A 124 7.77 -0.13 8.97
CA VAL A 124 7.41 0.15 7.59
C VAL A 124 8.65 0.33 6.72
N VAL A 125 9.48 1.31 7.06
CA VAL A 125 10.69 1.58 6.30
C VAL A 125 11.55 0.32 6.15
N SER A 126 11.92 -0.27 7.28
CA SER A 126 12.74 -1.48 7.28
C SER A 126 12.13 -2.55 6.38
N PHE A 127 10.81 -2.63 6.39
CA PHE A 127 10.10 -3.61 5.58
C PHE A 127 10.16 -3.24 4.11
N LEU A 128 9.72 -2.02 3.79
CA LEU A 128 9.73 -1.53 2.41
C LEU A 128 11.15 -1.47 1.88
N ALA A 129 12.12 -1.46 2.79
CA ALA A 129 13.52 -1.40 2.40
C ALA A 129 13.86 -2.50 1.41
N PRO A 130 13.87 -3.76 1.87
CA PRO A 130 14.17 -4.91 1.02
C PRO A 130 13.09 -5.18 -0.01
N GLU A 131 11.86 -4.76 0.31
CA GLU A 131 10.73 -4.96 -0.59
C GLU A 131 10.59 -3.79 -1.57
N SER A 132 11.73 -3.25 -1.99
CA SER A 132 11.74 -2.13 -2.92
C SER A 132 13.14 -1.87 -3.45
N ASP A 133 13.26 -1.66 -4.76
CA ASP A 133 14.55 -1.40 -5.39
C ASP A 133 15.45 -0.57 -4.46
N LEU A 134 16.33 -1.24 -3.74
CA LEU A 134 17.23 -0.57 -2.83
C LEU A 134 18.32 0.18 -3.59
N HIS A 135 17.91 1.07 -4.47
CA HIS A 135 18.86 1.84 -5.26
C HIS A 135 18.23 3.14 -5.76
N HIS A 136 16.97 3.07 -6.15
CA HIS A 136 16.25 4.25 -6.65
C HIS A 136 16.27 5.37 -5.61
N ARG A 137 16.39 6.61 -6.09
CA ARG A 137 16.43 7.77 -5.20
C ARG A 137 15.34 8.78 -5.59
N ASP A 138 15.10 9.75 -4.73
CA ASP A 138 14.11 10.78 -4.98
C ASP A 138 14.60 11.79 -6.00
N ALA A 139 13.69 12.59 -6.51
CA ALA A 139 14.04 13.62 -7.50
C ALA A 139 15.22 14.45 -7.00
N SER A 140 15.39 14.44 -5.68
CA SER A 140 16.46 15.18 -5.03
C SER A 140 17.80 14.49 -5.26
N GLY A 141 17.90 13.25 -4.82
CA GLY A 141 19.13 12.50 -4.97
C GLY A 141 19.47 11.69 -3.72
N LEU A 142 18.46 11.09 -3.12
CA LEU A 142 18.66 10.30 -1.91
C LEU A 142 18.15 8.87 -2.10
N THR A 143 19.02 7.90 -1.85
CA THR A 143 18.67 6.49 -1.99
C THR A 143 18.31 5.88 -0.64
N PRO A 144 18.07 4.56 -0.60
CA PRO A 144 17.72 3.86 0.64
C PRO A 144 18.65 4.19 1.78
N LEU A 145 19.95 3.95 1.57
CA LEU A 145 20.95 4.23 2.60
C LEU A 145 21.11 5.73 2.82
N GLU A 146 21.10 6.49 1.73
CA GLU A 146 21.25 7.94 1.80
C GLU A 146 20.23 8.54 2.77
N LEU A 147 18.95 8.44 2.41
CA LEU A 147 17.87 8.98 3.24
C LEU A 147 17.98 8.44 4.65
N ALA A 148 18.34 7.17 4.78
CA ALA A 148 18.48 6.53 6.08
C ALA A 148 19.75 7.02 6.77
N ARG A 149 20.73 7.42 5.98
CA ARG A 149 22.00 7.91 6.50
C ARG A 149 21.80 9.25 7.20
N GLN A 150 21.10 10.16 6.53
CA GLN A 150 20.82 11.47 7.09
C GLN A 150 19.90 11.35 8.29
N ARG A 151 18.63 11.08 8.02
CA ARG A 151 17.66 10.91 9.09
C ARG A 151 17.85 9.56 9.75
N GLY A 152 19.05 9.33 10.26
CA GLY A 152 19.37 8.08 10.91
C GLY A 152 18.66 7.95 12.24
N ALA A 153 17.34 8.08 12.20
CA ALA A 153 16.53 7.97 13.42
C ALA A 153 17.15 7.00 14.41
N GLN A 154 17.78 5.95 13.88
CA GLN A 154 18.43 4.94 14.71
C GLN A 154 18.95 3.80 13.84
N ASN A 155 18.39 2.60 13.99
CA ASN A 155 18.82 1.45 13.19
C ASN A 155 18.29 1.53 11.76
N LEU A 156 17.67 2.66 11.42
CA LEU A 156 17.10 2.84 10.08
C LEU A 156 18.11 2.53 9.00
N MET A 157 19.19 3.30 8.94
CA MET A 157 20.22 3.10 7.95
C MET A 157 20.71 1.66 7.99
N ASP A 158 20.63 1.05 9.17
CA ASP A 158 21.06 -0.33 9.35
C ASP A 158 20.07 -1.33 8.75
N ILE A 159 18.79 -1.19 9.11
CA ILE A 159 17.77 -2.10 8.62
C ILE A 159 17.81 -2.22 7.10
N LEU A 160 17.99 -1.08 6.42
CA LEU A 160 18.06 -1.07 4.97
C LEU A 160 19.38 -1.62 4.46
N GLN A 161 20.48 -1.18 5.09
CA GLN A 161 21.82 -1.62 4.71
C GLN A 161 21.91 -3.15 4.70
N GLY A 162 21.47 -3.77 5.79
CA GLY A 162 21.53 -5.22 5.89
C GLY A 162 20.68 -5.90 4.83
N HIS A 163 19.47 -5.39 4.63
CA HIS A 163 18.56 -5.94 3.64
C HIS A 163 19.00 -5.59 2.23
N MET A 164 20.02 -4.74 2.12
CA MET A 164 20.54 -4.33 0.82
C MET A 164 21.14 -5.52 0.07
N MET A 165 21.46 -5.31 -1.21
CA MET A 165 22.03 -6.37 -2.03
C MET A 165 23.51 -6.54 -1.75
N ILE A 166 23.85 -7.41 -0.81
CA ILE A 166 25.23 -7.66 -0.44
C ILE A 166 25.42 -9.09 0.07
N PRO A 167 25.49 -10.06 -0.85
CA PRO A 167 25.66 -11.48 -0.51
C PRO A 167 26.86 -11.70 0.41
N MET A 168 27.17 -12.97 0.68
CA MET A 168 28.29 -13.32 1.55
C MET A 168 28.32 -12.43 2.79
N GLY A 1 -33.12 6.48 -22.77
CA GLY A 1 -33.78 7.39 -21.80
C GLY A 1 -33.17 8.78 -21.80
N SER A 2 -32.63 9.18 -20.65
CA SER A 2 -32.01 10.49 -20.52
C SER A 2 -30.74 10.42 -19.67
N MET A 3 -29.61 10.28 -20.34
CA MET A 3 -28.32 10.20 -19.66
C MET A 3 -28.11 8.81 -19.06
N LEU A 4 -27.49 7.92 -19.83
CA LEU A 4 -27.23 6.56 -19.38
C LEU A 4 -25.73 6.29 -19.27
N LEU A 5 -25.21 6.37 -18.05
CA LEU A 5 -23.78 6.14 -17.82
C LEU A 5 -23.46 6.22 -16.32
N GLU A 6 -23.92 5.23 -15.57
CA GLU A 6 -23.68 5.18 -14.13
C GLU A 6 -23.67 3.75 -13.63
N GLU A 7 -22.48 3.19 -13.44
CA GLU A 7 -22.33 1.82 -12.95
C GLU A 7 -21.50 1.79 -11.68
N VAL A 8 -22.11 2.20 -10.57
CA VAL A 8 -21.43 2.22 -9.28
C VAL A 8 -22.23 1.46 -8.22
N CYS A 9 -23.25 0.73 -8.68
CA CYS A 9 -24.09 -0.05 -7.78
C CYS A 9 -23.23 -0.84 -6.79
N VAL A 10 -23.16 -0.35 -5.56
CA VAL A 10 -22.37 -1.00 -4.51
C VAL A 10 -20.89 -0.66 -4.64
N GLY A 11 -20.53 0.03 -5.71
CA GLY A 11 -19.16 0.41 -5.93
C GLY A 11 -18.52 1.02 -4.68
N ASP A 12 -19.31 1.75 -3.91
CA ASP A 12 -18.83 2.38 -2.69
C ASP A 12 -19.35 1.64 -1.46
N ARG A 13 -19.60 0.34 -1.62
CA ARG A 13 -20.09 -0.48 -0.52
C ARG A 13 -18.94 -1.18 0.20
N LEU A 14 -18.15 -1.94 -0.56
CA LEU A 14 -17.01 -2.66 0.00
C LEU A 14 -15.88 -1.70 0.35
N SER A 15 -15.65 -0.73 -0.54
CA SER A 15 -14.59 0.26 -0.31
C SER A 15 -14.79 1.00 1.00
N GLY A 16 -16.05 1.22 1.35
CA GLY A 16 -16.35 1.92 2.60
C GLY A 16 -16.11 1.06 3.82
N ALA A 17 -16.69 -0.13 3.85
CA ALA A 17 -16.53 -1.04 4.97
C ALA A 17 -15.13 -1.65 4.98
N ALA A 18 -14.64 -2.00 3.80
CA ALA A 18 -13.31 -2.60 3.67
C ALA A 18 -12.22 -1.60 4.04
N ALA A 19 -12.30 -0.41 3.44
CA ALA A 19 -11.31 0.64 3.71
C ALA A 19 -11.45 1.17 5.13
N ARG A 20 -12.55 0.80 5.79
CA ARG A 20 -12.80 1.23 7.16
C ARG A 20 -11.80 0.60 8.12
N GLY A 21 -11.55 -0.69 7.94
CA GLY A 21 -10.62 -1.39 8.81
C GLY A 21 -11.31 -2.30 9.80
N ASP A 22 -12.07 -3.27 9.28
CA ASP A 22 -12.79 -4.21 10.13
C ASP A 22 -12.70 -5.62 9.57
N VAL A 23 -11.75 -6.39 10.06
CA VAL A 23 -11.56 -7.76 9.60
C VAL A 23 -12.85 -8.56 9.73
N GLN A 24 -13.77 -8.06 10.56
CA GLN A 24 -15.04 -8.72 10.78
C GLN A 24 -15.95 -8.57 9.55
N GLU A 25 -16.17 -7.33 9.14
CA GLU A 25 -17.03 -7.04 7.99
C GLU A 25 -16.35 -7.42 6.68
N VAL A 26 -15.04 -7.21 6.62
CA VAL A 26 -14.27 -7.53 5.41
C VAL A 26 -14.52 -8.97 4.96
N ARG A 27 -14.54 -9.89 5.92
CA ARG A 27 -14.75 -11.30 5.61
C ARG A 27 -16.20 -11.55 5.19
N ARG A 28 -17.14 -11.07 6.00
CA ARG A 28 -18.56 -11.24 5.71
C ARG A 28 -18.95 -10.46 4.46
N LEU A 29 -18.07 -9.58 4.02
CA LEU A 29 -18.33 -8.77 2.83
C LEU A 29 -18.23 -9.62 1.57
N LEU A 30 -17.01 -10.02 1.23
CA LEU A 30 -16.77 -10.83 0.05
C LEU A 30 -17.24 -12.28 0.25
N HIS A 31 -16.90 -12.85 1.40
CA HIS A 31 -17.28 -14.23 1.70
C HIS A 31 -18.78 -14.36 1.98
N ARG A 32 -19.44 -13.22 2.17
CA ARG A 32 -20.87 -13.21 2.43
C ARG A 32 -21.59 -12.17 1.59
N GLU A 33 -21.50 -10.91 2.01
CA GLU A 33 -22.14 -9.82 1.28
C GLU A 33 -22.04 -10.04 -0.23
N LEU A 34 -20.96 -10.70 -0.65
CA LEU A 34 -20.75 -10.98 -2.06
C LEU A 34 -20.62 -9.68 -2.86
N VAL A 35 -19.85 -8.74 -2.33
CA VAL A 35 -19.65 -7.46 -2.99
C VAL A 35 -18.41 -7.48 -3.87
N HIS A 36 -18.62 -7.44 -5.18
CA HIS A 36 -17.53 -7.46 -6.14
C HIS A 36 -16.43 -6.47 -5.73
N PRO A 37 -15.19 -6.95 -5.60
CA PRO A 37 -14.05 -6.12 -5.21
C PRO A 37 -13.88 -4.91 -6.13
N ASP A 38 -14.19 -5.09 -7.41
CA ASP A 38 -14.07 -4.01 -8.38
C ASP A 38 -14.92 -2.80 -7.97
N ALA A 39 -15.91 -3.04 -7.12
CA ALA A 39 -16.78 -1.98 -6.65
C ALA A 39 -16.03 -0.66 -6.51
N LEU A 40 -16.33 0.28 -7.42
CA LEU A 40 -15.68 1.59 -7.39
C LEU A 40 -16.60 2.64 -6.80
N ASN A 41 -16.07 3.45 -5.90
CA ASN A 41 -16.84 4.50 -5.25
C ASN A 41 -17.11 5.64 -6.23
N ARG A 42 -18.13 6.44 -5.94
CA ARG A 42 -18.50 7.56 -6.79
C ARG A 42 -17.26 8.20 -7.41
N PHE A 43 -16.23 8.39 -6.60
CA PHE A 43 -14.98 9.00 -7.07
C PHE A 43 -14.41 8.22 -8.23
N GLY A 44 -14.31 6.90 -8.08
CA GLY A 44 -13.76 6.06 -9.13
C GLY A 44 -12.53 5.31 -8.69
N LYS A 45 -12.51 4.89 -7.43
CA LYS A 45 -11.37 4.16 -6.88
C LYS A 45 -11.78 2.74 -6.48
N THR A 46 -10.80 1.84 -6.42
CA THR A 46 -11.07 0.46 -6.04
C THR A 46 -11.00 0.28 -4.54
N ALA A 47 -11.82 -0.64 -4.02
CA ALA A 47 -11.86 -0.91 -2.59
C ALA A 47 -10.49 -1.33 -2.07
N LEU A 48 -9.69 -1.93 -2.94
CA LEU A 48 -8.36 -2.39 -2.56
C LEU A 48 -7.42 -1.19 -2.36
N GLN A 49 -7.43 -0.27 -3.32
CA GLN A 49 -6.58 0.91 -3.25
C GLN A 49 -6.92 1.74 -2.01
N VAL A 50 -8.14 1.61 -1.53
CA VAL A 50 -8.58 2.35 -0.35
C VAL A 50 -8.67 1.45 0.87
N MET A 51 -8.63 0.14 0.63
CA MET A 51 -8.71 -0.84 1.72
C MET A 51 -7.86 -0.41 2.90
N MET A 52 -8.32 -0.72 4.11
CA MET A 52 -7.60 -0.37 5.32
C MET A 52 -6.56 -1.43 5.66
N PHE A 53 -5.36 -0.98 6.01
CA PHE A 53 -4.28 -1.90 6.35
C PHE A 53 -4.31 -2.26 7.83
N GLY A 54 -5.18 -1.58 8.59
CA GLY A 54 -5.29 -1.86 10.01
C GLY A 54 -5.44 -3.34 10.29
N SER A 55 -6.24 -4.02 9.47
CA SER A 55 -6.45 -5.45 9.62
C SER A 55 -5.76 -6.22 8.51
N PRO A 56 -4.94 -7.22 8.87
CA PRO A 56 -4.21 -8.03 7.89
C PRO A 56 -5.13 -8.99 7.14
N ALA A 57 -6.16 -9.47 7.82
CA ALA A 57 -7.12 -10.39 7.21
C ALA A 57 -7.86 -9.72 6.06
N VAL A 58 -8.13 -8.43 6.21
CA VAL A 58 -8.82 -7.67 5.19
C VAL A 58 -8.01 -7.65 3.90
N ALA A 59 -6.69 -7.65 4.04
CA ALA A 59 -5.80 -7.63 2.90
C ALA A 59 -5.97 -8.90 2.05
N LEU A 60 -5.63 -10.04 2.65
CA LEU A 60 -5.74 -11.32 1.96
C LEU A 60 -7.20 -11.64 1.62
N GLU A 61 -8.12 -11.16 2.45
CA GLU A 61 -9.54 -11.41 2.24
C GLU A 61 -10.02 -10.78 0.94
N LEU A 62 -10.09 -9.46 0.90
CA LEU A 62 -10.54 -8.74 -0.30
C LEU A 62 -9.60 -8.99 -1.47
N LEU A 63 -8.30 -9.09 -1.17
CA LEU A 63 -7.30 -9.32 -2.21
C LEU A 63 -7.52 -10.68 -2.88
N LYS A 64 -7.91 -11.67 -2.09
CA LYS A 64 -8.15 -13.01 -2.61
C LYS A 64 -9.29 -13.01 -3.61
N GLN A 65 -10.41 -12.39 -3.23
CA GLN A 65 -11.58 -12.32 -4.09
C GLN A 65 -11.17 -12.15 -5.55
N GLY A 66 -10.09 -11.42 -5.78
CA GLY A 66 -9.62 -11.21 -7.13
C GLY A 66 -9.44 -9.74 -7.46
N ALA A 67 -8.87 -8.99 -6.52
CA ALA A 67 -8.66 -7.57 -6.71
C ALA A 67 -7.20 -7.28 -7.06
N SER A 68 -6.96 -6.79 -8.27
CA SER A 68 -5.62 -6.47 -8.72
C SER A 68 -4.86 -5.67 -7.67
N PRO A 69 -3.83 -6.26 -7.06
CA PRO A 69 -3.03 -5.58 -6.03
C PRO A 69 -2.29 -4.37 -6.59
N ASN A 70 -2.10 -4.35 -7.90
CA ASN A 70 -1.41 -3.25 -8.56
C ASN A 70 -2.40 -2.27 -9.19
N VAL A 71 -2.94 -1.37 -8.36
CA VAL A 71 -3.89 -0.38 -8.85
C VAL A 71 -3.35 1.04 -8.72
N GLN A 72 -3.65 1.87 -9.70
CA GLN A 72 -3.18 3.26 -9.70
C GLN A 72 -4.30 4.21 -10.10
N ASP A 73 -4.14 5.49 -9.76
CA ASP A 73 -5.13 6.50 -10.09
C ASP A 73 -4.85 7.12 -11.46
N ALA A 74 -4.07 8.20 -11.48
CA ALA A 74 -3.72 8.87 -12.71
C ALA A 74 -2.21 9.02 -12.85
N SER A 75 -1.48 8.42 -11.92
CA SER A 75 -0.02 8.48 -11.95
C SER A 75 0.59 7.19 -11.43
N GLY A 76 0.46 6.95 -10.13
CA GLY A 76 1.01 5.74 -9.53
C GLY A 76 0.91 5.75 -8.02
N THR A 77 -0.31 5.88 -7.51
CA THR A 77 -0.54 5.90 -6.06
C THR A 77 -1.26 4.64 -5.62
N SER A 78 -0.54 3.51 -5.62
CA SER A 78 -1.10 2.24 -5.20
C SER A 78 -1.35 2.21 -3.70
N PRO A 79 -2.08 1.19 -3.23
CA PRO A 79 -2.39 1.04 -1.81
C PRO A 79 -1.13 0.91 -0.96
N VAL A 80 -0.09 0.31 -1.54
CA VAL A 80 1.17 0.12 -0.85
C VAL A 80 1.75 1.46 -0.40
N HIS A 81 1.67 2.46 -1.26
CA HIS A 81 2.19 3.79 -0.94
C HIS A 81 1.60 4.30 0.38
N ASP A 82 0.31 4.57 0.37
CA ASP A 82 -0.38 5.06 1.57
C ASP A 82 -0.13 4.13 2.74
N ALA A 83 0.10 2.86 2.45
CA ALA A 83 0.35 1.86 3.48
C ALA A 83 1.69 2.10 4.17
N ALA A 84 2.54 2.90 3.54
CA ALA A 84 3.85 3.21 4.08
C ALA A 84 3.76 4.16 5.27
N ARG A 85 3.26 5.37 5.01
CA ARG A 85 3.12 6.37 6.06
C ARG A 85 2.13 5.93 7.13
N THR A 86 1.15 5.12 6.72
CA THR A 86 0.13 4.64 7.64
C THR A 86 0.72 3.67 8.66
N GLY A 87 1.99 3.33 8.48
CA GLY A 87 2.65 2.42 9.40
C GLY A 87 1.80 1.19 9.69
N PHE A 88 1.72 0.28 8.72
CA PHE A 88 0.94 -0.93 8.87
C PHE A 88 1.61 -2.09 8.14
N LEU A 89 2.87 -2.32 8.46
CA LEU A 89 3.63 -3.40 7.84
C LEU A 89 2.90 -4.73 7.96
N ASP A 90 1.98 -4.82 8.93
CA ASP A 90 1.22 -6.04 9.14
C ASP A 90 0.42 -6.39 7.88
N THR A 91 -0.65 -5.63 7.64
CA THR A 91 -1.48 -5.84 6.48
C THR A 91 -0.77 -5.38 5.21
N LEU A 92 0.10 -4.39 5.37
CA LEU A 92 0.86 -3.85 4.25
C LEU A 92 1.72 -4.93 3.59
N LYS A 93 2.64 -5.49 4.37
CA LYS A 93 3.53 -6.53 3.87
C LYS A 93 2.73 -7.67 3.23
N VAL A 94 1.52 -7.89 3.72
CA VAL A 94 0.67 -8.94 3.18
C VAL A 94 0.36 -8.66 1.70
N LEU A 95 -0.34 -7.58 1.45
CA LEU A 95 -0.68 -7.19 0.09
C LEU A 95 0.57 -6.72 -0.66
N VAL A 96 1.52 -6.21 0.11
CA VAL A 96 2.78 -5.72 -0.44
C VAL A 96 3.66 -6.88 -0.88
N GLU A 97 3.94 -7.77 0.05
CA GLU A 97 4.78 -8.92 -0.23
C GLU A 97 4.28 -9.70 -1.45
N HIS A 98 2.96 -9.75 -1.61
CA HIS A 98 2.37 -10.45 -2.74
C HIS A 98 2.80 -9.83 -4.07
N GLY A 99 3.02 -8.52 -4.05
CA GLY A 99 3.43 -7.84 -5.26
C GLY A 99 2.44 -6.79 -5.72
N ALA A 100 2.20 -5.79 -4.88
CA ALA A 100 1.26 -4.72 -5.18
C ALA A 100 1.98 -3.52 -5.77
N ASP A 101 2.91 -3.76 -6.69
CA ASP A 101 3.66 -2.70 -7.32
C ASP A 101 4.32 -1.80 -6.28
N VAL A 102 5.19 -2.40 -5.47
CA VAL A 102 5.88 -1.64 -4.43
C VAL A 102 6.92 -0.68 -5.03
N ASN A 103 7.17 -0.85 -6.33
CA ASN A 103 8.12 0.00 -7.03
C ASN A 103 7.40 1.02 -7.91
N ALA A 104 6.34 1.61 -7.37
CA ALA A 104 5.57 2.60 -8.11
C ALA A 104 5.85 4.01 -7.61
N LEU A 105 5.39 5.00 -8.35
CA LEU A 105 5.59 6.40 -7.98
C LEU A 105 4.39 7.24 -8.41
N ASP A 106 3.94 8.10 -7.50
CA ASP A 106 2.81 8.96 -7.78
C ASP A 106 3.23 10.22 -8.52
N SER A 107 4.05 10.03 -9.56
CA SER A 107 4.54 11.15 -10.36
C SER A 107 5.70 11.85 -9.66
N THR A 108 5.49 12.26 -8.42
CA THR A 108 6.52 12.93 -7.64
C THR A 108 7.85 12.17 -7.71
N GLY A 109 7.76 10.84 -7.70
CA GLY A 109 8.95 10.02 -7.77
C GLY A 109 9.34 9.45 -6.42
N SER A 110 8.53 9.76 -5.40
CA SER A 110 8.80 9.26 -4.06
C SER A 110 8.34 7.82 -3.90
N LEU A 111 9.29 6.89 -3.98
CA LEU A 111 8.98 5.47 -3.86
C LEU A 111 8.27 5.18 -2.53
N PRO A 112 7.40 4.16 -2.52
CA PRO A 112 6.66 3.78 -1.32
C PRO A 112 7.56 3.68 -0.09
N ILE A 113 8.83 3.35 -0.32
CA ILE A 113 9.79 3.22 0.76
C ILE A 113 10.19 4.59 1.30
N HIS A 114 10.16 5.59 0.44
CA HIS A 114 10.52 6.94 0.83
C HIS A 114 9.57 7.48 1.91
N LEU A 115 8.33 7.02 1.86
CA LEU A 115 7.33 7.43 2.83
C LEU A 115 7.68 6.93 4.23
N ALA A 116 7.86 5.61 4.36
CA ALA A 116 8.21 5.03 5.63
C ALA A 116 9.44 5.70 6.20
N ILE A 117 10.38 6.05 5.32
CA ILE A 117 11.61 6.72 5.72
C ILE A 117 11.30 8.03 6.42
N ARG A 118 10.35 8.78 5.86
CA ARG A 118 9.95 10.05 6.44
C ARG A 118 9.32 9.84 7.81
N GLU A 119 8.95 8.60 8.10
CA GLU A 119 8.33 8.25 9.37
C GLU A 119 9.40 7.79 10.37
N GLY A 120 10.15 6.76 9.98
CA GLY A 120 11.19 6.24 10.86
C GLY A 120 10.70 5.07 11.68
N HIS A 121 9.68 4.39 11.17
CA HIS A 121 9.11 3.24 11.85
C HIS A 121 10.20 2.19 12.15
N SER A 122 9.78 0.94 12.32
CA SER A 122 10.73 -0.13 12.61
C SER A 122 11.02 -0.98 11.38
N SER A 123 10.31 -2.10 11.24
CA SER A 123 10.49 -2.99 10.11
C SER A 123 9.91 -2.39 8.82
N VAL A 124 9.03 -1.42 8.98
CA VAL A 124 8.39 -0.77 7.83
C VAL A 124 9.44 -0.18 6.90
N VAL A 125 10.11 0.88 7.34
CA VAL A 125 11.13 1.53 6.53
C VAL A 125 12.16 0.51 6.03
N SER A 126 12.62 -0.35 6.92
CA SER A 126 13.60 -1.37 6.57
C SER A 126 13.00 -2.39 5.61
N PHE A 127 11.71 -2.65 5.77
CA PHE A 127 11.02 -3.62 4.92
C PHE A 127 10.81 -3.06 3.51
N LEU A 128 10.41 -1.80 3.45
CA LEU A 128 10.16 -1.14 2.16
C LEU A 128 11.45 -1.00 1.36
N ALA A 129 12.58 -1.25 2.02
CA ALA A 129 13.88 -1.15 1.37
C ALA A 129 14.04 -2.23 0.30
N PRO A 130 14.03 -3.51 0.72
CA PRO A 130 14.17 -4.65 -0.19
C PRO A 130 13.05 -4.70 -1.23
N GLU A 131 11.81 -4.66 -0.75
CA GLU A 131 10.66 -4.71 -1.64
C GLU A 131 10.77 -3.66 -2.74
N SER A 132 11.51 -2.60 -2.47
CA SER A 132 11.70 -1.52 -3.43
C SER A 132 13.12 -1.53 -3.98
N ASP A 133 13.24 -1.34 -5.30
CA ASP A 133 14.54 -1.32 -5.94
C ASP A 133 15.60 -0.68 -5.04
N LEU A 134 16.42 -1.54 -4.43
CA LEU A 134 17.47 -1.06 -3.54
C LEU A 134 18.46 -0.17 -4.28
N HIS A 135 18.79 0.96 -3.67
CA HIS A 135 19.74 1.90 -4.28
C HIS A 135 19.01 2.87 -5.21
N HIS A 136 17.69 2.90 -5.11
CA HIS A 136 16.87 3.78 -5.94
C HIS A 136 17.17 5.25 -5.63
N ARG A 137 16.67 6.14 -6.48
CA ARG A 137 16.87 7.57 -6.30
C ARG A 137 15.54 8.30 -6.23
N ASP A 138 15.59 9.56 -5.79
CA ASP A 138 14.40 10.38 -5.67
C ASP A 138 14.68 11.81 -6.09
N ALA A 139 13.69 12.48 -6.65
CA ALA A 139 13.85 13.87 -7.09
C ALA A 139 14.65 14.65 -6.06
N SER A 140 14.55 14.23 -4.82
CA SER A 140 15.27 14.88 -3.72
C SER A 140 16.77 14.82 -3.95
N GLY A 141 17.23 13.72 -4.55
CA GLY A 141 18.64 13.55 -4.81
C GLY A 141 19.35 12.79 -3.70
N LEU A 142 18.73 11.71 -3.24
CA LEU A 142 19.30 10.90 -2.18
C LEU A 142 18.82 9.45 -2.27
N THR A 143 19.58 8.54 -1.68
CA THR A 143 19.22 7.12 -1.69
C THR A 143 18.76 6.66 -0.31
N PRO A 144 18.17 5.47 -0.23
CA PRO A 144 17.70 4.89 1.03
C PRO A 144 18.65 5.16 2.19
N LEU A 145 19.93 4.85 1.98
CA LEU A 145 20.94 5.05 3.01
C LEU A 145 21.07 6.52 3.36
N GLU A 146 21.08 7.38 2.34
CA GLU A 146 21.19 8.82 2.54
C GLU A 146 20.08 9.32 3.47
N LEU A 147 18.84 9.21 3.02
CA LEU A 147 17.69 9.65 3.80
C LEU A 147 17.74 9.05 5.20
N ALA A 148 18.13 7.78 5.27
CA ALA A 148 18.21 7.08 6.55
C ALA A 148 19.35 7.65 7.39
N ARG A 149 20.37 8.18 6.72
CA ARG A 149 21.51 8.76 7.40
C ARG A 149 21.13 10.06 8.09
N GLN A 150 20.56 10.98 7.32
CA GLN A 150 20.13 12.27 7.84
C GLN A 150 19.11 12.07 8.95
N ARG A 151 17.94 11.56 8.57
CA ARG A 151 16.88 11.30 9.52
C ARG A 151 17.23 10.05 10.32
N GLY A 152 18.35 10.11 11.01
CA GLY A 152 18.81 8.98 11.81
C GLY A 152 17.91 8.69 12.98
N ALA A 153 16.62 8.53 12.70
CA ALA A 153 15.65 8.23 13.74
C ALA A 153 16.26 7.26 14.76
N GLN A 154 17.16 6.42 14.28
CA GLN A 154 17.83 5.44 15.12
C GLN A 154 18.62 4.46 14.24
N ASN A 155 18.25 3.17 14.26
CA ASN A 155 18.94 2.18 13.44
C ASN A 155 18.52 2.27 11.96
N LEU A 156 17.83 3.36 11.59
CA LEU A 156 17.36 3.53 10.23
C LEU A 156 18.50 3.34 9.23
N MET A 157 19.48 4.24 9.27
CA MET A 157 20.61 4.15 8.37
C MET A 157 21.26 2.78 8.47
N ASP A 158 20.99 2.09 9.57
CA ASP A 158 21.54 0.77 9.81
C ASP A 158 20.84 -0.28 8.94
N ILE A 159 19.55 -0.49 9.18
CA ILE A 159 18.78 -1.46 8.41
C ILE A 159 18.95 -1.23 6.91
N LEU A 160 19.21 0.02 6.54
CA LEU A 160 19.38 0.38 5.14
C LEU A 160 20.72 -0.11 4.61
N GLN A 161 21.76 0.01 5.43
CA GLN A 161 23.10 -0.42 5.04
C GLN A 161 23.20 -1.94 5.04
N GLY A 162 22.59 -2.57 6.04
CA GLY A 162 22.63 -4.02 6.13
C GLY A 162 21.84 -4.70 5.04
N HIS A 163 20.60 -4.27 4.85
CA HIS A 163 19.75 -4.84 3.82
C HIS A 163 20.33 -4.60 2.43
N MET A 164 20.74 -3.36 2.17
CA MET A 164 21.31 -2.99 0.89
C MET A 164 22.72 -3.55 0.74
N MET A 165 22.83 -4.66 0.02
CA MET A 165 24.13 -5.30 -0.19
C MET A 165 25.13 -4.32 -0.82
N ILE A 166 26.09 -3.89 -0.01
CA ILE A 166 27.10 -2.94 -0.48
C ILE A 166 28.38 -3.06 0.35
N PRO A 167 29.03 -4.23 0.31
CA PRO A 167 30.26 -4.47 1.06
C PRO A 167 31.33 -3.42 0.77
N MET A 168 32.07 -3.04 1.81
CA MET A 168 33.12 -2.04 1.67
C MET A 168 34.48 -2.62 2.04
N GLY A 1 -18.20 -12.31 -21.94
CA GLY A 1 -19.43 -12.74 -21.24
C GLY A 1 -19.80 -11.83 -20.09
N SER A 2 -19.03 -11.89 -19.01
CA SER A 2 -19.27 -11.06 -17.84
C SER A 2 -18.15 -10.05 -17.64
N MET A 3 -18.53 -8.80 -17.38
CA MET A 3 -17.55 -7.74 -17.17
C MET A 3 -18.21 -6.52 -16.54
N LEU A 4 -19.20 -5.97 -17.23
CA LEU A 4 -19.91 -4.79 -16.73
C LEU A 4 -21.39 -5.07 -16.58
N LEU A 5 -21.72 -6.15 -15.86
CA LEU A 5 -23.10 -6.54 -15.64
C LEU A 5 -23.45 -6.50 -14.15
N GLU A 6 -22.94 -5.50 -13.45
CA GLU A 6 -23.19 -5.34 -12.03
C GLU A 6 -23.96 -4.06 -11.74
N GLU A 7 -23.76 -3.05 -12.58
CA GLU A 7 -24.44 -1.77 -12.42
C GLU A 7 -24.13 -1.15 -11.06
N VAL A 8 -22.92 -1.40 -10.56
CA VAL A 8 -22.50 -0.87 -9.27
C VAL A 8 -23.27 -1.53 -8.14
N CYS A 9 -24.05 -2.55 -8.46
CA CYS A 9 -24.85 -3.27 -7.46
C CYS A 9 -24.12 -3.34 -6.13
N VAL A 10 -22.80 -3.51 -6.17
CA VAL A 10 -21.99 -3.59 -4.96
C VAL A 10 -20.77 -2.68 -5.05
N GLY A 11 -20.68 -1.92 -6.14
CA GLY A 11 -19.57 -1.01 -6.31
C GLY A 11 -19.16 -0.33 -5.02
N ASP A 12 -20.13 -0.08 -4.15
CA ASP A 12 -19.86 0.57 -2.87
C ASP A 12 -20.22 -0.35 -1.70
N ARG A 13 -20.14 -1.65 -1.94
CA ARG A 13 -20.45 -2.63 -0.89
C ARG A 13 -19.19 -3.10 -0.20
N LEU A 14 -18.30 -3.75 -0.96
CA LEU A 14 -17.05 -4.26 -0.41
C LEU A 14 -16.09 -3.10 -0.11
N SER A 15 -16.02 -2.14 -1.02
CA SER A 15 -15.15 -0.99 -0.84
C SER A 15 -15.47 -0.25 0.46
N GLY A 16 -16.75 -0.21 0.80
CA GLY A 16 -17.17 0.46 2.01
C GLY A 16 -16.68 -0.26 3.26
N ALA A 17 -16.96 -1.55 3.35
CA ALA A 17 -16.54 -2.35 4.49
C ALA A 17 -15.03 -2.33 4.64
N ALA A 18 -14.32 -2.63 3.57
CA ALA A 18 -12.86 -2.66 3.58
C ALA A 18 -12.31 -1.32 4.06
N ALA A 19 -12.78 -0.24 3.46
CA ALA A 19 -12.32 1.10 3.81
C ALA A 19 -12.72 1.44 5.25
N ARG A 20 -13.84 0.89 5.70
CA ARG A 20 -14.32 1.12 7.05
C ARG A 20 -13.48 0.39 8.08
N GLY A 21 -12.46 -0.33 7.61
CA GLY A 21 -11.59 -1.07 8.50
C GLY A 21 -12.37 -1.94 9.48
N ASP A 22 -13.05 -2.96 8.96
CA ASP A 22 -13.83 -3.86 9.79
C ASP A 22 -13.56 -5.31 9.43
N VAL A 23 -12.63 -5.94 10.15
CA VAL A 23 -12.28 -7.33 9.90
C VAL A 23 -13.52 -8.20 9.87
N GLN A 24 -14.58 -7.73 10.51
CA GLN A 24 -15.83 -8.48 10.58
C GLN A 24 -16.55 -8.45 9.23
N GLU A 25 -16.86 -7.24 8.76
CA GLU A 25 -17.55 -7.07 7.48
C GLU A 25 -16.60 -7.36 6.32
N VAL A 26 -15.30 -7.33 6.60
CA VAL A 26 -14.29 -7.58 5.59
C VAL A 26 -14.36 -9.01 5.07
N ARG A 27 -14.05 -9.97 5.94
CA ARG A 27 -14.06 -11.38 5.56
C ARG A 27 -15.49 -11.92 5.43
N ARG A 28 -16.37 -11.47 6.31
CA ARG A 28 -17.76 -11.92 6.31
C ARG A 28 -18.47 -11.56 5.00
N LEU A 29 -18.02 -10.49 4.36
CA LEU A 29 -18.62 -10.03 3.12
C LEU A 29 -18.25 -10.94 1.94
N LEU A 30 -16.97 -11.01 1.64
CA LEU A 30 -16.48 -11.81 0.52
C LEU A 30 -16.71 -13.31 0.72
N HIS A 31 -16.25 -13.84 1.85
CA HIS A 31 -16.40 -15.28 2.13
C HIS A 31 -17.84 -15.64 2.46
N ARG A 32 -18.71 -14.64 2.54
CA ARG A 32 -20.12 -14.88 2.86
C ARG A 32 -21.03 -14.02 1.98
N GLU A 33 -21.16 -12.75 2.32
CA GLU A 33 -22.00 -11.83 1.57
C GLU A 33 -21.84 -12.06 0.07
N LEU A 34 -20.66 -12.54 -0.32
CA LEU A 34 -20.38 -12.81 -1.74
C LEU A 34 -20.35 -11.51 -2.53
N VAL A 35 -19.28 -10.74 -2.36
CA VAL A 35 -19.13 -9.47 -3.06
C VAL A 35 -17.84 -9.45 -3.87
N HIS A 36 -17.79 -8.56 -4.86
CA HIS A 36 -16.61 -8.44 -5.71
C HIS A 36 -15.48 -7.74 -4.98
N PRO A 37 -14.23 -8.15 -5.25
CA PRO A 37 -13.04 -7.56 -4.62
C PRO A 37 -12.83 -6.11 -5.03
N ASP A 38 -13.26 -5.77 -6.25
CA ASP A 38 -13.11 -4.41 -6.75
C ASP A 38 -14.24 -3.52 -6.24
N ALA A 39 -15.45 -3.79 -6.70
CA ALA A 39 -16.61 -3.01 -6.29
C ALA A 39 -16.25 -1.53 -6.11
N LEU A 40 -16.33 -0.77 -7.20
CA LEU A 40 -16.01 0.65 -7.16
C LEU A 40 -17.25 1.49 -6.88
N ASN A 41 -17.08 2.53 -6.06
CA ASN A 41 -18.19 3.41 -5.72
C ASN A 41 -18.63 4.23 -6.94
N ARG A 42 -19.55 3.66 -7.72
CA ARG A 42 -20.06 4.32 -8.92
C ARG A 42 -19.17 4.02 -10.11
N PHE A 43 -18.38 2.96 -10.01
CA PHE A 43 -17.49 2.56 -11.09
C PHE A 43 -16.40 3.61 -11.31
N GLY A 44 -15.72 3.98 -10.24
CA GLY A 44 -14.66 4.97 -10.34
C GLY A 44 -13.42 4.58 -9.56
N LYS A 45 -13.50 4.65 -8.23
CA LYS A 45 -12.37 4.29 -7.38
C LYS A 45 -12.36 2.80 -7.09
N THR A 46 -11.17 2.24 -6.91
CA THR A 46 -11.02 0.83 -6.62
C THR A 46 -11.13 0.56 -5.11
N ALA A 47 -11.62 -0.63 -4.76
CA ALA A 47 -11.77 -1.00 -3.36
C ALA A 47 -10.47 -0.80 -2.60
N LEU A 48 -9.35 -1.09 -3.27
CA LEU A 48 -8.04 -0.95 -2.66
C LEU A 48 -7.66 0.52 -2.53
N GLN A 49 -8.21 1.34 -3.42
CA GLN A 49 -7.94 2.78 -3.40
C GLN A 49 -8.56 3.44 -2.17
N VAL A 50 -9.73 2.94 -1.77
CA VAL A 50 -10.42 3.47 -0.60
C VAL A 50 -10.04 2.70 0.65
N MET A 51 -9.52 1.50 0.46
CA MET A 51 -9.10 0.65 1.57
C MET A 51 -8.36 1.45 2.63
N MET A 52 -8.55 1.08 3.89
CA MET A 52 -7.89 1.77 5.00
C MET A 52 -6.81 0.88 5.62
N PHE A 53 -6.46 -0.19 4.92
CA PHE A 53 -5.44 -1.12 5.40
C PHE A 53 -5.81 -1.66 6.78
N GLY A 54 -5.53 -0.87 7.81
CA GLY A 54 -5.84 -1.28 9.18
C GLY A 54 -5.74 -2.77 9.38
N SER A 55 -6.87 -3.45 9.23
CA SER A 55 -6.91 -4.91 9.39
C SER A 55 -6.14 -5.59 8.26
N PRO A 56 -5.24 -6.52 8.62
CA PRO A 56 -4.43 -7.24 7.64
C PRO A 56 -5.27 -8.24 6.85
N ALA A 57 -6.34 -8.73 7.47
CA ALA A 57 -7.23 -9.67 6.82
C ALA A 57 -7.90 -9.06 5.59
N VAL A 58 -8.23 -7.77 5.68
CA VAL A 58 -8.87 -7.07 4.58
C VAL A 58 -7.97 -7.04 3.35
N ALA A 59 -6.67 -6.95 3.58
CA ALA A 59 -5.70 -6.92 2.50
C ALA A 59 -5.76 -8.21 1.68
N LEU A 60 -5.54 -9.33 2.37
CA LEU A 60 -5.57 -10.64 1.72
C LEU A 60 -6.95 -10.93 1.16
N GLU A 61 -7.98 -10.44 1.85
CA GLU A 61 -9.36 -10.66 1.43
C GLU A 61 -9.62 -10.00 0.08
N LEU A 62 -9.44 -8.70 0.01
CA LEU A 62 -9.66 -7.95 -1.22
C LEU A 62 -8.69 -8.40 -2.31
N LEU A 63 -7.42 -8.51 -1.96
CA LEU A 63 -6.39 -8.93 -2.90
C LEU A 63 -6.65 -10.35 -3.40
N LYS A 64 -6.69 -11.30 -2.48
CA LYS A 64 -6.92 -12.70 -2.83
C LYS A 64 -8.29 -12.88 -3.48
N GLN A 65 -9.21 -11.97 -3.19
CA GLN A 65 -10.56 -12.04 -3.73
C GLN A 65 -10.57 -11.64 -5.21
N GLY A 66 -9.53 -10.92 -5.63
CA GLY A 66 -9.45 -10.49 -7.02
C GLY A 66 -9.37 -8.98 -7.15
N ALA A 67 -8.46 -8.37 -6.40
CA ALA A 67 -8.29 -6.93 -6.43
C ALA A 67 -6.90 -6.56 -6.94
N SER A 68 -6.76 -5.31 -7.40
CA SER A 68 -5.48 -4.83 -7.91
C SER A 68 -5.06 -3.55 -7.22
N PRO A 69 -3.90 -3.56 -6.56
CA PRO A 69 -3.38 -2.38 -5.85
C PRO A 69 -2.82 -1.33 -6.80
N ASN A 70 -2.55 -1.74 -8.04
CA ASN A 70 -2.02 -0.84 -9.05
C ASN A 70 -3.04 0.23 -9.41
N VAL A 71 -3.42 1.04 -8.42
CA VAL A 71 -4.39 2.11 -8.63
C VAL A 71 -3.94 3.40 -7.97
N GLN A 72 -3.89 4.48 -8.74
CA GLN A 72 -3.47 5.77 -8.23
C GLN A 72 -4.52 6.84 -8.54
N ASP A 73 -4.85 7.65 -7.54
CA ASP A 73 -5.82 8.71 -7.71
C ASP A 73 -5.24 10.06 -7.29
N ALA A 74 -4.42 10.05 -6.24
CA ALA A 74 -3.80 11.26 -5.75
C ALA A 74 -2.68 11.73 -6.68
N SER A 75 -3.05 12.18 -7.86
CA SER A 75 -2.08 12.65 -8.84
C SER A 75 -1.02 11.57 -9.11
N GLY A 76 -1.35 10.33 -8.79
CA GLY A 76 -0.43 9.24 -9.00
C GLY A 76 0.16 8.71 -7.72
N THR A 77 -0.71 8.31 -6.79
CA THR A 77 -0.28 7.79 -5.50
C THR A 77 -1.12 6.58 -5.10
N SER A 78 -0.56 5.39 -5.31
CA SER A 78 -1.26 4.15 -4.96
C SER A 78 -1.38 4.01 -3.44
N PRO A 79 -2.12 2.99 -2.98
CA PRO A 79 -2.31 2.73 -1.55
C PRO A 79 -1.00 2.42 -0.83
N VAL A 80 -0.09 1.75 -1.55
CA VAL A 80 1.19 1.38 -0.99
C VAL A 80 1.93 2.59 -0.45
N HIS A 81 1.82 3.71 -1.15
CA HIS A 81 2.48 4.95 -0.74
C HIS A 81 2.01 5.38 0.65
N ASP A 82 0.74 5.74 0.75
CA ASP A 82 0.17 6.18 2.01
C ASP A 82 0.32 5.11 3.09
N ALA A 83 0.18 3.85 2.70
CA ALA A 83 0.29 2.74 3.64
C ALA A 83 1.60 2.81 4.42
N ALA A 84 2.69 3.13 3.71
CA ALA A 84 4.00 3.23 4.34
C ALA A 84 4.09 4.46 5.24
N ARG A 85 3.82 5.62 4.67
CA ARG A 85 3.87 6.88 5.42
C ARG A 85 2.86 6.86 6.57
N THR A 86 1.78 6.11 6.39
CA THR A 86 0.74 6.02 7.42
C THR A 86 1.23 5.24 8.63
N GLY A 87 1.40 3.93 8.46
CA GLY A 87 1.86 3.09 9.54
C GLY A 87 1.04 1.83 9.68
N PHE A 88 1.09 0.98 8.66
CA PHE A 88 0.34 -0.28 8.68
C PHE A 88 1.22 -1.41 8.15
N LEU A 89 2.42 -1.50 8.69
CA LEU A 89 3.37 -2.53 8.28
C LEU A 89 2.76 -3.92 8.33
N ASP A 90 2.06 -4.23 9.42
CA ASP A 90 1.42 -5.54 9.57
C ASP A 90 0.57 -5.87 8.35
N THR A 91 -0.50 -5.10 8.17
CA THR A 91 -1.39 -5.32 7.04
C THR A 91 -0.67 -5.04 5.72
N LEU A 92 0.07 -3.94 5.69
CA LEU A 92 0.82 -3.58 4.49
C LEU A 92 1.68 -4.75 4.05
N LYS A 93 2.41 -5.32 5.01
CA LYS A 93 3.28 -6.46 4.71
C LYS A 93 2.50 -7.56 4.01
N VAL A 94 1.21 -7.67 4.34
CA VAL A 94 0.36 -8.69 3.72
C VAL A 94 0.00 -8.33 2.27
N LEU A 95 -0.57 -7.15 2.09
CA LEU A 95 -0.97 -6.69 0.76
C LEU A 95 0.23 -6.27 -0.07
N VAL A 96 1.12 -5.47 0.50
CA VAL A 96 2.30 -4.98 -0.20
C VAL A 96 3.19 -6.15 -0.67
N GLU A 97 3.27 -7.20 0.13
CA GLU A 97 4.07 -8.36 -0.23
C GLU A 97 3.42 -9.16 -1.34
N HIS A 98 2.10 -9.11 -1.41
CA HIS A 98 1.35 -9.82 -2.44
C HIS A 98 1.82 -9.45 -3.83
N GLY A 99 2.16 -8.18 -4.02
CA GLY A 99 2.62 -7.72 -5.31
C GLY A 99 2.49 -6.21 -5.47
N ALA A 100 1.65 -5.59 -4.65
CA ALA A 100 1.44 -4.15 -4.71
C ALA A 100 2.72 -3.42 -5.10
N ASP A 101 2.69 -2.77 -6.26
CA ASP A 101 3.85 -2.04 -6.75
C ASP A 101 4.41 -1.12 -5.66
N VAL A 102 5.62 -1.42 -5.21
CA VAL A 102 6.26 -0.63 -4.17
C VAL A 102 7.38 0.23 -4.75
N ASN A 103 7.26 0.56 -6.04
CA ASN A 103 8.26 1.38 -6.71
C ASN A 103 7.64 2.64 -7.30
N ALA A 104 6.42 2.50 -7.80
CA ALA A 104 5.70 3.62 -8.40
C ALA A 104 5.88 4.89 -7.57
N LEU A 105 5.94 6.03 -8.26
CA LEU A 105 6.11 7.31 -7.58
C LEU A 105 4.97 8.27 -7.95
N ASP A 106 5.27 9.56 -7.92
CA ASP A 106 4.28 10.58 -8.24
C ASP A 106 4.91 11.71 -9.05
N SER A 107 5.64 12.58 -8.37
CA SER A 107 6.30 13.71 -9.03
C SER A 107 7.78 13.74 -8.66
N THR A 108 8.07 13.83 -7.36
CA THR A 108 9.44 13.88 -6.89
C THR A 108 10.17 12.58 -7.23
N GLY A 109 9.42 11.58 -7.65
CA GLY A 109 10.02 10.30 -8.00
C GLY A 109 10.49 9.53 -6.79
N SER A 110 10.00 9.92 -5.61
CA SER A 110 10.38 9.27 -4.37
C SER A 110 9.66 7.94 -4.21
N LEU A 111 10.42 6.86 -4.04
CA LEU A 111 9.85 5.53 -3.87
C LEU A 111 9.19 5.40 -2.51
N PRO A 112 8.26 4.44 -2.38
CA PRO A 112 7.54 4.21 -1.12
C PRO A 112 8.49 4.11 0.06
N ILE A 113 9.64 3.47 -0.15
CA ILE A 113 10.64 3.30 0.90
C ILE A 113 11.29 4.65 1.24
N HIS A 114 11.58 5.44 0.22
CA HIS A 114 12.20 6.74 0.42
C HIS A 114 11.41 7.57 1.43
N LEU A 115 10.09 7.45 1.37
CA LEU A 115 9.22 8.19 2.28
C LEU A 115 9.28 7.58 3.68
N ALA A 116 9.13 6.27 3.76
CA ALA A 116 9.17 5.58 5.05
C ALA A 116 10.46 5.92 5.79
N ILE A 117 11.55 6.07 5.04
CA ILE A 117 12.84 6.40 5.63
C ILE A 117 12.79 7.77 6.30
N ARG A 118 12.19 8.74 5.62
CA ARG A 118 12.07 10.09 6.15
C ARG A 118 11.03 10.14 7.27
N GLU A 119 10.29 9.04 7.43
CA GLU A 119 9.27 8.96 8.47
C GLU A 119 9.85 8.35 9.75
N GLY A 120 10.38 7.15 9.64
CA GLY A 120 10.96 6.48 10.79
C GLY A 120 10.02 5.49 11.43
N HIS A 121 9.32 4.72 10.60
CA HIS A 121 8.38 3.72 11.11
C HIS A 121 9.11 2.44 11.49
N SER A 122 10.41 2.41 11.27
CA SER A 122 11.23 1.25 11.58
C SER A 122 10.84 0.07 10.70
N SER A 123 9.77 -0.63 11.07
CA SER A 123 9.31 -1.78 10.32
C SER A 123 9.06 -1.40 8.86
N VAL A 124 8.28 -0.36 8.64
CA VAL A 124 7.95 0.10 7.29
C VAL A 124 9.22 0.38 6.49
N VAL A 125 10.03 1.31 6.98
CA VAL A 125 11.27 1.68 6.30
C VAL A 125 12.12 0.45 6.01
N SER A 126 12.51 -0.27 7.05
CA SER A 126 13.34 -1.46 6.90
C SER A 126 12.62 -2.53 6.07
N PHE A 127 11.29 -2.50 6.11
CA PHE A 127 10.49 -3.46 5.36
C PHE A 127 10.51 -3.15 3.87
N LEU A 128 10.20 -1.89 3.53
CA LEU A 128 10.18 -1.46 2.14
C LEU A 128 11.58 -1.49 1.52
N ALA A 129 12.58 -1.73 2.36
CA ALA A 129 13.97 -1.78 1.89
C ALA A 129 14.14 -2.85 0.81
N PRO A 130 14.05 -4.13 1.18
CA PRO A 130 14.19 -5.24 0.24
C PRO A 130 13.03 -5.36 -0.72
N GLU A 131 11.85 -4.93 -0.26
CA GLU A 131 10.65 -4.98 -1.09
C GLU A 131 10.75 -4.02 -2.27
N SER A 132 11.66 -3.06 -2.17
CA SER A 132 11.86 -2.07 -3.23
C SER A 132 13.26 -2.19 -3.81
N ASP A 133 13.42 -1.69 -5.03
CA ASP A 133 14.72 -1.74 -5.72
C ASP A 133 15.83 -1.33 -4.76
N LEU A 134 16.71 -2.28 -4.45
CA LEU A 134 17.82 -2.02 -3.54
C LEU A 134 19.01 -1.44 -4.31
N HIS A 135 18.74 -0.49 -5.20
CA HIS A 135 19.79 0.14 -5.99
C HIS A 135 19.22 1.31 -6.80
N HIS A 136 18.18 1.95 -6.28
CA HIS A 136 17.56 3.07 -6.94
C HIS A 136 17.22 4.17 -5.94
N ARG A 137 17.12 5.41 -6.43
CA ARG A 137 16.79 6.55 -5.59
C ARG A 137 15.65 7.37 -6.18
N ASP A 138 15.37 8.52 -5.56
CA ASP A 138 14.31 9.40 -6.02
C ASP A 138 14.79 10.28 -7.17
N ALA A 139 13.94 11.21 -7.59
CA ALA A 139 14.29 12.12 -8.67
C ALA A 139 15.19 13.24 -8.17
N SER A 140 15.43 13.28 -6.87
CA SER A 140 16.28 14.29 -6.26
C SER A 140 17.71 13.77 -6.09
N GLY A 141 17.82 12.56 -5.55
CA GLY A 141 19.13 11.96 -5.34
C GLY A 141 19.36 11.55 -3.90
N LEU A 142 18.82 10.39 -3.53
CA LEU A 142 18.96 9.88 -2.18
C LEU A 142 18.67 8.38 -2.12
N THR A 143 19.71 7.59 -1.94
CA THR A 143 19.57 6.14 -1.88
C THR A 143 19.04 5.71 -0.51
N PRO A 144 18.30 4.59 -0.46
CA PRO A 144 17.74 4.07 0.78
C PRO A 144 18.75 4.08 1.92
N LEU A 145 20.02 3.89 1.57
CA LEU A 145 21.09 3.88 2.56
C LEU A 145 21.37 5.29 3.08
N GLU A 146 21.50 6.24 2.16
CA GLU A 146 21.77 7.62 2.51
C GLU A 146 20.60 8.23 3.29
N LEU A 147 19.40 8.09 2.75
CA LEU A 147 18.21 8.64 3.40
C LEU A 147 18.11 8.16 4.84
N ALA A 148 18.70 7.00 5.11
CA ALA A 148 18.69 6.43 6.45
C ALA A 148 19.65 7.19 7.37
N ARG A 149 20.64 7.84 6.76
CA ARG A 149 21.63 8.60 7.52
C ARG A 149 21.02 9.89 8.08
N GLN A 150 20.34 10.64 7.21
CA GLN A 150 19.71 11.89 7.62
C GLN A 150 18.66 11.62 8.69
N ARG A 151 17.55 11.04 8.29
CA ARG A 151 16.48 10.70 9.23
C ARG A 151 16.92 9.51 10.06
N GLY A 152 18.01 9.69 10.80
CA GLY A 152 18.54 8.62 11.63
C GLY A 152 17.67 8.32 12.82
N ALA A 153 16.37 8.18 12.60
CA ALA A 153 15.44 7.87 13.67
C ALA A 153 16.09 6.91 14.67
N GLN A 154 16.50 5.76 14.15
CA GLN A 154 17.17 4.74 14.94
C GLN A 154 18.21 4.06 14.07
N ASN A 155 18.44 2.77 14.27
CA ASN A 155 19.41 2.04 13.46
C ASN A 155 18.84 1.81 12.06
N LEU A 156 18.40 2.89 11.41
CA LEU A 156 17.82 2.82 10.07
C LEU A 156 18.84 2.36 9.04
N MET A 157 19.86 3.18 8.80
CA MET A 157 20.88 2.86 7.84
C MET A 157 21.45 1.47 8.11
N ASP A 158 21.26 0.99 9.34
CA ASP A 158 21.74 -0.32 9.73
C ASP A 158 20.88 -1.42 9.12
N ILE A 159 19.56 -1.22 9.14
CA ILE A 159 18.65 -2.21 8.59
C ILE A 159 18.70 -2.21 7.07
N LEU A 160 18.80 -1.03 6.48
CA LEU A 160 18.85 -0.90 5.02
C LEU A 160 20.22 -1.35 4.49
N GLN A 161 21.27 -1.00 5.21
CA GLN A 161 22.62 -1.37 4.81
C GLN A 161 22.79 -2.89 4.81
N GLY A 162 22.36 -3.52 5.90
CA GLY A 162 22.47 -4.96 6.01
C GLY A 162 21.62 -5.69 4.99
N HIS A 163 20.39 -5.24 4.82
CA HIS A 163 19.46 -5.86 3.88
C HIS A 163 19.86 -5.53 2.45
N MET A 164 20.77 -4.58 2.29
CA MET A 164 21.24 -4.16 0.97
C MET A 164 22.14 -5.24 0.36
N MET A 165 23.16 -5.63 1.11
CA MET A 165 24.11 -6.65 0.64
C MET A 165 25.05 -6.06 -0.40
N ILE A 166 25.47 -4.82 -0.19
CA ILE A 166 26.37 -4.14 -1.12
C ILE A 166 27.38 -5.12 -1.71
N PRO A 167 27.06 -5.69 -2.89
CA PRO A 167 27.94 -6.64 -3.57
C PRO A 167 29.32 -6.06 -3.86
N MET A 168 30.13 -5.96 -2.82
CA MET A 168 31.49 -5.41 -2.96
C MET A 168 32.49 -6.52 -3.27
N GLY A 1 -30.01 13.89 -3.65
CA GLY A 1 -30.37 15.19 -4.26
C GLY A 1 -30.23 15.17 -5.77
N SER A 2 -29.04 15.48 -6.27
CA SER A 2 -28.78 15.49 -7.71
C SER A 2 -28.57 14.08 -8.24
N MET A 3 -28.37 13.13 -7.32
CA MET A 3 -28.16 11.74 -7.70
C MET A 3 -29.48 11.03 -7.96
N LEU A 4 -29.49 10.15 -8.95
CA LEU A 4 -30.69 9.40 -9.29
C LEU A 4 -30.39 7.92 -9.48
N LEU A 5 -29.44 7.62 -10.35
CA LEU A 5 -29.05 6.24 -10.62
C LEU A 5 -28.12 5.71 -9.54
N GLU A 6 -27.63 4.49 -9.73
CA GLU A 6 -26.73 3.86 -8.77
C GLU A 6 -25.95 2.72 -9.41
N GLU A 7 -25.40 2.98 -10.60
CA GLU A 7 -24.64 1.97 -11.33
C GLU A 7 -23.63 1.28 -10.41
N VAL A 8 -23.21 1.99 -9.38
CA VAL A 8 -22.25 1.45 -8.42
C VAL A 8 -22.66 0.07 -7.96
N CYS A 9 -23.76 -0.01 -7.22
CA CYS A 9 -24.26 -1.29 -6.71
C CYS A 9 -23.11 -2.21 -6.35
N VAL A 10 -22.67 -2.13 -5.10
CA VAL A 10 -21.56 -2.94 -4.59
C VAL A 10 -20.31 -2.08 -4.40
N GLY A 11 -20.07 -1.19 -5.35
CA GLY A 11 -18.92 -0.32 -5.29
C GLY A 11 -18.97 0.64 -4.12
N ASP A 12 -20.12 0.71 -3.46
CA ASP A 12 -20.28 1.59 -2.32
C ASP A 12 -20.58 0.80 -1.06
N ARG A 13 -20.26 -0.49 -1.08
CA ARG A 13 -20.49 -1.37 0.07
C ARG A 13 -19.19 -2.03 0.51
N LEU A 14 -18.51 -2.67 -0.42
CA LEU A 14 -17.25 -3.35 -0.12
C LEU A 14 -16.14 -2.32 0.16
N SER A 15 -16.09 -1.28 -0.65
CA SER A 15 -15.08 -0.23 -0.49
C SER A 15 -15.15 0.36 0.91
N GLY A 16 -16.36 0.38 1.48
CA GLY A 16 -16.54 0.93 2.81
C GLY A 16 -15.99 0.02 3.89
N ALA A 17 -16.41 -1.24 3.87
CA ALA A 17 -15.95 -2.22 4.86
C ALA A 17 -14.43 -2.34 4.82
N ALA A 18 -13.89 -2.72 3.67
CA ALA A 18 -12.45 -2.87 3.51
C ALA A 18 -11.72 -1.61 3.94
N ALA A 19 -12.27 -0.46 3.58
CA ALA A 19 -11.67 0.82 3.92
C ALA A 19 -11.85 1.15 5.40
N ARG A 20 -12.93 0.64 5.99
CA ARG A 20 -13.20 0.87 7.41
C ARG A 20 -12.26 0.07 8.31
N GLY A 21 -11.35 -0.68 7.69
CA GLY A 21 -10.42 -1.47 8.45
C GLY A 21 -11.09 -2.33 9.50
N ASP A 22 -11.66 -3.45 9.06
CA ASP A 22 -12.35 -4.36 9.97
C ASP A 22 -12.32 -5.78 9.43
N VAL A 23 -11.37 -6.58 9.90
CA VAL A 23 -11.24 -7.96 9.45
C VAL A 23 -12.56 -8.71 9.60
N GLN A 24 -13.40 -8.24 10.51
CA GLN A 24 -14.70 -8.86 10.74
C GLN A 24 -15.67 -8.54 9.61
N GLU A 25 -15.77 -7.26 9.27
CA GLU A 25 -16.67 -6.81 8.21
C GLU A 25 -16.12 -7.18 6.83
N VAL A 26 -14.81 -7.05 6.65
CA VAL A 26 -14.19 -7.37 5.37
C VAL A 26 -14.58 -8.77 4.90
N ARG A 27 -14.59 -9.72 5.84
CA ARG A 27 -14.94 -11.10 5.52
C ARG A 27 -16.44 -11.23 5.26
N ARG A 28 -17.24 -10.72 6.19
CA ARG A 28 -18.69 -10.79 6.06
C ARG A 28 -19.15 -10.23 4.72
N LEU A 29 -18.38 -9.28 4.20
CA LEU A 29 -18.71 -8.67 2.91
C LEU A 29 -18.40 -9.62 1.76
N LEU A 30 -17.13 -9.79 1.46
CA LEU A 30 -16.69 -10.66 0.37
C LEU A 30 -16.83 -12.14 0.73
N HIS A 31 -16.44 -12.49 1.95
CA HIS A 31 -16.50 -13.88 2.40
C HIS A 31 -17.94 -14.37 2.56
N ARG A 32 -18.90 -13.48 2.34
CA ARG A 32 -20.30 -13.84 2.46
C ARG A 32 -21.18 -13.01 1.53
N GLU A 33 -21.45 -11.76 1.93
CA GLU A 33 -22.27 -10.87 1.12
C GLU A 33 -21.92 -11.00 -0.37
N LEU A 34 -20.68 -11.40 -0.65
CA LEU A 34 -20.23 -11.56 -2.03
C LEU A 34 -20.19 -10.22 -2.74
N VAL A 35 -19.10 -9.49 -2.57
CA VAL A 35 -18.94 -8.19 -3.20
C VAL A 35 -17.84 -8.22 -4.26
N HIS A 36 -18.13 -7.63 -5.41
CA HIS A 36 -17.17 -7.59 -6.51
C HIS A 36 -16.02 -6.64 -6.19
N PRO A 37 -14.78 -7.11 -6.35
CA PRO A 37 -13.59 -6.30 -6.07
C PRO A 37 -13.41 -5.17 -7.08
N ASP A 38 -14.12 -5.27 -8.20
CA ASP A 38 -14.04 -4.25 -9.24
C ASP A 38 -14.96 -3.09 -8.94
N ALA A 39 -16.05 -3.36 -8.22
CA ALA A 39 -17.01 -2.33 -7.85
C ALA A 39 -16.30 -1.06 -7.39
N LEU A 40 -16.99 0.07 -7.47
CA LEU A 40 -16.43 1.34 -7.06
C LEU A 40 -17.47 2.22 -6.40
N ASN A 41 -17.05 2.96 -5.37
CA ASN A 41 -17.94 3.85 -4.65
C ASN A 41 -18.31 5.06 -5.50
N ARG A 42 -19.28 5.84 -5.03
CA ARG A 42 -19.72 7.02 -5.75
C ARG A 42 -18.53 7.77 -6.35
N PHE A 43 -17.42 7.75 -5.64
CA PHE A 43 -16.21 8.42 -6.09
C PHE A 43 -15.71 7.83 -7.41
N GLY A 44 -15.54 6.51 -7.42
CA GLY A 44 -15.07 5.84 -8.63
C GLY A 44 -13.75 5.13 -8.42
N LYS A 45 -13.54 4.61 -7.21
CA LYS A 45 -12.31 3.91 -6.88
C LYS A 45 -12.56 2.42 -6.70
N THR A 46 -11.48 1.65 -6.60
CA THR A 46 -11.58 0.20 -6.42
C THR A 46 -11.42 -0.18 -4.95
N ALA A 47 -11.77 -1.42 -4.62
CA ALA A 47 -11.66 -1.91 -3.26
C ALA A 47 -10.24 -1.80 -2.74
N LEU A 48 -9.28 -2.24 -3.56
CA LEU A 48 -7.87 -2.20 -3.19
C LEU A 48 -7.40 -0.75 -3.02
N GLN A 49 -7.95 0.14 -3.84
CA GLN A 49 -7.59 1.55 -3.78
C GLN A 49 -8.19 2.23 -2.55
N VAL A 50 -9.47 1.95 -2.30
CA VAL A 50 -10.16 2.55 -1.16
C VAL A 50 -9.72 1.91 0.15
N MET A 51 -9.49 0.59 0.14
CA MET A 51 -9.06 -0.12 1.34
C MET A 51 -8.13 0.74 2.19
N MET A 52 -8.19 0.54 3.50
CA MET A 52 -7.36 1.30 4.42
C MET A 52 -6.30 0.41 5.07
N PHE A 53 -5.97 -0.70 4.41
CA PHE A 53 -4.98 -1.63 4.94
C PHE A 53 -5.31 -1.98 6.40
N GLY A 54 -4.81 -1.16 7.32
CA GLY A 54 -5.06 -1.41 8.73
C GLY A 54 -5.12 -2.88 9.06
N SER A 55 -6.33 -3.43 9.08
CA SER A 55 -6.52 -4.84 9.37
C SER A 55 -5.64 -5.69 8.46
N PRO A 56 -5.32 -6.92 8.89
CA PRO A 56 -4.49 -7.83 8.12
C PRO A 56 -5.31 -8.71 7.18
N ALA A 57 -6.31 -9.38 7.72
CA ALA A 57 -7.16 -10.25 6.92
C ALA A 57 -7.92 -9.46 5.86
N VAL A 58 -8.08 -8.17 6.10
CA VAL A 58 -8.76 -7.29 5.17
C VAL A 58 -8.04 -7.24 3.83
N ALA A 59 -6.72 -7.08 3.89
CA ALA A 59 -5.91 -7.01 2.68
C ALA A 59 -5.98 -8.32 1.89
N LEU A 60 -5.78 -9.43 2.59
CA LEU A 60 -5.81 -10.75 1.97
C LEU A 60 -7.19 -11.04 1.36
N GLU A 61 -8.23 -10.82 2.15
CA GLU A 61 -9.60 -11.07 1.70
C GLU A 61 -9.98 -10.19 0.51
N LEU A 62 -9.89 -8.87 0.70
CA LEU A 62 -10.24 -7.93 -0.35
C LEU A 62 -9.32 -8.07 -1.56
N LEU A 63 -8.01 -8.08 -1.31
CA LEU A 63 -7.04 -8.22 -2.39
C LEU A 63 -7.19 -9.55 -3.11
N LYS A 64 -7.35 -10.62 -2.35
CA LYS A 64 -7.49 -11.96 -2.92
C LYS A 64 -8.75 -12.04 -3.77
N GLN A 65 -9.77 -11.28 -3.39
CA GLN A 65 -11.04 -11.27 -4.11
C GLN A 65 -10.80 -11.17 -5.61
N GLY A 66 -9.70 -10.55 -6.00
CA GLY A 66 -9.38 -10.40 -7.41
C GLY A 66 -8.78 -9.05 -7.74
N ALA A 67 -8.99 -8.08 -6.85
CA ALA A 67 -8.47 -6.73 -7.06
C ALA A 67 -6.97 -6.75 -7.25
N SER A 68 -6.45 -5.76 -7.98
CA SER A 68 -5.01 -5.66 -8.24
C SER A 68 -4.39 -4.55 -7.42
N PRO A 69 -3.32 -4.88 -6.65
CA PRO A 69 -2.62 -3.90 -5.82
C PRO A 69 -1.87 -2.86 -6.64
N ASN A 70 -1.89 -3.03 -7.96
CA ASN A 70 -1.20 -2.11 -8.85
C ASN A 70 -2.19 -1.10 -9.45
N VAL A 71 -2.75 -0.26 -8.59
CA VAL A 71 -3.71 0.74 -9.03
C VAL A 71 -3.19 2.15 -8.75
N GLN A 72 -3.16 2.97 -9.80
CA GLN A 72 -2.68 4.35 -9.68
C GLN A 72 -3.85 5.33 -9.70
N ASP A 73 -3.72 6.40 -8.93
CA ASP A 73 -4.77 7.42 -8.86
C ASP A 73 -4.20 8.79 -9.22
N ALA A 74 -4.79 9.41 -10.24
CA ALA A 74 -4.34 10.74 -10.68
C ALA A 74 -2.83 10.78 -10.82
N SER A 75 -2.15 11.19 -9.76
CA SER A 75 -0.69 11.29 -9.77
C SER A 75 -0.06 9.90 -9.75
N GLY A 76 0.15 9.37 -8.54
CA GLY A 76 0.75 8.06 -8.41
C GLY A 76 0.80 7.59 -6.98
N THR A 77 -0.30 7.76 -6.25
CA THR A 77 -0.37 7.36 -4.85
C THR A 77 -1.25 6.13 -4.68
N SER A 78 -0.67 4.96 -4.91
CA SER A 78 -1.42 3.70 -4.79
C SER A 78 -1.42 3.22 -3.34
N PRO A 79 -2.28 2.24 -3.02
CA PRO A 79 -2.39 1.69 -1.67
C PRO A 79 -1.02 1.35 -1.08
N VAL A 80 -0.10 0.92 -1.93
CA VAL A 80 1.24 0.57 -1.49
C VAL A 80 1.89 1.72 -0.72
N HIS A 81 1.72 2.94 -1.23
CA HIS A 81 2.29 4.12 -0.58
C HIS A 81 1.58 4.42 0.74
N ASP A 82 0.25 4.42 0.70
CA ASP A 82 -0.54 4.71 1.89
C ASP A 82 -0.19 3.76 3.04
N ALA A 83 -0.19 2.46 2.74
CA ALA A 83 0.13 1.45 3.74
C ALA A 83 1.46 1.76 4.43
N ALA A 84 2.48 2.05 3.64
CA ALA A 84 3.80 2.36 4.17
C ALA A 84 3.78 3.64 5.00
N ARG A 85 3.20 4.69 4.42
CA ARG A 85 3.10 5.98 5.10
C ARG A 85 2.19 5.90 6.32
N THR A 86 1.11 5.13 6.19
CA THR A 86 0.15 4.98 7.27
C THR A 86 0.78 4.20 8.43
N GLY A 87 1.75 3.36 8.12
CA GLY A 87 2.40 2.56 9.14
C GLY A 87 1.60 1.34 9.54
N PHE A 88 1.59 0.34 8.65
CA PHE A 88 0.85 -0.89 8.91
C PHE A 88 1.48 -2.06 8.15
N LEU A 89 2.74 -2.31 8.42
CA LEU A 89 3.48 -3.40 7.78
C LEU A 89 2.75 -4.74 7.91
N ASP A 90 1.81 -4.80 8.85
CA ASP A 90 1.06 -6.03 9.07
C ASP A 90 0.33 -6.45 7.79
N THR A 91 -0.74 -5.73 7.48
CA THR A 91 -1.53 -6.02 6.28
C THR A 91 -0.78 -5.57 5.03
N LEU A 92 -0.03 -4.49 5.16
CA LEU A 92 0.73 -3.96 4.05
C LEU A 92 1.58 -5.06 3.42
N LYS A 93 2.43 -5.67 4.24
CA LYS A 93 3.30 -6.75 3.78
C LYS A 93 2.48 -7.88 3.16
N VAL A 94 1.29 -8.12 3.70
CA VAL A 94 0.43 -9.17 3.18
C VAL A 94 0.16 -8.97 1.70
N LEU A 95 -0.48 -7.85 1.37
CA LEU A 95 -0.80 -7.54 -0.03
C LEU A 95 0.46 -7.11 -0.78
N VAL A 96 1.38 -6.46 -0.07
CA VAL A 96 2.62 -6.00 -0.66
C VAL A 96 3.56 -7.16 -0.98
N GLU A 97 3.71 -8.08 -0.04
CA GLU A 97 4.57 -9.25 -0.23
C GLU A 97 4.16 -10.03 -1.47
N HIS A 98 2.86 -10.03 -1.75
CA HIS A 98 2.34 -10.75 -2.91
C HIS A 98 2.82 -10.12 -4.21
N GLY A 99 3.35 -8.90 -4.11
CA GLY A 99 3.84 -8.20 -5.28
C GLY A 99 3.57 -6.71 -5.23
N ALA A 100 2.30 -6.34 -5.32
CA ALA A 100 1.91 -4.94 -5.29
C ALA A 100 2.83 -4.08 -6.15
N ASP A 101 2.74 -2.77 -5.98
CA ASP A 101 3.57 -1.85 -6.74
C ASP A 101 4.58 -1.14 -5.84
N VAL A 102 5.51 -1.93 -5.28
CA VAL A 102 6.53 -1.38 -4.40
C VAL A 102 7.67 -0.75 -5.19
N ASN A 103 7.49 -0.67 -6.50
CA ASN A 103 8.51 -0.09 -7.38
C ASN A 103 7.94 1.09 -8.16
N ALA A 104 6.90 1.70 -7.62
CA ALA A 104 6.26 2.84 -8.28
C ALA A 104 6.32 4.09 -7.39
N LEU A 105 6.81 5.19 -7.97
CA LEU A 105 6.92 6.44 -7.23
C LEU A 105 5.61 7.23 -7.28
N ASP A 106 5.47 8.18 -6.37
CA ASP A 106 4.28 9.01 -6.31
C ASP A 106 4.41 10.23 -7.21
N SER A 107 5.03 11.28 -6.69
CA SER A 107 5.23 12.52 -7.44
C SER A 107 6.67 12.99 -7.33
N THR A 108 7.21 12.99 -6.12
CA THR A 108 8.58 13.41 -5.89
C THR A 108 9.57 12.29 -6.22
N GLY A 109 9.05 11.21 -6.79
CA GLY A 109 9.90 10.08 -7.15
C GLY A 109 10.40 9.33 -5.95
N SER A 110 9.84 9.63 -4.78
CA SER A 110 10.24 8.98 -3.54
C SER A 110 9.59 7.60 -3.42
N LEU A 111 10.31 6.57 -3.89
CA LEU A 111 9.81 5.21 -3.83
C LEU A 111 9.01 4.98 -2.55
N PRO A 112 7.97 4.13 -2.60
CA PRO A 112 7.15 3.83 -1.44
C PRO A 112 7.98 3.62 -0.18
N ILE A 113 9.20 3.15 -0.37
CA ILE A 113 10.11 2.91 0.76
C ILE A 113 10.62 4.23 1.33
N HIS A 114 10.84 5.21 0.45
CA HIS A 114 11.34 6.52 0.88
C HIS A 114 10.40 7.14 1.90
N LEU A 115 9.10 7.04 1.64
CA LEU A 115 8.09 7.60 2.55
C LEU A 115 8.23 6.98 3.93
N ALA A 116 8.42 5.66 3.96
CA ALA A 116 8.56 4.94 5.22
C ALA A 116 9.68 5.56 6.05
N ILE A 117 10.83 5.77 5.42
CA ILE A 117 11.98 6.37 6.11
C ILE A 117 11.60 7.71 6.73
N ARG A 118 10.82 8.50 5.98
CA ARG A 118 10.39 9.80 6.46
C ARG A 118 9.54 9.66 7.70
N GLU A 119 8.97 8.47 7.90
CA GLU A 119 8.13 8.20 9.05
C GLU A 119 8.97 7.66 10.22
N GLY A 120 9.72 6.59 9.95
CA GLY A 120 10.54 6.00 10.98
C GLY A 120 10.12 4.58 11.33
N HIS A 121 8.99 4.16 10.77
CA HIS A 121 8.48 2.82 11.03
C HIS A 121 9.55 1.77 10.80
N SER A 122 10.36 1.53 11.83
CA SER A 122 11.43 0.54 11.75
C SER A 122 10.99 -0.69 10.96
N SER A 123 9.74 -1.09 11.15
CA SER A 123 9.20 -2.26 10.46
C SER A 123 8.94 -1.95 8.99
N VAL A 124 8.01 -1.02 8.74
CA VAL A 124 7.67 -0.64 7.38
C VAL A 124 8.89 -0.19 6.60
N VAL A 125 9.59 0.82 7.10
CA VAL A 125 10.78 1.34 6.44
C VAL A 125 11.76 0.22 6.12
N SER A 126 12.13 -0.56 7.14
CA SER A 126 13.06 -1.67 6.95
C SER A 126 12.49 -2.73 6.03
N PHE A 127 11.17 -2.87 6.06
CA PHE A 127 10.49 -3.85 5.23
C PHE A 127 10.47 -3.41 3.77
N LEU A 128 10.09 -2.15 3.55
CA LEU A 128 10.02 -1.62 2.19
C LEU A 128 11.42 -1.49 1.59
N ALA A 129 12.44 -1.70 2.42
CA ALA A 129 13.82 -1.61 1.95
C ALA A 129 14.14 -2.71 0.95
N PRO A 130 14.08 -3.97 1.40
CA PRO A 130 14.36 -5.13 0.54
C PRO A 130 13.30 -5.33 -0.53
N GLU A 131 12.04 -5.25 -0.14
CA GLU A 131 10.92 -5.41 -1.06
C GLU A 131 11.09 -4.50 -2.28
N SER A 132 11.41 -3.24 -2.02
CA SER A 132 11.60 -2.27 -3.09
C SER A 132 12.96 -2.45 -3.76
N ASP A 133 12.96 -2.48 -5.09
CA ASP A 133 14.20 -2.64 -5.84
C ASP A 133 15.35 -1.93 -5.16
N LEU A 134 16.13 -2.67 -4.37
CA LEU A 134 17.26 -2.10 -3.67
C LEU A 134 18.23 -1.42 -4.64
N HIS A 135 18.87 -0.36 -4.16
CA HIS A 135 19.82 0.39 -4.97
C HIS A 135 19.12 1.48 -5.78
N HIS A 136 17.82 1.30 -5.98
CA HIS A 136 17.03 2.27 -6.75
C HIS A 136 17.39 3.70 -6.36
N ARG A 137 16.93 4.65 -7.16
CA ARG A 137 17.21 6.06 -6.92
C ARG A 137 15.92 6.85 -6.77
N ASP A 138 16.04 8.18 -6.70
CA ASP A 138 14.88 9.04 -6.55
C ASP A 138 14.92 10.17 -7.58
N ALA A 139 13.75 10.77 -7.85
CA ALA A 139 13.66 11.86 -8.80
C ALA A 139 14.45 13.07 -8.32
N SER A 140 14.89 13.04 -7.07
CA SER A 140 15.64 14.13 -6.49
C SER A 140 17.10 13.73 -6.28
N GLY A 141 17.33 12.42 -6.17
CA GLY A 141 18.68 11.93 -5.96
C GLY A 141 18.89 11.34 -4.58
N LEU A 142 17.83 10.81 -4.00
CA LEU A 142 17.90 10.21 -2.67
C LEU A 142 17.92 8.69 -2.76
N THR A 143 17.97 8.04 -1.60
CA THR A 143 17.99 6.58 -1.55
C THR A 143 17.80 6.09 -0.11
N PRO A 144 17.74 4.76 0.07
CA PRO A 144 17.56 4.15 1.39
C PRO A 144 18.54 4.71 2.41
N LEU A 145 19.82 4.57 2.13
CA LEU A 145 20.87 5.06 3.02
C LEU A 145 20.87 6.58 3.06
N GLU A 146 20.76 7.20 1.89
CA GLU A 146 20.74 8.65 1.79
C GLU A 146 19.65 9.23 2.67
N LEU A 147 18.41 8.84 2.41
CA LEU A 147 17.27 9.32 3.18
C LEU A 147 17.51 9.09 4.66
N ALA A 148 17.86 7.86 5.02
CA ALA A 148 18.12 7.51 6.41
C ALA A 148 19.15 8.48 7.00
N ARG A 149 20.11 8.88 6.17
CA ARG A 149 21.13 9.80 6.60
C ARG A 149 20.50 11.15 6.96
N GLN A 150 19.40 11.45 6.28
CA GLN A 150 18.66 12.69 6.52
C GLN A 150 18.05 12.63 7.91
N ARG A 151 16.93 11.91 8.03
CA ARG A 151 16.28 11.75 9.31
C ARG A 151 17.09 10.78 10.15
N GLY A 152 18.22 11.26 10.67
CA GLY A 152 19.10 10.42 11.47
C GLY A 152 18.47 9.86 12.72
N ALA A 153 17.35 9.17 12.56
CA ALA A 153 16.66 8.57 13.69
C ALA A 153 17.58 7.57 14.40
N GLN A 154 18.63 7.16 13.69
CA GLN A 154 19.64 6.22 14.22
C GLN A 154 19.46 4.79 13.69
N ASN A 155 18.59 4.02 14.37
CA ASN A 155 18.36 2.63 13.99
C ASN A 155 17.95 2.46 12.53
N LEU A 156 17.07 3.33 12.06
CA LEU A 156 16.58 3.25 10.68
C LEU A 156 17.71 3.17 9.67
N MET A 157 18.64 4.12 9.72
CA MET A 157 19.77 4.15 8.81
C MET A 157 20.61 2.88 8.93
N ASP A 158 20.73 2.39 10.16
CA ASP A 158 21.51 1.18 10.40
C ASP A 158 20.76 -0.05 9.90
N ILE A 159 19.43 0.06 9.84
CA ILE A 159 18.59 -1.03 9.39
C ILE A 159 18.70 -1.22 7.88
N LEU A 160 18.72 -0.11 7.15
CA LEU A 160 18.79 -0.14 5.69
C LEU A 160 20.19 -0.53 5.23
N GLN A 161 21.21 0.20 5.70
CA GLN A 161 22.58 -0.07 5.32
C GLN A 161 22.93 -1.54 5.53
N GLY A 162 22.22 -2.18 6.45
CA GLY A 162 22.47 -3.58 6.74
C GLY A 162 21.96 -4.49 5.64
N HIS A 163 20.68 -4.35 5.31
CA HIS A 163 20.07 -5.16 4.26
C HIS A 163 20.54 -4.72 2.88
N MET A 164 20.47 -3.42 2.63
CA MET A 164 20.89 -2.86 1.35
C MET A 164 22.14 -3.58 0.82
N MET A 165 23.24 -3.43 1.54
CA MET A 165 24.50 -4.06 1.15
C MET A 165 24.90 -3.62 -0.26
N ILE A 166 25.83 -4.33 -0.87
CA ILE A 166 26.30 -4.01 -2.20
C ILE A 166 26.45 -5.27 -3.05
N PRO A 167 25.56 -5.45 -4.04
CA PRO A 167 25.59 -6.61 -4.93
C PRO A 167 26.77 -6.58 -5.88
N MET A 168 26.89 -7.60 -6.72
CA MET A 168 27.97 -7.69 -7.69
C MET A 168 28.08 -9.10 -8.25
N GLY A 1 -33.37 17.99 -6.23
CA GLY A 1 -33.69 16.63 -5.71
C GLY A 1 -33.19 15.53 -6.63
N SER A 2 -33.72 14.33 -6.46
CA SER A 2 -33.33 13.18 -7.28
C SER A 2 -31.87 12.80 -7.03
N MET A 3 -30.96 13.55 -7.64
CA MET A 3 -29.54 13.28 -7.49
C MET A 3 -29.24 11.79 -7.58
N LEU A 4 -29.39 11.24 -8.78
CA LEU A 4 -29.14 9.82 -8.99
C LEU A 4 -27.76 9.59 -9.61
N LEU A 5 -26.87 8.99 -8.84
CA LEU A 5 -25.51 8.71 -9.31
C LEU A 5 -24.82 7.70 -8.41
N GLU A 6 -25.52 6.60 -8.12
CA GLU A 6 -24.97 5.55 -7.28
C GLU A 6 -24.66 4.30 -8.09
N GLU A 7 -23.50 4.29 -8.75
CA GLU A 7 -23.08 3.15 -9.56
C GLU A 7 -22.20 2.21 -8.75
N VAL A 8 -22.20 2.40 -7.43
CA VAL A 8 -21.40 1.57 -6.54
C VAL A 8 -22.29 0.81 -5.56
N CYS A 9 -23.47 0.40 -6.04
CA CYS A 9 -24.41 -0.34 -5.20
C CYS A 9 -23.68 -1.25 -4.23
N VAL A 10 -22.65 -1.94 -4.73
CA VAL A 10 -21.86 -2.84 -3.90
C VAL A 10 -20.45 -2.31 -3.71
N GLY A 11 -20.10 -1.28 -4.46
CA GLY A 11 -18.76 -0.70 -4.37
C GLY A 11 -18.41 -0.34 -2.94
N ASP A 12 -19.04 0.72 -2.43
CA ASP A 12 -18.77 1.18 -1.07
C ASP A 12 -18.85 0.02 -0.08
N ARG A 13 -19.55 -1.04 -0.46
CA ARG A 13 -19.69 -2.22 0.38
C ARG A 13 -18.33 -2.86 0.66
N LEU A 14 -17.71 -3.38 -0.39
CA LEU A 14 -16.40 -4.01 -0.27
C LEU A 14 -15.31 -2.97 0.00
N SER A 15 -15.34 -1.88 -0.76
CA SER A 15 -14.36 -0.82 -0.61
C SER A 15 -14.41 -0.22 0.79
N GLY A 16 -15.62 -0.14 1.34
CA GLY A 16 -15.79 0.41 2.67
C GLY A 16 -15.25 -0.49 3.76
N ALA A 17 -15.64 -1.77 3.70
CA ALA A 17 -15.19 -2.75 4.68
C ALA A 17 -13.67 -2.80 4.74
N ALA A 18 -13.03 -2.80 3.59
CA ALA A 18 -11.57 -2.84 3.51
C ALA A 18 -10.96 -1.52 3.94
N ALA A 19 -11.45 -0.42 3.35
CA ALA A 19 -10.95 0.91 3.67
C ALA A 19 -11.16 1.24 5.14
N ARG A 20 -12.29 0.79 5.69
CA ARG A 20 -12.60 1.03 7.09
C ARG A 20 -11.71 0.21 8.01
N GLY A 21 -11.11 -0.84 7.45
CA GLY A 21 -10.23 -1.69 8.24
C GLY A 21 -10.98 -2.51 9.26
N ASP A 22 -11.91 -3.35 8.79
CA ASP A 22 -12.71 -4.18 9.68
C ASP A 22 -12.60 -5.64 9.28
N VAL A 23 -11.65 -6.36 9.88
CA VAL A 23 -11.46 -7.77 9.58
C VAL A 23 -12.76 -8.55 9.71
N GLN A 24 -13.70 -7.98 10.46
CA GLN A 24 -14.99 -8.61 10.66
C GLN A 24 -15.87 -8.51 9.41
N GLU A 25 -16.04 -7.30 8.91
CA GLU A 25 -16.86 -7.06 7.73
C GLU A 25 -16.16 -7.53 6.46
N VAL A 26 -14.84 -7.42 6.43
CA VAL A 26 -14.07 -7.83 5.24
C VAL A 26 -14.41 -9.25 4.83
N ARG A 27 -14.35 -10.17 5.79
CA ARG A 27 -14.65 -11.58 5.53
C ARG A 27 -16.15 -11.79 5.31
N ARG A 28 -16.95 -11.28 6.25
CA ARG A 28 -18.40 -11.42 6.16
C ARG A 28 -18.94 -10.86 4.85
N LEU A 29 -18.19 -9.92 4.28
CA LEU A 29 -18.60 -9.30 3.02
C LEU A 29 -18.48 -10.29 1.86
N LEU A 30 -17.25 -10.62 1.49
CA LEU A 30 -17.00 -11.55 0.40
C LEU A 30 -17.32 -12.98 0.81
N HIS A 31 -16.94 -13.33 2.04
CA HIS A 31 -17.19 -14.68 2.55
C HIS A 31 -18.66 -14.91 2.85
N ARG A 32 -19.48 -13.88 2.64
CA ARG A 32 -20.91 -13.98 2.89
C ARG A 32 -21.69 -13.15 1.86
N GLU A 33 -21.58 -11.83 1.97
CA GLU A 33 -22.28 -10.93 1.06
C GLU A 33 -21.81 -11.15 -0.38
N LEU A 34 -20.67 -11.84 -0.52
CA LEU A 34 -20.11 -12.12 -1.83
C LEU A 34 -20.07 -10.86 -2.69
N VAL A 35 -19.11 -9.99 -2.41
CA VAL A 35 -18.96 -8.75 -3.16
C VAL A 35 -17.87 -8.86 -4.21
N HIS A 36 -17.91 -7.98 -5.21
CA HIS A 36 -16.91 -7.99 -6.27
C HIS A 36 -15.71 -7.12 -5.89
N PRO A 37 -14.50 -7.57 -6.27
CA PRO A 37 -13.26 -6.83 -5.99
C PRO A 37 -13.30 -5.40 -6.49
N ASP A 38 -13.87 -5.21 -7.68
CA ASP A 38 -13.97 -3.88 -8.28
C ASP A 38 -15.05 -3.06 -7.59
N ALA A 39 -14.90 -2.86 -6.28
CA ALA A 39 -15.86 -2.09 -5.50
C ALA A 39 -15.28 -0.73 -5.11
N LEU A 40 -15.96 0.33 -5.51
CA LEU A 40 -15.52 1.68 -5.21
C LEU A 40 -16.61 2.46 -4.48
N ASN A 41 -16.25 3.64 -3.98
CA ASN A 41 -17.21 4.47 -3.25
C ASN A 41 -17.29 5.86 -3.88
N ARG A 42 -17.98 6.77 -3.19
CA ARG A 42 -18.14 8.13 -3.69
C ARG A 42 -16.86 8.62 -4.36
N PHE A 43 -15.72 8.13 -3.87
CA PHE A 43 -14.42 8.52 -4.40
C PHE A 43 -14.24 7.97 -5.82
N GLY A 44 -14.44 6.67 -5.97
CA GLY A 44 -14.28 6.03 -7.27
C GLY A 44 -13.04 5.16 -7.34
N LYS A 45 -12.51 4.80 -6.19
CA LYS A 45 -11.32 3.96 -6.12
C LYS A 45 -11.68 2.52 -5.79
N THR A 46 -10.71 1.62 -5.96
CA THR A 46 -10.92 0.20 -5.67
C THR A 46 -10.69 -0.10 -4.19
N ALA A 47 -11.20 -1.24 -3.74
CA ALA A 47 -11.05 -1.64 -2.34
C ALA A 47 -9.59 -1.64 -1.92
N LEU A 48 -8.73 -2.18 -2.78
CA LEU A 48 -7.30 -2.23 -2.50
C LEU A 48 -6.70 -0.83 -2.41
N GLN A 49 -6.96 -0.01 -3.42
CA GLN A 49 -6.45 1.34 -3.45
C GLN A 49 -6.84 2.11 -2.18
N VAL A 50 -8.12 2.41 -2.05
CA VAL A 50 -8.63 3.13 -0.88
C VAL A 50 -8.29 2.41 0.41
N MET A 51 -8.07 1.10 0.31
CA MET A 51 -7.73 0.29 1.47
C MET A 51 -6.84 1.06 2.43
N MET A 52 -7.19 1.03 3.72
CA MET A 52 -6.42 1.72 4.74
C MET A 52 -5.39 0.80 5.37
N PHE A 53 -5.16 -0.34 4.73
CA PHE A 53 -4.20 -1.32 5.22
C PHE A 53 -4.34 -1.52 6.73
N GLY A 54 -5.54 -1.25 7.24
CA GLY A 54 -5.78 -1.40 8.66
C GLY A 54 -5.54 -2.82 9.14
N SER A 55 -6.39 -3.74 8.70
CA SER A 55 -6.27 -5.14 9.08
C SER A 55 -5.46 -5.90 8.04
N PRO A 56 -4.62 -6.84 8.49
CA PRO A 56 -3.78 -7.65 7.59
C PRO A 56 -4.60 -8.61 6.76
N ALA A 57 -5.58 -9.26 7.39
CA ALA A 57 -6.44 -10.20 6.70
C ALA A 57 -7.25 -9.50 5.62
N VAL A 58 -7.60 -8.25 5.87
CA VAL A 58 -8.36 -7.46 4.92
C VAL A 58 -7.55 -7.29 3.63
N ALA A 59 -6.23 -7.25 3.78
CA ALA A 59 -5.34 -7.10 2.65
C ALA A 59 -5.43 -8.29 1.70
N LEU A 60 -5.06 -9.46 2.21
CA LEU A 60 -5.09 -10.68 1.42
C LEU A 60 -6.52 -11.04 1.00
N GLU A 61 -7.49 -10.64 1.82
CA GLU A 61 -8.88 -10.92 1.54
C GLU A 61 -9.33 -10.24 0.25
N LEU A 62 -9.45 -8.92 0.30
CA LEU A 62 -9.88 -8.14 -0.86
C LEU A 62 -8.87 -8.27 -2.00
N LEU A 63 -7.61 -8.50 -1.64
CA LEU A 63 -6.55 -8.63 -2.63
C LEU A 63 -6.79 -9.82 -3.54
N LYS A 64 -6.81 -11.02 -2.97
CA LYS A 64 -7.03 -12.23 -3.73
C LYS A 64 -8.43 -12.23 -4.37
N GLN A 65 -9.31 -11.39 -3.84
CA GLN A 65 -10.67 -11.28 -4.35
C GLN A 65 -10.68 -11.16 -5.87
N GLY A 66 -9.57 -10.67 -6.42
CA GLY A 66 -9.47 -10.51 -7.86
C GLY A 66 -8.99 -9.11 -8.24
N ALA A 67 -8.74 -8.28 -7.25
CA ALA A 67 -8.28 -6.92 -7.48
C ALA A 67 -6.85 -6.91 -8.03
N SER A 68 -6.29 -5.72 -8.17
CA SER A 68 -4.93 -5.57 -8.67
C SER A 68 -4.22 -4.40 -8.00
N PRO A 69 -2.99 -4.63 -7.50
CA PRO A 69 -2.20 -3.60 -6.83
C PRO A 69 -1.71 -2.53 -7.79
N ASN A 70 -1.79 -2.82 -9.09
CA ASN A 70 -1.35 -1.88 -10.11
C ASN A 70 -2.42 -0.84 -10.40
N VAL A 71 -2.59 0.11 -9.49
CA VAL A 71 -3.58 1.17 -9.65
C VAL A 71 -2.96 2.54 -9.42
N GLN A 72 -3.32 3.50 -10.26
CA GLN A 72 -2.81 4.86 -10.14
C GLN A 72 -3.87 5.88 -10.52
N ASP A 73 -3.70 7.11 -10.02
CA ASP A 73 -4.65 8.18 -10.31
C ASP A 73 -3.93 9.51 -10.44
N ALA A 74 -3.55 10.09 -9.30
CA ALA A 74 -2.86 11.38 -9.30
C ALA A 74 -1.37 11.19 -9.55
N SER A 75 -0.98 11.12 -10.82
CA SER A 75 0.41 10.94 -11.20
C SER A 75 0.86 9.51 -10.95
N GLY A 76 0.70 9.04 -9.72
CA GLY A 76 1.10 7.70 -9.38
C GLY A 76 1.00 7.42 -7.89
N THR A 77 -0.18 7.63 -7.33
CA THR A 77 -0.40 7.40 -5.90
C THR A 77 -1.12 6.07 -5.67
N SER A 78 -0.41 4.96 -5.92
CA SER A 78 -0.98 3.64 -5.74
C SER A 78 -1.10 3.30 -4.26
N PRO A 79 -1.77 2.19 -3.94
CA PRO A 79 -1.96 1.74 -2.55
C PRO A 79 -0.64 1.63 -1.80
N VAL A 80 0.39 1.11 -2.47
CA VAL A 80 1.69 0.95 -1.87
C VAL A 80 2.22 2.28 -1.33
N HIS A 81 1.75 3.38 -1.90
CA HIS A 81 2.17 4.71 -1.48
C HIS A 81 1.61 5.05 -0.10
N ASP A 82 0.30 5.21 -0.03
CA ASP A 82 -0.36 5.53 1.24
C ASP A 82 -0.13 4.44 2.27
N ALA A 83 0.11 3.22 1.80
CA ALA A 83 0.35 2.10 2.69
C ALA A 83 1.50 2.38 3.65
N ALA A 84 2.64 2.78 3.09
CA ALA A 84 3.81 3.09 3.89
C ALA A 84 3.55 4.26 4.84
N ARG A 85 2.93 5.31 4.31
CA ARG A 85 2.63 6.49 5.11
C ARG A 85 1.48 6.21 6.08
N THR A 86 0.60 5.29 5.70
CA THR A 86 -0.55 4.94 6.54
C THR A 86 -0.09 4.18 7.78
N GLY A 87 1.19 3.86 7.85
CA GLY A 87 1.73 3.13 8.98
C GLY A 87 0.99 1.84 9.23
N PHE A 88 1.26 0.84 8.40
CA PHE A 88 0.62 -0.46 8.53
C PHE A 88 1.41 -1.53 7.79
N LEU A 89 2.67 -1.71 8.17
CA LEU A 89 3.53 -2.70 7.54
C LEU A 89 2.88 -4.08 7.56
N ASP A 90 2.04 -4.32 8.55
CA ASP A 90 1.34 -5.60 8.68
C ASP A 90 0.49 -5.88 7.44
N THR A 91 -0.55 -5.08 7.25
CA THR A 91 -1.44 -5.24 6.10
C THR A 91 -0.74 -4.82 4.82
N LEU A 92 0.28 -3.98 4.95
CA LEU A 92 1.03 -3.50 3.80
C LEU A 92 1.92 -4.61 3.26
N LYS A 93 2.57 -5.34 4.16
CA LYS A 93 3.46 -6.42 3.78
C LYS A 93 2.68 -7.59 3.16
N VAL A 94 1.46 -7.81 3.63
CA VAL A 94 0.64 -8.91 3.11
C VAL A 94 0.30 -8.71 1.64
N LEU A 95 -0.27 -7.55 1.30
CA LEU A 95 -0.64 -7.25 -0.07
C LEU A 95 0.60 -6.92 -0.90
N VAL A 96 1.58 -6.31 -0.25
CA VAL A 96 2.82 -5.93 -0.93
C VAL A 96 3.69 -7.15 -1.21
N GLU A 97 3.95 -7.94 -0.17
CA GLU A 97 4.78 -9.13 -0.31
C GLU A 97 4.25 -10.03 -1.42
N HIS A 98 2.93 -10.00 -1.62
CA HIS A 98 2.30 -10.82 -2.66
C HIS A 98 2.88 -10.50 -4.03
N GLY A 99 3.52 -9.33 -4.14
CA GLY A 99 4.10 -8.92 -5.41
C GLY A 99 3.62 -7.55 -5.86
N ALA A 100 2.87 -6.88 -4.99
CA ALA A 100 2.35 -5.55 -5.29
C ALA A 100 3.46 -4.64 -5.80
N ASP A 101 3.18 -3.94 -6.91
CA ASP A 101 4.16 -3.03 -7.49
C ASP A 101 4.83 -2.19 -6.41
N VAL A 102 5.99 -2.64 -5.95
CA VAL A 102 6.74 -1.93 -4.92
C VAL A 102 7.85 -1.10 -5.54
N ASN A 103 7.71 -0.77 -6.82
CA ASN A 103 8.71 0.02 -7.52
C ASN A 103 8.07 1.21 -8.22
N ALA A 104 6.83 1.50 -7.85
CA ALA A 104 6.09 2.61 -8.44
C ALA A 104 6.32 3.90 -7.66
N LEU A 105 6.03 5.03 -8.29
CA LEU A 105 6.21 6.33 -7.65
C LEU A 105 5.07 7.28 -8.03
N ASP A 106 5.14 8.50 -7.50
CA ASP A 106 4.11 9.50 -7.79
C ASP A 106 4.73 10.74 -8.43
N SER A 107 4.06 11.88 -8.28
CA SER A 107 4.54 13.13 -8.85
C SER A 107 5.99 13.38 -8.49
N THR A 108 6.27 13.42 -7.18
CA THR A 108 7.62 13.64 -6.70
C THR A 108 8.57 12.55 -7.17
N GLY A 109 8.05 11.33 -7.28
CA GLY A 109 8.86 10.22 -7.72
C GLY A 109 9.39 9.40 -6.57
N SER A 110 9.22 9.92 -5.35
CA SER A 110 9.69 9.22 -4.15
C SER A 110 9.02 7.86 -4.01
N LEU A 111 9.80 6.80 -4.13
CA LEU A 111 9.27 5.44 -4.00
C LEU A 111 8.64 5.23 -2.63
N PRO A 112 7.63 4.35 -2.56
CA PRO A 112 6.93 4.05 -1.30
C PRO A 112 7.90 3.89 -0.13
N ILE A 113 9.10 3.41 -0.41
CA ILE A 113 10.10 3.21 0.62
C ILE A 113 10.67 4.53 1.10
N HIS A 114 10.88 5.45 0.15
CA HIS A 114 11.43 6.76 0.48
C HIS A 114 10.49 7.51 1.42
N LEU A 115 9.20 7.31 1.26
CA LEU A 115 8.21 7.97 2.10
C LEU A 115 8.26 7.41 3.52
N ALA A 116 8.22 6.09 3.63
CA ALA A 116 8.27 5.44 4.93
C ALA A 116 9.49 5.91 5.72
N ILE A 117 10.60 6.11 5.01
CA ILE A 117 11.83 6.58 5.65
C ILE A 117 11.62 7.95 6.26
N ARG A 118 10.95 8.83 5.52
CA ARG A 118 10.68 10.18 6.00
C ARG A 118 9.82 10.13 7.25
N GLU A 119 9.21 8.96 7.49
CA GLU A 119 8.36 8.78 8.66
C GLU A 119 9.06 7.92 9.71
N GLY A 120 9.60 6.78 9.29
CA GLY A 120 10.29 5.91 10.22
C GLY A 120 9.33 5.04 11.00
N HIS A 121 8.19 4.73 10.39
CA HIS A 121 7.18 3.90 11.03
C HIS A 121 7.79 2.61 11.56
N SER A 122 6.94 1.67 11.96
CA SER A 122 7.41 0.39 12.49
C SER A 122 8.30 -0.32 11.48
N SER A 123 8.03 -1.60 11.23
CA SER A 123 8.81 -2.38 10.27
C SER A 123 8.50 -1.97 8.83
N VAL A 124 7.63 -0.99 8.66
CA VAL A 124 7.26 -0.52 7.32
C VAL A 124 8.49 -0.13 6.52
N VAL A 125 9.16 0.94 6.94
CA VAL A 125 10.35 1.40 6.25
C VAL A 125 11.36 0.27 6.11
N SER A 126 11.37 -0.63 7.08
CA SER A 126 12.27 -1.76 7.08
C SER A 126 11.85 -2.82 6.07
N PHE A 127 10.62 -3.31 6.21
CA PHE A 127 10.09 -4.33 5.32
C PHE A 127 9.89 -3.81 3.90
N LEU A 128 9.28 -2.64 3.78
CA LEU A 128 9.03 -2.04 2.47
C LEU A 128 10.34 -1.66 1.80
N ALA A 129 11.44 -1.76 2.52
CA ALA A 129 12.76 -1.43 1.99
C ALA A 129 13.25 -2.49 0.99
N PRO A 130 13.39 -3.74 1.45
CA PRO A 130 13.86 -4.85 0.61
C PRO A 130 12.94 -5.10 -0.58
N GLU A 131 11.70 -5.49 -0.30
CA GLU A 131 10.73 -5.76 -1.35
C GLU A 131 10.78 -4.68 -2.42
N SER A 132 11.21 -3.48 -2.02
CA SER A 132 11.31 -2.36 -2.94
C SER A 132 12.69 -2.31 -3.60
N ASP A 133 12.70 -2.12 -4.91
CA ASP A 133 13.97 -2.06 -5.66
C ASP A 133 15.04 -1.33 -4.85
N LEU A 134 15.82 -2.10 -4.10
CA LEU A 134 16.89 -1.54 -3.29
C LEU A 134 17.95 -0.86 -4.15
N HIS A 135 17.57 0.26 -4.76
CA HIS A 135 18.49 1.01 -5.60
C HIS A 135 17.81 2.24 -6.21
N HIS A 136 16.57 2.05 -6.66
CA HIS A 136 15.82 3.14 -7.26
C HIS A 136 15.76 4.36 -6.33
N ARG A 137 15.59 5.54 -6.92
CA ARG A 137 15.52 6.77 -6.14
C ARG A 137 14.47 7.71 -6.71
N ASP A 138 14.71 9.02 -6.58
CA ASP A 138 13.77 10.01 -7.10
C ASP A 138 14.47 11.36 -7.26
N ALA A 139 13.69 12.43 -7.37
CA ALA A 139 14.24 13.78 -7.53
C ALA A 139 15.33 14.02 -6.50
N SER A 140 15.27 13.27 -5.41
CA SER A 140 16.24 13.37 -4.33
C SER A 140 17.64 13.03 -4.83
N GLY A 141 17.77 11.86 -5.44
CA GLY A 141 19.05 11.43 -5.96
C GLY A 141 19.89 10.75 -4.90
N LEU A 142 19.25 10.26 -3.85
CA LEU A 142 19.96 9.58 -2.77
C LEU A 142 19.71 8.08 -2.82
N THR A 143 18.87 7.58 -1.91
CA THR A 143 18.56 6.14 -1.87
C THR A 143 17.99 5.76 -0.50
N PRO A 144 17.43 4.55 -0.39
CA PRO A 144 16.85 4.05 0.86
C PRO A 144 17.78 4.26 2.05
N LEU A 145 18.99 3.72 1.96
CA LEU A 145 19.97 3.87 3.04
C LEU A 145 20.39 5.32 3.17
N GLU A 146 20.67 5.98 2.04
CA GLU A 146 21.07 7.38 2.06
C GLU A 146 20.04 8.23 2.78
N LEU A 147 18.78 8.09 2.40
CA LEU A 147 17.70 8.85 3.03
C LEU A 147 17.74 8.66 4.54
N ALA A 148 17.97 7.41 4.96
CA ALA A 148 18.04 7.11 6.38
C ALA A 148 19.05 8.02 7.06
N ARG A 149 20.13 8.33 6.35
CA ARG A 149 21.17 9.20 6.87
C ARG A 149 20.58 10.57 7.15
N GLN A 150 19.65 10.99 6.30
CA GLN A 150 18.98 12.27 6.45
C GLN A 150 18.15 12.25 7.72
N ARG A 151 17.02 11.55 7.67
CA ARG A 151 16.16 11.41 8.83
C ARG A 151 16.80 10.46 9.82
N GLY A 152 17.88 10.92 10.45
CA GLY A 152 18.60 10.11 11.40
C GLY A 152 17.79 9.73 12.63
N ALA A 153 16.60 9.17 12.40
CA ALA A 153 15.74 8.74 13.50
C ALA A 153 16.46 7.74 14.39
N GLN A 154 17.56 7.17 13.86
CA GLN A 154 18.37 6.19 14.58
C GLN A 154 18.09 4.77 14.11
N ASN A 155 16.84 4.34 14.25
CA ASN A 155 16.45 3.00 13.86
C ASN A 155 16.40 2.85 12.34
N LEU A 156 15.64 3.72 11.69
CA LEU A 156 15.50 3.69 10.24
C LEU A 156 16.85 3.71 9.53
N MET A 157 17.90 4.08 10.25
CA MET A 157 19.23 4.14 9.68
C MET A 157 19.83 2.74 9.50
N ASP A 158 19.98 2.03 10.59
CA ASP A 158 20.55 0.68 10.56
C ASP A 158 19.58 -0.33 9.97
N ILE A 159 18.28 -0.11 10.15
CA ILE A 159 17.28 -1.01 9.65
C ILE A 159 17.48 -1.29 8.16
N LEU A 160 17.52 -0.23 7.36
CA LEU A 160 17.69 -0.37 5.92
C LEU A 160 19.13 -0.76 5.57
N GLN A 161 20.08 -0.31 6.38
CA GLN A 161 21.49 -0.60 6.16
C GLN A 161 21.75 -2.11 6.25
N GLY A 162 21.15 -2.75 7.24
CA GLY A 162 21.33 -4.18 7.41
C GLY A 162 20.60 -4.98 6.36
N HIS A 163 19.43 -4.51 5.96
CA HIS A 163 18.63 -5.19 4.96
C HIS A 163 19.27 -5.09 3.58
N MET A 164 19.96 -3.98 3.34
CA MET A 164 20.64 -3.75 2.07
C MET A 164 21.70 -4.82 1.81
N MET A 165 21.28 -5.93 1.21
CA MET A 165 22.19 -7.02 0.91
C MET A 165 23.20 -6.61 -0.16
N ILE A 166 24.22 -7.45 -0.35
CA ILE A 166 25.25 -7.17 -1.34
C ILE A 166 25.60 -8.43 -2.13
N PRO A 167 25.15 -8.52 -3.38
CA PRO A 167 25.41 -9.67 -4.25
C PRO A 167 26.88 -10.03 -4.31
N MET A 168 27.25 -11.14 -3.67
CA MET A 168 28.65 -11.58 -3.66
C MET A 168 28.73 -13.09 -3.82
N GLY A 1 -29.67 -7.94 -25.99
CA GLY A 1 -30.16 -6.54 -25.84
C GLY A 1 -29.82 -5.95 -24.49
N SER A 2 -28.53 -5.95 -24.16
CA SER A 2 -28.07 -5.41 -22.89
C SER A 2 -26.98 -4.36 -23.11
N MET A 3 -27.34 -3.09 -22.96
CA MET A 3 -26.39 -1.99 -23.15
C MET A 3 -26.65 -0.88 -22.14
N LEU A 4 -26.61 -1.22 -20.86
CA LEU A 4 -26.83 -0.24 -19.80
C LEU A 4 -25.53 0.45 -19.40
N LEU A 5 -24.50 -0.35 -19.13
CA LEU A 5 -23.20 0.18 -18.74
C LEU A 5 -23.30 0.91 -17.40
N GLU A 6 -22.14 1.18 -16.79
CA GLU A 6 -22.10 1.87 -15.51
C GLU A 6 -22.78 1.04 -14.42
N GLU A 7 -22.31 1.21 -13.19
CA GLU A 7 -22.88 0.48 -12.06
C GLU A 7 -22.05 0.72 -10.79
N VAL A 8 -22.55 1.59 -9.92
CA VAL A 8 -21.87 1.91 -8.67
C VAL A 8 -22.73 1.55 -7.47
N CYS A 9 -24.00 1.24 -7.72
CA CYS A 9 -24.91 0.89 -6.65
C CYS A 9 -24.20 0.07 -5.58
N VAL A 10 -23.31 -0.81 -6.01
CA VAL A 10 -22.56 -1.65 -5.10
C VAL A 10 -21.10 -1.20 -5.01
N GLY A 11 -20.68 -0.41 -6.00
CA GLY A 11 -19.32 0.09 -6.02
C GLY A 11 -18.87 0.63 -4.67
N ASP A 12 -19.60 1.61 -4.16
CA ASP A 12 -19.28 2.21 -2.87
C ASP A 12 -19.88 1.39 -1.73
N ARG A 13 -19.55 0.11 -1.70
CA ARG A 13 -20.03 -0.79 -0.65
C ARG A 13 -18.89 -1.54 0.01
N LEU A 14 -18.23 -2.41 -0.77
CA LEU A 14 -17.12 -3.19 -0.26
C LEU A 14 -15.92 -2.31 0.07
N SER A 15 -15.75 -1.25 -0.72
CA SER A 15 -14.65 -0.32 -0.52
C SER A 15 -14.75 0.35 0.86
N GLY A 16 -15.97 0.69 1.26
CA GLY A 16 -16.17 1.33 2.55
C GLY A 16 -15.87 0.41 3.71
N ALA A 17 -16.12 -0.89 3.52
CA ALA A 17 -15.88 -1.87 4.57
C ALA A 17 -14.38 -2.11 4.75
N ALA A 18 -13.72 -2.56 3.69
CA ALA A 18 -12.29 -2.82 3.75
C ALA A 18 -11.51 -1.60 4.25
N ALA A 19 -11.82 -0.45 3.66
CA ALA A 19 -11.15 0.79 4.05
C ALA A 19 -11.47 1.16 5.49
N ARG A 20 -12.63 0.73 5.96
CA ARG A 20 -13.05 1.01 7.33
C ARG A 20 -12.25 0.18 8.33
N GLY A 21 -11.96 -1.06 7.96
CA GLY A 21 -11.20 -1.93 8.82
C GLY A 21 -12.08 -2.89 9.61
N ASP A 22 -12.60 -3.91 8.92
CA ASP A 22 -13.46 -4.90 9.56
C ASP A 22 -13.15 -6.29 9.05
N VAL A 23 -12.14 -6.92 9.63
CA VAL A 23 -11.73 -8.26 9.24
C VAL A 23 -12.93 -9.21 9.26
N GLN A 24 -13.94 -8.85 10.03
CA GLN A 24 -15.14 -9.67 10.13
C GLN A 24 -16.00 -9.55 8.87
N GLU A 25 -16.26 -8.31 8.46
CA GLU A 25 -17.06 -8.04 7.27
C GLU A 25 -16.31 -8.36 5.98
N VAL A 26 -14.98 -8.27 6.03
CA VAL A 26 -14.16 -8.53 4.86
C VAL A 26 -14.48 -9.89 4.24
N ARG A 27 -14.47 -10.93 5.07
CA ARG A 27 -14.76 -12.28 4.61
C ARG A 27 -16.24 -12.46 4.29
N ARG A 28 -17.09 -11.94 5.17
CA ARG A 28 -18.54 -12.06 4.99
C ARG A 28 -19.00 -11.33 3.74
N LEU A 29 -18.34 -10.23 3.42
CA LEU A 29 -18.69 -9.44 2.25
C LEU A 29 -18.71 -10.30 0.99
N LEU A 30 -17.54 -10.70 0.54
CA LEU A 30 -17.42 -11.52 -0.67
C LEU A 30 -17.95 -12.94 -0.45
N HIS A 31 -17.52 -13.59 0.62
CA HIS A 31 -17.95 -14.95 0.92
C HIS A 31 -19.45 -15.02 1.25
N ARG A 32 -20.00 -13.92 1.75
CA ARG A 32 -21.42 -13.90 2.10
C ARG A 32 -22.18 -12.83 1.31
N GLU A 33 -21.76 -11.58 1.45
CA GLU A 33 -22.40 -10.47 0.76
C GLU A 33 -22.18 -10.57 -0.75
N LEU A 34 -21.35 -11.51 -1.17
CA LEU A 34 -21.05 -11.70 -2.58
C LEU A 34 -20.86 -10.35 -3.27
N VAL A 35 -20.40 -9.37 -2.52
CA VAL A 35 -20.17 -8.04 -3.05
C VAL A 35 -19.03 -8.04 -4.06
N HIS A 36 -19.12 -7.16 -5.05
CA HIS A 36 -18.10 -7.06 -6.07
C HIS A 36 -16.78 -6.55 -5.49
N PRO A 37 -15.67 -7.23 -5.80
CA PRO A 37 -14.34 -6.86 -5.31
C PRO A 37 -13.82 -5.59 -5.97
N ASP A 38 -14.35 -5.28 -7.15
CA ASP A 38 -13.93 -4.09 -7.88
C ASP A 38 -14.93 -2.95 -7.68
N ALA A 39 -15.74 -3.05 -6.63
CA ALA A 39 -16.74 -2.04 -6.33
C ALA A 39 -16.08 -0.70 -6.03
N LEU A 40 -16.21 0.24 -6.97
CA LEU A 40 -15.62 1.57 -6.81
C LEU A 40 -16.62 2.51 -6.11
N ASN A 41 -16.08 3.41 -5.30
CA ASN A 41 -16.91 4.37 -4.58
C ASN A 41 -17.28 5.55 -5.47
N ARG A 42 -17.89 6.57 -4.88
CA ARG A 42 -18.30 7.76 -5.62
C ARG A 42 -17.08 8.57 -6.06
N PHE A 43 -16.19 7.95 -6.81
CA PHE A 43 -14.99 8.61 -7.29
C PHE A 43 -14.24 7.73 -8.30
N GLY A 44 -14.14 6.44 -7.97
CA GLY A 44 -13.44 5.52 -8.84
C GLY A 44 -12.20 4.93 -8.21
N LYS A 45 -12.37 4.25 -7.10
CA LYS A 45 -11.25 3.64 -6.39
C LYS A 45 -11.63 2.27 -5.83
N THR A 46 -10.68 1.36 -5.82
CA THR A 46 -10.91 0.01 -5.31
C THR A 46 -10.72 -0.04 -3.80
N ALA A 47 -11.36 -1.02 -3.17
CA ALA A 47 -11.27 -1.19 -1.72
C ALA A 47 -9.81 -1.30 -1.28
N LEU A 48 -8.95 -1.73 -2.20
CA LEU A 48 -7.53 -1.90 -1.90
C LEU A 48 -6.85 -0.53 -1.80
N GLN A 49 -7.07 0.32 -2.79
CA GLN A 49 -6.47 1.65 -2.81
C GLN A 49 -7.00 2.48 -1.64
N VAL A 50 -8.21 2.19 -1.20
CA VAL A 50 -8.81 2.90 -0.08
C VAL A 50 -8.60 2.16 1.23
N MET A 51 -8.20 0.90 1.13
CA MET A 51 -7.96 0.08 2.32
C MET A 51 -7.18 0.86 3.36
N MET A 52 -7.34 0.46 4.62
CA MET A 52 -6.65 1.12 5.73
C MET A 52 -5.57 0.22 6.32
N PHE A 53 -5.09 -0.72 5.51
CA PHE A 53 -4.05 -1.65 5.95
C PHE A 53 -4.24 -2.01 7.42
N GLY A 54 -5.48 -2.03 7.88
CA GLY A 54 -5.76 -2.37 9.25
C GLY A 54 -5.56 -3.84 9.55
N SER A 55 -6.60 -4.63 9.30
CA SER A 55 -6.53 -6.07 9.52
C SER A 55 -5.77 -6.76 8.41
N PRO A 56 -4.67 -7.45 8.75
CA PRO A 56 -3.84 -8.16 7.76
C PRO A 56 -4.68 -9.08 6.88
N ALA A 57 -5.60 -9.80 7.51
CA ALA A 57 -6.47 -10.72 6.78
C ALA A 57 -7.36 -9.99 5.78
N VAL A 58 -7.69 -8.73 6.09
CA VAL A 58 -8.52 -7.94 5.21
C VAL A 58 -7.84 -7.76 3.86
N ALA A 59 -6.54 -7.51 3.90
CA ALA A 59 -5.76 -7.34 2.68
C ALA A 59 -5.76 -8.62 1.86
N LEU A 60 -5.43 -9.73 2.52
CA LEU A 60 -5.38 -11.03 1.86
C LEU A 60 -6.77 -11.41 1.34
N GLU A 61 -7.79 -11.13 2.14
CA GLU A 61 -9.16 -11.45 1.77
C GLU A 61 -9.59 -10.68 0.52
N LEU A 62 -9.23 -9.40 0.48
CA LEU A 62 -9.57 -8.54 -0.66
C LEU A 62 -8.90 -9.06 -1.93
N LEU A 63 -7.57 -9.18 -1.89
CA LEU A 63 -6.81 -9.67 -3.03
C LEU A 63 -7.18 -11.10 -3.36
N LYS A 64 -7.56 -11.87 -2.33
CA LYS A 64 -7.94 -13.26 -2.50
C LYS A 64 -9.19 -13.37 -3.37
N GLN A 65 -10.19 -12.55 -3.07
CA GLN A 65 -11.44 -12.56 -3.82
C GLN A 65 -11.20 -12.33 -5.31
N GLY A 66 -10.11 -11.64 -5.61
CA GLY A 66 -9.77 -11.36 -7.00
C GLY A 66 -9.74 -9.88 -7.30
N ALA A 67 -9.07 -9.11 -6.46
CA ALA A 67 -8.97 -7.67 -6.63
C ALA A 67 -7.56 -7.27 -7.04
N SER A 68 -7.46 -6.58 -8.18
CA SER A 68 -6.16 -6.14 -8.68
C SER A 68 -5.50 -5.17 -7.70
N PRO A 69 -4.26 -5.49 -7.28
CA PRO A 69 -3.50 -4.66 -6.33
C PRO A 69 -3.01 -3.36 -6.97
N ASN A 70 -2.58 -3.45 -8.22
CA ASN A 70 -2.08 -2.28 -8.94
C ASN A 70 -3.23 -1.32 -9.28
N VAL A 71 -3.35 -0.26 -8.51
CA VAL A 71 -4.39 0.73 -8.72
C VAL A 71 -3.86 2.15 -8.52
N GLN A 72 -4.18 3.03 -9.47
CA GLN A 72 -3.73 4.42 -9.40
C GLN A 72 -4.80 5.35 -9.96
N ASP A 73 -5.10 6.42 -9.22
CA ASP A 73 -6.10 7.39 -9.65
C ASP A 73 -5.63 8.81 -9.35
N ALA A 74 -5.09 9.01 -8.14
CA ALA A 74 -4.61 10.33 -7.73
C ALA A 74 -3.09 10.40 -7.78
N SER A 75 -2.57 11.24 -8.66
CA SER A 75 -1.13 11.42 -8.80
C SER A 75 -0.40 10.09 -8.62
N GLY A 76 -0.66 9.14 -9.51
CA GLY A 76 -0.01 7.84 -9.42
C GLY A 76 0.20 7.39 -8.00
N THR A 77 -0.90 7.12 -7.30
CA THR A 77 -0.83 6.66 -5.91
C THR A 77 -1.58 5.34 -5.73
N SER A 78 -1.05 4.50 -4.85
CA SER A 78 -1.65 3.20 -4.57
C SER A 78 -1.49 2.83 -3.10
N PRO A 79 -2.05 1.68 -2.69
CA PRO A 79 -1.97 1.20 -1.31
C PRO A 79 -0.54 1.24 -0.77
N VAL A 80 0.40 0.73 -1.56
CA VAL A 80 1.80 0.70 -1.16
C VAL A 80 2.29 2.09 -0.74
N HIS A 81 1.83 3.10 -1.46
CA HIS A 81 2.21 4.49 -1.17
C HIS A 81 1.82 4.88 0.25
N ASP A 82 0.51 5.02 0.47
CA ASP A 82 -0.01 5.40 1.77
C ASP A 82 0.44 4.42 2.85
N ALA A 83 0.55 3.15 2.49
CA ALA A 83 0.96 2.11 3.43
C ALA A 83 2.25 2.49 4.14
N ALA A 84 3.28 2.82 3.36
CA ALA A 84 4.57 3.20 3.92
C ALA A 84 4.47 4.49 4.75
N ARG A 85 3.81 5.49 4.19
CA ARG A 85 3.65 6.78 4.86
C ARG A 85 2.67 6.68 6.02
N THR A 86 1.78 5.69 5.96
CA THR A 86 0.78 5.50 7.01
C THR A 86 1.42 4.92 8.27
N GLY A 87 1.77 3.64 8.21
CA GLY A 87 2.38 2.98 9.35
C GLY A 87 1.65 1.71 9.73
N PHE A 88 1.64 0.74 8.82
CA PHE A 88 0.97 -0.52 9.06
C PHE A 88 1.68 -1.65 8.35
N LEU A 89 2.97 -1.82 8.66
CA LEU A 89 3.78 -2.87 8.05
C LEU A 89 3.10 -4.23 8.16
N ASP A 90 2.16 -4.34 9.10
CA ASP A 90 1.44 -5.60 9.30
C ASP A 90 0.69 -6.01 8.03
N THR A 91 -0.37 -5.27 7.71
CA THR A 91 -1.16 -5.56 6.52
C THR A 91 -0.41 -5.16 5.25
N LEU A 92 0.47 -4.17 5.38
CA LEU A 92 1.25 -3.68 4.25
C LEU A 92 2.05 -4.82 3.60
N LYS A 93 2.88 -5.47 4.41
CA LYS A 93 3.70 -6.57 3.92
C LYS A 93 2.85 -7.64 3.23
N VAL A 94 1.61 -7.82 3.71
CA VAL A 94 0.71 -8.81 3.14
C VAL A 94 0.49 -8.55 1.65
N LEU A 95 -0.14 -7.42 1.33
CA LEU A 95 -0.40 -7.05 -0.05
C LEU A 95 0.90 -6.66 -0.75
N VAL A 96 1.85 -6.14 0.03
CA VAL A 96 3.13 -5.72 -0.51
C VAL A 96 4.00 -6.94 -0.86
N GLU A 97 3.95 -7.96 -0.01
CA GLU A 97 4.72 -9.17 -0.23
C GLU A 97 4.12 -10.00 -1.37
N HIS A 98 2.83 -9.83 -1.60
CA HIS A 98 2.14 -10.56 -2.65
C HIS A 98 2.72 -10.23 -4.02
N GLY A 99 2.62 -8.97 -4.41
CA GLY A 99 3.14 -8.55 -5.70
C GLY A 99 3.01 -7.06 -5.94
N ALA A 100 1.98 -6.45 -5.35
CA ALA A 100 1.73 -5.03 -5.50
C ALA A 100 3.03 -4.26 -5.65
N ASP A 101 3.19 -3.59 -6.79
CA ASP A 101 4.39 -2.82 -7.06
C ASP A 101 4.84 -2.03 -5.83
N VAL A 102 6.05 -2.33 -5.36
CA VAL A 102 6.59 -1.67 -4.18
C VAL A 102 7.75 -0.74 -4.56
N ASN A 103 7.81 -0.36 -5.83
CA ASN A 103 8.87 0.52 -6.32
C ASN A 103 8.31 1.60 -7.23
N ALA A 104 7.05 1.96 -7.01
CA ALA A 104 6.40 2.98 -7.82
C ALA A 104 6.22 4.27 -7.03
N LEU A 105 6.61 5.38 -7.63
CA LEU A 105 6.51 6.68 -6.99
C LEU A 105 5.26 7.42 -7.44
N ASP A 106 4.87 8.43 -6.69
CA ASP A 106 3.69 9.22 -7.01
C ASP A 106 4.04 10.33 -7.99
N SER A 107 4.65 9.95 -9.10
CA SER A 107 5.04 10.92 -10.13
C SER A 107 6.35 11.62 -9.74
N THR A 108 6.31 12.35 -8.63
CA THR A 108 7.49 13.06 -8.16
C THR A 108 8.72 12.17 -8.29
N GLY A 109 8.49 10.86 -8.22
CA GLY A 109 9.58 9.91 -8.34
C GLY A 109 10.24 9.60 -7.01
N SER A 110 9.45 9.65 -5.94
CA SER A 110 9.96 9.37 -4.61
C SER A 110 9.57 7.96 -4.17
N LEU A 111 10.51 7.02 -4.34
CA LEU A 111 10.27 5.63 -3.98
C LEU A 111 9.40 5.53 -2.72
N PRO A 112 8.40 4.64 -2.74
CA PRO A 112 7.49 4.44 -1.61
C PRO A 112 8.23 4.36 -0.27
N ILE A 113 9.46 3.87 -0.32
CA ILE A 113 10.28 3.75 0.89
C ILE A 113 10.74 5.11 1.38
N HIS A 114 11.04 6.00 0.44
CA HIS A 114 11.51 7.34 0.77
C HIS A 114 10.55 8.02 1.75
N LEU A 115 9.26 7.78 1.56
CA LEU A 115 8.24 8.37 2.42
C LEU A 115 8.32 7.75 3.82
N ALA A 116 8.41 6.43 3.88
CA ALA A 116 8.50 5.73 5.15
C ALA A 116 9.68 6.26 5.95
N ILE A 117 10.80 6.48 5.28
CA ILE A 117 12.00 7.00 5.92
C ILE A 117 11.71 8.33 6.60
N ARG A 118 10.88 9.15 5.97
CA ARG A 118 10.54 10.45 6.51
C ARG A 118 9.71 10.29 7.78
N GLU A 119 9.17 9.09 7.99
CA GLU A 119 8.37 8.82 9.17
C GLU A 119 9.20 8.08 10.22
N GLY A 120 9.87 7.01 9.80
CA GLY A 120 10.69 6.24 10.73
C GLY A 120 9.90 5.19 11.47
N HIS A 121 9.01 4.51 10.75
CA HIS A 121 8.19 3.46 11.35
C HIS A 121 9.02 2.21 11.62
N SER A 122 10.29 2.25 11.24
CA SER A 122 11.19 1.11 11.44
C SER A 122 10.70 -0.11 10.66
N SER A 123 9.59 -0.69 11.12
CA SER A 123 9.02 -1.86 10.46
C SER A 123 8.74 -1.60 8.99
N VAL A 124 8.21 -0.41 8.70
CA VAL A 124 7.90 -0.03 7.34
C VAL A 124 9.17 0.28 6.55
N VAL A 125 9.90 1.28 6.99
CA VAL A 125 11.15 1.66 6.33
C VAL A 125 12.06 0.45 6.15
N SER A 126 12.29 -0.26 7.26
CA SER A 126 13.14 -1.44 7.24
C SER A 126 12.63 -2.46 6.23
N PHE A 127 11.33 -2.65 6.21
CA PHE A 127 10.69 -3.60 5.30
C PHE A 127 10.69 -3.08 3.87
N LEU A 128 10.49 -1.77 3.73
CA LEU A 128 10.46 -1.14 2.41
C LEU A 128 11.85 -1.08 1.79
N ALA A 129 12.85 -1.52 2.54
CA ALA A 129 14.23 -1.51 2.06
C ALA A 129 14.43 -2.52 0.94
N PRO A 130 14.43 -3.82 1.26
CA PRO A 130 14.61 -4.88 0.27
C PRO A 130 13.45 -4.96 -0.73
N GLU A 131 12.25 -5.16 -0.20
CA GLU A 131 11.06 -5.25 -1.04
C GLU A 131 11.11 -4.24 -2.18
N SER A 132 11.64 -3.06 -1.89
CA SER A 132 11.75 -2.01 -2.89
C SER A 132 13.15 -2.01 -3.51
N ASP A 133 13.19 -1.92 -4.85
CA ASP A 133 14.46 -1.90 -5.56
C ASP A 133 15.51 -1.14 -4.77
N LEU A 134 16.47 -1.85 -4.20
CA LEU A 134 17.53 -1.25 -3.42
C LEU A 134 18.52 -0.51 -4.31
N HIS A 135 18.30 -0.56 -5.61
CA HIS A 135 19.19 0.11 -6.56
C HIS A 135 18.47 1.27 -7.24
N HIS A 136 17.45 1.81 -6.57
CA HIS A 136 16.70 2.93 -7.11
C HIS A 136 17.02 4.21 -6.36
N ARG A 137 16.52 5.34 -6.88
CA ARG A 137 16.76 6.64 -6.26
C ARG A 137 15.73 7.66 -6.72
N ASP A 138 15.54 8.70 -5.91
CA ASP A 138 14.59 9.75 -6.24
C ASP A 138 15.17 10.69 -7.28
N ALA A 139 14.30 11.40 -8.00
CA ALA A 139 14.77 12.34 -9.02
C ALA A 139 15.94 13.15 -8.48
N SER A 140 15.95 13.30 -7.17
CA SER A 140 17.00 14.03 -6.48
C SER A 140 18.29 13.22 -6.45
N GLY A 141 18.15 11.92 -6.20
CA GLY A 141 19.30 11.04 -6.14
C GLY A 141 19.51 10.47 -4.75
N LEU A 142 18.42 10.19 -4.05
CA LEU A 142 18.50 9.64 -2.70
C LEU A 142 18.42 8.12 -2.72
N THR A 143 18.22 7.53 -1.55
CA THR A 143 18.14 6.08 -1.44
C THR A 143 17.87 5.66 0.00
N PRO A 144 17.47 4.40 0.21
CA PRO A 144 17.19 3.88 1.55
C PRO A 144 18.23 4.32 2.57
N LEU A 145 19.49 4.00 2.29
CA LEU A 145 20.59 4.38 3.17
C LEU A 145 20.84 5.88 3.09
N GLU A 146 20.82 6.42 1.88
CA GLU A 146 21.04 7.85 1.67
C GLU A 146 20.06 8.67 2.51
N LEU A 147 18.79 8.63 2.11
CA LEU A 147 17.75 9.37 2.83
C LEU A 147 17.81 9.02 4.32
N ALA A 148 18.08 7.75 4.62
CA ALA A 148 18.17 7.30 5.99
C ALA A 148 19.18 8.15 6.75
N ARG A 149 20.32 8.40 6.12
CA ARG A 149 21.37 9.23 6.73
C ARG A 149 20.80 10.61 7.05
N GLN A 150 19.75 10.98 6.34
CA GLN A 150 19.09 12.26 6.54
C GLN A 150 18.34 12.23 7.85
N ARG A 151 17.20 11.55 7.86
CA ARG A 151 16.40 11.41 9.07
C ARG A 151 17.08 10.43 10.01
N GLY A 152 18.15 10.90 10.64
CA GLY A 152 18.92 10.06 11.56
C GLY A 152 18.13 9.59 12.75
N ALA A 153 17.00 8.94 12.50
CA ALA A 153 16.15 8.42 13.56
C ALA A 153 16.84 7.26 14.27
N GLN A 154 17.90 6.73 13.67
CA GLN A 154 18.65 5.61 14.22
C GLN A 154 18.07 4.28 13.77
N ASN A 155 16.75 4.22 13.66
CA ASN A 155 16.06 3.01 13.25
C ASN A 155 16.27 2.75 11.75
N LEU A 156 15.74 3.64 10.92
CA LEU A 156 15.85 3.50 9.47
C LEU A 156 17.31 3.29 9.05
N MET A 157 18.18 4.20 9.45
CA MET A 157 19.58 4.09 9.10
C MET A 157 20.09 2.70 9.46
N ASP A 158 19.48 2.10 10.47
CA ASP A 158 19.86 0.77 10.92
C ASP A 158 19.36 -0.31 9.96
N ILE A 159 18.05 -0.53 9.95
CA ILE A 159 17.44 -1.53 9.10
C ILE A 159 17.84 -1.38 7.64
N LEU A 160 17.88 -0.14 7.17
CA LEU A 160 18.23 0.14 5.78
C LEU A 160 19.72 -0.06 5.55
N GLN A 161 20.50 -0.13 6.63
CA GLN A 161 21.93 -0.34 6.52
C GLN A 161 22.24 -1.77 6.11
N GLY A 162 21.83 -2.72 6.94
CA GLY A 162 22.08 -4.12 6.65
C GLY A 162 21.25 -4.60 5.48
N HIS A 163 19.96 -4.31 5.49
CA HIS A 163 19.07 -4.72 4.41
C HIS A 163 19.61 -4.24 3.06
N MET A 164 20.51 -3.27 3.10
CA MET A 164 21.11 -2.73 1.88
C MET A 164 22.44 -3.41 1.59
N MET A 165 22.62 -3.81 0.33
CA MET A 165 23.85 -4.48 -0.08
C MET A 165 24.98 -3.47 -0.27
N ILE A 166 25.50 -2.96 0.84
CA ILE A 166 26.59 -1.99 0.81
C ILE A 166 27.53 -2.26 -0.37
N PRO A 167 27.29 -1.60 -1.51
CA PRO A 167 28.11 -1.77 -2.71
C PRO A 167 29.59 -1.51 -2.43
N MET A 168 30.40 -2.56 -2.53
CA MET A 168 31.83 -2.46 -2.29
C MET A 168 32.62 -3.27 -3.32
N GLY A 1 -35.72 14.05 -7.17
CA GLY A 1 -36.08 13.42 -5.87
C GLY A 1 -34.97 12.54 -5.33
N SER A 2 -33.79 13.13 -5.14
CA SER A 2 -32.65 12.40 -4.62
C SER A 2 -31.43 13.31 -4.48
N MET A 3 -30.64 13.07 -3.44
CA MET A 3 -29.45 13.87 -3.19
C MET A 3 -28.19 13.00 -3.24
N LEU A 4 -28.38 11.69 -3.31
CA LEU A 4 -27.27 10.75 -3.36
C LEU A 4 -27.22 10.03 -4.70
N LEU A 5 -26.03 9.55 -5.07
CA LEU A 5 -25.85 8.85 -6.33
C LEU A 5 -25.68 7.34 -6.09
N GLU A 6 -25.11 6.65 -7.07
CA GLU A 6 -24.89 5.21 -6.95
C GLU A 6 -24.38 4.64 -8.27
N GLU A 7 -23.31 5.24 -8.80
CA GLU A 7 -22.73 4.78 -10.06
C GLU A 7 -21.46 3.98 -9.81
N VAL A 8 -21.28 3.54 -8.57
CA VAL A 8 -20.10 2.77 -8.19
C VAL A 8 -20.44 1.29 -8.06
N CYS A 9 -21.67 1.00 -7.66
CA CYS A 9 -22.12 -0.38 -7.50
C CYS A 9 -21.25 -1.12 -6.50
N VAL A 10 -21.88 -1.78 -5.54
CA VAL A 10 -21.15 -2.52 -4.51
C VAL A 10 -20.09 -1.65 -3.86
N GLY A 11 -20.26 -0.33 -3.98
CA GLY A 11 -19.32 0.60 -3.39
C GLY A 11 -19.56 0.83 -1.91
N ASP A 12 -20.75 1.35 -1.59
CA ASP A 12 -21.10 1.62 -0.20
C ASP A 12 -21.18 0.32 0.60
N ARG A 13 -21.14 -0.81 -0.09
CA ARG A 13 -21.20 -2.11 0.55
C ARG A 13 -19.81 -2.71 0.72
N LEU A 14 -19.21 -3.11 -0.40
CA LEU A 14 -17.88 -3.70 -0.39
C LEU A 14 -16.81 -2.64 -0.10
N SER A 15 -16.72 -1.65 -0.98
CA SER A 15 -15.73 -0.58 -0.82
C SER A 15 -15.88 0.10 0.53
N GLY A 16 -17.09 0.04 1.08
CA GLY A 16 -17.35 0.66 2.37
C GLY A 16 -16.74 -0.10 3.53
N ALA A 17 -17.00 -1.40 3.58
CA ALA A 17 -16.45 -2.25 4.65
C ALA A 17 -14.96 -2.47 4.48
N ALA A 18 -14.55 -2.82 3.26
CA ALA A 18 -13.15 -3.07 2.96
C ALA A 18 -12.29 -1.89 3.41
N ALA A 19 -12.79 -0.68 3.19
CA ALA A 19 -12.06 0.53 3.57
C ALA A 19 -12.07 0.73 5.08
N ARG A 20 -13.22 0.48 5.69
CA ARG A 20 -13.35 0.64 7.14
C ARG A 20 -12.43 -0.33 7.89
N GLY A 21 -12.03 -1.40 7.20
CA GLY A 21 -11.14 -2.38 7.80
C GLY A 21 -11.84 -3.28 8.80
N ASP A 22 -12.86 -4.00 8.33
CA ASP A 22 -13.61 -4.91 9.18
C ASP A 22 -13.31 -6.35 8.83
N VAL A 23 -12.29 -6.93 9.48
CA VAL A 23 -11.92 -8.30 9.21
C VAL A 23 -13.14 -9.21 9.31
N GLN A 24 -14.14 -8.75 10.05
CA GLN A 24 -15.37 -9.51 10.23
C GLN A 24 -16.24 -9.43 8.97
N GLU A 25 -16.60 -8.20 8.59
CA GLU A 25 -17.44 -7.98 7.42
C GLU A 25 -16.65 -8.17 6.12
N VAL A 26 -15.34 -7.93 6.18
CA VAL A 26 -14.50 -8.08 5.00
C VAL A 26 -14.71 -9.44 4.36
N ARG A 27 -14.58 -10.50 5.17
CA ARG A 27 -14.77 -11.85 4.67
C ARG A 27 -16.24 -12.15 4.43
N ARG A 28 -17.07 -11.87 5.43
CA ARG A 28 -18.50 -12.10 5.35
C ARG A 28 -19.09 -11.44 4.11
N LEU A 29 -18.57 -10.27 3.78
CA LEU A 29 -19.05 -9.54 2.61
C LEU A 29 -18.59 -10.19 1.31
N LEU A 30 -17.32 -10.02 0.97
CA LEU A 30 -16.79 -10.57 -0.26
C LEU A 30 -16.65 -12.10 -0.19
N HIS A 31 -16.16 -12.60 0.94
CA HIS A 31 -15.95 -14.03 1.11
C HIS A 31 -17.28 -14.77 1.30
N ARG A 32 -18.39 -14.02 1.30
CA ARG A 32 -19.71 -14.63 1.47
C ARG A 32 -20.71 -14.02 0.50
N GLU A 33 -20.99 -12.72 0.66
CA GLU A 33 -21.94 -12.05 -0.23
C GLU A 33 -21.44 -12.05 -1.67
N LEU A 34 -20.18 -12.43 -1.85
CA LEU A 34 -19.57 -12.49 -3.18
C LEU A 34 -19.72 -11.15 -3.89
N VAL A 35 -18.93 -10.17 -3.45
CA VAL A 35 -18.97 -8.84 -4.04
C VAL A 35 -17.81 -8.63 -4.99
N HIS A 36 -18.00 -7.74 -5.96
CA HIS A 36 -16.96 -7.43 -6.94
C HIS A 36 -15.85 -6.58 -6.33
N PRO A 37 -14.59 -7.03 -6.45
CA PRO A 37 -13.45 -6.31 -5.90
C PRO A 37 -13.08 -5.08 -6.73
N ASP A 38 -13.86 -4.84 -7.78
CA ASP A 38 -13.61 -3.70 -8.65
C ASP A 38 -14.74 -2.66 -8.51
N ALA A 39 -15.01 -2.25 -7.29
CA ALA A 39 -16.05 -1.27 -7.02
C ALA A 39 -15.45 0.10 -6.74
N LEU A 40 -16.32 1.10 -6.55
CA LEU A 40 -15.88 2.45 -6.26
C LEU A 40 -16.78 3.12 -5.24
N ASN A 41 -16.56 4.41 -5.00
CA ASN A 41 -17.35 5.17 -4.05
C ASN A 41 -17.42 6.64 -4.44
N ARG A 42 -18.33 7.37 -3.81
CA ARG A 42 -18.50 8.80 -4.10
C ARG A 42 -17.16 9.46 -4.41
N PHE A 43 -16.09 8.96 -3.79
CA PHE A 43 -14.76 9.49 -4.00
C PHE A 43 -14.27 9.20 -5.42
N GLY A 44 -14.42 7.96 -5.85
CA GLY A 44 -14.00 7.57 -7.18
C GLY A 44 -12.79 6.66 -7.17
N LYS A 45 -12.50 6.08 -6.01
CA LYS A 45 -11.36 5.18 -5.86
C LYS A 45 -11.82 3.72 -5.86
N THR A 46 -10.85 2.81 -5.96
CA THR A 46 -11.15 1.38 -5.99
C THR A 46 -11.24 0.84 -4.57
N ALA A 47 -11.74 -0.39 -4.44
CA ALA A 47 -11.87 -1.03 -3.15
C ALA A 47 -10.52 -1.17 -2.46
N LEU A 48 -9.58 -1.80 -3.15
CA LEU A 48 -8.23 -2.00 -2.61
C LEU A 48 -7.51 -0.67 -2.43
N GLN A 49 -7.75 0.25 -3.35
CA GLN A 49 -7.13 1.57 -3.30
C GLN A 49 -7.37 2.22 -1.93
N VAL A 50 -8.63 2.55 -1.66
CA VAL A 50 -8.99 3.17 -0.40
C VAL A 50 -8.85 2.19 0.77
N MET A 51 -8.95 0.91 0.46
CA MET A 51 -8.83 -0.14 1.47
C MET A 51 -7.82 0.25 2.54
N MET A 52 -8.31 0.61 3.72
CA MET A 52 -7.45 1.00 4.82
C MET A 52 -6.60 -0.18 5.29
N PHE A 53 -5.32 0.07 5.55
CA PHE A 53 -4.40 -0.96 6.00
C PHE A 53 -4.52 -1.18 7.50
N GLY A 54 -5.77 -1.31 7.98
CA GLY A 54 -5.99 -1.53 9.39
C GLY A 54 -5.93 -3.00 9.76
N SER A 55 -6.86 -3.79 9.22
CA SER A 55 -6.91 -5.22 9.49
C SER A 55 -6.24 -6.00 8.36
N PRO A 56 -5.10 -6.62 8.63
CA PRO A 56 -4.37 -7.40 7.62
C PRO A 56 -5.29 -8.38 6.90
N ALA A 57 -6.40 -8.73 7.56
CA ALA A 57 -7.36 -9.67 6.99
C ALA A 57 -8.03 -9.11 5.74
N VAL A 58 -8.42 -7.84 5.77
CA VAL A 58 -9.07 -7.22 4.63
C VAL A 58 -8.13 -7.22 3.42
N ALA A 59 -6.85 -7.01 3.68
CA ALA A 59 -5.86 -7.01 2.61
C ALA A 59 -5.78 -8.38 1.95
N LEU A 60 -5.61 -9.40 2.78
CA LEU A 60 -5.53 -10.78 2.29
C LEU A 60 -6.82 -11.19 1.60
N GLU A 61 -7.95 -10.91 2.26
CA GLU A 61 -9.25 -11.26 1.72
C GLU A 61 -9.53 -10.56 0.40
N LEU A 62 -9.27 -9.25 0.35
CA LEU A 62 -9.49 -8.47 -0.86
C LEU A 62 -8.60 -8.95 -1.98
N LEU A 63 -7.29 -8.92 -1.77
CA LEU A 63 -6.33 -9.35 -2.77
C LEU A 63 -6.48 -10.83 -3.09
N LYS A 64 -6.96 -11.60 -2.12
CA LYS A 64 -7.14 -13.04 -2.29
C LYS A 64 -8.17 -13.33 -3.38
N GLN A 65 -8.97 -12.33 -3.72
CA GLN A 65 -9.99 -12.48 -4.75
C GLN A 65 -9.37 -12.43 -6.14
N GLY A 66 -8.86 -11.26 -6.52
CA GLY A 66 -8.25 -11.10 -7.83
C GLY A 66 -8.20 -9.65 -8.27
N ALA A 67 -7.93 -8.76 -7.33
CA ALA A 67 -7.85 -7.33 -7.63
C ALA A 67 -6.49 -6.99 -8.24
N SER A 68 -6.14 -5.70 -8.19
CA SER A 68 -4.87 -5.24 -8.74
C SER A 68 -4.05 -4.51 -7.68
N PRO A 69 -2.81 -4.95 -7.45
CA PRO A 69 -1.92 -4.35 -6.45
C PRO A 69 -1.34 -3.03 -6.94
N ASN A 70 -1.41 -2.80 -8.25
CA ASN A 70 -0.88 -1.57 -8.83
C ASN A 70 -2.01 -0.73 -9.42
N VAL A 71 -2.74 -0.03 -8.55
CA VAL A 71 -3.85 0.82 -8.98
C VAL A 71 -3.59 2.27 -8.61
N GLN A 72 -4.16 3.18 -9.39
CA GLN A 72 -4.00 4.61 -9.15
C GLN A 72 -5.33 5.34 -9.25
N ASP A 73 -5.39 6.53 -8.67
CA ASP A 73 -6.62 7.33 -8.70
C ASP A 73 -6.38 8.64 -9.43
N ALA A 74 -6.15 8.55 -10.74
CA ALA A 74 -5.92 9.73 -11.56
C ALA A 74 -5.13 10.78 -10.80
N SER A 75 -4.13 10.33 -10.05
CA SER A 75 -3.30 11.24 -9.27
C SER A 75 -1.89 10.66 -9.09
N GLY A 76 -1.82 9.37 -8.79
CA GLY A 76 -0.53 8.73 -8.59
C GLY A 76 -0.30 8.31 -7.16
N THR A 77 -1.08 7.32 -6.70
CA THR A 77 -0.97 6.84 -5.33
C THR A 77 -1.68 5.50 -5.18
N SER A 78 -0.90 4.42 -5.08
CA SER A 78 -1.46 3.09 -4.92
C SER A 78 -1.41 2.65 -3.46
N PRO A 79 -2.06 1.53 -3.13
CA PRO A 79 -2.09 1.00 -1.77
C PRO A 79 -0.70 0.91 -1.15
N VAL A 80 0.27 0.49 -1.96
CA VAL A 80 1.65 0.37 -1.49
C VAL A 80 2.19 1.70 -0.99
N HIS A 81 1.74 2.79 -1.61
CA HIS A 81 2.18 4.12 -1.23
C HIS A 81 1.61 4.52 0.13
N ASP A 82 0.29 4.60 0.21
CA ASP A 82 -0.38 4.97 1.45
C ASP A 82 0.07 4.08 2.60
N ALA A 83 0.09 2.78 2.38
CA ALA A 83 0.51 1.83 3.40
C ALA A 83 1.87 2.19 3.97
N ALA A 84 2.68 2.86 3.16
CA ALA A 84 4.02 3.27 3.58
C ALA A 84 3.96 4.39 4.61
N ARG A 85 3.41 5.54 4.19
CA ARG A 85 3.30 6.70 5.06
C ARG A 85 2.22 6.51 6.13
N THR A 86 1.21 5.70 5.80
CA THR A 86 0.12 5.44 6.73
C THR A 86 0.59 4.59 7.91
N GLY A 87 1.84 4.14 7.85
CA GLY A 87 2.38 3.33 8.93
C GLY A 87 1.47 2.17 9.29
N PHE A 88 1.48 1.12 8.47
CA PHE A 88 0.66 -0.05 8.71
C PHE A 88 1.32 -1.30 8.15
N LEU A 89 2.55 -1.55 8.58
CA LEU A 89 3.31 -2.71 8.12
C LEU A 89 2.50 -3.99 8.28
N ASP A 90 1.52 -3.98 9.17
CA ASP A 90 0.69 -5.16 9.40
C ASP A 90 -0.09 -5.53 8.14
N THR A 91 -1.11 -4.73 7.84
CA THR A 91 -1.93 -4.96 6.66
C THR A 91 -1.14 -4.64 5.39
N LEU A 92 -0.09 -3.86 5.55
CA LEU A 92 0.76 -3.48 4.42
C LEU A 92 1.53 -4.68 3.90
N LYS A 93 2.27 -5.34 4.80
CA LYS A 93 3.05 -6.51 4.42
C LYS A 93 2.16 -7.59 3.79
N VAL A 94 0.90 -7.63 4.21
CA VAL A 94 -0.04 -8.62 3.67
C VAL A 94 -0.19 -8.46 2.17
N LEU A 95 -0.70 -7.30 1.74
CA LEU A 95 -0.88 -7.03 0.33
C LEU A 95 0.47 -6.78 -0.34
N VAL A 96 1.41 -6.27 0.44
CA VAL A 96 2.75 -5.99 -0.06
C VAL A 96 3.54 -7.29 -0.28
N GLU A 97 3.47 -8.19 0.70
CA GLU A 97 4.18 -9.47 0.61
C GLU A 97 3.59 -10.34 -0.49
N HIS A 98 2.30 -10.16 -0.76
CA HIS A 98 1.61 -10.94 -1.78
C HIS A 98 2.27 -10.74 -3.15
N GLY A 99 2.83 -9.56 -3.35
CA GLY A 99 3.48 -9.25 -4.62
C GLY A 99 2.95 -7.97 -5.25
N ALA A 100 2.85 -6.92 -4.45
CA ALA A 100 2.36 -5.64 -4.94
C ALA A 100 3.51 -4.72 -5.33
N ASP A 101 3.31 -3.94 -6.39
CA ASP A 101 4.33 -3.02 -6.86
C ASP A 101 4.76 -2.06 -5.76
N VAL A 102 5.71 -2.51 -4.94
CA VAL A 102 6.22 -1.70 -3.83
C VAL A 102 7.38 -0.83 -4.29
N ASN A 103 7.60 -0.75 -5.60
CA ASN A 103 8.67 0.04 -6.16
C ASN A 103 8.15 1.05 -7.17
N ALA A 104 6.98 1.61 -6.87
CA ALA A 104 6.37 2.60 -7.76
C ALA A 104 6.45 3.99 -7.16
N LEU A 105 6.62 4.99 -8.03
CA LEU A 105 6.72 6.38 -7.59
C LEU A 105 5.63 7.23 -8.25
N ASP A 106 5.14 8.23 -7.50
CA ASP A 106 4.11 9.11 -8.00
C ASP A 106 4.15 10.47 -7.30
N SER A 107 4.12 10.44 -5.97
CA SER A 107 4.16 11.66 -5.18
C SER A 107 5.28 12.58 -5.66
N THR A 108 6.49 12.04 -5.73
CA THR A 108 7.64 12.81 -6.18
C THR A 108 8.79 11.90 -6.58
N GLY A 109 8.53 11.01 -7.54
CA GLY A 109 9.56 10.09 -7.99
C GLY A 109 10.45 9.62 -6.86
N SER A 110 9.83 9.11 -5.80
CA SER A 110 10.57 8.62 -4.64
C SER A 110 10.04 7.27 -4.19
N LEU A 111 10.84 6.22 -4.38
CA LEU A 111 10.45 4.88 -3.98
C LEU A 111 9.61 4.90 -2.70
N PRO A 112 8.58 4.05 -2.63
CA PRO A 112 7.70 3.96 -1.46
C PRO A 112 8.49 3.90 -0.15
N ILE A 113 9.67 3.29 -0.21
CA ILE A 113 10.52 3.17 0.97
C ILE A 113 11.03 4.54 1.41
N HIS A 114 11.33 5.40 0.45
CA HIS A 114 11.83 6.74 0.74
C HIS A 114 10.82 7.51 1.58
N LEU A 115 9.54 7.29 1.31
CA LEU A 115 8.48 7.98 2.04
C LEU A 115 8.51 7.56 3.52
N ALA A 116 8.48 6.26 3.76
CA ALA A 116 8.51 5.76 5.13
C ALA A 116 9.70 6.36 5.87
N ILE A 117 10.83 6.45 5.19
CA ILE A 117 12.03 7.03 5.79
C ILE A 117 11.74 8.40 6.36
N ARG A 118 10.98 9.19 5.62
CA ARG A 118 10.61 10.53 6.06
C ARG A 118 9.58 10.44 7.18
N GLU A 119 8.96 9.27 7.31
CA GLU A 119 7.94 9.04 8.33
C GLU A 119 8.59 8.61 9.64
N GLY A 120 9.31 7.49 9.61
CA GLY A 120 9.97 6.99 10.79
C GLY A 120 9.49 5.62 11.20
N HIS A 121 8.55 5.08 10.43
CA HIS A 121 8.01 3.75 10.71
C HIS A 121 9.11 2.69 10.64
N SER A 122 9.97 2.68 11.65
CA SER A 122 11.07 1.72 11.70
C SER A 122 10.66 0.39 11.10
N SER A 123 9.39 0.03 11.28
CA SER A 123 8.86 -1.22 10.75
C SER A 123 8.69 -1.16 9.24
N VAL A 124 8.07 -0.09 8.76
CA VAL A 124 7.85 0.09 7.32
C VAL A 124 9.15 0.44 6.60
N VAL A 125 9.85 1.45 7.11
CA VAL A 125 11.10 1.88 6.50
C VAL A 125 12.06 0.72 6.30
N SER A 126 12.30 -0.04 7.37
CA SER A 126 13.20 -1.18 7.30
C SER A 126 12.61 -2.31 6.46
N PHE A 127 11.29 -2.45 6.54
CA PHE A 127 10.60 -3.49 5.79
C PHE A 127 10.54 -3.15 4.31
N LEU A 128 10.40 -1.86 4.00
CA LEU A 128 10.32 -1.41 2.61
C LEU A 128 11.69 -1.48 1.94
N ALA A 129 12.70 -1.92 2.68
CA ALA A 129 14.05 -2.03 2.15
C ALA A 129 14.13 -3.08 1.05
N PRO A 130 14.00 -4.36 1.43
CA PRO A 130 14.07 -5.47 0.48
C PRO A 130 12.87 -5.51 -0.47
N GLU A 131 11.67 -5.58 0.09
CA GLU A 131 10.45 -5.62 -0.70
C GLU A 131 10.55 -4.70 -1.90
N SER A 132 11.30 -3.60 -1.75
CA SER A 132 11.46 -2.63 -2.82
C SER A 132 12.89 -2.68 -3.37
N ASP A 133 13.00 -2.64 -4.69
CA ASP A 133 14.30 -2.68 -5.35
C ASP A 133 15.34 -1.93 -4.53
N LEU A 134 16.19 -2.68 -3.83
CA LEU A 134 17.23 -2.09 -3.00
C LEU A 134 18.33 -1.48 -3.87
N HIS A 135 18.04 -0.32 -4.45
CA HIS A 135 19.01 0.36 -5.30
C HIS A 135 18.36 1.58 -5.98
N HIS A 136 17.07 1.47 -6.30
CA HIS A 136 16.35 2.55 -6.95
C HIS A 136 16.79 3.91 -6.41
N ARG A 137 16.49 4.96 -7.15
CA ARG A 137 16.85 6.31 -6.73
C ARG A 137 15.74 7.30 -7.07
N ASP A 138 15.59 8.33 -6.25
CA ASP A 138 14.57 9.34 -6.47
C ASP A 138 15.07 10.42 -7.40
N ALA A 139 14.15 11.17 -8.01
CA ALA A 139 14.52 12.23 -8.93
C ALA A 139 15.70 13.02 -8.36
N SER A 140 15.77 13.03 -7.04
CA SER A 140 16.83 13.73 -6.32
C SER A 140 18.16 13.00 -6.48
N GLY A 141 18.18 11.73 -6.11
CA GLY A 141 19.39 10.94 -6.21
C GLY A 141 19.77 10.27 -4.90
N LEU A 142 18.86 10.28 -3.94
CA LEU A 142 19.10 9.67 -2.64
C LEU A 142 18.37 8.34 -2.51
N THR A 143 19.13 7.25 -2.44
CA THR A 143 18.54 5.92 -2.31
C THR A 143 18.01 5.69 -0.90
N PRO A 144 17.47 4.49 -0.64
CA PRO A 144 16.92 4.13 0.67
C PRO A 144 17.89 4.44 1.80
N LEU A 145 19.13 4.00 1.66
CA LEU A 145 20.15 4.23 2.67
C LEU A 145 20.51 5.71 2.75
N GLU A 146 20.64 6.34 1.59
CA GLU A 146 20.98 7.76 1.51
C GLU A 146 20.02 8.59 2.36
N LEU A 147 18.75 8.54 2.04
CA LEU A 147 17.74 9.29 2.79
C LEU A 147 17.85 9.01 4.28
N ALA A 148 18.30 7.81 4.62
CA ALA A 148 18.45 7.42 6.02
C ALA A 148 19.65 8.14 6.64
N ARG A 149 20.59 8.54 5.80
CA ARG A 149 21.78 9.24 6.26
C ARG A 149 21.42 10.60 6.84
N GLN A 150 20.65 11.37 6.08
CA GLN A 150 20.22 12.69 6.53
C GLN A 150 19.30 12.56 7.74
N ARG A 151 18.09 12.08 7.50
CA ARG A 151 17.13 11.89 8.56
C ARG A 151 17.52 10.67 9.38
N GLY A 152 18.73 10.69 9.94
CA GLY A 152 19.21 9.59 10.73
C GLY A 152 18.50 9.47 12.05
N ALA A 153 17.17 9.44 12.00
CA ALA A 153 16.34 9.33 13.20
C ALA A 153 17.05 8.52 14.28
N GLN A 154 17.58 7.37 13.89
CA GLN A 154 18.30 6.50 14.83
C GLN A 154 18.92 5.32 14.08
N ASN A 155 18.39 4.11 14.28
CA ASN A 155 18.92 2.93 13.61
C ASN A 155 18.50 2.90 12.13
N LEU A 156 17.84 3.96 11.68
CA LEU A 156 17.37 4.04 10.30
C LEU A 156 18.49 3.73 9.32
N MET A 157 19.56 4.52 9.37
CA MET A 157 20.68 4.33 8.49
C MET A 157 21.17 2.89 8.54
N ASP A 158 21.03 2.27 9.70
CA ASP A 158 21.46 0.89 9.89
C ASP A 158 20.50 -0.10 9.23
N ILE A 159 19.23 -0.04 9.62
CA ILE A 159 18.22 -0.94 9.08
C ILE A 159 18.22 -0.91 7.55
N LEU A 160 18.55 0.25 7.00
CA LEU A 160 18.58 0.42 5.55
C LEU A 160 19.80 -0.28 4.94
N GLN A 161 20.98 0.14 5.36
CA GLN A 161 22.22 -0.43 4.86
C GLN A 161 22.35 -1.89 5.27
N GLY A 162 21.52 -2.30 6.24
CA GLY A 162 21.56 -3.67 6.72
C GLY A 162 20.96 -4.65 5.72
N HIS A 163 19.73 -4.40 5.32
CA HIS A 163 19.04 -5.27 4.36
C HIS A 163 19.60 -5.09 2.96
N MET A 164 20.37 -4.02 2.76
CA MET A 164 20.97 -3.75 1.46
C MET A 164 21.51 -5.02 0.83
N MET A 165 22.73 -5.39 1.22
CA MET A 165 23.37 -6.60 0.69
C MET A 165 24.82 -6.67 1.12
N ILE A 166 25.47 -5.52 1.18
CA ILE A 166 26.88 -5.45 1.58
C ILE A 166 27.64 -6.69 1.15
N PRO A 167 28.20 -6.67 -0.06
CA PRO A 167 28.96 -7.81 -0.60
C PRO A 167 30.10 -8.23 0.32
N MET A 168 31.19 -8.72 -0.26
CA MET A 168 32.34 -9.15 0.52
C MET A 168 31.91 -9.99 1.71
N GLY A 1 -39.82 7.44 3.82
CA GLY A 1 -38.93 7.76 4.98
C GLY A 1 -37.53 8.12 4.56
N SER A 2 -36.55 7.82 5.42
CA SER A 2 -35.16 8.12 5.12
C SER A 2 -34.69 7.35 3.88
N MET A 3 -35.15 7.79 2.72
CA MET A 3 -34.78 7.14 1.47
C MET A 3 -33.63 7.89 0.78
N LEU A 4 -32.93 8.71 1.57
CA LEU A 4 -31.80 9.47 1.05
C LEU A 4 -30.48 8.83 1.44
N LEU A 5 -30.37 7.53 1.23
CA LEU A 5 -29.16 6.79 1.56
C LEU A 5 -28.31 6.55 0.32
N GLU A 6 -27.07 6.10 0.53
CA GLU A 6 -26.16 5.83 -0.57
C GLU A 6 -26.86 5.04 -1.67
N GLU A 7 -26.71 5.50 -2.91
CA GLU A 7 -27.34 4.83 -4.05
C GLU A 7 -26.29 4.14 -4.92
N VAL A 8 -25.32 3.49 -4.27
CA VAL A 8 -24.26 2.79 -4.98
C VAL A 8 -24.43 1.28 -4.89
N CYS A 9 -25.24 0.85 -3.92
CA CYS A 9 -25.50 -0.58 -3.71
C CYS A 9 -24.26 -1.30 -3.22
N VAL A 10 -23.51 -1.90 -4.16
CA VAL A 10 -22.30 -2.64 -3.82
C VAL A 10 -21.16 -1.69 -3.42
N GLY A 11 -20.81 -0.78 -4.31
CA GLY A 11 -19.73 0.16 -4.03
C GLY A 11 -19.63 0.54 -2.56
N ASP A 12 -20.72 1.07 -2.01
CA ASP A 12 -20.75 1.47 -0.61
C ASP A 12 -20.78 0.27 0.32
N ARG A 13 -21.27 -0.86 -0.18
CA ARG A 13 -21.35 -2.08 0.62
C ARG A 13 -19.97 -2.68 0.83
N LEU A 14 -19.37 -3.19 -0.23
CA LEU A 14 -18.06 -3.81 -0.16
C LEU A 14 -16.98 -2.77 0.15
N SER A 15 -16.92 -1.73 -0.68
CA SER A 15 -15.93 -0.67 -0.49
C SER A 15 -16.11 0.02 0.85
N GLY A 16 -17.36 0.23 1.25
CA GLY A 16 -17.65 0.87 2.51
C GLY A 16 -17.11 0.10 3.70
N ALA A 17 -17.59 -1.12 3.88
CA ALA A 17 -17.16 -1.96 4.98
C ALA A 17 -15.65 -2.18 4.96
N ALA A 18 -15.11 -2.39 3.76
CA ALA A 18 -13.67 -2.61 3.60
C ALA A 18 -12.88 -1.46 4.20
N ALA A 19 -13.28 -0.23 3.86
CA ALA A 19 -12.61 0.96 4.36
C ALA A 19 -12.92 1.20 5.83
N ARG A 20 -13.99 0.57 6.31
CA ARG A 20 -14.41 0.72 7.70
C ARG A 20 -13.41 0.04 8.63
N GLY A 21 -12.78 -1.02 8.14
CA GLY A 21 -11.82 -1.75 8.94
C GLY A 21 -12.47 -2.78 9.84
N ASP A 22 -13.57 -3.36 9.38
CA ASP A 22 -14.29 -4.37 10.15
C ASP A 22 -14.01 -5.77 9.61
N VAL A 23 -13.12 -6.48 10.26
CA VAL A 23 -12.77 -7.84 9.85
C VAL A 23 -14.01 -8.72 9.75
N GLN A 24 -15.10 -8.28 10.37
CA GLN A 24 -16.35 -9.03 10.35
C GLN A 24 -17.04 -8.93 9.00
N GLU A 25 -17.25 -7.69 8.54
CA GLU A 25 -17.91 -7.44 7.26
C GLU A 25 -17.01 -7.78 6.08
N VAL A 26 -15.72 -7.54 6.22
CA VAL A 26 -14.77 -7.82 5.15
C VAL A 26 -14.91 -9.24 4.62
N ARG A 27 -14.89 -10.21 5.53
CA ARG A 27 -15.01 -11.62 5.14
C ARG A 27 -16.44 -11.94 4.69
N ARG A 28 -17.42 -11.52 5.48
CA ARG A 28 -18.81 -11.77 5.17
C ARG A 28 -19.19 -11.15 3.83
N LEU A 29 -18.47 -10.10 3.45
CA LEU A 29 -18.73 -9.41 2.19
C LEU A 29 -18.24 -10.21 0.99
N LEU A 30 -16.92 -10.25 0.84
CA LEU A 30 -16.29 -10.95 -0.29
C LEU A 30 -16.57 -12.45 -0.29
N HIS A 31 -16.02 -13.16 0.70
CA HIS A 31 -16.18 -14.61 0.77
C HIS A 31 -17.63 -15.03 0.99
N ARG A 32 -18.53 -14.07 1.19
CA ARG A 32 -19.93 -14.39 1.41
C ARG A 32 -20.84 -13.59 0.49
N GLU A 33 -20.94 -12.29 0.74
CA GLU A 33 -21.79 -11.42 -0.07
C GLU A 33 -21.48 -11.59 -1.55
N LEU A 34 -20.29 -12.11 -1.85
CA LEU A 34 -19.87 -12.32 -3.22
C LEU A 34 -19.86 -11.00 -4.00
N VAL A 35 -19.16 -10.01 -3.47
CA VAL A 35 -19.08 -8.70 -4.11
C VAL A 35 -17.95 -8.67 -5.12
N HIS A 36 -18.22 -8.07 -6.28
CA HIS A 36 -17.23 -7.96 -7.34
C HIS A 36 -15.96 -7.29 -6.83
N PRO A 37 -14.79 -7.73 -7.33
CA PRO A 37 -13.49 -7.18 -6.92
C PRO A 37 -13.33 -5.73 -7.37
N ASP A 38 -13.91 -5.40 -8.51
CA ASP A 38 -13.83 -4.04 -9.05
C ASP A 38 -15.08 -3.24 -8.68
N ALA A 39 -15.64 -3.56 -7.51
CA ALA A 39 -16.85 -2.88 -7.04
C ALA A 39 -16.50 -1.53 -6.43
N LEU A 40 -15.92 -0.65 -7.24
CA LEU A 40 -15.57 0.69 -6.79
C LEU A 40 -16.81 1.37 -6.22
N ASN A 41 -16.79 2.70 -6.17
CA ASN A 41 -17.95 3.44 -5.67
C ASN A 41 -18.94 3.63 -6.82
N ARG A 42 -19.19 2.54 -7.54
CA ARG A 42 -20.10 2.56 -8.68
C ARG A 42 -19.38 3.03 -9.94
N PHE A 43 -18.16 3.55 -9.75
CA PHE A 43 -17.35 4.05 -10.86
C PHE A 43 -16.35 5.09 -10.39
N GLY A 44 -15.61 4.76 -9.33
CA GLY A 44 -14.62 5.69 -8.80
C GLY A 44 -13.37 5.01 -8.31
N LYS A 45 -13.25 4.87 -6.99
CA LYS A 45 -12.08 4.24 -6.39
C LYS A 45 -12.33 2.75 -6.13
N THR A 46 -11.24 1.97 -6.09
CA THR A 46 -11.35 0.54 -5.84
C THR A 46 -11.42 0.24 -4.35
N ALA A 47 -12.22 -0.76 -3.99
CA ALA A 47 -12.37 -1.14 -2.59
C ALA A 47 -11.02 -1.40 -1.94
N LEU A 48 -10.02 -1.70 -2.77
CA LEU A 48 -8.68 -1.97 -2.27
C LEU A 48 -7.99 -0.68 -1.81
N GLN A 49 -7.71 0.20 -2.76
CA GLN A 49 -7.06 1.47 -2.45
C GLN A 49 -7.80 2.22 -1.36
N VAL A 50 -9.12 2.15 -1.39
CA VAL A 50 -9.94 2.82 -0.39
C VAL A 50 -9.98 2.06 0.92
N MET A 51 -9.63 0.78 0.86
CA MET A 51 -9.62 -0.08 2.04
C MET A 51 -8.67 0.47 3.11
N MET A 52 -9.07 0.35 4.37
CA MET A 52 -8.24 0.83 5.46
C MET A 52 -7.10 -0.15 5.75
N PHE A 53 -5.87 0.31 5.56
CA PHE A 53 -4.70 -0.53 5.80
C PHE A 53 -4.51 -0.78 7.29
N GLY A 54 -5.52 -1.37 7.91
CA GLY A 54 -5.45 -1.67 9.32
C GLY A 54 -5.68 -3.15 9.60
N SER A 55 -6.77 -3.68 9.06
CA SER A 55 -7.10 -5.09 9.24
C SER A 55 -6.32 -5.97 8.27
N PRO A 56 -5.62 -6.99 8.79
CA PRO A 56 -4.82 -7.89 7.96
C PRO A 56 -5.69 -8.81 7.11
N ALA A 57 -6.81 -9.25 7.67
CA ALA A 57 -7.73 -10.13 6.95
C ALA A 57 -8.31 -9.44 5.72
N VAL A 58 -8.62 -8.16 5.86
CA VAL A 58 -9.19 -7.40 4.76
C VAL A 58 -8.22 -7.31 3.59
N ALA A 59 -6.93 -7.31 3.90
CA ALA A 59 -5.90 -7.23 2.88
C ALA A 59 -5.94 -8.46 1.97
N LEU A 60 -5.76 -9.63 2.56
CA LEU A 60 -5.78 -10.87 1.81
C LEU A 60 -7.15 -11.12 1.18
N GLU A 61 -8.20 -10.75 1.92
CA GLU A 61 -9.56 -10.93 1.43
C GLU A 61 -9.81 -10.11 0.17
N LEU A 62 -9.71 -8.78 0.31
CA LEU A 62 -9.93 -7.89 -0.81
C LEU A 62 -8.89 -8.11 -1.90
N LEU A 63 -7.64 -8.25 -1.49
CA LEU A 63 -6.54 -8.47 -2.43
C LEU A 63 -6.71 -9.80 -3.17
N LYS A 64 -6.92 -10.86 -2.42
CA LYS A 64 -7.09 -12.19 -3.01
C LYS A 64 -8.33 -12.23 -3.90
N GLN A 65 -9.38 -11.53 -3.48
CA GLN A 65 -10.63 -11.49 -4.24
C GLN A 65 -10.34 -11.46 -5.74
N GLY A 66 -9.64 -10.42 -6.19
CA GLY A 66 -9.30 -10.30 -7.59
C GLY A 66 -8.86 -8.89 -7.96
N ALA A 67 -9.27 -7.91 -7.17
CA ALA A 67 -8.90 -6.53 -7.40
C ALA A 67 -7.39 -6.37 -7.52
N SER A 68 -6.95 -5.45 -8.37
CA SER A 68 -5.53 -5.21 -8.57
C SER A 68 -5.05 -4.03 -7.73
N PRO A 69 -4.09 -4.26 -6.83
CA PRO A 69 -3.55 -3.23 -5.95
C PRO A 69 -2.72 -2.21 -6.72
N ASN A 70 -2.26 -2.60 -7.90
CA ASN A 70 -1.46 -1.72 -8.75
C ASN A 70 -2.30 -0.59 -9.32
N VAL A 71 -2.70 0.34 -8.45
CA VAL A 71 -3.52 1.47 -8.87
C VAL A 71 -2.86 2.79 -8.48
N GLN A 72 -3.04 3.81 -9.32
CA GLN A 72 -2.46 5.12 -9.07
C GLN A 72 -3.48 6.23 -9.31
N ASP A 73 -3.56 7.16 -8.36
CA ASP A 73 -4.49 8.27 -8.47
C ASP A 73 -3.78 9.53 -8.97
N ALA A 74 -4.47 10.66 -8.90
CA ALA A 74 -3.91 11.93 -9.34
C ALA A 74 -2.42 12.02 -9.01
N SER A 75 -2.12 12.15 -7.72
CA SER A 75 -0.73 12.24 -7.28
C SER A 75 0.06 10.99 -7.69
N GLY A 76 -0.62 9.85 -7.67
CA GLY A 76 0.02 8.61 -8.03
C GLY A 76 0.60 7.88 -6.83
N THR A 77 -0.20 7.74 -5.78
CA THR A 77 0.24 7.07 -4.57
C THR A 77 -0.52 5.76 -4.35
N SER A 78 -0.16 4.75 -5.13
CA SER A 78 -0.82 3.45 -5.04
C SER A 78 -1.00 3.03 -3.59
N PRO A 79 -1.76 1.96 -3.34
CA PRO A 79 -2.03 1.46 -2.00
C PRO A 79 -0.74 1.27 -1.19
N VAL A 80 0.34 0.92 -1.88
CA VAL A 80 1.63 0.70 -1.22
C VAL A 80 2.13 2.00 -0.59
N HIS A 81 2.20 3.06 -1.39
CA HIS A 81 2.68 4.35 -0.91
C HIS A 81 1.92 4.79 0.35
N ASP A 82 0.60 4.81 0.26
CA ASP A 82 -0.23 5.21 1.38
C ASP A 82 -0.02 4.29 2.58
N ALA A 83 -0.12 2.98 2.33
CA ALA A 83 0.05 1.99 3.39
C ALA A 83 1.37 2.20 4.14
N ALA A 84 2.36 2.73 3.43
CA ALA A 84 3.67 2.97 4.02
C ALA A 84 3.63 4.14 5.00
N ARG A 85 3.43 5.34 4.47
CA ARG A 85 3.39 6.55 5.30
C ARG A 85 2.25 6.46 6.32
N THR A 86 1.30 5.58 6.07
CA THR A 86 0.16 5.42 6.98
C THR A 86 0.57 4.71 8.26
N GLY A 87 1.60 3.88 8.16
CA GLY A 87 2.08 3.14 9.32
C GLY A 87 1.16 2.00 9.68
N PHE A 88 1.25 0.91 8.91
CA PHE A 88 0.42 -0.26 9.15
C PHE A 88 1.08 -1.50 8.56
N LEU A 89 2.27 -1.82 9.06
CA LEU A 89 3.02 -2.99 8.59
C LEU A 89 2.18 -4.26 8.63
N ASP A 90 1.09 -4.23 9.39
CA ASP A 90 0.21 -5.39 9.51
C ASP A 90 -0.30 -5.81 8.14
N THR A 91 -1.18 -4.99 7.57
CA THR A 91 -1.72 -5.28 6.25
C THR A 91 -0.62 -5.21 5.21
N LEU A 92 0.30 -4.28 5.40
CA LEU A 92 1.43 -4.12 4.48
C LEU A 92 2.14 -5.45 4.30
N LYS A 93 2.48 -6.08 5.41
CA LYS A 93 3.15 -7.37 5.38
C LYS A 93 2.36 -8.37 4.54
N VAL A 94 1.03 -8.28 4.64
CA VAL A 94 0.17 -9.18 3.88
C VAL A 94 0.08 -8.81 2.40
N LEU A 95 -0.47 -7.63 2.12
CA LEU A 95 -0.63 -7.16 0.75
C LEU A 95 0.70 -6.73 0.13
N VAL A 96 1.42 -5.85 0.80
CA VAL A 96 2.70 -5.35 0.29
C VAL A 96 3.64 -6.49 -0.10
N GLU A 97 3.47 -7.65 0.54
CA GLU A 97 4.31 -8.80 0.24
C GLU A 97 3.96 -9.40 -1.13
N HIS A 98 2.70 -9.25 -1.52
CA HIS A 98 2.24 -9.79 -2.80
C HIS A 98 2.95 -9.08 -3.96
N GLY A 99 2.67 -7.80 -4.13
CA GLY A 99 3.28 -7.03 -5.20
C GLY A 99 2.49 -5.78 -5.54
N ALA A 100 1.93 -5.13 -4.53
CA ALA A 100 1.16 -3.91 -4.73
C ALA A 100 2.03 -2.77 -5.21
N ASP A 101 2.63 -2.93 -6.39
CA ASP A 101 3.50 -1.91 -6.95
C ASP A 101 4.38 -1.29 -5.88
N VAL A 102 5.32 -2.07 -5.36
CA VAL A 102 6.22 -1.58 -4.32
C VAL A 102 7.49 -0.98 -4.92
N ASN A 103 7.38 -0.56 -6.18
CA ASN A 103 8.52 0.03 -6.88
C ASN A 103 8.05 1.17 -7.79
N ALA A 104 7.03 1.90 -7.35
CA ALA A 104 6.50 3.01 -8.12
C ALA A 104 6.62 4.32 -7.35
N LEU A 105 6.13 5.40 -7.96
CA LEU A 105 6.18 6.71 -7.34
C LEU A 105 5.01 7.58 -7.80
N ASP A 106 4.76 8.68 -7.09
CA ASP A 106 3.67 9.58 -7.42
C ASP A 106 4.10 10.58 -8.48
N SER A 107 4.96 11.52 -8.11
CA SER A 107 5.45 12.53 -9.03
C SER A 107 6.84 13.01 -8.63
N THR A 108 7.01 13.27 -7.34
CA THR A 108 8.30 13.73 -6.81
C THR A 108 9.42 12.76 -7.18
N GLY A 109 9.05 11.56 -7.57
CA GLY A 109 10.03 10.56 -7.94
C GLY A 109 10.78 10.02 -6.74
N SER A 110 10.05 9.55 -5.74
CA SER A 110 10.66 9.01 -4.53
C SER A 110 10.00 7.70 -4.13
N LEU A 111 10.70 6.59 -4.37
CA LEU A 111 10.19 5.27 -4.04
C LEU A 111 9.54 5.27 -2.66
N PRO A 112 8.65 4.30 -2.41
CA PRO A 112 7.95 4.18 -1.12
C PRO A 112 8.92 4.21 0.06
N ILE A 113 10.02 3.48 -0.06
CA ILE A 113 11.02 3.43 1.01
C ILE A 113 11.50 4.82 1.37
N HIS A 114 11.69 5.67 0.35
CA HIS A 114 12.14 7.03 0.57
C HIS A 114 11.23 7.76 1.56
N LEU A 115 9.93 7.59 1.38
CA LEU A 115 8.95 8.22 2.26
C LEU A 115 9.09 7.72 3.68
N ALA A 116 9.00 6.40 3.84
CA ALA A 116 9.13 5.79 5.16
C ALA A 116 10.41 6.25 5.84
N ILE A 117 11.44 6.51 5.03
CA ILE A 117 12.72 6.97 5.54
C ILE A 117 12.58 8.35 6.17
N ARG A 118 11.81 9.22 5.51
CA ARG A 118 11.59 10.57 6.01
C ARG A 118 10.71 10.54 7.26
N GLU A 119 10.01 9.44 7.46
CA GLU A 119 9.14 9.28 8.61
C GLU A 119 9.91 8.73 9.81
N GLY A 120 10.54 7.57 9.62
CA GLY A 120 11.31 6.96 10.68
C GLY A 120 10.50 5.95 11.47
N HIS A 121 9.54 5.31 10.81
CA HIS A 121 8.70 4.31 11.45
C HIS A 121 9.55 3.16 11.97
N SER A 122 10.80 3.09 11.49
CA SER A 122 11.71 2.03 11.90
C SER A 122 11.39 0.72 11.19
N SER A 123 10.33 0.06 11.62
CA SER A 123 9.92 -1.20 11.03
C SER A 123 9.48 -1.01 9.57
N VAL A 124 8.64 -0.02 9.34
CA VAL A 124 8.15 0.28 7.99
C VAL A 124 9.31 0.56 7.04
N VAL A 125 10.08 1.60 7.35
CA VAL A 125 11.22 1.99 6.51
C VAL A 125 12.13 0.80 6.26
N SER A 126 12.34 -0.01 7.29
CA SER A 126 13.20 -1.19 7.17
C SER A 126 12.53 -2.28 6.35
N PHE A 127 11.21 -2.25 6.30
CA PHE A 127 10.44 -3.23 5.56
C PHE A 127 10.56 -2.99 4.05
N LEU A 128 10.36 -1.75 3.64
CA LEU A 128 10.43 -1.39 2.22
C LEU A 128 11.87 -1.47 1.71
N ALA A 129 12.81 -1.74 2.61
CA ALA A 129 14.22 -1.85 2.25
C ALA A 129 14.41 -2.84 1.10
N PRO A 130 14.22 -4.14 1.38
CA PRO A 130 14.38 -5.19 0.37
C PRO A 130 13.20 -5.24 -0.60
N GLU A 131 11.99 -5.13 -0.06
CA GLU A 131 10.79 -5.16 -0.88
C GLU A 131 10.90 -4.18 -2.05
N SER A 132 11.58 -3.07 -1.81
CA SER A 132 11.77 -2.05 -2.83
C SER A 132 13.19 -2.10 -3.39
N ASP A 133 13.32 -1.80 -4.68
CA ASP A 133 14.62 -1.81 -5.33
C ASP A 133 15.71 -1.34 -4.39
N LEU A 134 16.71 -2.19 -4.14
CA LEU A 134 17.80 -1.86 -3.26
C LEU A 134 18.92 -1.15 -4.01
N HIS A 135 18.59 -0.60 -5.17
CA HIS A 135 19.57 0.12 -5.99
C HIS A 135 19.00 1.43 -6.50
N HIS A 136 17.76 1.38 -6.98
CA HIS A 136 17.09 2.56 -7.51
C HIS A 136 17.07 3.69 -6.48
N ARG A 137 16.94 4.92 -6.94
CA ARG A 137 16.91 6.08 -6.05
C ARG A 137 15.84 7.08 -6.50
N ASP A 138 15.55 8.04 -5.64
CA ASP A 138 14.55 9.06 -5.94
C ASP A 138 15.15 10.16 -6.81
N ALA A 139 14.31 10.83 -7.58
CA ALA A 139 14.77 11.90 -8.45
C ALA A 139 15.60 12.90 -7.66
N SER A 140 15.40 12.91 -6.35
CA SER A 140 16.12 13.81 -5.46
C SER A 140 17.61 13.46 -5.43
N GLY A 141 17.91 12.17 -5.34
CA GLY A 141 19.29 11.72 -5.31
C GLY A 141 19.71 11.23 -3.95
N LEU A 142 18.95 10.29 -3.39
CA LEU A 142 19.25 9.73 -2.07
C LEU A 142 18.79 8.29 -1.97
N THR A 143 19.73 7.36 -2.03
CA THR A 143 19.42 5.93 -1.93
C THR A 143 19.04 5.56 -0.50
N PRO A 144 18.68 4.29 -0.28
CA PRO A 144 18.30 3.80 1.05
C PRO A 144 19.27 4.25 2.13
N LEU A 145 20.54 3.89 1.97
CA LEU A 145 21.57 4.26 2.93
C LEU A 145 21.74 5.77 2.99
N GLU A 146 21.46 6.45 1.89
CA GLU A 146 21.58 7.89 1.82
C GLU A 146 20.47 8.58 2.60
N LEU A 147 19.23 8.41 2.14
CA LEU A 147 18.08 9.02 2.81
C LEU A 147 18.09 8.67 4.28
N ALA A 148 18.45 7.42 4.58
CA ALA A 148 18.52 6.96 5.96
C ALA A 148 19.53 7.79 6.75
N ARG A 149 20.62 8.15 6.09
CA ARG A 149 21.66 8.97 6.72
C ARG A 149 21.08 10.33 7.09
N GLN A 150 20.20 10.83 6.24
CA GLN A 150 19.55 12.11 6.47
C GLN A 150 18.66 12.01 7.70
N ARG A 151 17.47 11.46 7.51
CA ARG A 151 16.53 11.27 8.62
C ARG A 151 16.99 10.10 9.47
N GLY A 152 18.21 10.19 9.97
CA GLY A 152 18.77 9.13 10.79
C GLY A 152 18.11 9.01 12.14
N ALA A 153 16.79 8.94 12.14
CA ALA A 153 16.03 8.80 13.38
C ALA A 153 16.79 7.95 14.38
N GLN A 154 17.54 7.00 13.87
CA GLN A 154 18.33 6.09 14.69
C GLN A 154 19.11 5.12 13.79
N ASN A 155 18.93 3.81 13.98
CA ASN A 155 19.61 2.82 13.15
C ASN A 155 18.97 2.69 11.76
N LEU A 156 18.38 3.78 11.25
CA LEU A 156 17.75 3.76 9.94
C LEU A 156 18.71 3.26 8.87
N MET A 157 19.68 4.09 8.53
CA MET A 157 20.67 3.74 7.52
C MET A 157 21.33 2.41 7.88
N ASP A 158 21.26 2.04 9.15
CA ASP A 158 21.84 0.79 9.62
C ASP A 158 21.00 -0.40 9.18
N ILE A 159 19.72 -0.37 9.51
CA ILE A 159 18.81 -1.46 9.14
C ILE A 159 18.87 -1.74 7.65
N LEU A 160 19.03 -0.70 6.85
CA LEU A 160 19.11 -0.84 5.41
C LEU A 160 20.45 -1.42 4.97
N GLN A 161 21.47 -1.18 5.78
CA GLN A 161 22.81 -1.66 5.50
C GLN A 161 22.80 -3.17 5.25
N GLY A 162 22.25 -3.91 6.21
CA GLY A 162 22.18 -5.36 6.08
C GLY A 162 21.32 -5.78 4.90
N HIS A 163 20.26 -5.04 4.63
CA HIS A 163 19.37 -5.36 3.52
C HIS A 163 20.06 -5.13 2.18
N MET A 164 20.88 -4.08 2.12
CA MET A 164 21.61 -3.76 0.89
C MET A 164 22.55 -4.89 0.51
N MET A 165 23.33 -4.68 -0.56
CA MET A 165 24.27 -5.69 -1.03
C MET A 165 25.47 -5.05 -1.71
N ILE A 166 26.60 -5.75 -1.69
CA ILE A 166 27.82 -5.25 -2.31
C ILE A 166 28.27 -6.15 -3.45
N PRO A 167 28.43 -5.59 -4.66
CA PRO A 167 28.86 -6.36 -5.83
C PRO A 167 30.18 -7.08 -5.62
N MET A 168 30.89 -6.69 -4.56
CA MET A 168 32.18 -7.30 -4.23
C MET A 168 32.03 -8.33 -3.12
N GLY A 1 -37.38 -2.90 -21.24
CA GLY A 1 -36.72 -3.79 -22.23
C GLY A 1 -35.48 -4.46 -21.66
N SER A 2 -34.53 -3.65 -21.19
CA SER A 2 -33.29 -4.17 -20.62
C SER A 2 -32.47 -3.05 -20.00
N MET A 3 -31.70 -3.39 -18.97
CA MET A 3 -30.87 -2.41 -18.29
C MET A 3 -29.67 -3.09 -17.62
N LEU A 4 -28.49 -2.50 -17.80
CA LEU A 4 -27.28 -3.05 -17.22
C LEU A 4 -26.08 -2.15 -17.49
N LEU A 5 -25.93 -1.10 -16.69
CA LEU A 5 -24.84 -0.15 -16.85
C LEU A 5 -24.46 0.47 -15.50
N GLU A 6 -24.80 -0.22 -14.42
CA GLU A 6 -24.50 0.27 -13.07
C GLU A 6 -23.58 -0.70 -12.34
N GLU A 7 -22.29 -0.40 -12.35
CA GLU A 7 -21.30 -1.25 -11.69
C GLU A 7 -20.50 -0.45 -10.65
N VAL A 8 -21.21 0.22 -9.75
CA VAL A 8 -20.57 1.03 -8.71
C VAL A 8 -21.19 0.75 -7.35
N CYS A 9 -22.50 0.56 -7.32
CA CYS A 9 -23.20 0.29 -6.07
C CYS A 9 -22.39 -0.62 -5.16
N VAL A 10 -21.60 -1.51 -5.76
CA VAL A 10 -20.78 -2.43 -4.98
C VAL A 10 -19.43 -1.81 -4.66
N GLY A 11 -18.75 -1.30 -5.68
CA GLY A 11 -17.45 -0.70 -5.48
C GLY A 11 -17.47 0.36 -4.39
N ASP A 12 -18.66 0.87 -4.08
CA ASP A 12 -18.81 1.87 -3.04
C ASP A 12 -19.13 1.24 -1.69
N ARG A 13 -19.39 -0.07 -1.71
CA ARG A 13 -19.70 -0.80 -0.50
C ARG A 13 -18.48 -1.53 0.03
N LEU A 14 -17.83 -2.30 -0.84
CA LEU A 14 -16.64 -3.05 -0.47
C LEU A 14 -15.50 -2.11 -0.09
N SER A 15 -15.45 -0.96 -0.76
CA SER A 15 -14.40 0.03 -0.49
C SER A 15 -14.49 0.54 0.95
N GLY A 16 -15.72 0.78 1.41
CA GLY A 16 -15.92 1.28 2.75
C GLY A 16 -15.63 0.22 3.81
N ALA A 17 -16.20 -0.97 3.61
CA ALA A 17 -16.00 -2.06 4.55
C ALA A 17 -14.53 -2.41 4.69
N ALA A 18 -13.84 -2.54 3.56
CA ALA A 18 -12.43 -2.87 3.54
C ALA A 18 -11.59 -1.70 4.05
N ALA A 19 -11.94 -0.50 3.61
CA ALA A 19 -11.23 0.70 4.02
C ALA A 19 -11.58 1.08 5.45
N ARG A 20 -12.76 0.63 5.90
CA ARG A 20 -13.22 0.92 7.25
C ARG A 20 -12.45 0.10 8.28
N GLY A 21 -11.71 -0.90 7.80
CA GLY A 21 -10.93 -1.74 8.68
C GLY A 21 -11.80 -2.60 9.58
N ASP A 22 -12.30 -3.71 9.04
CA ASP A 22 -13.15 -4.61 9.79
C ASP A 22 -12.95 -6.05 9.33
N VAL A 23 -11.98 -6.73 9.94
CA VAL A 23 -11.69 -8.12 9.59
C VAL A 23 -12.96 -8.95 9.64
N GLN A 24 -13.88 -8.54 10.50
CA GLN A 24 -15.15 -9.24 10.65
C GLN A 24 -16.08 -8.93 9.47
N GLU A 25 -16.27 -7.65 9.20
CA GLU A 25 -17.13 -7.20 8.11
C GLU A 25 -16.48 -7.43 6.73
N VAL A 26 -15.15 -7.43 6.70
CA VAL A 26 -14.42 -7.62 5.44
C VAL A 26 -14.89 -8.88 4.72
N ARG A 27 -14.99 -9.98 5.47
CA ARG A 27 -15.42 -11.26 4.90
C ARG A 27 -16.91 -11.25 4.62
N ARG A 28 -17.67 -10.57 5.47
CA ARG A 28 -19.12 -10.49 5.32
C ARG A 28 -19.50 -10.04 3.91
N LEU A 29 -18.62 -9.28 3.28
CA LEU A 29 -18.87 -8.78 1.94
C LEU A 29 -18.75 -9.89 0.90
N LEU A 30 -17.53 -10.37 0.71
CA LEU A 30 -17.28 -11.43 -0.26
C LEU A 30 -17.97 -12.73 0.11
N HIS A 31 -17.75 -13.21 1.33
CA HIS A 31 -18.35 -14.46 1.79
C HIS A 31 -19.87 -14.40 1.75
N ARG A 32 -20.43 -13.20 1.65
CA ARG A 32 -21.89 -13.03 1.60
C ARG A 32 -22.30 -12.05 0.52
N GLU A 33 -22.08 -10.77 0.77
CA GLU A 33 -22.44 -9.73 -0.19
C GLU A 33 -21.97 -10.09 -1.60
N LEU A 34 -20.96 -10.95 -1.68
CA LEU A 34 -20.42 -11.38 -2.97
C LEU A 34 -19.91 -10.18 -3.77
N VAL A 35 -19.73 -9.05 -3.08
CA VAL A 35 -19.24 -7.84 -3.72
C VAL A 35 -18.05 -8.13 -4.63
N HIS A 36 -17.85 -7.28 -5.63
CA HIS A 36 -16.75 -7.44 -6.56
C HIS A 36 -15.51 -6.67 -6.10
N PRO A 37 -14.40 -7.39 -5.90
CA PRO A 37 -13.14 -6.77 -5.46
C PRO A 37 -12.59 -5.77 -6.48
N ASP A 38 -13.19 -5.75 -7.66
CA ASP A 38 -12.77 -4.85 -8.72
C ASP A 38 -13.77 -3.72 -8.91
N ALA A 39 -14.58 -3.47 -7.88
CA ALA A 39 -15.58 -2.41 -7.93
C ALA A 39 -15.08 -1.14 -7.26
N LEU A 40 -15.45 0.01 -7.81
CA LEU A 40 -15.02 1.30 -7.28
C LEU A 40 -16.23 2.14 -6.86
N ASN A 41 -15.99 3.12 -6.00
CA ASN A 41 -17.06 3.99 -5.53
C ASN A 41 -17.52 4.93 -6.63
N ARG A 42 -18.15 6.03 -6.24
CA ARG A 42 -18.64 7.02 -7.19
C ARG A 42 -17.50 7.88 -7.72
N PHE A 43 -16.31 7.68 -7.17
CA PHE A 43 -15.13 8.44 -7.59
C PHE A 43 -14.31 7.65 -8.60
N GLY A 44 -14.12 6.36 -8.33
CA GLY A 44 -13.35 5.52 -9.22
C GLY A 44 -12.14 4.91 -8.55
N LYS A 45 -12.30 4.51 -7.29
CA LYS A 45 -11.20 3.91 -6.53
C LYS A 45 -11.55 2.48 -6.13
N THR A 46 -10.55 1.60 -6.13
CA THR A 46 -10.75 0.20 -5.77
C THR A 46 -10.67 0.01 -4.26
N ALA A 47 -11.30 -1.05 -3.76
CA ALA A 47 -11.29 -1.34 -2.34
C ALA A 47 -9.87 -1.48 -1.80
N LEU A 48 -8.98 -2.05 -2.63
CA LEU A 48 -7.60 -2.23 -2.24
C LEU A 48 -6.92 -0.89 -1.95
N GLN A 49 -7.29 0.13 -2.73
CA GLN A 49 -6.72 1.46 -2.57
C GLN A 49 -7.28 2.13 -1.31
N VAL A 50 -8.61 2.23 -1.23
CA VAL A 50 -9.26 2.85 -0.09
C VAL A 50 -8.90 2.13 1.21
N MET A 51 -8.43 0.89 1.09
CA MET A 51 -8.06 0.10 2.26
C MET A 51 -7.28 0.94 3.26
N MET A 52 -7.43 0.63 4.54
CA MET A 52 -6.73 1.36 5.59
C MET A 52 -5.63 0.52 6.22
N PHE A 53 -5.15 -0.48 5.46
CA PHE A 53 -4.10 -1.37 5.94
C PHE A 53 -4.20 -1.59 7.44
N GLY A 54 -5.35 -2.09 7.89
CA GLY A 54 -5.57 -2.35 9.29
C GLY A 54 -5.58 -3.83 9.62
N SER A 55 -6.64 -4.51 9.22
CA SER A 55 -6.76 -5.94 9.48
C SER A 55 -6.05 -6.73 8.39
N PRO A 56 -5.07 -7.56 8.78
CA PRO A 56 -4.30 -8.39 7.84
C PRO A 56 -5.22 -9.24 6.97
N ALA A 57 -6.21 -9.87 7.59
CA ALA A 57 -7.16 -10.71 6.88
C ALA A 57 -7.97 -9.90 5.87
N VAL A 58 -8.20 -8.62 6.19
CA VAL A 58 -8.95 -7.75 5.30
C VAL A 58 -8.21 -7.60 3.98
N ALA A 59 -6.92 -7.32 4.07
CA ALA A 59 -6.09 -7.16 2.88
C ALA A 59 -6.01 -8.45 2.08
N LEU A 60 -5.71 -9.55 2.77
CA LEU A 60 -5.59 -10.85 2.13
C LEU A 60 -6.92 -11.30 1.53
N GLU A 61 -8.00 -11.11 2.28
CA GLU A 61 -9.33 -11.50 1.82
C GLU A 61 -9.74 -10.74 0.56
N LEU A 62 -9.82 -9.42 0.67
CA LEU A 62 -10.21 -8.59 -0.46
C LEU A 62 -9.19 -8.70 -1.60
N LEU A 63 -7.91 -8.78 -1.24
CA LEU A 63 -6.85 -8.89 -2.23
C LEU A 63 -6.98 -10.17 -3.04
N LYS A 64 -7.08 -11.30 -2.34
CA LYS A 64 -7.20 -12.60 -2.99
C LYS A 64 -8.48 -12.69 -3.81
N GLN A 65 -9.53 -12.04 -3.33
CA GLN A 65 -10.81 -12.04 -4.02
C GLN A 65 -10.63 -11.77 -5.51
N GLY A 66 -9.53 -11.09 -5.85
CA GLY A 66 -9.26 -10.78 -7.24
C GLY A 66 -8.73 -9.37 -7.43
N ALA A 67 -8.89 -8.53 -6.42
CA ALA A 67 -8.43 -7.15 -6.47
C ALA A 67 -7.07 -7.06 -7.16
N SER A 68 -6.83 -5.96 -7.85
CA SER A 68 -5.58 -5.75 -8.56
C SER A 68 -4.66 -4.82 -7.77
N PRO A 69 -3.43 -5.29 -7.45
CA PRO A 69 -2.46 -4.50 -6.71
C PRO A 69 -1.86 -3.38 -7.54
N ASN A 70 -2.05 -3.46 -8.85
CA ASN A 70 -1.53 -2.44 -9.76
C ASN A 70 -2.53 -1.31 -9.94
N VAL A 71 -2.90 -0.67 -8.85
CA VAL A 71 -3.86 0.43 -8.89
C VAL A 71 -3.15 1.77 -8.72
N GLN A 72 -3.90 2.86 -8.85
CA GLN A 72 -3.33 4.19 -8.72
C GLN A 72 -4.40 5.19 -8.25
N ASP A 73 -4.07 5.96 -7.22
CA ASP A 73 -4.99 6.95 -6.68
C ASP A 73 -4.60 8.35 -7.11
N ALA A 74 -5.53 9.06 -7.74
CA ALA A 74 -5.27 10.42 -8.21
C ALA A 74 -4.21 10.44 -9.29
N SER A 75 -2.94 10.31 -8.88
CA SER A 75 -1.83 10.31 -9.83
C SER A 75 -1.11 8.97 -9.81
N GLY A 76 -0.49 8.65 -8.68
CA GLY A 76 0.23 7.40 -8.56
C GLY A 76 0.42 6.97 -7.11
N THR A 77 -0.45 7.45 -6.24
CA THR A 77 -0.38 7.12 -4.83
C THR A 77 -1.04 5.78 -4.54
N SER A 78 -0.45 4.72 -5.09
CA SER A 78 -0.98 3.37 -4.90
C SER A 78 -1.05 3.01 -3.42
N PRO A 79 -1.69 1.88 -3.11
CA PRO A 79 -1.83 1.41 -1.73
C PRO A 79 -0.49 1.40 -0.98
N VAL A 80 0.54 0.91 -1.66
CA VAL A 80 1.87 0.83 -1.07
C VAL A 80 2.31 2.20 -0.52
N HIS A 81 2.01 3.26 -1.26
CA HIS A 81 2.37 4.61 -0.83
C HIS A 81 1.88 4.89 0.58
N ASP A 82 0.56 4.95 0.74
CA ASP A 82 -0.03 5.22 2.04
C ASP A 82 0.31 4.12 3.04
N ALA A 83 0.49 2.90 2.54
CA ALA A 83 0.83 1.76 3.38
C ALA A 83 2.05 2.06 4.24
N ALA A 84 3.04 2.74 3.65
CA ALA A 84 4.27 3.08 4.37
C ALA A 84 4.02 4.14 5.44
N ARG A 85 3.36 5.23 5.04
CA ARG A 85 3.08 6.32 5.97
C ARG A 85 1.97 5.94 6.96
N THR A 86 1.11 5.02 6.55
CA THR A 86 0.01 4.57 7.39
C THR A 86 0.52 3.73 8.56
N GLY A 87 1.82 3.48 8.59
CA GLY A 87 2.40 2.69 9.66
C GLY A 87 1.56 1.46 9.98
N PHE A 88 1.64 0.46 9.13
CA PHE A 88 0.89 -0.78 9.31
C PHE A 88 1.54 -1.92 8.55
N LEU A 89 2.77 -2.24 8.91
CA LEU A 89 3.51 -3.32 8.24
C LEU A 89 2.69 -4.61 8.24
N ASP A 90 1.71 -4.70 9.12
CA ASP A 90 0.86 -5.89 9.20
C ASP A 90 0.08 -6.08 7.90
N THR A 91 -0.90 -5.22 7.68
CA THR A 91 -1.73 -5.30 6.47
C THR A 91 -0.94 -4.83 5.25
N LEU A 92 0.12 -4.06 5.51
CA LEU A 92 0.97 -3.56 4.43
C LEU A 92 1.81 -4.68 3.86
N LYS A 93 2.36 -5.51 4.75
CA LYS A 93 3.21 -6.63 4.34
C LYS A 93 2.42 -7.67 3.55
N VAL A 94 1.16 -7.88 3.95
CA VAL A 94 0.32 -8.87 3.26
C VAL A 94 0.23 -8.57 1.77
N LEU A 95 -0.26 -7.38 1.43
CA LEU A 95 -0.39 -6.98 0.04
C LEU A 95 0.97 -6.66 -0.58
N VAL A 96 1.87 -6.11 0.23
CA VAL A 96 3.21 -5.75 -0.23
C VAL A 96 4.05 -7.01 -0.45
N GLU A 97 4.08 -7.89 0.53
CA GLU A 97 4.84 -9.13 0.43
C GLU A 97 4.40 -9.96 -0.76
N HIS A 98 3.11 -9.89 -1.08
CA HIS A 98 2.56 -10.64 -2.20
C HIS A 98 3.32 -10.32 -3.49
N GLY A 99 3.83 -9.09 -3.59
CA GLY A 99 4.57 -8.68 -4.77
C GLY A 99 4.03 -7.40 -5.37
N ALA A 100 2.98 -6.87 -4.77
CA ALA A 100 2.35 -5.64 -5.25
C ALA A 100 3.41 -4.61 -5.64
N ASP A 101 2.97 -3.56 -6.33
CA ASP A 101 3.89 -2.51 -6.77
C ASP A 101 4.48 -1.78 -5.56
N VAL A 102 5.60 -2.28 -5.06
CA VAL A 102 6.27 -1.68 -3.91
C VAL A 102 7.27 -0.62 -4.35
N ASN A 103 7.20 -0.23 -5.62
CA ASN A 103 8.10 0.78 -6.16
C ASN A 103 7.34 1.85 -6.95
N ALA A 104 6.00 1.81 -6.84
CA ALA A 104 5.16 2.77 -7.54
C ALA A 104 5.39 4.19 -7.02
N LEU A 105 5.38 5.15 -7.92
CA LEU A 105 5.59 6.55 -7.55
C LEU A 105 4.39 7.41 -7.96
N ASP A 106 4.15 8.48 -7.21
CA ASP A 106 3.05 9.39 -7.49
C ASP A 106 3.46 10.43 -8.52
N SER A 107 4.60 11.06 -8.29
CA SER A 107 5.11 12.08 -9.21
C SER A 107 6.49 12.56 -8.79
N THR A 108 6.71 12.60 -7.47
CA THR A 108 8.00 13.05 -6.94
C THR A 108 9.01 11.90 -6.89
N GLY A 109 8.58 10.72 -7.37
CA GLY A 109 9.46 9.57 -7.37
C GLY A 109 10.04 9.30 -6.00
N SER A 110 9.41 9.84 -4.97
CA SER A 110 9.87 9.66 -3.60
C SER A 110 10.15 8.19 -3.31
N LEU A 111 9.19 7.33 -3.63
CA LEU A 111 9.31 5.89 -3.40
C LEU A 111 8.72 5.51 -2.05
N PRO A 112 7.82 4.52 -2.02
CA PRO A 112 7.18 4.05 -0.79
C PRO A 112 8.17 3.88 0.35
N ILE A 113 9.31 3.26 0.07
CA ILE A 113 10.33 3.03 1.07
C ILE A 113 10.90 4.35 1.58
N HIS A 114 10.93 5.36 0.72
CA HIS A 114 11.45 6.67 1.09
C HIS A 114 10.50 7.36 2.07
N LEU A 115 9.21 7.14 1.91
CA LEU A 115 8.20 7.74 2.77
C LEU A 115 8.38 7.25 4.20
N ALA A 116 8.41 5.92 4.37
CA ALA A 116 8.58 5.33 5.69
C ALA A 116 9.82 5.89 6.37
N ILE A 117 10.86 6.15 5.58
CA ILE A 117 12.10 6.70 6.11
C ILE A 117 11.86 8.07 6.74
N ARG A 118 11.04 8.87 6.08
CA ARG A 118 10.71 10.21 6.58
C ARG A 118 9.87 10.11 7.84
N GLU A 119 9.35 8.92 8.12
CA GLU A 119 8.52 8.68 9.29
C GLU A 119 9.37 8.23 10.47
N GLY A 120 10.10 7.14 10.28
CA GLY A 120 10.94 6.63 11.35
C GLY A 120 10.57 5.22 11.77
N HIS A 121 9.41 4.75 11.33
CA HIS A 121 8.93 3.41 11.67
C HIS A 121 9.95 2.36 11.25
N SER A 122 11.00 2.20 12.05
CA SER A 122 12.04 1.22 11.77
C SER A 122 11.45 -0.05 11.18
N SER A 123 10.36 -0.52 11.77
CA SER A 123 9.70 -1.74 11.32
C SER A 123 9.30 -1.63 9.85
N VAL A 124 8.60 -0.54 9.51
CA VAL A 124 8.14 -0.32 8.15
C VAL A 124 9.30 0.06 7.23
N VAL A 125 9.98 1.15 7.56
CA VAL A 125 11.11 1.62 6.75
C VAL A 125 12.11 0.51 6.51
N SER A 126 12.38 -0.29 7.55
CA SER A 126 13.32 -1.40 7.44
C SER A 126 12.78 -2.48 6.51
N PHE A 127 11.48 -2.69 6.57
CA PHE A 127 10.82 -3.68 5.72
C PHE A 127 10.74 -3.21 4.28
N LEU A 128 10.36 -1.95 4.10
CA LEU A 128 10.23 -1.37 2.77
C LEU A 128 11.60 -1.17 2.12
N ALA A 129 12.65 -1.32 2.92
CA ALA A 129 14.00 -1.14 2.42
C ALA A 129 14.25 -2.01 1.19
N PRO A 130 14.30 -3.34 1.38
CA PRO A 130 14.53 -4.29 0.28
C PRO A 130 13.31 -4.46 -0.61
N GLU A 131 12.16 -4.71 0.00
CA GLU A 131 10.92 -4.89 -0.75
C GLU A 131 10.83 -3.93 -1.91
N SER A 132 11.17 -2.66 -1.66
CA SER A 132 11.14 -1.64 -2.70
C SER A 132 12.47 -1.54 -3.43
N ASP A 133 12.41 -1.48 -4.75
CA ASP A 133 13.63 -1.39 -5.57
C ASP A 133 14.64 -0.44 -4.93
N LEU A 134 15.64 -1.02 -4.27
CA LEU A 134 16.67 -0.24 -3.61
C LEU A 134 17.46 0.58 -4.62
N HIS A 135 17.68 0.01 -5.80
CA HIS A 135 18.42 0.70 -6.85
C HIS A 135 17.68 1.94 -7.31
N HIS A 136 16.36 1.89 -7.30
CA HIS A 136 15.55 3.03 -7.72
C HIS A 136 15.98 4.31 -7.02
N ARG A 137 15.70 5.45 -7.64
CA ARG A 137 16.08 6.73 -7.08
C ARG A 137 14.83 7.55 -6.70
N ASP A 138 14.96 8.38 -5.68
CA ASP A 138 13.87 9.21 -5.22
C ASP A 138 13.49 10.25 -6.26
N ALA A 139 14.31 10.36 -7.30
CA ALA A 139 14.07 11.32 -8.36
C ALA A 139 14.58 12.70 -7.98
N SER A 140 15.03 12.83 -6.73
CA SER A 140 15.54 14.09 -6.22
C SER A 140 17.00 13.96 -5.84
N GLY A 141 17.48 12.72 -5.75
CA GLY A 141 18.87 12.48 -5.40
C GLY A 141 19.02 11.91 -4.00
N LEU A 142 18.22 10.88 -3.69
CA LEU A 142 18.27 10.26 -2.37
C LEU A 142 17.87 8.79 -2.45
N THR A 143 18.85 7.92 -2.60
CA THR A 143 18.59 6.48 -2.69
C THR A 143 18.12 5.94 -1.34
N PRO A 144 17.84 4.63 -1.27
CA PRO A 144 17.38 3.96 -0.04
C PRO A 144 18.26 4.30 1.16
N LEU A 145 19.57 4.17 0.98
CA LEU A 145 20.51 4.45 2.06
C LEU A 145 20.64 5.96 2.29
N GLU A 146 20.55 6.73 1.21
CA GLU A 146 20.64 8.18 1.29
C GLU A 146 19.65 8.72 2.32
N LEU A 147 18.37 8.49 2.07
CA LEU A 147 17.32 8.95 2.97
C LEU A 147 17.58 8.43 4.39
N ALA A 148 17.85 7.13 4.47
CA ALA A 148 18.11 6.50 5.76
C ALA A 148 19.28 7.19 6.45
N ARG A 149 20.27 7.60 5.65
CA ARG A 149 21.44 8.28 6.19
C ARG A 149 21.06 9.68 6.66
N GLN A 150 20.25 10.36 5.86
CA GLN A 150 19.79 11.70 6.20
C GLN A 150 18.77 11.63 7.33
N ARG A 151 17.51 11.44 6.97
CA ARG A 151 16.44 11.33 7.95
C ARG A 151 16.49 9.98 8.65
N GLY A 152 17.65 9.64 9.21
CA GLY A 152 17.80 8.38 9.90
C GLY A 152 16.72 8.17 10.93
N ALA A 153 16.09 9.26 11.36
CA ALA A 153 15.02 9.21 12.36
C ALA A 153 15.31 8.10 13.37
N GLN A 154 16.59 7.85 13.60
CA GLN A 154 17.09 6.80 14.50
C GLN A 154 18.06 5.92 13.70
N ASN A 155 18.22 4.67 14.11
CA ASN A 155 19.12 3.76 13.40
C ASN A 155 18.50 3.29 12.08
N LEU A 156 17.93 4.22 11.31
CA LEU A 156 17.31 3.88 10.02
C LEU A 156 18.36 3.47 9.01
N MET A 157 19.39 4.30 8.88
CA MET A 157 20.46 4.04 7.95
C MET A 157 21.01 2.64 8.18
N ASP A 158 20.86 2.16 9.41
CA ASP A 158 21.33 0.82 9.77
C ASP A 158 20.42 -0.24 9.19
N ILE A 159 19.15 -0.18 9.56
CA ILE A 159 18.16 -1.16 9.07
C ILE A 159 18.23 -1.24 7.55
N LEU A 160 18.42 -0.09 6.91
CA LEU A 160 18.50 -0.02 5.46
C LEU A 160 19.83 -0.57 4.96
N GLN A 161 20.83 -0.55 5.83
CA GLN A 161 22.17 -1.04 5.49
C GLN A 161 22.19 -2.56 5.42
N GLY A 162 21.61 -3.20 6.43
CA GLY A 162 21.58 -4.65 6.47
C GLY A 162 20.71 -5.23 5.38
N HIS A 163 19.48 -4.71 5.26
CA HIS A 163 18.55 -5.20 4.25
C HIS A 163 18.96 -4.75 2.86
N MET A 164 19.97 -3.88 2.79
CA MET A 164 20.47 -3.38 1.52
C MET A 164 21.35 -4.41 0.82
N MET A 165 21.37 -4.39 -0.50
CA MET A 165 22.16 -5.32 -1.28
C MET A 165 23.03 -4.57 -2.29
N ILE A 166 24.24 -5.09 -2.52
CA ILE A 166 25.16 -4.47 -3.47
C ILE A 166 25.82 -5.52 -4.36
N PRO A 167 25.06 -6.14 -5.26
CA PRO A 167 25.57 -7.17 -6.17
C PRO A 167 26.74 -6.67 -7.01
N MET A 168 27.22 -7.51 -7.91
CA MET A 168 28.34 -7.15 -8.78
C MET A 168 28.41 -8.09 -9.98
N GLY A 1 -33.07 1.69 -0.39
CA GLY A 1 -33.17 1.39 -1.84
C GLY A 1 -33.43 2.64 -2.68
N SER A 2 -32.46 3.54 -2.71
CA SER A 2 -32.60 4.78 -3.47
C SER A 2 -31.85 4.69 -4.79
N MET A 3 -32.58 4.83 -5.89
CA MET A 3 -31.99 4.77 -7.22
C MET A 3 -31.38 6.11 -7.61
N LEU A 4 -30.42 6.57 -6.81
CA LEU A 4 -29.75 7.84 -7.07
C LEU A 4 -28.34 7.83 -6.50
N LEU A 5 -27.42 8.53 -7.18
CA LEU A 5 -26.03 8.59 -6.74
C LEU A 5 -25.49 7.20 -6.45
N GLU A 6 -25.54 6.33 -7.45
CA GLU A 6 -25.04 4.97 -7.29
C GLU A 6 -23.77 4.76 -8.10
N GLU A 7 -23.92 4.36 -9.35
CA GLU A 7 -22.78 4.13 -10.24
C GLU A 7 -21.75 3.23 -9.56
N VAL A 8 -22.23 2.36 -8.67
CA VAL A 8 -21.34 1.45 -7.96
C VAL A 8 -22.08 0.16 -7.57
N CYS A 9 -23.33 0.31 -7.14
CA CYS A 9 -24.14 -0.83 -6.73
C CYS A 9 -23.65 -1.41 -5.41
N VAL A 10 -22.39 -1.83 -5.38
CA VAL A 10 -21.81 -2.40 -4.18
C VAL A 10 -20.59 -1.61 -3.73
N GLY A 11 -20.43 -0.41 -4.27
CA GLY A 11 -19.31 0.43 -3.92
C GLY A 11 -19.29 0.77 -2.44
N ASP A 12 -20.38 1.37 -1.97
CA ASP A 12 -20.49 1.76 -0.56
C ASP A 12 -20.46 0.54 0.34
N ARG A 13 -20.58 -0.64 -0.26
CA ARG A 13 -20.58 -1.89 0.50
C ARG A 13 -19.15 -2.39 0.71
N LEU A 14 -18.48 -2.75 -0.38
CA LEU A 14 -17.11 -3.23 -0.31
C LEU A 14 -16.15 -2.10 0.04
N SER A 15 -16.02 -1.15 -0.87
CA SER A 15 -15.13 0.00 -0.66
C SER A 15 -15.49 0.73 0.62
N GLY A 16 -16.77 0.72 0.97
CA GLY A 16 -17.22 1.39 2.17
C GLY A 16 -16.79 0.67 3.43
N ALA A 17 -17.28 -0.55 3.63
CA ALA A 17 -16.95 -1.34 4.80
C ALA A 17 -15.47 -1.70 4.81
N ALA A 18 -14.95 -2.11 3.66
CA ALA A 18 -13.54 -2.48 3.55
C ALA A 18 -12.64 -1.37 4.07
N ALA A 19 -12.87 -0.16 3.58
CA ALA A 19 -12.07 0.99 4.00
C ALA A 19 -12.30 1.30 5.47
N ARG A 20 -13.55 1.15 5.91
CA ARG A 20 -13.91 1.40 7.31
C ARG A 20 -13.31 0.33 8.23
N GLY A 21 -12.75 -0.71 7.62
CA GLY A 21 -12.16 -1.79 8.39
C GLY A 21 -12.90 -3.10 8.19
N ASP A 22 -14.16 -3.14 8.63
CA ASP A 22 -15.00 -4.31 8.49
C ASP A 22 -14.18 -5.59 8.41
N VAL A 23 -13.17 -5.70 9.27
CA VAL A 23 -12.33 -6.87 9.29
C VAL A 23 -13.20 -8.12 9.40
N GLN A 24 -14.29 -7.99 10.15
CA GLN A 24 -15.22 -9.09 10.32
C GLN A 24 -16.04 -9.29 9.06
N GLU A 25 -16.49 -8.18 8.46
CA GLU A 25 -17.30 -8.24 7.25
C GLU A 25 -16.44 -8.57 6.03
N VAL A 26 -15.15 -8.25 6.11
CA VAL A 26 -14.24 -8.53 5.01
C VAL A 26 -14.32 -9.98 4.57
N ARG A 27 -14.44 -10.87 5.56
CA ARG A 27 -14.53 -12.30 5.29
C ARG A 27 -15.91 -12.65 4.73
N ARG A 28 -16.95 -12.16 5.40
CA ARG A 28 -18.32 -12.42 4.98
C ARG A 28 -18.62 -11.76 3.64
N LEU A 29 -17.95 -10.65 3.36
CA LEU A 29 -18.16 -9.94 2.11
C LEU A 29 -17.95 -10.85 0.91
N LEU A 30 -16.71 -11.28 0.71
CA LEU A 30 -16.37 -12.16 -0.41
C LEU A 30 -16.87 -13.59 -0.19
N HIS A 31 -16.52 -14.17 0.95
CA HIS A 31 -16.91 -15.53 1.27
C HIS A 31 -18.42 -15.67 1.49
N ARG A 32 -19.13 -14.55 1.46
CA ARG A 32 -20.58 -14.58 1.67
C ARG A 32 -21.28 -13.57 0.76
N GLU A 33 -20.92 -12.30 0.90
CA GLU A 33 -21.52 -11.24 0.10
C GLU A 33 -21.09 -11.35 -1.36
N LEU A 34 -20.20 -12.28 -1.66
CA LEU A 34 -19.71 -12.48 -3.02
C LEU A 34 -19.50 -11.15 -3.72
N VAL A 35 -19.11 -10.13 -2.94
CA VAL A 35 -18.88 -8.80 -3.50
C VAL A 35 -17.79 -8.84 -4.57
N HIS A 36 -17.68 -7.75 -5.32
CA HIS A 36 -16.68 -7.65 -6.38
C HIS A 36 -15.45 -6.87 -5.91
N PRO A 37 -14.25 -7.38 -6.21
CA PRO A 37 -13.00 -6.74 -5.82
C PRO A 37 -12.74 -5.46 -6.60
N ASP A 38 -13.54 -5.22 -7.63
CA ASP A 38 -13.40 -4.02 -8.45
C ASP A 38 -14.58 -3.08 -8.26
N ALA A 39 -14.90 -2.78 -7.00
CA ALA A 39 -16.00 -1.90 -6.67
C ALA A 39 -15.50 -0.50 -6.31
N LEU A 40 -15.88 0.48 -7.11
CA LEU A 40 -15.46 1.85 -6.88
C LEU A 40 -16.55 2.64 -6.16
N ASN A 41 -16.19 3.80 -5.62
CA ASN A 41 -17.13 4.64 -4.90
C ASN A 41 -17.44 5.90 -5.68
N ARG A 42 -17.72 5.73 -6.98
CA ARG A 42 -18.04 6.86 -7.85
C ARG A 42 -16.93 7.91 -7.81
N PHE A 43 -15.73 7.49 -7.42
CA PHE A 43 -14.59 8.39 -7.34
C PHE A 43 -13.45 7.91 -8.22
N GLY A 44 -13.59 6.70 -8.75
CA GLY A 44 -12.55 6.14 -9.60
C GLY A 44 -11.50 5.38 -8.82
N LYS A 45 -11.85 4.96 -7.60
CA LYS A 45 -10.93 4.22 -6.75
C LYS A 45 -11.42 2.79 -6.54
N THR A 46 -10.47 1.85 -6.47
CA THR A 46 -10.81 0.45 -6.27
C THR A 46 -10.87 0.11 -4.79
N ALA A 47 -11.29 -1.11 -4.48
CA ALA A 47 -11.39 -1.56 -3.09
C ALA A 47 -10.05 -1.46 -2.38
N LEU A 48 -8.98 -1.78 -3.11
CA LEU A 48 -7.63 -1.72 -2.54
C LEU A 48 -7.17 -0.27 -2.39
N GLN A 49 -7.61 0.59 -3.30
CA GLN A 49 -7.24 2.00 -3.27
C GLN A 49 -7.96 2.74 -2.14
N VAL A 50 -8.80 2.03 -1.41
CA VAL A 50 -9.55 2.62 -0.30
C VAL A 50 -9.41 1.81 0.97
N MET A 51 -9.57 0.49 0.84
CA MET A 51 -9.47 -0.40 2.00
C MET A 51 -8.37 0.08 2.95
N MET A 52 -8.64 -0.04 4.25
CA MET A 52 -7.67 0.39 5.26
C MET A 52 -6.72 -0.75 5.62
N PHE A 53 -5.48 -0.39 5.94
CA PHE A 53 -4.47 -1.38 6.30
C PHE A 53 -4.51 -1.68 7.79
N GLY A 54 -5.65 -1.42 8.42
CA GLY A 54 -5.79 -1.68 9.83
C GLY A 54 -5.91 -3.16 10.15
N SER A 55 -6.64 -3.88 9.31
CA SER A 55 -6.82 -5.32 9.49
C SER A 55 -6.08 -6.10 8.42
N PRO A 56 -5.13 -6.96 8.84
CA PRO A 56 -4.34 -7.78 7.91
C PRO A 56 -5.21 -8.68 7.05
N ALA A 57 -6.21 -9.29 7.68
CA ALA A 57 -7.12 -10.18 6.97
C ALA A 57 -7.89 -9.44 5.89
N VAL A 58 -8.12 -8.15 6.11
CA VAL A 58 -8.83 -7.32 5.16
C VAL A 58 -8.04 -7.26 3.85
N ALA A 59 -6.74 -6.97 3.96
CA ALA A 59 -5.88 -6.89 2.79
C ALA A 59 -5.79 -8.23 2.09
N LEU A 60 -5.70 -9.30 2.89
CA LEU A 60 -5.61 -10.65 2.36
C LEU A 60 -6.87 -11.01 1.59
N GLU A 61 -8.02 -10.75 2.20
CA GLU A 61 -9.31 -11.03 1.57
C GLU A 61 -9.49 -10.21 0.29
N LEU A 62 -9.22 -8.91 0.39
CA LEU A 62 -9.36 -8.01 -0.75
C LEU A 62 -8.38 -8.40 -1.85
N LEU A 63 -7.11 -8.49 -1.50
CA LEU A 63 -6.08 -8.85 -2.47
C LEU A 63 -6.30 -10.25 -3.00
N LYS A 64 -6.63 -11.17 -2.10
CA LYS A 64 -6.87 -12.56 -2.48
C LYS A 64 -8.06 -12.67 -3.43
N GLN A 65 -8.97 -11.71 -3.33
CA GLN A 65 -10.16 -11.70 -4.18
C GLN A 65 -9.77 -11.58 -5.65
N GLY A 66 -8.52 -11.21 -5.90
CA GLY A 66 -8.06 -11.07 -7.28
C GLY A 66 -8.17 -9.64 -7.78
N ALA A 67 -7.43 -8.74 -7.14
CA ALA A 67 -7.44 -7.33 -7.54
C ALA A 67 -6.05 -6.86 -7.93
N SER A 68 -5.97 -5.65 -8.47
CA SER A 68 -4.70 -5.07 -8.89
C SER A 68 -4.25 -3.97 -7.95
N PRO A 69 -3.35 -4.29 -7.02
CA PRO A 69 -2.84 -3.32 -6.03
C PRO A 69 -2.01 -2.22 -6.69
N ASN A 70 -1.71 -2.40 -7.97
CA ASN A 70 -0.93 -1.42 -8.72
C ASN A 70 -1.83 -0.34 -9.31
N VAL A 71 -2.48 0.43 -8.43
CA VAL A 71 -3.36 1.50 -8.85
C VAL A 71 -2.86 2.85 -8.37
N GLN A 72 -2.72 3.79 -9.30
CA GLN A 72 -2.24 5.14 -8.96
C GLN A 72 -3.40 6.13 -8.96
N ASP A 73 -3.36 7.06 -8.02
CA ASP A 73 -4.40 8.07 -7.90
C ASP A 73 -4.09 9.29 -8.77
N ALA A 74 -4.97 10.28 -8.74
CA ALA A 74 -4.78 11.49 -9.53
C ALA A 74 -3.60 12.30 -9.03
N SER A 75 -3.04 11.89 -7.89
CA SER A 75 -1.89 12.57 -7.31
C SER A 75 -0.66 11.66 -7.29
N GLY A 76 -0.72 10.59 -8.08
CA GLY A 76 0.39 9.67 -8.15
C GLY A 76 0.69 9.02 -6.81
N THR A 77 -0.02 7.94 -6.51
CA THR A 77 0.16 7.22 -5.25
C THR A 77 -0.78 6.03 -5.16
N SER A 78 -0.27 4.91 -4.65
CA SER A 78 -1.07 3.69 -4.51
C SER A 78 -1.21 3.31 -3.05
N PRO A 79 -1.93 2.20 -2.80
CA PRO A 79 -2.14 1.70 -1.45
C PRO A 79 -0.85 1.61 -0.67
N VAL A 80 0.15 0.97 -1.27
CA VAL A 80 1.46 0.81 -0.64
C VAL A 80 2.02 2.15 -0.18
N HIS A 81 1.99 3.14 -1.07
CA HIS A 81 2.50 4.47 -0.77
C HIS A 81 1.88 5.01 0.53
N ASP A 82 0.57 5.17 0.51
CA ASP A 82 -0.16 5.67 1.67
C ASP A 82 0.10 4.79 2.90
N ALA A 83 -0.15 3.49 2.75
CA ALA A 83 0.04 2.54 3.83
C ALA A 83 1.43 2.67 4.44
N ALA A 84 2.44 2.89 3.60
CA ALA A 84 3.80 3.02 4.06
C ALA A 84 3.96 4.24 4.96
N ARG A 85 3.42 5.38 4.51
CA ARG A 85 3.49 6.62 5.28
C ARG A 85 2.56 6.58 6.49
N THR A 86 1.49 5.80 6.38
CA THR A 86 0.52 5.69 7.47
C THR A 86 1.10 4.90 8.64
N GLY A 87 1.81 3.82 8.32
CA GLY A 87 2.39 2.99 9.35
C GLY A 87 1.53 1.79 9.69
N PHE A 88 1.46 0.84 8.76
CA PHE A 88 0.66 -0.36 8.95
C PHE A 88 1.34 -1.56 8.30
N LEU A 89 2.60 -1.79 8.66
CA LEU A 89 3.36 -2.90 8.12
C LEU A 89 2.60 -4.22 8.28
N ASP A 90 1.65 -4.24 9.20
CA ASP A 90 0.85 -5.42 9.45
C ASP A 90 0.02 -5.78 8.22
N THR A 91 -1.00 -4.97 7.95
CA THR A 91 -1.85 -5.20 6.79
C THR A 91 -1.13 -4.82 5.51
N LEU A 92 -0.11 -3.98 5.64
CA LEU A 92 0.69 -3.55 4.50
C LEU A 92 1.55 -4.71 4.01
N LYS A 93 2.15 -5.43 4.96
CA LYS A 93 2.99 -6.56 4.62
C LYS A 93 2.19 -7.64 3.90
N VAL A 94 0.99 -7.93 4.40
CA VAL A 94 0.14 -8.94 3.77
C VAL A 94 -0.04 -8.65 2.28
N LEU A 95 -0.46 -7.43 1.97
CA LEU A 95 -0.66 -7.03 0.59
C LEU A 95 0.67 -6.80 -0.12
N VAL A 96 1.60 -6.15 0.59
CA VAL A 96 2.92 -5.87 0.03
C VAL A 96 3.67 -7.17 -0.25
N GLU A 97 3.77 -8.03 0.76
CA GLU A 97 4.46 -9.30 0.61
C GLU A 97 3.88 -10.09 -0.56
N HIS A 98 2.60 -9.88 -0.84
CA HIS A 98 1.92 -10.57 -1.93
C HIS A 98 2.38 -10.01 -3.28
N GLY A 99 2.23 -8.71 -3.47
CA GLY A 99 2.63 -8.09 -4.72
C GLY A 99 2.15 -6.65 -4.85
N ALA A 100 2.10 -5.94 -3.72
CA ALA A 100 1.67 -4.55 -3.72
C ALA A 100 2.69 -3.66 -4.41
N ASP A 101 2.27 -2.99 -5.48
CA ASP A 101 3.15 -2.10 -6.23
C ASP A 101 4.13 -1.40 -5.30
N VAL A 102 5.31 -1.99 -5.13
CA VAL A 102 6.34 -1.42 -4.26
C VAL A 102 7.48 -0.84 -5.09
N ASN A 103 7.25 -0.67 -6.38
CA ASN A 103 8.27 -0.14 -7.28
C ASN A 103 7.64 0.74 -8.35
N ALA A 104 6.63 1.51 -7.96
CA ALA A 104 5.93 2.39 -8.87
C ALA A 104 5.79 3.80 -8.30
N LEU A 105 6.32 4.79 -9.02
CA LEU A 105 6.26 6.17 -8.57
C LEU A 105 5.49 7.02 -9.58
N ASP A 106 4.78 8.02 -9.08
CA ASP A 106 4.00 8.91 -9.94
C ASP A 106 3.78 10.26 -9.26
N SER A 107 3.85 11.32 -10.06
CA SER A 107 3.66 12.67 -9.53
C SER A 107 4.52 12.89 -8.29
N THR A 108 5.62 12.17 -8.20
CA THR A 108 6.53 12.28 -7.07
C THR A 108 7.89 11.65 -7.38
N GLY A 109 7.85 10.50 -8.05
CA GLY A 109 9.08 9.81 -8.40
C GLY A 109 9.80 9.26 -7.19
N SER A 110 9.12 9.27 -6.05
CA SER A 110 9.71 8.76 -4.81
C SER A 110 9.14 7.39 -4.46
N LEU A 111 10.02 6.43 -4.19
CA LEU A 111 9.60 5.08 -3.84
C LEU A 111 8.86 5.08 -2.50
N PRO A 112 7.89 4.17 -2.36
CA PRO A 112 7.10 4.05 -1.13
C PRO A 112 7.97 3.96 0.12
N ILE A 113 9.18 3.42 -0.05
CA ILE A 113 10.12 3.29 1.07
C ILE A 113 10.64 4.65 1.49
N HIS A 114 10.88 5.52 0.52
CA HIS A 114 11.39 6.86 0.78
C HIS A 114 10.50 7.58 1.80
N LEU A 115 9.20 7.38 1.67
CA LEU A 115 8.24 8.01 2.59
C LEU A 115 8.41 7.48 4.00
N ALA A 116 8.29 6.16 4.15
CA ALA A 116 8.43 5.53 5.45
C ALA A 116 9.76 5.93 6.08
N ILE A 117 10.75 6.23 5.24
CA ILE A 117 12.06 6.64 5.72
C ILE A 117 11.99 7.98 6.44
N ARG A 118 11.17 8.89 5.91
CA ARG A 118 11.00 10.20 6.51
C ARG A 118 10.21 10.10 7.81
N GLU A 119 9.52 8.98 7.98
CA GLU A 119 8.72 8.76 9.17
C GLU A 119 9.53 8.04 10.25
N GLY A 120 10.11 6.89 9.89
CA GLY A 120 10.90 6.14 10.84
C GLY A 120 10.05 5.19 11.65
N HIS A 121 9.16 4.48 10.98
CA HIS A 121 8.27 3.53 11.63
C HIS A 121 9.00 2.24 12.00
N SER A 122 10.31 2.21 11.74
CA SER A 122 11.14 1.05 12.04
C SER A 122 10.84 -0.12 11.11
N SER A 123 9.94 -1.00 11.53
CA SER A 123 9.58 -2.18 10.74
C SER A 123 9.18 -1.78 9.31
N VAL A 124 8.19 -0.90 9.20
CA VAL A 124 7.72 -0.45 7.90
C VAL A 124 8.88 0.05 7.04
N VAL A 125 9.55 1.09 7.50
CA VAL A 125 10.68 1.66 6.77
C VAL A 125 11.69 0.58 6.43
N SER A 126 11.99 -0.29 7.40
CA SER A 126 12.95 -1.36 7.21
C SER A 126 12.39 -2.45 6.30
N PHE A 127 11.08 -2.63 6.36
CA PHE A 127 10.40 -3.64 5.55
C PHE A 127 10.33 -3.23 4.09
N LEU A 128 10.03 -1.95 3.85
CA LEU A 128 9.93 -1.43 2.50
C LEU A 128 11.28 -1.44 1.80
N ALA A 129 12.34 -1.76 2.54
CA ALA A 129 13.68 -1.79 1.98
C ALA A 129 13.80 -2.88 0.91
N PRO A 130 13.74 -4.16 1.33
CA PRO A 130 13.85 -5.29 0.41
C PRO A 130 12.65 -5.38 -0.54
N GLU A 131 11.47 -5.05 -0.03
CA GLU A 131 10.25 -5.10 -0.82
C GLU A 131 10.31 -4.12 -1.99
N SER A 132 11.17 -3.11 -1.85
CA SER A 132 11.34 -2.11 -2.90
C SER A 132 12.73 -2.20 -3.54
N ASP A 133 12.81 -1.88 -4.82
CA ASP A 133 14.07 -1.94 -5.55
C ASP A 133 15.23 -1.52 -4.65
N LEU A 134 16.09 -2.48 -4.31
CA LEU A 134 17.24 -2.21 -3.47
C LEU A 134 18.37 -1.56 -4.26
N HIS A 135 18.12 -0.36 -4.75
CA HIS A 135 19.12 0.38 -5.52
C HIS A 135 18.48 1.53 -6.28
N HIS A 136 17.26 1.32 -6.77
CA HIS A 136 16.55 2.35 -7.52
C HIS A 136 16.59 3.68 -6.77
N ARG A 137 16.68 4.77 -7.53
CA ARG A 137 16.73 6.10 -6.94
C ARG A 137 15.37 6.80 -7.03
N ASP A 138 15.30 8.01 -6.48
CA ASP A 138 14.06 8.78 -6.50
C ASP A 138 14.27 10.12 -7.20
N ALA A 139 13.19 10.70 -7.71
CA ALA A 139 13.26 11.98 -8.39
C ALA A 139 14.00 12.99 -7.53
N SER A 140 14.02 12.73 -6.23
CA SER A 140 14.70 13.60 -5.27
C SER A 140 16.22 13.44 -5.38
N GLY A 141 16.69 12.22 -5.18
CA GLY A 141 18.12 11.97 -5.25
C GLY A 141 18.67 11.32 -4.00
N LEU A 142 17.95 10.34 -3.47
CA LEU A 142 18.37 9.64 -2.26
C LEU A 142 17.81 8.23 -2.22
N THR A 143 18.69 7.23 -2.29
CA THR A 143 18.27 5.83 -2.25
C THR A 143 18.08 5.38 -0.80
N PRO A 144 17.81 4.08 -0.59
CA PRO A 144 17.62 3.54 0.75
C PRO A 144 18.66 4.04 1.74
N LEU A 145 19.93 3.90 1.37
CA LEU A 145 21.03 4.34 2.22
C LEU A 145 21.14 5.86 2.22
N GLU A 146 20.87 6.47 1.07
CA GLU A 146 20.94 7.92 0.94
C GLU A 146 19.90 8.60 1.83
N LEU A 147 18.62 8.37 1.51
CA LEU A 147 17.53 8.96 2.28
C LEU A 147 17.72 8.66 3.77
N ALA A 148 18.02 7.41 4.09
CA ALA A 148 18.23 7.02 5.47
C ALA A 148 19.31 7.89 6.11
N ARG A 149 20.28 8.29 5.31
CA ARG A 149 21.37 9.14 5.79
C ARG A 149 20.82 10.50 6.19
N GLN A 150 19.96 11.06 5.35
CA GLN A 150 19.35 12.35 5.62
C GLN A 150 18.57 12.28 6.92
N ARG A 151 17.47 11.53 6.90
CA ARG A 151 16.65 11.34 8.08
C ARG A 151 17.36 10.41 9.05
N GLY A 152 18.49 10.87 9.58
CA GLY A 152 19.27 10.08 10.50
C GLY A 152 18.55 9.76 11.79
N ALA A 153 17.33 9.26 11.69
CA ALA A 153 16.55 8.90 12.87
C ALA A 153 17.31 7.82 13.64
N GLN A 154 16.58 6.86 14.22
CA GLN A 154 17.22 5.79 14.95
C GLN A 154 18.16 5.03 14.01
N ASN A 155 18.34 3.73 14.25
CA ASN A 155 19.22 2.92 13.40
C ASN A 155 18.58 2.61 12.04
N LEU A 156 17.96 3.60 11.41
CA LEU A 156 17.31 3.40 10.11
C LEU A 156 18.35 3.15 9.02
N MET A 157 19.31 4.05 8.90
CA MET A 157 20.35 3.92 7.90
C MET A 157 21.06 2.58 8.06
N ASP A 158 21.17 2.13 9.29
CA ASP A 158 21.81 0.86 9.59
C ASP A 158 20.93 -0.31 9.21
N ILE A 159 19.62 -0.18 9.46
CA ILE A 159 18.67 -1.22 9.14
C ILE A 159 18.81 -1.63 7.68
N LEU A 160 18.81 -0.65 6.79
CA LEU A 160 18.92 -0.92 5.36
C LEU A 160 20.34 -1.32 4.99
N GLN A 161 21.31 -0.76 5.71
CA GLN A 161 22.72 -1.05 5.46
C GLN A 161 22.97 -2.55 5.48
N GLY A 162 22.52 -3.21 6.53
CA GLY A 162 22.70 -4.65 6.65
C GLY A 162 21.90 -5.42 5.62
N HIS A 163 20.64 -5.07 5.47
CA HIS A 163 19.77 -5.75 4.51
C HIS A 163 20.29 -5.58 3.09
N MET A 164 20.63 -4.34 2.72
CA MET A 164 21.15 -4.04 1.40
C MET A 164 22.44 -4.81 1.15
N MET A 165 23.18 -5.10 2.21
CA MET A 165 24.43 -5.83 2.10
C MET A 165 25.46 -5.03 1.29
N ILE A 166 26.70 -5.06 1.74
CA ILE A 166 27.78 -4.34 1.06
C ILE A 166 29.08 -5.12 1.11
N PRO A 167 29.39 -5.86 0.04
CA PRO A 167 30.61 -6.67 -0.05
C PRO A 167 31.85 -5.89 0.40
N MET A 168 32.79 -6.61 1.01
CA MET A 168 34.02 -5.99 1.50
C MET A 168 35.18 -6.27 0.55
N GLY A 1 -39.42 3.91 -8.03
CA GLY A 1 -38.33 4.55 -7.24
C GLY A 1 -37.91 5.89 -7.82
N SER A 2 -36.60 6.08 -7.95
CA SER A 2 -36.07 7.32 -8.50
C SER A 2 -34.63 7.14 -8.98
N MET A 3 -33.73 6.86 -8.04
CA MET A 3 -32.32 6.66 -8.37
C MET A 3 -32.16 5.61 -9.47
N LEU A 4 -31.83 6.07 -10.67
CA LEU A 4 -31.64 5.18 -11.81
C LEU A 4 -30.22 5.26 -12.34
N LEU A 5 -29.79 6.48 -12.67
CA LEU A 5 -28.44 6.70 -13.19
C LEU A 5 -27.38 6.26 -12.18
N GLU A 6 -26.20 6.87 -12.26
CA GLU A 6 -25.11 6.55 -11.35
C GLU A 6 -24.68 5.10 -11.51
N GLU A 7 -23.42 4.82 -11.19
CA GLU A 7 -22.90 3.46 -11.31
C GLU A 7 -22.15 3.06 -10.04
N VAL A 8 -22.66 3.50 -8.90
CA VAL A 8 -22.05 3.18 -7.62
C VAL A 8 -22.86 2.14 -6.86
N CYS A 9 -23.21 1.05 -7.54
CA CYS A 9 -23.98 -0.02 -6.93
C CYS A 9 -23.08 -0.93 -6.09
N VAL A 10 -23.07 -0.69 -4.78
CA VAL A 10 -22.26 -1.49 -3.87
C VAL A 10 -20.82 -0.98 -3.83
N GLY A 11 -20.59 0.18 -4.45
CA GLY A 11 -19.26 0.75 -4.49
C GLY A 11 -18.72 1.06 -3.11
N ASP A 12 -19.11 2.20 -2.56
CA ASP A 12 -18.67 2.61 -1.23
C ASP A 12 -19.08 1.58 -0.18
N ARG A 13 -19.99 0.70 -0.56
CA ARG A 13 -20.47 -0.35 0.35
C ARG A 13 -19.32 -1.25 0.79
N LEU A 14 -18.73 -1.95 -0.17
CA LEU A 14 -17.62 -2.85 0.11
C LEU A 14 -16.35 -2.07 0.42
N SER A 15 -15.97 -1.19 -0.52
CA SER A 15 -14.77 -0.38 -0.35
C SER A 15 -14.83 0.45 0.93
N GLY A 16 -16.04 0.82 1.34
CA GLY A 16 -16.21 1.60 2.54
C GLY A 16 -15.93 0.82 3.80
N ALA A 17 -16.48 -0.40 3.86
CA ALA A 17 -16.28 -1.26 5.02
C ALA A 17 -14.81 -1.60 5.21
N ALA A 18 -14.19 -2.17 4.18
CA ALA A 18 -12.79 -2.55 4.25
C ALA A 18 -11.92 -1.36 4.64
N ALA A 19 -12.24 -0.19 4.11
CA ALA A 19 -11.48 1.02 4.40
C ALA A 19 -11.67 1.45 5.85
N ARG A 20 -12.81 1.08 6.43
CA ARG A 20 -13.12 1.43 7.81
C ARG A 20 -12.29 0.60 8.78
N GLY A 21 -11.89 -0.60 8.34
CA GLY A 21 -11.10 -1.47 9.18
C GLY A 21 -11.95 -2.37 10.06
N ASP A 22 -12.68 -3.28 9.44
CA ASP A 22 -13.54 -4.21 10.17
C ASP A 22 -13.42 -5.62 9.61
N VAL A 23 -12.55 -6.42 10.22
CA VAL A 23 -12.34 -7.79 9.78
C VAL A 23 -13.67 -8.56 9.72
N GLN A 24 -14.66 -8.06 10.42
CA GLN A 24 -15.99 -8.69 10.45
C GLN A 24 -16.73 -8.43 9.14
N GLU A 25 -16.82 -7.17 8.76
CA GLU A 25 -17.52 -6.78 7.54
C GLU A 25 -16.73 -7.16 6.28
N VAL A 26 -15.40 -7.12 6.37
CA VAL A 26 -14.57 -7.46 5.23
C VAL A 26 -14.94 -8.81 4.65
N ARG A 27 -15.04 -9.82 5.52
CA ARG A 27 -15.39 -11.18 5.09
C ARG A 27 -16.87 -11.27 4.73
N ARG A 28 -17.73 -10.77 5.61
CA ARG A 28 -19.16 -10.80 5.39
C ARG A 28 -19.52 -10.20 4.03
N LEU A 29 -18.71 -9.26 3.58
CA LEU A 29 -18.94 -8.60 2.30
C LEU A 29 -18.59 -9.54 1.14
N LEU A 30 -17.30 -9.73 0.92
CA LEU A 30 -16.82 -10.59 -0.16
C LEU A 30 -17.04 -12.07 0.16
N HIS A 31 -16.76 -12.44 1.40
CA HIS A 31 -16.91 -13.83 1.83
C HIS A 31 -18.38 -14.20 2.00
N ARG A 32 -19.26 -13.22 1.81
CA ARG A 32 -20.70 -13.45 1.94
C ARG A 32 -21.48 -12.65 0.90
N GLU A 33 -21.60 -11.36 1.12
CA GLU A 33 -22.33 -10.49 0.21
C GLU A 33 -21.92 -10.76 -1.24
N LEU A 34 -20.71 -11.29 -1.41
CA LEU A 34 -20.20 -11.59 -2.75
C LEU A 34 -20.08 -10.33 -3.59
N VAL A 35 -19.82 -9.21 -2.91
CA VAL A 35 -19.68 -7.93 -3.59
C VAL A 35 -18.54 -7.97 -4.62
N HIS A 36 -18.79 -7.41 -5.79
CA HIS A 36 -17.79 -7.38 -6.85
C HIS A 36 -16.62 -6.47 -6.48
N PRO A 37 -15.41 -6.83 -6.91
CA PRO A 37 -14.20 -6.05 -6.63
C PRO A 37 -14.21 -4.70 -7.35
N ASP A 38 -15.14 -4.53 -8.26
CA ASP A 38 -15.26 -3.28 -9.02
C ASP A 38 -16.22 -2.32 -8.32
N ALA A 39 -16.30 -2.41 -6.99
CA ALA A 39 -17.17 -1.54 -6.21
C ALA A 39 -16.39 -0.37 -5.61
N LEU A 40 -16.41 0.75 -6.32
CA LEU A 40 -15.71 1.95 -5.85
C LEU A 40 -16.68 2.95 -5.27
N ASN A 41 -16.23 3.71 -4.27
CA ASN A 41 -17.07 4.71 -3.64
C ASN A 41 -17.82 5.51 -4.69
N ARG A 42 -17.25 5.59 -5.88
CA ARG A 42 -17.87 6.31 -6.99
C ARG A 42 -17.57 5.62 -8.31
N PHE A 43 -16.31 5.73 -8.75
CA PHE A 43 -15.89 5.12 -10.00
C PHE A 43 -14.42 5.43 -10.28
N GLY A 44 -13.53 4.90 -9.46
CA GLY A 44 -12.11 5.14 -9.64
C GLY A 44 -11.25 4.16 -8.88
N LYS A 45 -11.19 4.33 -7.55
CA LYS A 45 -10.38 3.45 -6.71
C LYS A 45 -11.13 2.19 -6.33
N THR A 46 -10.39 1.11 -6.08
CA THR A 46 -10.98 -0.17 -5.71
C THR A 46 -10.89 -0.39 -4.20
N ALA A 47 -11.46 -1.49 -3.74
CA ALA A 47 -11.45 -1.81 -2.31
C ALA A 47 -10.02 -1.88 -1.79
N LEU A 48 -9.10 -2.38 -2.62
CA LEU A 48 -7.71 -2.50 -2.24
C LEU A 48 -7.02 -1.14 -2.19
N GLN A 49 -7.22 -0.34 -3.24
CA GLN A 49 -6.63 0.98 -3.32
C GLN A 49 -7.20 1.91 -2.25
N VAL A 50 -8.24 1.44 -1.56
CA VAL A 50 -8.88 2.23 -0.52
C VAL A 50 -9.18 1.36 0.70
N MET A 51 -8.40 0.30 0.87
CA MET A 51 -8.59 -0.60 2.00
C MET A 51 -7.83 -0.12 3.23
N MET A 52 -8.34 -0.44 4.41
CA MET A 52 -7.70 -0.05 5.65
C MET A 52 -6.69 -1.10 6.08
N PHE A 53 -5.47 -0.98 5.57
CA PHE A 53 -4.41 -1.93 5.89
C PHE A 53 -4.53 -2.41 7.34
N GLY A 54 -5.05 -1.54 8.21
CA GLY A 54 -5.21 -1.87 9.61
C GLY A 54 -5.42 -3.37 9.84
N SER A 55 -6.42 -3.94 9.19
CA SER A 55 -6.72 -5.35 9.34
C SER A 55 -5.97 -6.18 8.29
N PRO A 56 -5.28 -7.24 8.73
CA PRO A 56 -4.51 -8.13 7.84
C PRO A 56 -5.42 -9.01 7.00
N ALA A 57 -6.46 -9.57 7.64
CA ALA A 57 -7.40 -10.44 6.94
C ALA A 57 -8.13 -9.66 5.85
N VAL A 58 -8.28 -8.36 6.07
CA VAL A 58 -8.95 -7.51 5.11
C VAL A 58 -8.15 -7.48 3.80
N ALA A 59 -6.83 -7.46 3.92
CA ALA A 59 -5.96 -7.45 2.76
C ALA A 59 -6.13 -8.74 1.96
N LEU A 60 -6.00 -9.87 2.64
CA LEU A 60 -6.14 -11.17 2.01
C LEU A 60 -7.55 -11.37 1.47
N GLU A 61 -8.55 -10.89 2.22
CA GLU A 61 -9.93 -11.01 1.81
C GLU A 61 -10.21 -10.27 0.51
N LEU A 62 -9.76 -9.00 0.45
CA LEU A 62 -9.96 -8.20 -0.75
C LEU A 62 -9.24 -8.79 -1.95
N LEU A 63 -7.96 -9.12 -1.76
CA LEU A 63 -7.16 -9.70 -2.82
C LEU A 63 -7.72 -11.06 -3.24
N LYS A 64 -8.47 -11.68 -2.33
CA LYS A 64 -9.06 -12.98 -2.59
C LYS A 64 -10.06 -12.91 -3.75
N GLN A 65 -10.54 -11.69 -4.02
CA GLN A 65 -11.50 -11.47 -5.10
C GLN A 65 -10.79 -11.19 -6.42
N GLY A 66 -9.96 -10.15 -6.42
CA GLY A 66 -9.23 -9.79 -7.61
C GLY A 66 -9.24 -8.29 -7.87
N ALA A 67 -8.88 -7.52 -6.85
CA ALA A 67 -8.86 -6.07 -6.97
C ALA A 67 -7.54 -5.60 -7.58
N SER A 68 -6.57 -6.49 -7.64
CA SER A 68 -5.26 -6.17 -8.21
C SER A 68 -4.57 -5.07 -7.39
N PRO A 69 -3.71 -5.46 -6.45
CA PRO A 69 -2.98 -4.52 -5.60
C PRO A 69 -2.33 -3.40 -6.40
N ASN A 70 -1.75 -3.74 -7.54
CA ASN A 70 -1.09 -2.77 -8.40
C ASN A 70 -2.11 -1.87 -9.08
N VAL A 71 -2.53 -0.82 -8.37
CA VAL A 71 -3.51 0.12 -8.90
C VAL A 71 -3.10 1.57 -8.60
N GLN A 72 -3.16 2.41 -9.62
CA GLN A 72 -2.80 3.81 -9.47
C GLN A 72 -3.74 4.71 -10.26
N ASP A 73 -3.74 6.00 -9.94
CA ASP A 73 -4.59 6.96 -10.63
C ASP A 73 -3.78 8.14 -11.13
N ALA A 74 -4.47 9.21 -11.54
CA ALA A 74 -3.81 10.40 -12.04
C ALA A 74 -2.68 10.84 -11.12
N SER A 75 -2.75 10.43 -9.86
CA SER A 75 -1.74 10.78 -8.87
C SER A 75 -0.57 9.81 -8.94
N GLY A 76 -0.85 8.58 -9.32
CA GLY A 76 0.19 7.56 -9.42
C GLY A 76 0.57 6.99 -8.06
N THR A 77 -0.38 6.99 -7.14
CA THR A 77 -0.15 6.46 -5.80
C THR A 77 -1.02 5.23 -5.53
N SER A 78 -0.37 4.10 -5.28
CA SER A 78 -1.09 2.86 -4.99
C SER A 78 -1.05 2.52 -3.51
N PRO A 79 -1.60 1.37 -3.14
CA PRO A 79 -1.63 0.91 -1.75
C PRO A 79 -0.24 0.84 -1.13
N VAL A 80 0.71 0.32 -1.91
CA VAL A 80 2.09 0.19 -1.46
C VAL A 80 2.64 1.52 -0.93
N HIS A 81 2.13 2.62 -1.48
CA HIS A 81 2.58 3.95 -1.07
C HIS A 81 2.06 4.31 0.32
N ASP A 82 0.74 4.49 0.42
CA ASP A 82 0.12 4.83 1.69
C ASP A 82 0.35 3.75 2.73
N ALA A 83 0.54 2.52 2.27
CA ALA A 83 0.77 1.39 3.16
C ALA A 83 1.95 1.63 4.09
N ALA A 84 3.10 1.97 3.51
CA ALA A 84 4.31 2.22 4.28
C ALA A 84 4.22 3.55 5.02
N ARG A 85 3.64 4.56 4.37
CA ARG A 85 3.52 5.88 4.97
C ARG A 85 2.47 5.89 6.08
N THR A 86 1.54 4.93 6.02
CA THR A 86 0.49 4.84 7.03
C THR A 86 1.03 4.31 8.34
N GLY A 87 1.31 3.01 8.37
CA GLY A 87 1.83 2.39 9.59
C GLY A 87 1.12 1.11 9.93
N PHE A 88 1.23 0.12 9.05
CA PHE A 88 0.59 -1.17 9.26
C PHE A 88 1.34 -2.26 8.51
N LEU A 89 2.62 -2.41 8.83
CA LEU A 89 3.47 -3.41 8.17
C LEU A 89 2.82 -4.79 8.21
N ASP A 90 2.02 -5.04 9.24
CA ASP A 90 1.35 -6.33 9.37
C ASP A 90 0.58 -6.66 8.10
N THR A 91 -0.47 -5.89 7.83
CA THR A 91 -1.29 -6.10 6.64
C THR A 91 -0.52 -5.66 5.41
N LEU A 92 0.16 -4.52 5.52
CA LEU A 92 0.94 -3.99 4.41
C LEU A 92 1.89 -5.08 3.90
N LYS A 93 2.59 -5.71 4.83
CA LYS A 93 3.53 -6.77 4.50
C LYS A 93 2.84 -7.87 3.71
N VAL A 94 1.53 -8.01 3.88
CA VAL A 94 0.77 -9.03 3.19
C VAL A 94 0.58 -8.67 1.72
N LEU A 95 -0.25 -7.66 1.45
CA LEU A 95 -0.51 -7.25 0.08
C LEU A 95 0.74 -6.71 -0.60
N VAL A 96 1.67 -6.18 0.19
CA VAL A 96 2.92 -5.66 -0.36
C VAL A 96 3.84 -6.79 -0.78
N GLU A 97 4.14 -7.68 0.16
CA GLU A 97 5.02 -8.81 -0.10
C GLU A 97 4.49 -9.65 -1.27
N HIS A 98 3.17 -9.74 -1.36
CA HIS A 98 2.52 -10.51 -2.42
C HIS A 98 2.89 -9.96 -3.79
N GLY A 99 2.38 -8.77 -4.09
CA GLY A 99 2.67 -8.15 -5.37
C GLY A 99 1.98 -6.80 -5.52
N ALA A 100 2.35 -5.86 -4.65
CA ALA A 100 1.77 -4.53 -4.68
C ALA A 100 2.76 -3.51 -5.24
N ASP A 101 3.68 -4.00 -6.07
CA ASP A 101 4.69 -3.14 -6.67
C ASP A 101 5.35 -2.24 -5.61
N VAL A 102 6.32 -2.78 -4.90
CA VAL A 102 7.02 -2.03 -3.86
C VAL A 102 8.20 -1.26 -4.45
N ASN A 103 8.21 -1.12 -5.76
CA ASN A 103 9.29 -0.41 -6.44
C ASN A 103 8.73 0.59 -7.46
N ALA A 104 7.51 1.07 -7.19
CA ALA A 104 6.86 2.04 -8.06
C ALA A 104 6.96 3.44 -7.50
N LEU A 105 6.73 4.44 -8.35
CA LEU A 105 6.80 5.83 -7.94
C LEU A 105 5.52 6.57 -8.28
N ASP A 106 5.19 7.57 -7.48
CA ASP A 106 3.99 8.37 -7.69
C ASP A 106 4.32 9.69 -8.38
N SER A 107 3.34 10.58 -8.42
CA SER A 107 3.52 11.89 -9.05
C SER A 107 4.80 12.55 -8.56
N THR A 108 5.01 12.52 -7.25
CA THR A 108 6.19 13.12 -6.65
C THR A 108 7.46 12.41 -7.12
N GLY A 109 7.35 11.11 -7.34
CA GLY A 109 8.49 10.33 -7.78
C GLY A 109 9.38 9.88 -6.63
N SER A 110 8.76 9.66 -5.48
CA SER A 110 9.51 9.23 -4.30
C SER A 110 9.27 7.75 -4.00
N LEU A 111 10.33 6.96 -4.03
CA LEU A 111 10.24 5.52 -3.77
C LEU A 111 9.55 5.26 -2.44
N PRO A 112 8.66 4.26 -2.40
CA PRO A 112 7.92 3.89 -1.19
C PRO A 112 8.81 3.87 0.04
N ILE A 113 10.10 3.63 -0.16
CA ILE A 113 11.05 3.60 0.95
C ILE A 113 11.33 5.00 1.46
N HIS A 114 11.50 5.94 0.54
CA HIS A 114 11.77 7.32 0.91
C HIS A 114 10.71 7.83 1.88
N LEU A 115 9.49 7.32 1.73
CA LEU A 115 8.39 7.71 2.61
C LEU A 115 8.57 7.08 3.98
N ALA A 116 8.83 5.78 4.01
CA ALA A 116 9.04 5.07 5.25
C ALA A 116 10.23 5.64 6.01
N ILE A 117 11.23 6.09 5.25
CA ILE A 117 12.43 6.67 5.83
C ILE A 117 12.10 7.97 6.55
N ARG A 118 11.27 8.79 5.92
CA ARG A 118 10.87 10.07 6.52
C ARG A 118 9.93 9.84 7.69
N GLU A 119 9.36 8.64 7.74
CA GLU A 119 8.44 8.28 8.81
C GLU A 119 9.21 7.75 10.02
N GLY A 120 9.98 6.69 9.79
CA GLY A 120 10.76 6.09 10.86
C GLY A 120 10.24 4.74 11.29
N HIS A 121 9.17 4.29 10.63
CA HIS A 121 8.58 3.00 10.93
C HIS A 121 9.61 1.88 10.75
N SER A 122 10.49 1.74 11.74
CA SER A 122 11.53 0.71 11.69
C SER A 122 11.03 -0.54 10.99
N SER A 123 9.85 -1.01 11.38
CA SER A 123 9.27 -2.21 10.80
C SER A 123 8.99 -2.00 9.32
N VAL A 124 8.35 -0.88 8.98
CA VAL A 124 8.02 -0.57 7.59
C VAL A 124 9.27 -0.26 6.78
N VAL A 125 10.01 0.77 7.18
CA VAL A 125 11.22 1.16 6.47
C VAL A 125 12.16 -0.02 6.29
N SER A 126 12.33 -0.82 7.34
CA SER A 126 13.20 -1.98 7.29
C SER A 126 12.59 -3.09 6.44
N PHE A 127 11.27 -3.13 6.42
CA PHE A 127 10.55 -4.14 5.66
C PHE A 127 10.62 -3.85 4.16
N LEU A 128 10.01 -2.75 3.74
CA LEU A 128 10.01 -2.37 2.34
C LEU A 128 11.42 -2.01 1.88
N ALA A 129 12.35 -1.93 2.82
CA ALA A 129 13.73 -1.60 2.49
C ALA A 129 14.27 -2.51 1.40
N PRO A 130 14.50 -3.79 1.71
CA PRO A 130 15.00 -4.76 0.75
C PRO A 130 13.96 -5.12 -0.30
N GLU A 131 12.69 -5.13 0.11
CA GLU A 131 11.60 -5.45 -0.80
C GLU A 131 11.64 -4.55 -2.02
N SER A 132 12.33 -3.42 -1.89
CA SER A 132 12.46 -2.47 -2.97
C SER A 132 13.87 -2.53 -3.57
N ASP A 133 14.17 -1.58 -4.46
CA ASP A 133 15.48 -1.53 -5.10
C ASP A 133 16.41 -0.60 -4.34
N LEU A 134 17.06 -1.12 -3.31
CA LEU A 134 17.99 -0.34 -2.50
C LEU A 134 19.10 0.25 -3.35
N HIS A 135 18.78 1.29 -4.11
CA HIS A 135 19.76 1.95 -4.97
C HIS A 135 19.10 3.03 -5.82
N HIS A 136 17.89 2.73 -6.31
CA HIS A 136 17.14 3.67 -7.12
C HIS A 136 17.12 5.05 -6.50
N ARG A 137 16.58 6.02 -7.22
CA ARG A 137 16.50 7.40 -6.72
C ARG A 137 15.08 7.95 -6.87
N ASP A 138 14.87 9.15 -6.35
CA ASP A 138 13.57 9.79 -6.41
C ASP A 138 13.71 11.24 -6.90
N ALA A 139 12.59 11.85 -7.26
CA ALA A 139 12.59 13.22 -7.74
C ALA A 139 13.32 14.12 -6.75
N SER A 140 13.42 13.65 -5.52
CA SER A 140 14.09 14.39 -4.46
C SER A 140 15.57 14.55 -4.76
N GLY A 141 16.23 13.45 -5.04
CA GLY A 141 17.65 13.48 -5.34
C GLY A 141 18.47 12.64 -4.38
N LEU A 142 17.80 11.82 -3.58
CA LEU A 142 18.47 10.98 -2.61
C LEU A 142 17.92 9.55 -2.66
N THR A 143 18.70 8.60 -2.14
CA THR A 143 18.30 7.20 -2.12
C THR A 143 18.05 6.72 -0.71
N PRO A 144 17.71 5.42 -0.55
CA PRO A 144 17.44 4.84 0.76
C PRO A 144 18.48 5.24 1.80
N LEU A 145 19.74 4.90 1.53
CA LEU A 145 20.84 5.23 2.44
C LEU A 145 20.91 6.74 2.65
N GLU A 146 20.84 7.49 1.56
CA GLU A 146 20.90 8.96 1.62
C GLU A 146 19.87 9.49 2.61
N LEU A 147 18.59 9.26 2.32
CA LEU A 147 17.52 9.72 3.19
C LEU A 147 17.75 9.27 4.62
N ALA A 148 18.15 8.02 4.78
CA ALA A 148 18.43 7.47 6.11
C ALA A 148 19.39 8.36 6.86
N ARG A 149 20.43 8.82 6.17
CA ARG A 149 21.42 9.71 6.76
C ARG A 149 20.74 11.00 7.23
N GLN A 150 19.76 11.44 6.44
CA GLN A 150 19.02 12.64 6.76
C GLN A 150 18.14 12.39 7.98
N ARG A 151 16.99 11.75 7.76
CA ARG A 151 16.08 11.42 8.84
C ARG A 151 16.65 10.26 9.66
N GLY A 152 17.82 10.48 10.24
CA GLY A 152 18.46 9.44 11.04
C GLY A 152 17.74 9.17 12.33
N ALA A 153 16.44 8.92 12.24
CA ALA A 153 15.62 8.64 13.42
C ALA A 153 16.44 7.89 14.48
N GLN A 154 17.29 6.98 14.01
CA GLN A 154 18.15 6.21 14.89
C GLN A 154 18.88 5.11 14.10
N ASN A 155 18.68 3.85 14.45
CA ASN A 155 19.33 2.75 13.74
C ASN A 155 18.72 2.52 12.36
N LEU A 156 17.77 3.37 11.97
CA LEU A 156 17.12 3.24 10.67
C LEU A 156 18.14 3.15 9.54
N MET A 157 19.07 4.11 9.51
CA MET A 157 20.09 4.13 8.49
C MET A 157 20.83 2.81 8.43
N ASP A 158 21.00 2.17 9.58
CA ASP A 158 21.69 0.89 9.65
C ASP A 158 20.83 -0.23 9.09
N ILE A 159 19.55 -0.23 9.46
CA ILE A 159 18.62 -1.24 9.00
C ILE A 159 18.64 -1.36 7.47
N LEU A 160 18.63 -0.22 6.81
CA LEU A 160 18.64 -0.19 5.35
C LEU A 160 20.01 -0.58 4.79
N GLN A 161 21.07 -0.17 5.50
CA GLN A 161 22.43 -0.47 5.08
C GLN A 161 22.71 -1.97 5.18
N GLY A 162 22.17 -2.61 6.22
CA GLY A 162 22.38 -4.03 6.41
C GLY A 162 21.68 -4.85 5.34
N HIS A 163 20.41 -4.57 5.11
CA HIS A 163 19.63 -5.30 4.12
C HIS A 163 20.03 -4.89 2.70
N MET A 164 20.83 -3.83 2.60
CA MET A 164 21.29 -3.34 1.31
C MET A 164 22.02 -4.43 0.54
N MET A 165 21.29 -5.09 -0.36
CA MET A 165 21.86 -6.17 -1.18
C MET A 165 22.75 -5.60 -2.29
N ILE A 166 23.99 -6.06 -2.33
CA ILE A 166 24.94 -5.60 -3.34
C ILE A 166 25.09 -6.63 -4.46
N PRO A 167 24.83 -6.21 -5.71
CA PRO A 167 24.93 -7.11 -6.87
C PRO A 167 26.26 -7.85 -6.92
N MET A 168 26.19 -9.17 -7.09
CA MET A 168 27.39 -10.00 -7.15
C MET A 168 27.13 -11.25 -7.99
N GLY A 1 -37.65 8.31 -2.09
CA GLY A 1 -37.11 8.88 -3.36
C GLY A 1 -35.70 8.41 -3.65
N SER A 2 -35.59 7.19 -4.17
CA SER A 2 -34.29 6.61 -4.50
C SER A 2 -34.20 6.25 -5.97
N MET A 3 -34.30 7.25 -6.83
CA MET A 3 -34.23 7.03 -8.27
C MET A 3 -32.81 6.70 -8.71
N LEU A 4 -32.52 6.92 -10.00
CA LEU A 4 -31.20 6.64 -10.54
C LEU A 4 -30.14 7.51 -9.86
N LEU A 5 -29.30 6.88 -9.05
CA LEU A 5 -28.24 7.60 -8.34
C LEU A 5 -27.39 6.64 -7.52
N GLU A 6 -26.88 5.60 -8.17
CA GLU A 6 -26.05 4.61 -7.50
C GLU A 6 -24.60 4.69 -7.96
N GLU A 7 -24.42 4.87 -9.27
CA GLU A 7 -23.08 4.96 -9.84
C GLU A 7 -22.12 4.00 -9.17
N VAL A 8 -22.62 2.83 -8.80
CA VAL A 8 -21.81 1.81 -8.13
C VAL A 8 -22.63 0.55 -7.85
N CYS A 9 -22.00 -0.60 -8.05
CA CYS A 9 -22.67 -1.88 -7.81
C CYS A 9 -22.66 -2.25 -6.34
N VAL A 10 -21.47 -2.53 -5.81
CA VAL A 10 -21.32 -2.89 -4.41
C VAL A 10 -20.32 -1.98 -3.71
N GLY A 11 -19.66 -1.12 -4.49
CA GLY A 11 -18.69 -0.20 -3.92
C GLY A 11 -19.15 0.37 -2.59
N ASP A 12 -20.27 1.07 -2.61
CA ASP A 12 -20.81 1.68 -1.39
C ASP A 12 -21.02 0.62 -0.31
N ARG A 13 -21.05 -0.65 -0.73
CA ARG A 13 -21.24 -1.76 0.20
C ARG A 13 -19.91 -2.39 0.57
N LEU A 14 -19.24 -2.97 -0.43
CA LEU A 14 -17.95 -3.62 -0.21
C LEU A 14 -16.88 -2.58 0.10
N SER A 15 -16.63 -1.69 -0.85
CA SER A 15 -15.62 -0.65 -0.68
C SER A 15 -15.90 0.17 0.58
N GLY A 16 -17.18 0.26 0.95
CA GLY A 16 -17.55 1.01 2.14
C GLY A 16 -17.09 0.34 3.41
N ALA A 17 -17.37 -0.97 3.53
CA ALA A 17 -16.98 -1.72 4.71
C ALA A 17 -15.48 -1.98 4.73
N ALA A 18 -14.92 -2.28 3.55
CA ALA A 18 -13.50 -2.56 3.43
C ALA A 18 -12.66 -1.44 4.04
N ALA A 19 -13.03 -0.20 3.74
CA ALA A 19 -12.32 0.96 4.26
C ALA A 19 -12.61 1.17 5.74
N ARG A 20 -13.85 0.92 6.13
CA ARG A 20 -14.26 1.08 7.53
C ARG A 20 -13.69 -0.05 8.39
N GLY A 21 -13.10 -1.04 7.75
CA GLY A 21 -12.52 -2.16 8.47
C GLY A 21 -13.08 -3.49 8.00
N ASP A 22 -14.37 -3.71 8.23
CA ASP A 22 -15.03 -4.93 7.81
C ASP A 22 -14.09 -6.12 7.89
N VAL A 23 -13.25 -6.14 8.92
CA VAL A 23 -12.32 -7.24 9.12
C VAL A 23 -13.06 -8.56 9.08
N GLN A 24 -14.13 -8.64 9.86
CA GLN A 24 -14.96 -9.84 9.93
C GLN A 24 -15.82 -9.96 8.67
N GLU A 25 -16.23 -8.82 8.13
CA GLU A 25 -17.08 -8.78 6.95
C GLU A 25 -16.30 -9.15 5.69
N VAL A 26 -15.04 -8.72 5.62
CA VAL A 26 -14.21 -9.01 4.46
C VAL A 26 -14.20 -10.50 4.16
N ARG A 27 -14.25 -11.31 5.20
CA ARG A 27 -14.25 -12.76 5.05
C ARG A 27 -15.57 -13.25 4.47
N ARG A 28 -16.68 -12.83 5.09
CA ARG A 28 -18.00 -13.23 4.64
C ARG A 28 -18.38 -12.51 3.34
N LEU A 29 -17.97 -11.27 3.22
CA LEU A 29 -18.27 -10.47 2.04
C LEU A 29 -17.84 -11.21 0.77
N LEU A 30 -16.54 -11.45 0.65
CA LEU A 30 -15.99 -12.13 -0.51
C LEU A 30 -16.33 -13.63 -0.52
N HIS A 31 -16.08 -14.29 0.61
CA HIS A 31 -16.34 -15.72 0.73
C HIS A 31 -17.84 -16.03 0.74
N ARG A 32 -18.65 -15.02 1.04
CA ARG A 32 -20.10 -15.21 1.08
C ARG A 32 -20.81 -14.21 0.19
N GLU A 33 -20.96 -12.98 0.70
CA GLU A 33 -21.63 -11.92 -0.06
C GLU A 33 -21.25 -11.96 -1.53
N LEU A 34 -20.05 -12.47 -1.82
CA LEU A 34 -19.58 -12.58 -3.20
C LEU A 34 -19.45 -11.18 -3.82
N VAL A 35 -19.15 -10.20 -2.98
CA VAL A 35 -19.01 -8.82 -3.43
C VAL A 35 -18.00 -8.72 -4.56
N HIS A 36 -18.18 -7.70 -5.41
CA HIS A 36 -17.29 -7.49 -6.55
C HIS A 36 -16.08 -6.63 -6.13
N PRO A 37 -14.86 -7.14 -6.36
CA PRO A 37 -13.63 -6.43 -6.02
C PRO A 37 -13.39 -5.23 -6.91
N ASP A 38 -14.16 -5.13 -7.99
CA ASP A 38 -14.02 -4.02 -8.93
C ASP A 38 -14.94 -2.87 -8.56
N ALA A 39 -15.81 -3.10 -7.58
CA ALA A 39 -16.75 -2.08 -7.13
C ALA A 39 -16.05 -0.73 -6.97
N LEU A 40 -16.71 0.32 -7.43
CA LEU A 40 -16.15 1.67 -7.34
C LEU A 40 -17.17 2.64 -6.74
N ASN A 41 -16.90 3.07 -5.51
CA ASN A 41 -17.79 3.99 -4.81
C ASN A 41 -18.31 5.06 -5.76
N ARG A 42 -17.42 5.61 -6.58
CA ARG A 42 -17.79 6.64 -7.54
C ARG A 42 -17.17 6.38 -8.90
N PHE A 43 -17.05 5.11 -9.25
CA PHE A 43 -16.46 4.72 -10.54
C PHE A 43 -15.13 5.43 -10.75
N GLY A 44 -14.28 5.40 -9.74
CA GLY A 44 -12.98 6.06 -9.84
C GLY A 44 -11.89 5.29 -9.12
N LYS A 45 -12.19 4.85 -7.90
CA LYS A 45 -11.22 4.11 -7.09
C LYS A 45 -11.78 2.74 -6.71
N THR A 46 -10.90 1.76 -6.61
CA THR A 46 -11.30 0.40 -6.25
C THR A 46 -11.36 0.24 -4.73
N ALA A 47 -11.96 -0.85 -4.27
CA ALA A 47 -12.09 -1.12 -2.85
C ALA A 47 -10.72 -1.12 -2.17
N LEU A 48 -9.67 -1.36 -2.95
CA LEU A 48 -8.32 -1.38 -2.42
C LEU A 48 -7.83 0.02 -2.09
N GLN A 49 -8.10 0.96 -3.00
CA GLN A 49 -7.69 2.34 -2.80
C GLN A 49 -8.37 2.95 -1.58
N VAL A 50 -9.49 2.34 -1.17
CA VAL A 50 -10.23 2.81 -0.01
C VAL A 50 -10.00 1.90 1.19
N MET A 51 -9.84 0.61 0.94
CA MET A 51 -9.62 -0.36 2.00
C MET A 51 -8.63 0.18 3.03
N MET A 52 -8.97 0.01 4.31
CA MET A 52 -8.11 0.49 5.39
C MET A 52 -7.05 -0.56 5.74
N PHE A 53 -5.82 -0.11 5.90
CA PHE A 53 -4.72 -1.01 6.25
C PHE A 53 -4.74 -1.34 7.73
N GLY A 54 -5.90 -1.80 8.21
CA GLY A 54 -6.04 -2.15 9.61
C GLY A 54 -6.09 -3.65 9.82
N SER A 55 -7.08 -4.28 9.21
CA SER A 55 -7.24 -5.73 9.32
C SER A 55 -6.40 -6.44 8.26
N PRO A 56 -5.37 -7.20 8.68
CA PRO A 56 -4.49 -7.91 7.76
C PRO A 56 -5.26 -8.80 6.81
N ALA A 57 -6.28 -9.49 7.33
CA ALA A 57 -7.09 -10.38 6.51
C ALA A 57 -7.84 -9.59 5.44
N VAL A 58 -8.22 -8.37 5.78
CA VAL A 58 -8.94 -7.51 4.85
C VAL A 58 -8.08 -7.20 3.62
N ALA A 59 -6.80 -6.98 3.86
CA ALA A 59 -5.86 -6.68 2.79
C ALA A 59 -5.74 -7.84 1.81
N LEU A 60 -5.31 -8.99 2.33
CA LEU A 60 -5.15 -10.19 1.51
C LEU A 60 -6.47 -10.66 0.93
N GLU A 61 -7.53 -10.61 1.73
CA GLU A 61 -8.86 -11.04 1.29
C GLU A 61 -9.38 -10.18 0.14
N LEU A 62 -9.24 -8.87 0.27
CA LEU A 62 -9.70 -7.95 -0.77
C LEU A 62 -8.94 -8.17 -2.07
N LEU A 63 -7.62 -8.05 -2.01
CA LEU A 63 -6.79 -8.24 -3.20
C LEU A 63 -6.90 -9.67 -3.74
N LYS A 64 -7.23 -10.61 -2.86
CA LYS A 64 -7.36 -12.01 -3.26
C LYS A 64 -8.48 -12.18 -4.27
N GLN A 65 -9.64 -11.57 -3.98
CA GLN A 65 -10.80 -11.67 -4.86
C GLN A 65 -10.43 -11.30 -6.29
N GLY A 66 -9.65 -10.22 -6.44
CA GLY A 66 -9.24 -9.79 -7.76
C GLY A 66 -9.08 -8.29 -7.85
N ALA A 67 -8.55 -7.68 -6.79
CA ALA A 67 -8.34 -6.24 -6.76
C ALA A 67 -6.97 -5.87 -7.31
N SER A 68 -6.82 -4.62 -7.71
CA SER A 68 -5.55 -4.15 -8.26
C SER A 68 -4.98 -3.01 -7.42
N PRO A 69 -3.87 -3.26 -6.71
CA PRO A 69 -3.23 -2.25 -5.87
C PRO A 69 -2.41 -1.25 -6.68
N ASN A 70 -2.52 -1.33 -8.00
CA ASN A 70 -1.79 -0.42 -8.89
C ASN A 70 -2.59 0.85 -9.17
N VAL A 71 -3.48 1.20 -8.25
CA VAL A 71 -4.30 2.40 -8.39
C VAL A 71 -3.85 3.50 -7.45
N GLN A 72 -3.84 4.73 -7.95
CA GLN A 72 -3.42 5.88 -7.14
C GLN A 72 -4.54 6.91 -7.03
N ASP A 73 -4.51 7.68 -5.95
CA ASP A 73 -5.52 8.70 -5.73
C ASP A 73 -4.98 9.80 -4.81
N ALA A 74 -5.85 10.74 -4.45
CA ALA A 74 -5.45 11.85 -3.58
C ALA A 74 -4.48 12.79 -4.29
N SER A 75 -3.31 12.26 -4.64
CA SER A 75 -2.29 13.05 -5.33
C SER A 75 -1.16 12.15 -5.85
N GLY A 76 -1.51 10.93 -6.23
CA GLY A 76 -0.51 10.01 -6.73
C GLY A 76 0.09 9.15 -5.64
N THR A 77 -0.74 8.30 -5.04
CA THR A 77 -0.28 7.41 -3.97
C THR A 77 -1.18 6.19 -3.85
N SER A 78 -0.70 5.06 -4.34
CA SER A 78 -1.46 3.81 -4.30
C SER A 78 -1.56 3.29 -2.87
N PRO A 79 -2.14 2.09 -2.70
CA PRO A 79 -2.31 1.47 -1.38
C PRO A 79 -1.01 1.44 -0.59
N VAL A 80 0.05 0.94 -1.21
CA VAL A 80 1.35 0.86 -0.56
C VAL A 80 1.84 2.23 -0.13
N HIS A 81 1.69 3.22 -1.00
CA HIS A 81 2.12 4.58 -0.71
C HIS A 81 1.38 5.14 0.50
N ASP A 82 0.11 4.76 0.65
CA ASP A 82 -0.71 5.22 1.75
C ASP A 82 -0.29 4.57 3.07
N ALA A 83 -0.19 3.24 3.05
CA ALA A 83 0.21 2.50 4.24
C ALA A 83 1.67 2.73 4.59
N ALA A 84 2.40 3.33 3.65
CA ALA A 84 3.82 3.60 3.86
C ALA A 84 4.03 4.75 4.84
N ARG A 85 3.25 5.81 4.69
CA ARG A 85 3.35 6.98 5.57
C ARG A 85 3.06 6.61 7.01
N THR A 86 1.86 6.08 7.26
CA THR A 86 1.46 5.67 8.60
C THR A 86 2.22 4.42 9.03
N GLY A 87 2.68 3.68 8.04
CA GLY A 87 3.40 2.45 8.31
C GLY A 87 2.56 1.22 8.03
N PHE A 88 1.47 1.09 8.78
CA PHE A 88 0.56 -0.03 8.63
C PHE A 88 1.31 -1.27 8.17
N LEU A 89 2.52 -1.41 8.70
CA LEU A 89 3.39 -2.53 8.36
C LEU A 89 2.66 -3.87 8.52
N ASP A 90 1.90 -4.01 9.60
CA ASP A 90 1.17 -5.24 9.86
C ASP A 90 0.24 -5.57 8.69
N THR A 91 -0.73 -4.70 8.43
CA THR A 91 -1.68 -4.90 7.35
C THR A 91 -1.02 -4.70 6.00
N LEU A 92 -0.25 -3.62 5.87
CA LEU A 92 0.44 -3.32 4.63
C LEU A 92 1.26 -4.52 4.19
N LYS A 93 1.93 -5.15 5.15
CA LYS A 93 2.74 -6.32 4.88
C LYS A 93 1.91 -7.38 4.16
N VAL A 94 0.65 -7.51 4.56
CA VAL A 94 -0.24 -8.48 3.96
C VAL A 94 -0.35 -8.28 2.44
N LEU A 95 -0.81 -7.10 2.04
CA LEU A 95 -0.95 -6.78 0.63
C LEU A 95 0.40 -6.54 -0.02
N VAL A 96 1.33 -5.98 0.75
CA VAL A 96 2.67 -5.69 0.24
C VAL A 96 3.49 -6.98 0.08
N GLU A 97 3.44 -7.84 1.08
CA GLU A 97 4.18 -9.10 1.03
C GLU A 97 3.75 -9.94 -0.18
N HIS A 98 2.49 -9.81 -0.56
CA HIS A 98 1.96 -10.54 -1.71
C HIS A 98 2.49 -9.95 -3.01
N GLY A 99 2.37 -8.64 -3.15
CA GLY A 99 2.83 -7.98 -4.35
C GLY A 99 2.89 -6.47 -4.18
N ALA A 100 1.72 -5.84 -4.10
CA ALA A 100 1.63 -4.39 -3.93
C ALA A 100 2.82 -3.67 -4.58
N ASP A 101 2.72 -3.45 -5.89
CA ASP A 101 3.78 -2.78 -6.61
C ASP A 101 4.36 -1.63 -5.80
N VAL A 102 5.47 -1.89 -5.12
CA VAL A 102 6.13 -0.88 -4.30
C VAL A 102 7.05 0.00 -5.14
N ASN A 103 6.94 -0.13 -6.46
CA ASN A 103 7.77 0.65 -7.37
C ASN A 103 7.10 1.97 -7.73
N ALA A 104 5.77 1.99 -7.65
CA ALA A 104 5.01 3.19 -7.98
C ALA A 104 5.55 4.40 -7.22
N LEU A 105 5.28 5.60 -7.75
CA LEU A 105 5.73 6.83 -7.13
C LEU A 105 4.69 7.93 -7.26
N ASP A 106 4.80 8.96 -6.43
CA ASP A 106 3.87 10.08 -6.47
C ASP A 106 4.29 11.11 -7.51
N SER A 107 5.08 12.08 -7.09
CA SER A 107 5.56 13.13 -7.99
C SER A 107 7.07 13.18 -8.03
N THR A 108 7.70 12.97 -6.87
CA THR A 108 9.16 12.99 -6.77
C THR A 108 9.75 11.70 -7.34
N GLY A 109 8.90 10.80 -7.79
CA GLY A 109 9.36 9.54 -8.36
C GLY A 109 10.13 8.71 -7.35
N SER A 110 9.87 8.94 -6.08
CA SER A 110 10.53 8.20 -5.01
C SER A 110 9.70 6.99 -4.58
N LEU A 111 10.37 5.88 -4.32
CA LEU A 111 9.69 4.66 -3.90
C LEU A 111 9.11 4.83 -2.49
N PRO A 112 8.17 3.95 -2.11
CA PRO A 112 7.53 3.99 -0.79
C PRO A 112 8.56 4.08 0.34
N ILE A 113 9.70 3.43 0.14
CA ILE A 113 10.75 3.43 1.15
C ILE A 113 11.26 4.85 1.40
N HIS A 114 11.46 5.59 0.33
CA HIS A 114 11.95 6.97 0.45
C HIS A 114 11.07 7.77 1.39
N LEU A 115 9.76 7.62 1.25
CA LEU A 115 8.81 8.33 2.10
C LEU A 115 8.90 7.82 3.53
N ALA A 116 8.86 6.51 3.69
CA ALA A 116 8.96 5.91 5.01
C ALA A 116 10.18 6.42 5.75
N ILE A 117 11.30 6.50 5.03
CA ILE A 117 12.54 7.00 5.61
C ILE A 117 12.34 8.38 6.21
N ARG A 118 11.56 9.22 5.53
CA ARG A 118 11.29 10.57 6.01
C ARG A 118 10.55 10.51 7.34
N GLU A 119 9.59 9.61 7.44
CA GLU A 119 8.80 9.45 8.66
C GLU A 119 9.64 8.80 9.76
N GLY A 120 10.20 7.64 9.47
CA GLY A 120 11.02 6.94 10.45
C GLY A 120 10.21 5.98 11.30
N HIS A 121 9.46 5.10 10.64
CA HIS A 121 8.64 4.12 11.35
C HIS A 121 9.49 2.92 11.78
N SER A 122 10.73 2.88 11.32
CA SER A 122 11.64 1.78 11.67
C SER A 122 11.22 0.50 10.97
N SER A 123 10.11 -0.09 11.42
CA SER A 123 9.60 -1.32 10.84
C SER A 123 9.14 -1.11 9.42
N VAL A 124 8.57 0.06 9.16
CA VAL A 124 8.07 0.40 7.82
C VAL A 124 9.23 0.70 6.89
N VAL A 125 10.01 1.72 7.23
CA VAL A 125 11.16 2.12 6.43
C VAL A 125 12.09 0.94 6.19
N SER A 126 12.37 0.18 7.23
CA SER A 126 13.25 -0.98 7.12
C SER A 126 12.59 -2.11 6.36
N PHE A 127 11.26 -2.16 6.44
CA PHE A 127 10.49 -3.19 5.75
C PHE A 127 10.45 -2.94 4.25
N LEU A 128 10.21 -1.67 3.89
CA LEU A 128 10.13 -1.29 2.49
C LEU A 128 11.50 -1.40 1.81
N ALA A 129 12.53 -1.59 2.61
CA ALA A 129 13.89 -1.72 2.09
C ALA A 129 13.98 -2.85 1.06
N PRO A 130 13.82 -4.10 1.51
CA PRO A 130 13.89 -5.27 0.63
C PRO A 130 12.77 -5.28 -0.41
N GLU A 131 11.53 -5.34 0.05
CA GLU A 131 10.38 -5.36 -0.84
C GLU A 131 10.60 -4.46 -2.04
N SER A 132 11.37 -3.40 -1.83
CA SER A 132 11.67 -2.44 -2.90
C SER A 132 13.03 -2.73 -3.52
N ASP A 133 13.06 -2.83 -4.85
CA ASP A 133 14.30 -3.10 -5.56
C ASP A 133 15.48 -2.41 -4.89
N LEU A 134 16.17 -3.16 -4.03
CA LEU A 134 17.32 -2.63 -3.31
C LEU A 134 18.40 -2.17 -4.29
N HIS A 135 19.18 -1.18 -3.87
CA HIS A 135 20.26 -0.66 -4.70
C HIS A 135 19.70 0.21 -5.83
N HIS A 136 18.43 0.57 -5.71
CA HIS A 136 17.78 1.39 -6.72
C HIS A 136 17.63 2.84 -6.24
N ARG A 137 17.26 3.72 -7.16
CA ARG A 137 17.08 5.13 -6.82
C ARG A 137 15.71 5.63 -7.27
N ASP A 138 15.57 6.94 -7.40
CA ASP A 138 14.31 7.53 -7.82
C ASP A 138 14.54 8.64 -8.85
N ALA A 139 13.49 9.38 -9.18
CA ALA A 139 13.58 10.46 -10.14
C ALA A 139 14.46 11.58 -9.61
N SER A 140 14.83 11.50 -8.34
CA SER A 140 15.67 12.50 -7.72
C SER A 140 17.13 12.05 -7.68
N GLY A 141 17.33 10.76 -7.41
CA GLY A 141 18.69 10.22 -7.36
C GLY A 141 19.16 9.99 -5.94
N LEU A 142 18.55 9.02 -5.27
CA LEU A 142 18.92 8.70 -3.90
C LEU A 142 18.54 7.26 -3.54
N THR A 143 19.47 6.54 -2.92
CA THR A 143 19.23 5.16 -2.53
C THR A 143 18.81 5.08 -1.07
N PRO A 144 18.15 3.97 -0.67
CA PRO A 144 17.70 3.76 0.69
C PRO A 144 18.69 4.27 1.72
N LEU A 145 19.96 3.89 1.54
CA LEU A 145 21.01 4.32 2.46
C LEU A 145 21.24 5.83 2.37
N GLU A 146 21.21 6.35 1.14
CA GLU A 146 21.41 7.77 0.91
C GLU A 146 20.45 8.60 1.77
N LEU A 147 19.17 8.53 1.46
CA LEU A 147 18.16 9.27 2.21
C LEU A 147 18.30 8.97 3.70
N ALA A 148 18.78 7.77 4.01
CA ALA A 148 18.97 7.37 5.40
C ALA A 148 20.17 8.10 6.01
N ARG A 149 20.99 8.69 5.15
CA ARG A 149 22.17 9.42 5.59
C ARG A 149 21.75 10.74 6.21
N GLN A 150 20.89 11.47 5.51
CA GLN A 150 20.40 12.74 6.00
C GLN A 150 19.45 12.52 7.17
N ARG A 151 18.16 12.38 6.85
CA ARG A 151 17.14 12.14 7.87
C ARG A 151 17.20 10.70 8.36
N GLY A 152 18.39 10.22 8.72
CA GLY A 152 18.52 8.86 9.20
C GLY A 152 17.98 8.66 10.59
N ALA A 153 16.81 9.21 10.85
CA ALA A 153 16.16 9.10 12.17
C ALA A 153 16.47 7.73 12.76
N GLN A 154 16.50 7.64 14.09
CA GLN A 154 16.81 6.38 14.74
C GLN A 154 17.93 5.67 13.98
N ASN A 155 18.08 4.36 14.18
CA ASN A 155 19.11 3.61 13.47
C ASN A 155 18.73 3.37 12.00
N LEU A 156 18.21 4.40 11.33
CA LEU A 156 17.82 4.28 9.93
C LEU A 156 19.00 3.87 9.06
N MET A 157 20.05 4.67 9.13
CA MET A 157 21.24 4.40 8.35
C MET A 157 21.72 2.97 8.57
N ASP A 158 21.71 2.53 9.83
CA ASP A 158 22.13 1.19 10.16
C ASP A 158 21.07 0.16 9.76
N ILE A 159 19.80 0.55 9.89
CA ILE A 159 18.70 -0.32 9.53
C ILE A 159 18.87 -0.86 8.11
N LEU A 160 19.08 0.06 7.18
CA LEU A 160 19.25 -0.29 5.77
C LEU A 160 20.62 -0.90 5.52
N GLN A 161 21.58 -0.57 6.39
CA GLN A 161 22.94 -1.09 6.25
C GLN A 161 22.98 -2.59 6.43
N GLY A 162 22.22 -3.10 7.40
CA GLY A 162 22.19 -4.53 7.65
C GLY A 162 21.42 -5.28 6.59
N HIS A 163 20.19 -4.86 6.32
CA HIS A 163 19.36 -5.51 5.31
C HIS A 163 20.00 -5.42 3.94
N MET A 164 20.60 -4.27 3.64
CA MET A 164 21.26 -4.05 2.36
C MET A 164 22.50 -4.92 2.23
N MET A 165 22.30 -6.21 2.00
CA MET A 165 23.42 -7.15 1.86
C MET A 165 23.79 -7.34 0.39
N ILE A 166 24.97 -6.83 0.02
CA ILE A 166 25.44 -6.94 -1.35
C ILE A 166 26.75 -7.73 -1.43
N PRO A 167 26.66 -9.06 -1.43
CA PRO A 167 27.84 -9.92 -1.51
C PRO A 167 28.78 -9.54 -2.64
N MET A 168 28.31 -9.71 -3.86
CA MET A 168 29.10 -9.38 -5.04
C MET A 168 28.29 -8.53 -6.02
#